data_7A7B
#
_entry.id   7A7B
#
_cell.length_a   179.315
_cell.length_b   179.315
_cell.length_c   349.336
_cell.angle_alpha   90.000
_cell.angle_beta   90.000
_cell.angle_gamma   120.000
#
_symmetry.space_group_name_H-M   'P 61 2 2'
#
loop_
_entity.id
_entity.type
_entity.pdbx_description
1 polymer 'YpdA family putative bacillithiol disulfide reductase Bdr'
2 non-polymer 'FLAVIN-ADENINE DINUCLEOTIDE'
3 non-polymer 'NADP NICOTINAMIDE-ADENINE-DINUCLEOTIDE PHOSPHATE'
4 water water
#
_entity_poly.entity_id   1
_entity_poly.type   'polypeptide(L)'
_entity_poly.pdbx_seq_one_letter_code
;MQKVESIIIGGGPCGLSAAIEQKRKGIDTLIIEKGNVVESIYNYPTHQTFFSSSDKLSIGDVPFIVEESKPRRNQALVYY
REVVKHHQLKVNAFEEVLTVKKMNNKFTITTTKDVYECRFLTIATGYYGQHNTLEVEGADLPKVFHYFKEAHPYFDQDVV
IIGGKNSAIDAALELEKAGANVTVLYRGGDYSPSIKPWILPNFTALVNHEKIDMEFNANVTQITEDTVTYEVNGESKTIH
NDYVFAMIGYHPDYEFLKSVGIQINTNEFGTAPMYNKETYETNIENCYIAGVIAAGNDANTIFIENGKFHGGIIAQSMLA
KKQTPLES
;
_entity_poly.pdbx_strand_id   A,B,C,D,E,F,G,H
#
loop_
_chem_comp.id
_chem_comp.type
_chem_comp.name
_chem_comp.formula
FAD non-polymer 'FLAVIN-ADENINE DINUCLEOTIDE' 'C27 H33 N9 O15 P2'
NAP non-polymer 'NADP NICOTINAMIDE-ADENINE-DINUCLEOTIDE PHOSPHATE' 'C21 H28 N7 O17 P3'
#
# COMPACT_ATOMS: atom_id res chain seq x y z
N MET A 1 -12.21 39.34 27.47
CA MET A 1 -12.52 40.42 26.54
C MET A 1 -13.68 40.15 25.56
N GLN A 2 -14.09 38.88 25.40
CA GLN A 2 -15.26 38.55 24.60
C GLN A 2 -16.16 37.68 25.45
N LYS A 3 -17.48 37.91 25.36
CA LYS A 3 -18.43 37.31 26.29
C LYS A 3 -19.53 36.51 25.58
N VAL A 4 -19.57 35.19 25.85
CA VAL A 4 -20.59 34.28 25.34
C VAL A 4 -21.11 33.41 26.49
N GLU A 5 -22.39 33.02 26.41
CA GLU A 5 -22.96 32.18 27.47
C GLU A 5 -22.24 30.84 27.56
N SER A 6 -22.19 30.07 26.47
CA SER A 6 -21.52 28.78 26.47
C SER A 6 -20.47 28.73 25.39
N ILE A 7 -19.35 28.08 25.69
CA ILE A 7 -18.28 27.82 24.76
C ILE A 7 -18.06 26.31 24.68
N ILE A 8 -17.78 25.80 23.47
CA ILE A 8 -17.45 24.40 23.24
C ILE A 8 -16.05 24.35 22.66
N ILE A 9 -15.16 23.59 23.29
CA ILE A 9 -13.83 23.41 22.73
C ILE A 9 -13.80 22.11 21.95
N GLY A 10 -13.58 22.21 20.64
CA GLY A 10 -13.55 21.08 19.74
C GLY A 10 -14.70 21.11 18.77
N GLY A 11 -14.40 21.12 17.46
CA GLY A 11 -15.42 21.16 16.42
C GLY A 11 -15.55 19.90 15.60
N GLY A 12 -15.28 18.76 16.23
CA GLY A 12 -15.61 17.47 15.68
C GLY A 12 -17.10 17.16 15.79
N PRO A 13 -17.50 15.95 15.40
CA PRO A 13 -18.93 15.62 15.40
C PRO A 13 -19.60 15.72 16.77
N CYS A 14 -18.91 15.35 17.86
CA CYS A 14 -19.63 15.39 19.13
C CYS A 14 -19.73 16.82 19.66
N GLY A 15 -18.69 17.63 19.42
CA GLY A 15 -18.78 19.05 19.72
C GLY A 15 -19.86 19.74 18.91
N LEU A 16 -19.88 19.52 17.59
CA LEU A 16 -20.94 20.08 16.75
C LEU A 16 -22.30 19.66 17.25
N SER A 17 -22.44 18.38 17.60
CA SER A 17 -23.71 17.91 18.11
C SER A 17 -24.11 18.68 19.37
N ALA A 18 -23.14 18.98 20.22
CA ALA A 18 -23.42 19.71 21.44
C ALA A 18 -23.94 21.11 21.12
N ALA A 19 -23.32 21.78 20.16
CA ALA A 19 -23.75 23.12 19.81
C ALA A 19 -25.18 23.13 19.30
N ILE A 20 -25.52 22.17 18.44
CA ILE A 20 -26.88 22.11 17.92
C ILE A 20 -27.87 21.94 19.06
N GLU A 21 -27.57 21.00 19.96
CA GLU A 21 -28.52 20.67 21.02
C GLU A 21 -28.67 21.83 22.00
N GLN A 22 -27.57 22.52 22.33
CA GLN A 22 -27.67 23.71 23.15
C GLN A 22 -28.44 24.82 22.44
N LYS A 23 -28.21 25.00 21.13
CA LYS A 23 -28.96 26.01 20.37
C LYS A 23 -30.45 25.68 20.31
N ARG A 24 -30.81 24.40 20.27
CA ARG A 24 -32.22 24.06 20.29
C ARG A 24 -32.90 24.55 21.57
N LYS A 25 -32.13 24.65 22.67
CA LYS A 25 -32.62 25.13 23.96
C LYS A 25 -32.29 26.59 24.23
N GLY A 26 -32.00 27.38 23.21
CA GLY A 26 -31.78 28.79 23.49
C GLY A 26 -30.55 29.16 24.29
N ILE A 27 -29.44 28.47 24.09
CA ILE A 27 -28.18 28.81 24.74
C ILE A 27 -27.23 29.34 23.68
N ASP A 28 -26.71 30.54 23.89
CA ASP A 28 -25.77 31.14 22.95
C ASP A 28 -24.43 30.41 23.03
N THR A 29 -24.01 29.81 21.90
CA THR A 29 -22.82 28.99 21.87
C THR A 29 -21.80 29.52 20.88
N LEU A 30 -20.57 29.11 21.11
CA LEU A 30 -19.45 29.42 20.23
C LEU A 30 -18.52 28.21 20.22
N ILE A 31 -18.16 27.71 19.03
CA ILE A 31 -17.19 26.62 18.92
C ILE A 31 -15.81 27.22 18.65
N ILE A 32 -14.84 26.80 19.45
CA ILE A 32 -13.44 27.13 19.24
C ILE A 32 -12.76 25.86 18.76
N GLU A 33 -12.24 25.88 17.54
CA GLU A 33 -11.67 24.68 16.93
C GLU A 33 -10.25 25.00 16.51
N LYS A 34 -9.29 24.21 17.00
CA LYS A 34 -7.89 24.44 16.70
C LYS A 34 -7.61 24.39 15.20
N GLY A 35 -8.33 23.55 14.46
CA GLY A 35 -8.20 23.53 13.01
C GLY A 35 -9.42 24.17 12.41
N ASN A 36 -10.12 23.45 11.54
CA ASN A 36 -11.48 23.81 11.13
C ASN A 36 -12.41 22.69 11.55
N VAL A 37 -13.71 22.80 11.24
CA VAL A 37 -14.64 21.79 11.72
C VAL A 37 -14.23 20.37 11.27
N VAL A 38 -14.51 19.41 12.15
CA VAL A 38 -14.17 17.98 12.06
C VAL A 38 -12.77 17.75 11.51
N GLU A 39 -11.78 18.45 12.10
CA GLU A 39 -10.36 18.23 11.79
C GLU A 39 -9.92 16.77 11.94
N SER A 40 -10.44 16.04 12.93
CA SER A 40 -10.03 14.65 13.08
C SER A 40 -10.30 13.87 11.81
N ILE A 41 -11.54 13.96 11.30
CA ILE A 41 -11.91 13.32 10.04
C ILE A 41 -11.04 13.85 8.91
N TYR A 42 -10.76 15.15 8.93
CA TYR A 42 -9.90 15.71 7.90
C TYR A 42 -8.50 15.09 7.92
N ASN A 43 -8.04 14.64 9.08
CA ASN A 43 -6.71 14.05 9.23
C ASN A 43 -6.69 12.53 9.07
N TYR A 44 -7.83 11.90 8.79
CA TYR A 44 -7.88 10.50 8.40
C TYR A 44 -6.98 10.23 7.19
N PRO A 45 -6.60 8.97 6.96
CA PRO A 45 -5.94 8.64 5.71
C PRO A 45 -6.85 9.05 4.57
N THR A 46 -6.25 9.46 3.45
CA THR A 46 -7.01 10.09 2.38
C THR A 46 -8.20 9.23 1.95
N HIS A 47 -8.00 7.94 1.85
CA HIS A 47 -8.99 7.04 1.31
C HIS A 47 -9.75 6.27 2.39
N GLN A 48 -9.72 6.74 3.62
CA GLN A 48 -10.35 6.02 4.69
C GLN A 48 -11.83 5.83 4.39
N THR A 49 -12.32 4.64 4.71
CA THR A 49 -13.75 4.36 4.66
C THR A 49 -14.22 4.17 6.11
N PHE A 50 -15.31 4.83 6.47
CA PHE A 50 -15.88 4.66 7.78
C PHE A 50 -16.30 3.21 7.99
N PHE A 51 -16.49 2.83 9.25
CA PHE A 51 -17.10 1.54 9.47
C PHE A 51 -18.56 1.64 9.89
N SER A 52 -19.07 2.84 10.14
CA SER A 52 -20.48 3.04 10.46
C SER A 52 -21.28 3.21 9.17
N SER A 53 -22.50 2.70 9.14
CA SER A 53 -23.36 3.17 8.06
C SER A 53 -23.55 4.67 8.25
N SER A 54 -24.06 5.34 7.25
CA SER A 54 -23.94 6.78 7.43
C SER A 54 -25.10 7.34 8.21
N ASP A 55 -26.22 6.60 8.35
CA ASP A 55 -27.27 7.04 9.26
C ASP A 55 -26.75 7.32 10.66
N LYS A 56 -25.79 6.54 11.10
CA LYS A 56 -25.31 6.58 12.48
C LYS A 56 -24.33 7.71 12.73
N LEU A 57 -23.84 8.36 11.68
CA LEU A 57 -22.96 9.51 11.79
C LEU A 57 -23.72 10.83 11.74
N SER A 58 -25.05 10.79 11.64
CA SER A 58 -25.83 12.02 11.50
C SER A 58 -25.98 12.74 12.83
N ILE A 59 -25.89 14.05 12.79
CA ILE A 59 -26.06 14.87 13.97
C ILE A 59 -27.08 15.95 13.61
N GLY A 60 -27.83 16.39 14.62
CA GLY A 60 -28.77 17.48 14.52
C GLY A 60 -29.68 17.50 13.31
N ASP A 61 -30.36 16.39 13.04
CA ASP A 61 -31.47 16.34 12.08
C ASP A 61 -31.12 16.96 10.70
N VAL A 62 -29.91 16.69 10.23
CA VAL A 62 -29.54 16.91 8.84
C VAL A 62 -29.13 15.52 8.37
N PRO A 63 -29.91 14.86 7.52
CA PRO A 63 -29.59 13.47 7.15
C PRO A 63 -28.32 13.34 6.32
N PHE A 64 -27.47 12.39 6.74
CA PHE A 64 -26.26 12.01 6.04
C PHE A 64 -26.60 10.86 5.07
N ILE A 65 -26.67 11.16 3.76
CA ILE A 65 -27.20 10.25 2.75
C ILE A 65 -26.12 9.96 1.72
N VAL A 66 -25.81 8.68 1.48
CA VAL A 66 -24.82 8.35 0.47
C VAL A 66 -25.21 7.07 -0.25
N GLU A 67 -24.87 7.00 -1.53
CA GLU A 67 -25.24 5.84 -2.34
C GLU A 67 -24.58 4.55 -1.86
N GLU A 68 -23.37 4.63 -1.29
CA GLU A 68 -22.66 3.40 -0.94
C GLU A 68 -22.91 3.03 0.52
N SER A 69 -22.57 1.79 0.86
CA SER A 69 -22.95 1.21 2.15
C SER A 69 -22.27 1.94 3.30
N LYS A 70 -20.96 2.06 3.26
CA LYS A 70 -20.28 2.90 4.24
C LYS A 70 -19.73 4.17 3.59
N PRO A 71 -19.77 5.31 4.25
CA PRO A 71 -19.28 6.55 3.63
C PRO A 71 -17.78 6.69 3.71
N ARG A 72 -17.24 7.46 2.77
CA ARG A 72 -15.81 7.73 2.74
C ARG A 72 -15.49 9.05 3.44
N ARG A 73 -14.19 9.29 3.61
CA ARG A 73 -13.71 10.43 4.40
C ARG A 73 -14.24 11.75 3.84
N ASN A 74 -14.12 11.95 2.53
CA ASN A 74 -14.49 13.26 2.01
C ASN A 74 -16.01 13.47 2.05
N GLN A 75 -16.78 12.39 2.01
CA GLN A 75 -18.22 12.55 2.19
C GLN A 75 -18.55 13.05 3.60
N ALA A 76 -17.83 12.57 4.61
CA ALA A 76 -18.07 13.07 5.96
C ALA A 76 -17.73 14.55 6.06
N LEU A 77 -16.65 14.99 5.41
CA LEU A 77 -16.33 16.41 5.37
C LEU A 77 -17.47 17.21 4.74
N VAL A 78 -17.94 16.77 3.56
CA VAL A 78 -18.98 17.50 2.85
C VAL A 78 -20.21 17.60 3.71
N TYR A 79 -20.56 16.52 4.41
CA TYR A 79 -21.76 16.49 5.23
C TYR A 79 -21.65 17.43 6.44
N TYR A 80 -20.56 17.30 7.21
CA TYR A 80 -20.45 18.09 8.44
C TYR A 80 -20.38 19.58 8.16
N ARG A 81 -19.82 19.98 7.01
CA ARG A 81 -19.92 21.40 6.63
C ARG A 81 -21.36 21.81 6.41
N GLU A 82 -22.16 20.94 5.79
CA GLU A 82 -23.57 21.27 5.58
C GLU A 82 -24.37 21.30 6.87
N VAL A 83 -23.99 20.53 7.91
CA VAL A 83 -24.66 20.68 9.21
C VAL A 83 -24.39 22.07 9.80
N VAL A 84 -23.14 22.53 9.75
CA VAL A 84 -22.79 23.86 10.28
C VAL A 84 -23.57 24.95 9.56
N LYS A 85 -23.64 24.88 8.23
CA LYS A 85 -24.43 25.83 7.46
C LYS A 85 -25.88 25.76 7.88
N HIS A 86 -26.43 24.54 7.94
CA HIS A 86 -27.87 24.36 8.14
C HIS A 86 -28.33 24.89 9.49
N HIS A 87 -27.53 24.74 10.54
CA HIS A 87 -27.91 25.26 11.85
C HIS A 87 -27.35 26.65 12.13
N GLN A 88 -26.49 27.15 11.25
CA GLN A 88 -25.75 28.39 11.50
C GLN A 88 -25.05 28.33 12.85
N LEU A 89 -23.93 27.61 12.93
CA LEU A 89 -23.14 27.51 14.13
C LEU A 89 -21.99 28.50 14.06
N LYS A 90 -21.71 29.16 15.18
CA LYS A 90 -20.56 30.04 15.23
C LYS A 90 -19.33 29.20 15.47
N VAL A 91 -18.40 29.20 14.51
CA VAL A 91 -17.16 28.46 14.68
C VAL A 91 -16.02 29.43 14.47
N ASN A 92 -15.17 29.55 15.48
CA ASN A 92 -13.92 30.30 15.40
C ASN A 92 -12.82 29.28 15.12
N ALA A 93 -12.38 29.21 13.87
CA ALA A 93 -11.41 28.22 13.45
C ALA A 93 -9.97 28.72 13.59
N PHE A 94 -9.03 27.78 13.58
CA PHE A 94 -7.59 28.06 13.69
C PHE A 94 -7.31 28.92 14.92
N GLU A 95 -7.79 28.43 16.05
CA GLU A 95 -7.76 29.18 17.30
C GLU A 95 -7.71 28.12 18.38
N GLU A 96 -6.51 27.81 18.87
CA GLU A 96 -6.31 26.76 19.85
C GLU A 96 -6.57 27.29 21.25
N VAL A 97 -7.39 26.60 22.05
CA VAL A 97 -7.56 26.94 23.46
C VAL A 97 -6.37 26.42 24.25
N LEU A 98 -5.69 27.32 24.95
CA LEU A 98 -4.49 26.94 25.68
C LEU A 98 -4.72 26.89 27.18
N THR A 99 -5.71 27.62 27.68
CA THR A 99 -5.86 27.84 29.11
C THR A 99 -7.30 28.13 29.47
N VAL A 100 -7.78 27.48 30.51
CA VAL A 100 -9.08 27.74 31.12
C VAL A 100 -8.88 27.84 32.62
N LYS A 101 -9.47 28.86 33.25
CA LYS A 101 -9.48 29.01 34.69
C LYS A 101 -10.86 29.46 35.17
N LYS A 102 -11.24 28.98 36.34
CA LYS A 102 -12.52 29.33 36.94
C LYS A 102 -12.40 30.56 37.84
N MET A 103 -13.34 31.50 37.66
CA MET A 103 -13.41 32.75 38.42
C MET A 103 -14.87 33.16 38.50
N ASN A 104 -15.44 33.22 39.69
CA ASN A 104 -16.82 33.66 39.83
C ASN A 104 -17.80 32.76 39.07
N ASN A 105 -18.91 33.33 38.62
CA ASN A 105 -19.84 32.63 37.73
C ASN A 105 -19.30 32.59 36.30
N LYS A 106 -17.99 32.49 36.12
CA LYS A 106 -17.45 32.63 34.78
C LYS A 106 -16.16 31.83 34.60
N PHE A 107 -15.91 31.43 33.36
CA PHE A 107 -14.66 30.81 32.94
C PHE A 107 -13.88 31.82 32.12
N THR A 108 -12.55 31.77 32.20
CA THR A 108 -11.72 32.66 31.40
C THR A 108 -10.87 31.77 30.48
N ILE A 109 -11.14 31.85 29.18
CA ILE A 109 -10.57 30.96 28.17
C ILE A 109 -9.49 31.69 27.40
N THR A 110 -8.30 31.10 27.31
CA THR A 110 -7.21 31.70 26.57
C THR A 110 -6.87 30.87 25.35
N THR A 111 -6.98 31.50 24.19
CA THR A 111 -6.68 30.89 22.92
C THR A 111 -5.50 31.59 22.29
N THR A 112 -5.07 31.09 21.16
CA THR A 112 -4.00 31.79 20.45
C THR A 112 -4.50 33.10 19.75
N LYS A 113 -5.74 33.57 19.90
CA LYS A 113 -6.22 34.76 19.19
C LYS A 113 -7.00 35.72 20.07
N ASP A 114 -7.53 35.31 21.20
CA ASP A 114 -8.39 36.18 21.98
C ASP A 114 -8.57 35.55 23.35
N VAL A 115 -9.35 36.23 24.19
CA VAL A 115 -9.72 35.75 25.51
C VAL A 115 -11.23 35.84 25.61
N TYR A 116 -11.84 34.81 26.16
CA TYR A 116 -13.29 34.69 26.20
C TYR A 116 -13.73 34.52 27.64
N GLU A 117 -14.98 34.86 27.90
CA GLU A 117 -15.48 34.61 29.24
C GLU A 117 -16.91 34.12 29.14
N CYS A 118 -17.18 32.97 29.77
CA CYS A 118 -18.43 32.24 29.59
C CYS A 118 -18.91 31.60 30.88
N ARG A 119 -20.19 31.25 30.89
CA ARG A 119 -20.77 30.56 32.01
C ARG A 119 -20.56 29.06 31.92
N PHE A 120 -20.93 28.49 30.78
CA PHE A 120 -20.85 27.05 30.55
C PHE A 120 -19.71 26.72 29.59
N LEU A 121 -18.99 25.64 29.91
CA LEU A 121 -17.91 25.14 29.08
C LEU A 121 -18.14 23.64 28.83
N THR A 122 -17.90 23.24 27.59
CA THR A 122 -18.03 21.86 27.16
C THR A 122 -16.72 21.53 26.44
N ILE A 123 -15.99 20.56 26.95
CA ILE A 123 -14.70 20.20 26.39
C ILE A 123 -14.91 18.93 25.56
N ALA A 124 -14.86 19.08 24.24
CA ALA A 124 -15.01 17.97 23.32
C ALA A 124 -13.77 17.87 22.45
N THR A 125 -12.60 17.66 23.06
CA THR A 125 -11.33 17.73 22.34
C THR A 125 -10.92 16.40 21.70
N GLY A 126 -11.67 15.32 21.91
CA GLY A 126 -11.34 14.04 21.32
C GLY A 126 -9.94 13.56 21.60
N TYR A 127 -9.49 12.51 20.93
CA TYR A 127 -8.18 11.94 21.21
C TYR A 127 -7.24 11.89 20.01
N TYR A 128 -7.69 12.32 18.82
CA TYR A 128 -6.90 12.02 17.64
C TYR A 128 -5.67 12.91 17.51
N GLY A 129 -5.62 14.02 18.27
CA GLY A 129 -4.50 14.96 18.28
C GLY A 129 -3.33 14.60 19.19
N GLN A 130 -3.42 13.55 20.00
CA GLN A 130 -2.35 13.17 20.94
C GLN A 130 -2.01 11.69 20.79
N HIS A 131 -0.87 11.38 20.16
CA HIS A 131 -0.51 9.99 19.90
C HIS A 131 0.20 9.36 21.10
N ASN A 132 -0.13 8.11 21.38
CA ASN A 132 0.55 7.36 22.43
C ASN A 132 2.04 7.37 22.19
N THR A 133 2.83 7.47 23.26
CA THR A 133 4.27 7.55 23.08
C THR A 133 4.88 6.20 22.77
N LEU A 134 5.78 6.22 21.81
CA LEU A 134 6.38 4.99 21.31
C LEU A 134 7.40 4.46 22.31
N GLU A 135 8.31 5.32 22.76
CA GLU A 135 9.24 5.00 23.85
C GLU A 135 10.14 3.81 23.49
N VAL A 136 10.82 3.92 22.35
CA VAL A 136 11.94 3.06 22.00
C VAL A 136 13.00 3.97 21.38
N GLU A 137 14.25 3.51 21.40
CA GLU A 137 15.32 4.30 20.82
C GLU A 137 15.11 4.46 19.32
N GLY A 138 15.01 5.72 18.88
CA GLY A 138 14.73 6.06 17.50
C GLY A 138 13.31 6.56 17.22
N ALA A 139 12.41 6.55 18.22
CA ALA A 139 11.04 6.98 17.98
C ALA A 139 10.92 8.44 17.54
N ASP A 140 11.97 9.25 17.67
CA ASP A 140 11.99 10.65 17.28
C ASP A 140 12.65 10.91 15.94
N LEU A 141 13.15 9.88 15.27
CA LEU A 141 13.66 10.03 13.93
C LEU A 141 12.54 10.54 13.02
N PRO A 142 12.89 11.29 11.96
CA PRO A 142 11.85 11.75 11.03
C PRO A 142 11.22 10.62 10.22
N LYS A 143 11.84 9.45 10.17
CA LYS A 143 11.25 8.30 9.49
C LYS A 143 10.15 7.62 10.28
N VAL A 144 9.76 8.16 11.43
CA VAL A 144 8.76 7.53 12.29
C VAL A 144 7.50 8.40 12.26
N PHE A 145 6.38 7.83 11.83
CA PHE A 145 5.13 8.58 11.79
C PHE A 145 4.10 7.93 12.68
N HIS A 146 3.27 8.76 13.32
CA HIS A 146 2.13 8.30 14.10
C HIS A 146 0.82 8.53 13.37
N TYR A 147 0.88 9.01 12.14
CA TYR A 147 -0.28 9.27 11.32
C TYR A 147 0.00 8.68 9.95
N PHE A 148 -1.00 8.03 9.38
CA PHE A 148 -0.93 7.53 8.02
C PHE A 148 -1.83 8.39 7.14
N LYS A 149 -1.31 8.78 5.96
CA LYS A 149 -2.10 9.58 5.03
C LYS A 149 -2.30 8.82 3.73
N GLU A 150 -1.27 8.72 2.91
CA GLU A 150 -1.34 8.02 1.65
C GLU A 150 -0.16 7.07 1.58
N ALA A 151 -0.29 6.05 0.74
CA ALA A 151 0.71 5.00 0.72
C ALA A 151 1.67 5.10 -0.46
N HIS A 152 1.27 5.77 -1.54
CA HIS A 152 2.09 5.81 -2.77
C HIS A 152 3.55 6.15 -2.53
N PRO A 153 3.90 7.21 -1.80
CA PRO A 153 5.33 7.57 -1.69
C PRO A 153 6.16 6.49 -1.04
N TYR A 154 5.53 5.49 -0.41
CA TYR A 154 6.26 4.36 0.18
C TYR A 154 6.34 3.16 -0.77
N PHE A 155 6.05 3.38 -2.06
CA PHE A 155 6.26 2.39 -3.11
C PHE A 155 7.69 1.87 -3.07
N ASP A 156 7.81 0.55 -2.98
CA ASP A 156 9.08 -0.15 -3.03
C ASP A 156 10.02 0.23 -1.88
N GLN A 157 9.48 0.70 -0.77
CA GLN A 157 10.26 0.98 0.43
C GLN A 157 9.97 -0.07 1.50
N ASP A 158 10.92 -0.28 2.40
CA ASP A 158 10.76 -1.25 3.48
C ASP A 158 10.08 -0.54 4.65
N VAL A 159 8.84 -0.96 4.92
CA VAL A 159 7.95 -0.27 5.83
C VAL A 159 7.68 -1.20 6.99
N VAL A 160 7.62 -0.65 8.19
CA VAL A 160 7.33 -1.39 9.40
C VAL A 160 6.10 -0.75 10.02
N ILE A 161 5.13 -1.56 10.38
CA ILE A 161 3.93 -1.07 11.05
C ILE A 161 3.92 -1.64 12.45
N ILE A 162 3.93 -0.76 13.44
CA ILE A 162 3.83 -1.15 14.84
C ILE A 162 2.41 -0.92 15.29
N GLY A 163 1.79 -1.96 15.84
CA GLY A 163 0.41 -1.91 16.28
C GLY A 163 -0.40 -3.06 15.70
N GLY A 164 -1.64 -3.14 16.17
CA GLY A 164 -2.49 -4.27 15.85
C GLY A 164 -3.96 -3.98 15.67
N LYS A 165 -4.35 -2.73 15.73
CA LYS A 165 -5.75 -2.40 15.61
C LYS A 165 -6.06 -2.00 14.16
N ASN A 166 -7.23 -1.38 13.96
CA ASN A 166 -7.67 -1.08 12.59
C ASN A 166 -6.72 -0.12 11.88
N SER A 167 -6.16 0.84 12.63
CA SER A 167 -5.21 1.77 12.01
C SER A 167 -4.05 1.02 11.39
N ALA A 168 -3.47 0.07 12.12
CA ALA A 168 -2.38 -0.71 11.57
C ALA A 168 -2.84 -1.57 10.40
N ILE A 169 -4.00 -2.21 10.54
CA ILE A 169 -4.46 -3.14 9.52
C ILE A 169 -4.86 -2.38 8.25
N ASP A 170 -5.58 -1.26 8.40
CA ASP A 170 -5.90 -0.39 7.27
C ASP A 170 -4.63 0.06 6.57
N ALA A 171 -3.68 0.58 7.34
CA ALA A 171 -2.44 1.07 6.75
C ALA A 171 -1.70 -0.04 6.03
N ALA A 172 -1.72 -1.26 6.57
CA ALA A 172 -1.00 -2.34 5.91
C ALA A 172 -1.59 -2.63 4.54
N LEU A 173 -2.93 -2.67 4.46
CA LEU A 173 -3.59 -2.89 3.19
C LEU A 173 -3.26 -1.78 2.20
N GLU A 174 -3.39 -0.53 2.62
CA GLU A 174 -3.12 0.58 1.70
C GLU A 174 -1.65 0.59 1.26
N LEU A 175 -0.73 0.33 2.20
CA LEU A 175 0.71 0.25 1.89
C LEU A 175 1.07 -0.97 1.03
N GLU A 176 0.36 -2.09 1.17
CA GLU A 176 0.63 -3.27 0.32
C GLU A 176 0.15 -3.06 -1.13
N LYS A 177 -1.03 -2.45 -1.32
CA LYS A 177 -1.55 -2.19 -2.66
C LYS A 177 -0.67 -1.23 -3.45
N ALA A 178 0.07 -0.38 -2.74
CA ALA A 178 0.94 0.60 -3.37
C ALA A 178 2.39 0.13 -3.46
N GLY A 179 2.67 -1.15 -3.17
CA GLY A 179 3.98 -1.72 -3.43
C GLY A 179 5.02 -1.61 -2.32
N ALA A 180 4.63 -1.30 -1.10
CA ALA A 180 5.61 -1.33 -0.04
C ALA A 180 5.89 -2.78 0.36
N ASN A 181 7.03 -2.98 1.00
CA ASN A 181 7.34 -4.26 1.60
C ASN A 181 7.02 -4.07 3.07
N VAL A 182 5.86 -4.60 3.49
CA VAL A 182 5.24 -4.24 4.75
C VAL A 182 5.50 -5.35 5.76
N THR A 183 6.00 -4.99 6.93
CA THR A 183 6.11 -5.89 8.08
C THR A 183 5.33 -5.27 9.21
N VAL A 184 4.30 -5.96 9.66
CA VAL A 184 3.51 -5.50 10.81
C VAL A 184 4.05 -6.21 12.04
N LEU A 185 4.39 -5.43 13.07
CA LEU A 185 4.88 -5.96 14.34
C LEU A 185 3.89 -5.64 15.44
N TYR A 186 3.28 -6.68 16.01
CA TYR A 186 2.24 -6.50 17.01
C TYR A 186 2.69 -7.22 18.28
N ARG A 187 2.55 -6.56 19.44
CA ARG A 187 3.00 -7.09 20.72
C ARG A 187 2.03 -8.08 21.30
N GLY A 188 0.99 -8.43 20.55
CA GLY A 188 -0.05 -9.29 21.06
C GLY A 188 0.07 -10.70 20.50
N GLY A 189 -0.77 -11.58 21.02
CA GLY A 189 -0.67 -12.98 20.73
C GLY A 189 -1.48 -13.42 19.56
N ASP A 190 -2.57 -12.71 19.30
CA ASP A 190 -3.49 -13.03 18.22
C ASP A 190 -4.03 -11.71 17.67
N TYR A 191 -4.86 -11.79 16.61
CA TYR A 191 -5.42 -10.57 16.04
C TYR A 191 -6.28 -9.88 17.09
N SER A 192 -6.18 -8.55 17.16
CA SER A 192 -7.00 -7.82 18.08
C SER A 192 -8.48 -7.97 17.71
N PRO A 193 -9.36 -8.22 18.67
CA PRO A 193 -10.79 -8.34 18.35
C PRO A 193 -11.40 -7.05 17.82
N SER A 194 -10.73 -5.92 17.94
CA SER A 194 -11.35 -4.68 17.51
C SER A 194 -11.23 -4.46 16.00
N ILE A 195 -10.42 -5.28 15.33
CA ILE A 195 -10.39 -5.27 13.87
C ILE A 195 -11.78 -5.63 13.35
N LYS A 196 -12.28 -4.85 12.40
CA LYS A 196 -13.64 -5.08 11.92
C LYS A 196 -13.70 -6.39 11.15
N PRO A 197 -14.75 -7.21 11.35
CA PRO A 197 -14.77 -8.57 10.79
C PRO A 197 -14.90 -8.64 9.26
N TRP A 198 -15.26 -7.56 8.59
CA TRP A 198 -15.24 -7.55 7.12
C TRP A 198 -13.95 -7.00 6.57
N ILE A 199 -13.02 -6.60 7.42
CA ILE A 199 -11.72 -6.13 6.97
C ILE A 199 -10.65 -7.20 7.16
N LEU A 200 -10.67 -7.84 8.34
CA LEU A 200 -9.72 -8.89 8.67
C LEU A 200 -9.51 -9.91 7.56
N PRO A 201 -10.55 -10.40 6.87
CA PRO A 201 -10.27 -11.37 5.79
C PRO A 201 -9.39 -10.84 4.68
N ASN A 202 -9.42 -9.53 4.39
CA ASN A 202 -8.56 -9.00 3.34
C ASN A 202 -7.08 -8.99 3.75
N PHE A 203 -6.81 -8.68 5.02
CA PHE A 203 -5.44 -8.68 5.51
C PHE A 203 -4.91 -10.10 5.61
N THR A 204 -5.73 -11.00 6.15
CA THR A 204 -5.33 -12.38 6.36
C THR A 204 -4.95 -13.06 5.06
N ALA A 205 -5.75 -12.84 4.01
CA ALA A 205 -5.43 -13.41 2.71
C ALA A 205 -4.05 -12.95 2.28
N LEU A 206 -3.73 -11.69 2.55
CA LEU A 206 -2.43 -11.20 2.12
C LEU A 206 -1.32 -11.80 2.96
N VAL A 207 -1.57 -12.01 4.26
CA VAL A 207 -0.55 -12.65 5.09
C VAL A 207 -0.32 -14.08 4.64
N ASN A 208 -1.39 -14.79 4.33
CA ASN A 208 -1.25 -16.19 3.94
C ASN A 208 -0.59 -16.36 2.58
N HIS A 209 -0.74 -15.39 1.68
CA HIS A 209 -0.08 -15.47 0.40
C HIS A 209 1.31 -14.83 0.45
N GLU A 210 1.84 -14.64 1.67
CA GLU A 210 3.21 -14.16 1.97
C GLU A 210 3.55 -12.85 1.28
N LYS A 211 2.56 -12.00 1.10
CA LYS A 211 2.77 -10.67 0.53
C LYS A 211 2.84 -9.56 1.57
N ILE A 212 2.46 -9.83 2.81
CA ILE A 212 2.73 -8.96 3.95
C ILE A 212 3.34 -9.85 5.01
N ASP A 213 4.37 -9.36 5.73
CA ASP A 213 4.89 -10.10 6.88
C ASP A 213 4.16 -9.67 8.14
N MET A 214 3.55 -10.65 8.84
CA MET A 214 2.87 -10.41 10.10
C MET A 214 3.61 -11.20 11.18
N GLU A 215 4.04 -10.50 12.24
CA GLU A 215 4.74 -11.13 13.36
C GLU A 215 3.97 -10.87 14.64
N PHE A 216 3.59 -11.93 15.34
CA PHE A 216 2.94 -11.75 16.63
C PHE A 216 3.97 -11.81 17.75
N ASN A 217 3.54 -11.34 18.93
CA ASN A 217 4.35 -11.34 20.13
C ASN A 217 5.68 -10.65 19.90
N ALA A 218 5.66 -9.59 19.11
CA ALA A 218 6.85 -8.84 18.74
C ALA A 218 6.81 -7.48 19.40
N ASN A 219 7.92 -7.12 20.03
CA ASN A 219 8.09 -5.80 20.66
C ASN A 219 9.29 -5.13 20.02
N VAL A 220 9.13 -3.86 19.65
CA VAL A 220 10.20 -3.13 18.98
C VAL A 220 11.19 -2.60 20.01
N THR A 221 12.47 -2.82 19.75
CA THR A 221 13.55 -2.44 20.65
C THR A 221 14.42 -1.28 20.18
N GLN A 222 14.67 -1.16 18.88
CA GLN A 222 15.48 -0.05 18.39
C GLN A 222 15.04 0.34 16.99
N ILE A 223 15.13 1.63 16.71
CA ILE A 223 14.96 2.16 15.37
C ILE A 223 16.22 2.95 15.05
N THR A 224 16.93 2.51 14.02
CA THR A 224 18.12 3.19 13.57
C THR A 224 17.81 3.99 12.33
N GLU A 225 18.85 4.58 11.73
CA GLU A 225 18.62 5.39 10.55
C GLU A 225 18.11 4.51 9.40
N ASP A 226 18.46 3.21 9.40
CA ASP A 226 17.96 2.34 8.34
C ASP A 226 17.73 0.88 8.78
N THR A 227 17.58 0.58 10.07
CA THR A 227 17.14 -0.74 10.52
C THR A 227 16.10 -0.57 11.61
N VAL A 228 15.37 -1.65 11.86
CA VAL A 228 14.52 -1.80 13.03
C VAL A 228 14.86 -3.12 13.69
N THR A 229 14.96 -3.12 15.01
CA THR A 229 15.26 -4.34 15.75
C THR A 229 14.14 -4.60 16.74
N TYR A 230 13.59 -5.80 16.67
CA TYR A 230 12.48 -6.18 17.52
C TYR A 230 12.75 -7.55 18.09
N GLU A 231 12.13 -7.79 19.23
CA GLU A 231 12.20 -9.05 19.95
C GLU A 231 10.84 -9.73 19.83
N VAL A 232 10.86 -11.04 19.61
CA VAL A 232 9.65 -11.84 19.63
C VAL A 232 9.90 -12.90 20.68
N ASN A 233 9.22 -12.77 21.82
CA ASN A 233 9.44 -13.66 22.96
C ASN A 233 10.93 -13.78 23.29
N GLY A 234 11.63 -12.66 23.26
CA GLY A 234 13.06 -12.64 23.55
C GLY A 234 14.04 -12.75 22.41
N GLU A 235 13.73 -13.53 21.38
CA GLU A 235 14.65 -13.65 20.26
C GLU A 235 14.73 -12.31 19.54
N SER A 236 15.95 -11.83 19.29
CA SER A 236 16.17 -10.56 18.60
C SER A 236 16.28 -10.75 17.09
N LYS A 237 15.68 -9.84 16.33
CA LYS A 237 15.80 -9.82 14.88
C LYS A 237 16.09 -8.40 14.42
N THR A 238 16.84 -8.28 13.32
CA THR A 238 17.12 -6.96 12.75
C THR A 238 16.88 -6.97 11.25
N ILE A 239 16.05 -6.04 10.79
CA ILE A 239 15.67 -5.99 9.38
C ILE A 239 15.92 -4.59 8.82
N HIS A 240 16.23 -4.54 7.53
CA HIS A 240 16.34 -3.26 6.85
C HIS A 240 14.98 -2.59 6.78
N ASN A 241 14.99 -1.27 6.95
CA ASN A 241 13.78 -0.50 7.15
C ASN A 241 13.96 0.94 6.69
N ASP A 242 12.99 1.44 5.93
CA ASP A 242 13.05 2.82 5.44
C ASP A 242 12.12 3.77 6.17
N TYR A 243 10.97 3.30 6.65
CA TYR A 243 10.00 4.14 7.34
C TYR A 243 9.25 3.28 8.35
N VAL A 244 8.73 3.93 9.39
CA VAL A 244 8.07 3.28 10.52
C VAL A 244 6.72 3.95 10.78
N PHE A 245 5.66 3.14 10.84
CA PHE A 245 4.31 3.65 11.11
C PHE A 245 3.91 3.18 12.51
N ALA A 246 3.96 4.09 13.48
CA ALA A 246 3.61 3.75 14.85
C ALA A 246 2.10 3.91 14.98
N MET A 247 1.38 2.85 14.62
CA MET A 247 -0.06 2.82 14.76
C MET A 247 -0.43 2.19 16.10
N ILE A 248 0.02 2.86 17.15
CA ILE A 248 -0.07 2.38 18.52
C ILE A 248 -1.11 3.14 19.32
N GLY A 249 -2.03 3.81 18.64
CA GLY A 249 -3.16 4.40 19.31
C GLY A 249 -2.95 5.84 19.70
N TYR A 250 -3.98 6.37 20.36
CA TYR A 250 -4.07 7.77 20.76
C TYR A 250 -4.78 7.84 22.09
N HIS A 251 -4.78 9.04 22.67
CA HIS A 251 -5.36 9.27 23.99
C HIS A 251 -5.79 10.72 24.08
N PRO A 252 -6.78 11.02 24.90
CA PRO A 252 -7.17 12.43 25.11
C PRO A 252 -6.05 13.23 25.74
N ASP A 253 -6.13 14.55 25.56
CA ASP A 253 -5.20 15.49 26.16
C ASP A 253 -5.55 15.65 27.64
N TYR A 254 -4.91 14.84 28.49
CA TYR A 254 -5.28 14.81 29.90
C TYR A 254 -4.71 15.97 30.73
N GLU A 255 -3.53 16.48 30.39
CA GLU A 255 -3.05 17.69 31.05
C GLU A 255 -4.07 18.82 30.91
N PHE A 256 -4.54 19.06 29.69
CA PHE A 256 -5.49 20.14 29.48
C PHE A 256 -6.72 19.96 30.35
N LEU A 257 -7.16 18.71 30.49
CA LEU A 257 -8.31 18.41 31.34
C LEU A 257 -7.99 18.67 32.80
N LYS A 258 -6.78 18.31 33.24
CA LYS A 258 -6.38 18.56 34.61
C LYS A 258 -6.18 20.05 34.86
N SER A 259 -5.53 20.75 33.93
CA SER A 259 -5.20 22.16 34.11
C SER A 259 -6.44 23.05 34.25
N VAL A 260 -7.65 22.55 34.00
CA VAL A 260 -8.86 23.30 34.31
C VAL A 260 -9.42 22.90 35.67
N GLY A 261 -8.92 21.82 36.26
CA GLY A 261 -9.36 21.35 37.55
C GLY A 261 -10.29 20.15 37.53
N ILE A 262 -10.33 19.39 36.42
CA ILE A 262 -11.18 18.20 36.32
C ILE A 262 -10.36 17.01 36.77
N GLN A 263 -10.94 16.16 37.60
CA GLN A 263 -10.16 15.02 38.07
C GLN A 263 -10.19 13.88 37.06
N ILE A 264 -9.02 13.35 36.75
CA ILE A 264 -8.91 12.10 36.05
C ILE A 264 -8.65 11.00 37.07
N ASN A 265 -8.97 9.76 36.70
CA ASN A 265 -8.95 8.64 37.63
C ASN A 265 -9.05 7.33 36.87
N THR A 266 -7.93 6.61 36.75
CA THR A 266 -7.88 5.39 35.97
C THR A 266 -8.54 4.20 36.69
N ASN A 267 -8.85 3.16 35.91
CA ASN A 267 -9.49 1.93 36.38
C ASN A 267 -9.02 0.74 35.56
N GLU A 268 -9.87 -0.27 35.50
CA GLU A 268 -9.95 -1.15 34.35
C GLU A 268 -10.62 -0.38 33.22
N PHE A 269 -10.29 -0.75 31.97
CA PHE A 269 -10.85 -0.15 30.75
C PHE A 269 -10.04 1.08 30.32
N GLY A 270 -9.46 1.81 31.30
CA GLY A 270 -8.63 2.97 31.05
C GLY A 270 -8.92 4.12 32.01
N THR A 271 -8.32 5.27 31.69
CA THR A 271 -8.46 6.50 32.47
C THR A 271 -9.46 7.42 31.77
N ALA A 272 -10.41 7.96 32.53
CA ALA A 272 -11.41 8.87 31.99
C ALA A 272 -11.56 10.06 32.94
N PRO A 273 -12.17 11.16 32.45
CA PRO A 273 -12.51 12.25 33.37
C PRO A 273 -13.61 11.85 34.35
N MET A 274 -13.63 12.55 35.49
CA MET A 274 -14.69 12.31 36.46
C MET A 274 -15.91 13.10 36.02
N TYR A 275 -17.06 12.42 35.88
CA TYR A 275 -18.27 13.16 35.53
C TYR A 275 -19.52 12.37 35.89
N ASN A 276 -20.60 13.11 36.08
CA ASN A 276 -21.91 12.53 36.35
C ASN A 276 -22.42 11.88 35.07
N LYS A 277 -22.70 10.57 35.13
CA LYS A 277 -23.22 9.84 33.96
C LYS A 277 -24.57 10.36 33.49
N GLU A 278 -25.33 11.03 34.34
CA GLU A 278 -26.66 11.51 33.94
C GLU A 278 -26.67 12.93 33.40
N THR A 279 -25.61 13.71 33.60
CA THR A 279 -25.55 15.05 33.03
C THR A 279 -24.28 15.34 32.24
N TYR A 280 -23.23 14.53 32.38
CA TYR A 280 -21.95 14.72 31.71
C TYR A 280 -21.20 15.95 32.23
N GLU A 281 -21.62 16.46 33.38
CA GLU A 281 -20.91 17.53 34.05
C GLU A 281 -19.72 17.01 34.85
N THR A 282 -18.62 17.72 34.82
CA THR A 282 -17.44 17.27 35.54
C THR A 282 -17.52 17.70 37.00
N ASN A 283 -16.45 17.45 37.75
CA ASN A 283 -16.42 17.90 39.13
C ASN A 283 -16.44 19.42 39.23
N ILE A 284 -15.90 20.13 38.25
CA ILE A 284 -15.98 21.59 38.21
C ILE A 284 -17.36 22.02 37.75
N GLU A 285 -18.08 22.76 38.59
CA GLU A 285 -19.44 23.17 38.28
C GLU A 285 -19.47 23.94 36.96
N ASN A 286 -20.43 23.57 36.10
CA ASN A 286 -20.67 24.17 34.78
C ASN A 286 -19.61 23.83 33.73
N CYS A 287 -18.78 22.82 33.96
CA CYS A 287 -17.83 22.34 32.97
C CYS A 287 -18.23 20.93 32.57
N TYR A 288 -18.62 20.75 31.31
CA TYR A 288 -19.07 19.47 30.76
C TYR A 288 -18.04 18.87 29.82
N ILE A 289 -18.17 17.57 29.55
CA ILE A 289 -17.37 16.94 28.50
C ILE A 289 -18.30 16.29 27.49
N ALA A 290 -17.81 16.16 26.25
CA ALA A 290 -18.56 15.51 25.19
C ALA A 290 -17.63 14.74 24.26
N GLY A 291 -18.16 13.64 23.71
CA GLY A 291 -17.41 12.88 22.75
C GLY A 291 -16.67 11.73 23.39
N VAL A 292 -15.73 11.20 22.61
CA VAL A 292 -14.95 10.07 23.03
C VAL A 292 -14.08 10.39 24.23
N ILE A 293 -13.97 11.65 24.58
CA ILE A 293 -13.16 11.96 25.74
C ILE A 293 -13.80 11.35 26.99
N ALA A 294 -15.13 11.16 26.98
CA ALA A 294 -15.84 10.60 28.13
C ALA A 294 -15.59 9.11 28.29
N ALA A 295 -14.93 8.49 27.34
CA ALA A 295 -14.64 7.09 27.40
C ALA A 295 -13.44 6.85 28.32
N GLY A 296 -13.34 5.62 28.82
CA GLY A 296 -12.29 5.28 29.76
C GLY A 296 -12.72 4.33 30.87
N ASN A 297 -13.62 4.77 31.75
CA ASN A 297 -14.00 3.97 32.90
C ASN A 297 -15.29 3.15 32.74
N ASP A 298 -16.19 3.55 31.86
CA ASP A 298 -17.52 2.97 31.63
C ASP A 298 -17.50 1.55 31.04
N ALA A 299 -16.35 0.97 30.70
CA ALA A 299 -16.27 -0.32 29.98
C ALA A 299 -17.07 -0.32 28.69
N ASN A 300 -17.42 0.87 28.23
CA ASN A 300 -18.14 1.09 26.99
C ASN A 300 -17.28 1.94 26.07
N THR A 301 -17.47 1.72 24.79
CA THR A 301 -16.78 2.48 23.77
C THR A 301 -17.67 3.60 23.28
N ILE A 302 -17.03 4.69 22.88
CA ILE A 302 -17.69 5.91 22.48
C ILE A 302 -17.23 6.18 21.05
N PHE A 303 -18.16 6.11 20.13
CA PHE A 303 -17.89 6.54 18.77
C PHE A 303 -18.79 7.73 18.46
N ILE A 304 -18.81 8.11 17.18
CA ILE A 304 -19.68 9.19 16.76
C ILE A 304 -21.14 8.79 17.01
N GLU A 305 -21.42 7.49 16.97
CA GLU A 305 -22.80 7.01 16.98
C GLU A 305 -23.41 7.19 18.36
N ASN A 306 -22.70 6.75 19.39
CA ASN A 306 -23.15 6.99 20.75
C ASN A 306 -22.70 8.35 21.29
N GLY A 307 -21.46 8.75 21.01
CA GLY A 307 -20.94 10.00 21.55
C GLY A 307 -21.73 11.23 21.18
N LYS A 308 -22.42 11.22 20.03
CA LYS A 308 -23.17 12.40 19.61
C LYS A 308 -24.40 12.71 20.47
N PHE A 309 -24.78 11.84 21.41
CA PHE A 309 -25.97 12.06 22.22
C PHE A 309 -25.69 12.82 23.50
N HIS A 310 -24.42 13.04 23.83
CA HIS A 310 -24.07 13.85 25.00
C HIS A 310 -24.72 15.22 24.91
N GLY A 311 -24.58 15.88 23.76
CA GLY A 311 -25.10 17.22 23.58
C GLY A 311 -26.52 17.42 24.09
N GLY A 312 -27.43 16.52 23.73
CA GLY A 312 -28.79 16.64 24.24
C GLY A 312 -28.86 16.51 25.76
N ILE A 313 -28.18 15.50 26.31
CA ILE A 313 -28.15 15.33 27.76
C ILE A 313 -27.50 16.53 28.43
N ILE A 314 -26.41 17.04 27.85
CA ILE A 314 -25.76 18.24 28.38
C ILE A 314 -26.71 19.45 28.28
N ALA A 315 -27.47 19.54 27.19
CA ALA A 315 -28.38 20.67 27.04
C ALA A 315 -29.41 20.70 28.17
N GLN A 316 -29.90 19.52 28.59
CA GLN A 316 -30.86 19.46 29.69
C GLN A 316 -30.26 20.01 30.98
N SER A 317 -29.06 19.55 31.34
CA SER A 317 -28.42 20.00 32.58
C SER A 317 -28.12 21.49 32.54
N MET A 318 -27.68 22.00 31.40
CA MET A 318 -27.45 23.44 31.25
C MET A 318 -28.75 24.24 31.34
N LEU A 319 -29.82 23.74 30.74
CA LEU A 319 -31.08 24.44 30.81
C LEU A 319 -31.66 24.41 32.23
N ALA A 320 -31.45 23.30 32.96
CA ALA A 320 -31.95 23.16 34.33
C ALA A 320 -31.33 24.20 35.25
N LYS A 321 -30.06 24.49 35.06
CA LYS A 321 -29.36 25.55 35.77
C LYS A 321 -29.87 26.93 35.38
N LYS A 322 -30.80 27.00 34.44
CA LYS A 322 -31.61 28.20 34.21
C LYS A 322 -30.67 29.36 33.84
N GLN A 323 -31.09 30.57 34.22
CA GLN A 323 -30.42 31.81 33.87
C GLN A 323 -30.01 32.63 35.08
N MET B 1 32.78 4.41 -5.30
CA MET B 1 31.50 5.02 -5.63
C MET B 1 30.58 4.02 -6.33
N GLN B 2 29.68 4.52 -7.19
CA GLN B 2 28.85 3.67 -8.04
C GLN B 2 28.96 4.12 -9.48
N LYS B 3 29.03 3.13 -10.37
CA LYS B 3 29.30 3.33 -11.78
C LYS B 3 28.19 2.68 -12.59
N VAL B 4 27.44 3.52 -13.31
CA VAL B 4 26.35 3.12 -14.19
C VAL B 4 26.55 3.78 -15.55
N GLU B 5 26.11 3.10 -16.61
CA GLU B 5 26.22 3.65 -17.95
C GLU B 5 25.44 4.95 -18.09
N SER B 6 24.15 4.93 -17.77
CA SER B 6 23.31 6.11 -17.90
C SER B 6 22.60 6.40 -16.59
N ILE B 7 22.48 7.68 -16.28
CA ILE B 7 21.74 8.13 -15.11
C ILE B 7 20.64 9.08 -15.56
N ILE B 8 19.49 8.99 -14.92
CA ILE B 8 18.39 9.89 -15.17
C ILE B 8 18.04 10.57 -13.87
N ILE B 9 18.03 11.89 -13.89
CA ILE B 9 17.60 12.67 -12.75
C ILE B 9 16.13 12.95 -13.00
N GLY B 10 15.26 12.41 -12.15
CA GLY B 10 13.84 12.62 -12.34
C GLY B 10 13.06 11.41 -12.78
N GLY B 11 12.08 11.04 -11.95
CA GLY B 11 11.23 9.90 -12.22
C GLY B 11 9.80 10.32 -12.49
N GLY B 12 9.62 11.48 -13.11
CA GLY B 12 8.32 11.78 -13.62
C GLY B 12 8.03 10.93 -14.83
N PRO B 13 6.87 11.14 -15.43
CA PRO B 13 6.53 10.33 -16.60
C PRO B 13 7.57 10.45 -17.71
N CYS B 14 8.20 11.62 -17.86
CA CYS B 14 9.19 11.78 -18.92
C CYS B 14 10.54 11.19 -18.53
N GLY B 15 10.91 11.29 -17.25
CA GLY B 15 12.08 10.55 -16.80
C GLY B 15 11.91 9.05 -16.92
N LEU B 16 10.78 8.52 -16.39
CA LEU B 16 10.50 7.10 -16.54
C LEU B 16 10.47 6.71 -18.01
N SER B 17 9.87 7.56 -18.85
CA SER B 17 9.79 7.25 -20.28
C SER B 17 11.16 7.10 -20.89
N ALA B 18 12.09 7.97 -20.51
CA ALA B 18 13.44 7.91 -21.05
C ALA B 18 14.11 6.59 -20.67
N ALA B 19 13.91 6.14 -19.44
CA ALA B 19 14.51 4.90 -18.96
C ALA B 19 14.04 3.70 -19.75
N ILE B 20 12.72 3.62 -20.01
CA ILE B 20 12.17 2.48 -20.74
C ILE B 20 12.80 2.38 -22.13
N GLU B 21 12.84 3.50 -22.85
CA GLU B 21 13.33 3.45 -24.22
C GLU B 21 14.83 3.19 -24.28
N GLN B 22 15.60 3.79 -23.36
CA GLN B 22 17.04 3.47 -23.30
C GLN B 22 17.24 2.00 -22.96
N LYS B 23 16.45 1.47 -22.02
CA LYS B 23 16.54 0.05 -21.68
C LYS B 23 16.18 -0.81 -22.88
N ARG B 24 15.19 -0.38 -23.66
CA ARG B 24 14.80 -1.14 -24.84
C ARG B 24 15.98 -1.27 -25.80
N LYS B 25 16.91 -0.32 -25.77
CA LYS B 25 18.11 -0.37 -26.58
C LYS B 25 19.28 -1.01 -25.83
N GLY B 26 18.98 -1.77 -24.78
CA GLY B 26 20.04 -2.48 -24.07
C GLY B 26 21.01 -1.57 -23.35
N ILE B 27 20.54 -0.44 -22.83
CA ILE B 27 21.36 0.52 -22.12
C ILE B 27 20.99 0.50 -20.65
N ASP B 28 21.98 0.27 -19.79
CA ASP B 28 21.73 0.22 -18.36
C ASP B 28 21.49 1.63 -17.82
N THR B 29 20.41 1.83 -17.07
CA THR B 29 20.09 3.14 -16.51
C THR B 29 19.74 3.04 -15.03
N LEU B 30 19.84 4.19 -14.35
CA LEU B 30 19.46 4.33 -12.95
C LEU B 30 18.72 5.65 -12.81
N ILE B 31 17.54 5.60 -12.24
CA ILE B 31 16.77 6.81 -11.99
C ILE B 31 17.06 7.25 -10.57
N ILE B 32 17.43 8.52 -10.42
CA ILE B 32 17.59 9.13 -9.11
C ILE B 32 16.49 10.15 -8.93
N GLU B 33 15.60 9.91 -7.98
CA GLU B 33 14.42 10.73 -7.79
C GLU B 33 14.40 11.31 -6.39
N LYS B 34 14.29 12.63 -6.31
CA LYS B 34 14.28 13.36 -5.05
C LYS B 34 13.18 12.84 -4.12
N GLY B 35 12.03 12.45 -4.68
CA GLY B 35 10.99 11.82 -3.89
C GLY B 35 10.87 10.34 -4.21
N ASN B 36 9.67 9.90 -4.57
CA ASN B 36 9.44 8.60 -5.20
C ASN B 36 8.94 8.90 -6.60
N VAL B 37 8.70 7.85 -7.38
CA VAL B 37 8.30 8.06 -8.76
C VAL B 37 7.02 8.91 -8.83
N VAL B 38 6.93 9.73 -9.87
CA VAL B 38 5.88 10.70 -10.14
C VAL B 38 5.39 11.47 -8.91
N GLU B 39 6.36 11.99 -8.14
CA GLU B 39 6.06 12.90 -7.03
C GLU B 39 5.18 14.06 -7.48
N SER B 40 5.41 14.57 -8.69
CA SER B 40 4.63 15.70 -9.21
C SER B 40 3.14 15.39 -9.21
N ILE B 41 2.77 14.26 -9.80
CA ILE B 41 1.38 13.85 -9.76
C ILE B 41 0.93 13.65 -8.32
N TYR B 42 1.83 13.13 -7.47
CA TYR B 42 1.48 12.92 -6.06
C TYR B 42 1.20 14.23 -5.35
N ASN B 43 1.85 15.31 -5.75
CA ASN B 43 1.64 16.60 -5.14
C ASN B 43 0.58 17.41 -5.86
N TYR B 44 -0.08 16.84 -6.86
CA TYR B 44 -1.28 17.42 -7.44
C TYR B 44 -2.26 17.66 -6.30
N PRO B 45 -3.24 18.54 -6.47
CA PRO B 45 -4.35 18.58 -5.50
C PRO B 45 -5.02 17.22 -5.42
N THR B 46 -5.53 16.91 -4.23
CA THR B 46 -6.00 15.55 -3.94
C THR B 46 -7.02 15.08 -4.95
N HIS B 47 -7.98 15.93 -5.31
CA HIS B 47 -9.09 15.54 -6.17
C HIS B 47 -8.88 15.90 -7.63
N GLN B 48 -7.64 16.15 -8.03
CA GLN B 48 -7.33 16.63 -9.37
C GLN B 48 -7.73 15.61 -10.44
N THR B 49 -8.30 16.13 -11.53
CA THR B 49 -8.70 15.37 -12.71
C THR B 49 -7.80 15.78 -13.89
N PHE B 50 -7.10 14.82 -14.48
CA PHE B 50 -6.27 15.13 -15.65
C PHE B 50 -7.10 15.71 -16.79
N PHE B 51 -6.45 16.52 -17.64
CA PHE B 51 -7.18 17.09 -18.77
C PHE B 51 -7.04 16.27 -20.04
N SER B 52 -6.14 15.30 -20.08
CA SER B 52 -5.99 14.37 -21.19
C SER B 52 -6.85 13.12 -20.99
N SER B 53 -7.18 12.45 -22.09
CA SER B 53 -7.63 11.08 -21.96
C SER B 53 -6.48 10.25 -21.44
N SER B 54 -6.78 9.02 -21.03
CA SER B 54 -5.71 8.31 -20.36
C SER B 54 -4.80 7.56 -21.31
N ASP B 55 -5.16 7.37 -22.59
CA ASP B 55 -4.16 6.80 -23.48
C ASP B 55 -3.03 7.77 -23.76
N LYS B 56 -3.28 9.06 -23.66
CA LYS B 56 -2.19 9.94 -24.03
C LYS B 56 -1.16 10.10 -22.92
N LEU B 57 -1.47 9.63 -21.70
CA LEU B 57 -0.56 9.59 -20.56
C LEU B 57 0.15 8.26 -20.40
N SER B 58 -0.13 7.29 -21.25
CA SER B 58 0.45 5.97 -21.11
C SER B 58 1.86 5.99 -21.65
N ILE B 59 2.75 5.26 -21.00
CA ILE B 59 4.12 5.18 -21.45
C ILE B 59 4.53 3.72 -21.48
N GLY B 60 5.52 3.42 -22.32
CA GLY B 60 6.23 2.17 -22.33
C GLY B 60 5.53 0.82 -22.26
N ASP B 61 4.71 0.49 -23.25
CA ASP B 61 4.13 -0.84 -23.35
C ASP B 61 3.28 -1.22 -22.14
N VAL B 62 2.71 -0.25 -21.43
CA VAL B 62 1.69 -0.57 -20.43
C VAL B 62 0.44 0.29 -20.67
N PRO B 63 -0.68 -0.28 -21.11
CA PRO B 63 -1.85 0.56 -21.39
C PRO B 63 -2.41 1.20 -20.13
N PHE B 64 -2.79 2.47 -20.26
CA PHE B 64 -3.48 3.21 -19.19
C PHE B 64 -4.99 3.16 -19.49
N ILE B 65 -5.71 2.32 -18.76
CA ILE B 65 -7.11 2.02 -19.05
C ILE B 65 -7.95 2.39 -17.83
N VAL B 66 -8.98 3.19 -18.04
CA VAL B 66 -9.86 3.66 -16.97
C VAL B 66 -11.27 3.76 -17.53
N GLU B 67 -12.27 3.61 -16.67
CA GLU B 67 -13.66 3.67 -17.12
C GLU B 67 -14.15 5.10 -17.34
N GLU B 68 -13.53 6.09 -16.72
CA GLU B 68 -13.91 7.47 -16.96
C GLU B 68 -13.23 7.98 -18.22
N SER B 69 -13.68 9.13 -18.69
CA SER B 69 -13.05 9.72 -19.87
C SER B 69 -11.65 10.19 -19.53
N LYS B 70 -11.53 11.10 -18.56
CA LYS B 70 -10.26 11.59 -18.06
C LYS B 70 -9.94 10.99 -16.70
N PRO B 71 -8.72 10.49 -16.47
CA PRO B 71 -8.40 9.81 -15.21
C PRO B 71 -8.09 10.79 -14.07
N ARG B 72 -8.25 10.27 -12.84
CA ARG B 72 -7.99 11.08 -11.66
C ARG B 72 -6.59 10.82 -11.11
N ARG B 73 -6.16 11.72 -10.20
CA ARG B 73 -4.77 11.75 -9.76
C ARG B 73 -4.30 10.40 -9.27
N ASN B 74 -5.10 9.76 -8.45
CA ASN B 74 -4.69 8.48 -7.88
C ASN B 74 -4.67 7.35 -8.90
N GLN B 75 -5.48 7.43 -9.97
CA GLN B 75 -5.38 6.42 -11.02
C GLN B 75 -4.02 6.45 -11.70
N ALA B 76 -3.49 7.66 -11.94
CA ALA B 76 -2.17 7.74 -12.56
C ALA B 76 -1.12 7.23 -11.61
N LEU B 77 -1.27 7.52 -10.31
CA LEU B 77 -0.32 6.99 -9.33
C LEU B 77 -0.28 5.48 -9.40
N VAL B 78 -1.45 4.84 -9.35
CA VAL B 78 -1.51 3.38 -9.44
C VAL B 78 -0.86 2.92 -10.74
N TYR B 79 -1.11 3.65 -11.84
CA TYR B 79 -0.61 3.25 -13.14
C TYR B 79 0.90 3.38 -13.24
N TYR B 80 1.46 4.55 -12.92
CA TYR B 80 2.91 4.70 -13.14
C TYR B 80 3.73 3.75 -12.29
N ARG B 81 3.20 3.32 -11.14
CA ARG B 81 3.91 2.28 -10.41
C ARG B 81 3.98 0.99 -11.22
N GLU B 82 2.86 0.59 -11.83
CA GLU B 82 2.86 -0.68 -12.58
C GLU B 82 3.79 -0.62 -13.77
N VAL B 83 3.96 0.57 -14.34
CA VAL B 83 4.93 0.79 -15.41
C VAL B 83 6.34 0.47 -14.91
N VAL B 84 6.67 0.94 -13.71
CA VAL B 84 7.96 0.63 -13.12
C VAL B 84 8.05 -0.85 -12.80
N LYS B 85 7.01 -1.41 -12.19
CA LYS B 85 6.99 -2.84 -11.88
C LYS B 85 7.24 -3.67 -13.13
N HIS B 86 6.47 -3.39 -14.20
CA HIS B 86 6.50 -4.21 -15.41
C HIS B 86 7.83 -4.08 -16.16
N HIS B 87 8.44 -2.90 -16.15
CA HIS B 87 9.67 -2.69 -16.88
C HIS B 87 10.91 -2.93 -16.05
N GLN B 88 10.74 -3.33 -14.79
CA GLN B 88 11.85 -3.54 -13.89
C GLN B 88 12.86 -2.40 -14.03
N LEU B 89 12.51 -1.23 -13.53
CA LEU B 89 13.38 -0.07 -13.58
C LEU B 89 14.09 0.08 -12.25
N LYS B 90 15.39 0.37 -12.28
CA LYS B 90 16.10 0.66 -11.05
C LYS B 90 15.82 2.10 -10.67
N VAL B 91 15.20 2.32 -9.52
CA VAL B 91 14.90 3.67 -9.03
C VAL B 91 15.45 3.83 -7.62
N ASN B 92 16.30 4.84 -7.43
CA ASN B 92 16.77 5.22 -6.10
C ASN B 92 15.91 6.37 -5.64
N ALA B 93 15.00 6.09 -4.72
CA ALA B 93 14.05 7.11 -4.31
C ALA B 93 14.59 7.89 -3.12
N PHE B 94 14.01 9.07 -2.88
CA PHE B 94 14.41 9.93 -1.78
C PHE B 94 15.92 10.23 -1.83
N GLU B 95 16.33 10.76 -2.97
CA GLU B 95 17.74 11.03 -3.23
C GLU B 95 17.79 12.20 -4.21
N GLU B 96 18.10 13.38 -3.69
CA GLU B 96 18.19 14.59 -4.51
C GLU B 96 19.60 14.71 -5.10
N VAL B 97 19.67 14.97 -6.40
CA VAL B 97 20.96 15.30 -7.02
C VAL B 97 21.28 16.77 -6.76
N LEU B 98 22.47 17.02 -6.20
CA LEU B 98 22.91 18.36 -5.82
C LEU B 98 24.04 18.92 -6.67
N THR B 99 24.84 18.06 -7.32
CA THR B 99 26.12 18.45 -7.92
C THR B 99 26.45 17.58 -9.13
N VAL B 100 26.77 18.21 -10.27
CA VAL B 100 27.25 17.51 -11.47
C VAL B 100 28.48 18.23 -12.01
N LYS B 101 29.56 17.48 -12.27
CA LYS B 101 30.77 18.01 -12.90
C LYS B 101 31.27 17.04 -13.95
N LYS B 102 31.76 17.58 -15.07
CA LYS B 102 32.32 16.76 -16.13
C LYS B 102 33.85 16.67 -16.02
N MET B 103 34.39 15.45 -16.10
CA MET B 103 35.84 15.18 -16.07
C MET B 103 36.09 13.97 -16.94
N ASN B 104 36.88 14.15 -18.00
CA ASN B 104 36.96 13.21 -19.12
C ASN B 104 35.63 13.19 -19.85
N ASN B 105 35.39 12.15 -20.63
CA ASN B 105 34.06 11.79 -21.10
C ASN B 105 33.24 11.11 -20.01
N LYS B 106 33.26 11.61 -18.78
CA LYS B 106 32.52 10.96 -17.69
C LYS B 106 31.94 12.01 -16.77
N PHE B 107 30.81 11.69 -16.17
CA PHE B 107 30.10 12.55 -15.22
C PHE B 107 30.29 12.03 -13.81
N THR B 108 30.36 12.96 -12.87
CA THR B 108 30.40 12.62 -11.44
C THR B 108 29.20 13.30 -10.79
N ILE B 109 28.27 12.50 -10.29
CA ILE B 109 27.00 12.99 -9.75
C ILE B 109 27.03 12.85 -8.22
N THR B 110 26.76 13.94 -7.53
CA THR B 110 26.74 13.96 -6.07
C THR B 110 25.32 14.17 -5.57
N THR B 111 24.81 13.20 -4.81
CA THR B 111 23.47 13.21 -4.26
C THR B 111 23.54 13.23 -2.73
N THR B 112 22.36 13.33 -2.09
CA THR B 112 22.33 13.27 -0.63
C THR B 112 22.62 11.88 -0.09
N LYS B 113 22.91 10.90 -0.94
CA LYS B 113 23.08 9.53 -0.44
C LYS B 113 24.27 8.79 -1.03
N ASP B 114 24.87 9.26 -2.11
CA ASP B 114 25.97 8.53 -2.73
C ASP B 114 26.64 9.44 -3.76
N VAL B 115 27.67 8.90 -4.41
CA VAL B 115 28.37 9.59 -5.48
C VAL B 115 28.37 8.67 -6.70
N TYR B 116 28.07 9.22 -7.87
CA TYR B 116 27.86 8.40 -9.05
C TYR B 116 28.75 8.87 -10.19
N GLU B 117 29.07 7.94 -11.09
CA GLU B 117 29.87 8.25 -12.26
C GLU B 117 29.27 7.55 -13.47
N CYS B 118 28.96 8.31 -14.52
CA CYS B 118 28.22 7.74 -15.62
C CYS B 118 28.65 8.35 -16.96
N ARG B 119 28.35 7.62 -18.02
CA ARG B 119 28.63 8.03 -19.38
C ARG B 119 27.54 8.93 -19.93
N PHE B 120 26.28 8.50 -19.80
CA PHE B 120 25.15 9.28 -20.28
C PHE B 120 24.37 9.82 -19.08
N LEU B 121 23.92 11.07 -19.18
CA LEU B 121 23.14 11.71 -18.13
C LEU B 121 21.91 12.37 -18.73
N THR B 122 20.76 12.21 -18.06
CA THR B 122 19.50 12.78 -18.53
C THR B 122 18.85 13.52 -17.37
N ILE B 123 18.63 14.83 -17.55
CA ILE B 123 18.03 15.69 -16.51
C ILE B 123 16.56 15.87 -16.85
N ALA B 124 15.70 15.19 -16.11
CA ALA B 124 14.27 15.31 -16.36
C ALA B 124 13.55 15.76 -15.11
N THR B 125 13.92 16.91 -14.58
CA THR B 125 13.44 17.36 -13.27
C THR B 125 12.15 18.17 -13.33
N GLY B 126 11.57 18.36 -14.51
CA GLY B 126 10.34 19.11 -14.64
C GLY B 126 10.36 20.51 -14.02
N TYR B 127 9.18 21.14 -13.91
CA TYR B 127 9.09 22.48 -13.36
C TYR B 127 8.21 22.59 -12.13
N TYR B 128 7.51 21.54 -11.73
CA TYR B 128 6.49 21.70 -10.72
C TYR B 128 7.08 21.96 -9.33
N GLY B 129 8.37 21.71 -9.13
CA GLY B 129 8.98 21.85 -7.81
C GLY B 129 9.49 23.22 -7.41
N GLN B 130 9.52 24.19 -8.33
CA GLN B 130 10.04 25.54 -8.05
C GLN B 130 9.00 26.57 -8.49
N HIS B 131 8.32 27.17 -7.52
CA HIS B 131 7.23 28.10 -7.81
C HIS B 131 7.73 29.51 -8.11
N ASN B 132 7.07 30.18 -9.06
CA ASN B 132 7.43 31.57 -9.33
C ASN B 132 7.36 32.38 -8.05
N THR B 133 8.27 33.31 -7.90
CA THR B 133 8.29 34.14 -6.71
C THR B 133 7.21 35.19 -6.84
N LEU B 134 6.51 35.44 -5.74
CA LEU B 134 5.31 36.27 -5.80
C LEU B 134 5.66 37.75 -6.00
N GLU B 135 6.62 38.26 -5.24
CA GLU B 135 7.10 39.65 -5.41
C GLU B 135 6.00 40.63 -5.01
N VAL B 136 5.46 40.44 -3.81
CA VAL B 136 4.62 41.44 -3.16
C VAL B 136 5.01 41.45 -1.69
N GLU B 137 4.71 42.55 -1.01
CA GLU B 137 4.98 42.63 0.41
C GLU B 137 4.04 41.67 1.15
N GLY B 138 4.63 40.75 1.92
CA GLY B 138 3.86 39.78 2.66
C GLY B 138 3.90 38.39 2.08
N ALA B 139 4.55 38.21 0.92
CA ALA B 139 4.62 36.92 0.25
C ALA B 139 5.32 35.85 1.08
N ASP B 140 5.96 36.21 2.19
CA ASP B 140 6.63 35.25 3.05
C ASP B 140 5.77 34.88 4.24
N LEU B 141 4.58 35.47 4.37
CA LEU B 141 3.70 35.08 5.44
C LEU B 141 3.38 33.59 5.32
N PRO B 142 3.16 32.90 6.43
CA PRO B 142 2.80 31.47 6.35
C PRO B 142 1.40 31.24 5.77
N LYS B 143 0.56 32.28 5.71
CA LYS B 143 -0.77 32.21 5.10
C LYS B 143 -0.70 32.24 3.57
N VAL B 144 0.48 32.21 3.01
CA VAL B 144 0.67 32.32 1.57
C VAL B 144 1.05 30.93 1.09
N PHE B 145 0.26 30.38 0.19
CA PHE B 145 0.55 29.07 -0.35
C PHE B 145 0.79 29.18 -1.84
N HIS B 146 1.69 28.35 -2.33
CA HIS B 146 1.93 28.23 -3.76
C HIS B 146 1.44 26.90 -4.31
N TYR B 147 0.80 26.11 -3.48
CA TYR B 147 0.27 24.80 -3.84
C TYR B 147 -1.13 24.67 -3.25
N PHE B 148 -2.03 24.06 -4.02
CA PHE B 148 -3.35 23.76 -3.49
C PHE B 148 -3.41 22.25 -3.27
N LYS B 149 -3.97 21.84 -2.13
CA LYS B 149 -4.11 20.41 -1.85
C LYS B 149 -5.58 20.04 -1.67
N GLU B 150 -6.22 20.42 -0.56
CA GLU B 150 -7.64 20.19 -0.37
C GLU B 150 -8.31 21.47 0.13
N ALA B 151 -9.62 21.57 -0.08
CA ALA B 151 -10.32 22.81 0.24
C ALA B 151 -11.00 22.79 1.59
N HIS B 152 -11.28 21.62 2.16
CA HIS B 152 -12.08 21.54 3.38
C HIS B 152 -11.63 22.53 4.46
N PRO B 153 -10.36 22.61 4.83
CA PRO B 153 -10.00 23.47 5.95
C PRO B 153 -10.24 24.94 5.69
N TYR B 154 -10.49 25.36 4.45
CA TYR B 154 -10.82 26.76 4.19
C TYR B 154 -12.32 27.01 4.21
N PHE B 155 -13.09 26.07 4.69
CA PHE B 155 -14.52 26.29 4.94
C PHE B 155 -14.72 27.53 5.79
N ASP B 156 -15.50 28.46 5.28
CA ASP B 156 -15.88 29.69 5.98
C ASP B 156 -14.68 30.61 6.27
N GLN B 157 -13.60 30.47 5.50
CA GLN B 157 -12.44 31.35 5.53
C GLN B 157 -12.47 32.24 4.30
N ASP B 158 -11.91 33.44 4.44
CA ASP B 158 -11.82 34.41 3.35
C ASP B 158 -10.52 34.14 2.57
N VAL B 159 -10.63 33.73 1.30
CA VAL B 159 -9.47 33.25 0.57
C VAL B 159 -9.24 34.09 -0.69
N VAL B 160 -7.97 34.28 -1.04
CA VAL B 160 -7.61 34.99 -2.26
C VAL B 160 -6.77 34.06 -3.11
N ILE B 161 -7.08 33.98 -4.40
CA ILE B 161 -6.29 33.20 -5.36
C ILE B 161 -5.62 34.19 -6.29
N ILE B 162 -4.29 34.15 -6.36
CA ILE B 162 -3.55 35.02 -7.26
C ILE B 162 -3.22 34.22 -8.51
N GLY B 163 -3.68 34.69 -9.66
CA GLY B 163 -3.46 34.02 -10.92
C GLY B 163 -4.77 33.76 -11.65
N GLY B 164 -4.64 33.28 -12.87
CA GLY B 164 -5.82 33.14 -13.69
C GLY B 164 -5.81 31.94 -14.60
N LYS B 165 -4.84 31.05 -14.39
CA LYS B 165 -4.70 29.88 -15.23
C LYS B 165 -5.43 28.70 -14.60
N ASN B 166 -5.16 27.50 -15.12
CA ASN B 166 -5.91 26.32 -14.72
C ASN B 166 -5.76 26.03 -13.24
N SER B 167 -4.57 26.24 -12.69
CA SER B 167 -4.41 26.08 -11.25
C SER B 167 -5.36 27.00 -10.49
N ALA B 168 -5.44 28.25 -10.92
CA ALA B 168 -6.27 29.21 -10.20
C ALA B 168 -7.75 28.85 -10.31
N ILE B 169 -8.20 28.45 -11.50
CA ILE B 169 -9.63 28.20 -11.71
C ILE B 169 -10.06 26.89 -11.03
N ASP B 170 -9.25 25.84 -11.13
CA ASP B 170 -9.55 24.63 -10.39
C ASP B 170 -9.64 24.92 -8.90
N ALA B 171 -8.61 25.59 -8.35
CA ALA B 171 -8.59 25.82 -6.91
C ALA B 171 -9.81 26.60 -6.44
N ALA B 172 -10.28 27.54 -7.27
CA ALA B 172 -11.45 28.37 -6.90
C ALA B 172 -12.72 27.55 -6.86
N LEU B 173 -12.93 26.69 -7.84
CA LEU B 173 -14.11 25.83 -7.81
C LEU B 173 -14.07 24.94 -6.57
N GLU B 174 -12.92 24.36 -6.27
CA GLU B 174 -12.80 23.48 -5.11
C GLU B 174 -13.08 24.23 -3.82
N LEU B 175 -12.49 25.42 -3.70
CA LEU B 175 -12.66 26.21 -2.50
C LEU B 175 -14.09 26.69 -2.35
N GLU B 176 -14.75 27.02 -3.46
CA GLU B 176 -16.14 27.46 -3.39
C GLU B 176 -17.05 26.32 -2.98
N LYS B 177 -16.81 25.13 -3.54
CA LYS B 177 -17.59 23.96 -3.17
C LYS B 177 -17.45 23.63 -1.70
N ALA B 178 -16.32 24.00 -1.07
CA ALA B 178 -16.08 23.71 0.32
C ALA B 178 -16.45 24.86 1.25
N GLY B 179 -17.11 25.89 0.73
CA GLY B 179 -17.65 26.93 1.56
C GLY B 179 -16.74 28.10 1.84
N ALA B 180 -15.64 28.26 1.10
CA ALA B 180 -14.82 29.45 1.29
C ALA B 180 -15.42 30.66 0.60
N ASN B 181 -15.00 31.82 1.06
CA ASN B 181 -15.29 33.08 0.39
C ASN B 181 -14.07 33.41 -0.48
N VAL B 182 -14.23 33.17 -1.78
CA VAL B 182 -13.12 33.16 -2.73
C VAL B 182 -13.15 34.44 -3.53
N THR B 183 -11.99 35.08 -3.64
CA THR B 183 -11.76 36.19 -4.56
C THR B 183 -10.58 35.79 -5.43
N VAL B 184 -10.79 35.75 -6.72
CA VAL B 184 -9.70 35.53 -7.67
C VAL B 184 -9.25 36.88 -8.17
N LEU B 185 -7.93 37.15 -8.06
CA LEU B 185 -7.28 38.38 -8.50
C LEU B 185 -6.32 38.05 -9.63
N TYR B 186 -6.66 38.47 -10.86
CA TYR B 186 -5.89 38.16 -12.07
C TYR B 186 -5.43 39.44 -12.76
N ARG B 187 -4.14 39.49 -13.17
CA ARG B 187 -3.56 40.73 -13.74
C ARG B 187 -3.90 40.93 -15.20
N GLY B 188 -4.73 40.09 -15.79
CA GLY B 188 -5.07 40.18 -17.19
C GLY B 188 -6.46 40.77 -17.37
N GLY B 189 -6.80 41.02 -18.62
CA GLY B 189 -8.03 41.71 -19.00
C GLY B 189 -9.18 40.75 -19.23
N ASP B 190 -8.88 39.52 -19.59
CA ASP B 190 -9.90 38.55 -19.91
C ASP B 190 -9.44 37.18 -19.43
N TYR B 191 -10.31 36.17 -19.58
CA TYR B 191 -9.93 34.84 -19.16
C TYR B 191 -8.75 34.37 -20.01
N SER B 192 -7.79 33.74 -19.36
CA SER B 192 -6.68 33.19 -20.11
C SER B 192 -7.19 32.15 -21.11
N PRO B 193 -6.67 32.14 -22.34
CA PRO B 193 -7.11 31.13 -23.32
C PRO B 193 -6.70 29.70 -22.96
N SER B 194 -5.82 29.51 -22.00
CA SER B 194 -5.37 28.17 -21.65
C SER B 194 -6.29 27.48 -20.66
N ILE B 195 -7.28 28.20 -20.12
CA ILE B 195 -8.31 27.55 -19.30
C ILE B 195 -9.08 26.59 -20.18
N LYS B 196 -9.25 25.36 -19.70
CA LYS B 196 -9.84 24.31 -20.53
C LYS B 196 -11.29 24.64 -20.84
N PRO B 197 -11.72 24.49 -22.10
CA PRO B 197 -13.03 25.02 -22.49
C PRO B 197 -14.19 24.33 -21.82
N TRP B 198 -13.99 23.17 -21.18
CA TRP B 198 -15.05 22.50 -20.45
C TRP B 198 -15.03 22.81 -18.95
N ILE B 199 -14.04 23.54 -18.47
CA ILE B 199 -13.98 23.95 -17.08
C ILE B 199 -14.50 25.37 -16.89
N LEU B 200 -14.05 26.28 -17.74
CA LEU B 200 -14.41 27.68 -17.69
C LEU B 200 -15.89 27.90 -17.46
N PRO B 201 -16.81 27.18 -18.12
CA PRO B 201 -18.24 27.48 -17.91
C PRO B 201 -18.69 27.26 -16.49
N ASN B 202 -18.12 26.29 -15.77
CA ASN B 202 -18.55 26.07 -14.40
C ASN B 202 -18.10 27.23 -13.51
N PHE B 203 -16.91 27.79 -13.79
CA PHE B 203 -16.40 28.94 -13.04
C PHE B 203 -17.19 30.18 -13.36
N THR B 204 -17.46 30.39 -14.65
CA THR B 204 -18.19 31.55 -15.14
C THR B 204 -19.57 31.65 -14.51
N ALA B 205 -20.25 30.51 -14.41
CA ALA B 205 -21.55 30.45 -13.77
C ALA B 205 -21.50 30.91 -12.31
N LEU B 206 -20.46 30.48 -11.59
CA LEU B 206 -20.37 30.85 -10.18
C LEU B 206 -20.07 32.34 -10.04
N VAL B 207 -19.25 32.90 -10.91
CA VAL B 207 -19.01 34.32 -10.84
C VAL B 207 -20.28 35.09 -11.11
N ASN B 208 -21.03 34.69 -12.14
CA ASN B 208 -22.25 35.39 -12.49
C ASN B 208 -23.31 35.27 -11.41
N HIS B 209 -23.29 34.19 -10.61
CA HIS B 209 -24.22 34.04 -9.50
C HIS B 209 -23.68 34.59 -8.18
N GLU B 210 -22.60 35.39 -8.22
CA GLU B 210 -21.97 36.00 -7.05
C GLU B 210 -21.57 34.95 -6.01
N LYS B 211 -21.11 33.80 -6.47
CA LYS B 211 -20.61 32.78 -5.57
C LYS B 211 -19.08 32.81 -5.50
N ILE B 212 -18.43 33.38 -6.49
CA ILE B 212 -17.00 33.68 -6.50
C ILE B 212 -16.80 35.10 -7.02
N ASP B 213 -15.89 35.86 -6.38
CA ASP B 213 -15.51 37.18 -6.90
C ASP B 213 -14.38 37.05 -7.89
N MET B 214 -14.59 37.55 -9.11
CA MET B 214 -13.56 37.56 -10.14
C MET B 214 -13.19 39.00 -10.44
N GLU B 215 -11.91 39.34 -10.27
CA GLU B 215 -11.43 40.70 -10.55
C GLU B 215 -10.33 40.61 -11.58
N PHE B 216 -10.51 41.31 -12.70
CA PHE B 216 -9.50 41.40 -13.73
C PHE B 216 -8.67 42.65 -13.54
N ASN B 217 -7.55 42.71 -14.28
CA ASN B 217 -6.66 43.87 -14.22
C ASN B 217 -6.26 44.14 -12.78
N ALA B 218 -6.08 43.06 -12.02
CA ALA B 218 -5.89 43.12 -10.57
C ALA B 218 -4.46 42.75 -10.24
N ASN B 219 -3.75 43.65 -9.57
CA ASN B 219 -2.38 43.39 -9.13
C ASN B 219 -2.30 43.56 -7.62
N VAL B 220 -1.76 42.54 -6.95
CA VAL B 220 -1.70 42.55 -5.49
C VAL B 220 -0.48 43.35 -5.04
N THR B 221 -0.69 44.25 -4.07
CA THR B 221 0.36 45.11 -3.59
C THR B 221 0.87 44.76 -2.20
N GLN B 222 0.02 44.27 -1.30
CA GLN B 222 0.45 43.92 0.05
C GLN B 222 -0.38 42.76 0.61
N ILE B 223 0.27 41.95 1.44
CA ILE B 223 -0.37 40.90 2.21
C ILE B 223 0.03 41.12 3.66
N THR B 224 -0.93 41.37 4.53
CA THR B 224 -0.70 41.37 5.97
C THR B 224 -1.29 40.11 6.54
N GLU B 225 -1.20 39.96 7.86
CA GLU B 225 -1.77 38.75 8.47
C GLU B 225 -3.27 38.66 8.27
N ASP B 226 -3.97 39.77 8.06
CA ASP B 226 -5.42 39.66 7.98
C ASP B 226 -6.06 40.52 6.91
N THR B 227 -5.28 41.12 5.99
CA THR B 227 -5.86 41.79 4.83
C THR B 227 -5.00 41.46 3.61
N VAL B 228 -5.60 41.68 2.44
CA VAL B 228 -4.92 41.67 1.14
C VAL B 228 -5.27 42.99 0.48
N THR B 229 -4.28 43.62 -0.13
CA THR B 229 -4.51 44.89 -0.80
C THR B 229 -4.10 44.77 -2.26
N TYR B 230 -5.02 45.14 -3.16
CA TYR B 230 -4.80 45.05 -4.60
C TYR B 230 -5.32 46.30 -5.28
N GLU B 231 -4.76 46.57 -6.46
CA GLU B 231 -5.13 47.68 -7.35
C GLU B 231 -5.81 47.13 -8.59
N VAL B 232 -6.85 47.81 -9.06
CA VAL B 232 -7.54 47.45 -10.29
C VAL B 232 -7.45 48.70 -11.15
N ASN B 233 -6.61 48.66 -12.20
CA ASN B 233 -6.32 49.82 -13.04
C ASN B 233 -5.95 51.05 -12.21
N GLY B 234 -5.16 50.85 -11.16
CA GLY B 234 -4.76 51.92 -10.27
C GLY B 234 -5.50 52.18 -8.98
N GLU B 235 -6.83 52.05 -8.93
CA GLU B 235 -7.55 52.25 -7.66
C GLU B 235 -7.27 51.11 -6.67
N SER B 236 -6.90 51.46 -5.43
CA SER B 236 -6.62 50.49 -4.39
C SER B 236 -7.86 50.05 -3.64
N LYS B 237 -7.96 48.73 -3.39
CA LYS B 237 -9.00 48.13 -2.57
C LYS B 237 -8.30 47.24 -1.57
N THR B 238 -8.88 47.14 -0.36
CA THR B 238 -8.35 46.29 0.70
C THR B 238 -9.48 45.48 1.32
N ILE B 239 -9.31 44.15 1.38
CA ILE B 239 -10.37 43.28 1.88
C ILE B 239 -9.84 42.44 3.02
N HIS B 240 -10.75 42.04 3.92
CA HIS B 240 -10.37 41.07 4.94
C HIS B 240 -10.05 39.73 4.29
N ASN B 241 -9.00 39.06 4.78
CA ASN B 241 -8.45 37.89 4.11
C ASN B 241 -7.74 36.98 5.11
N ASP B 242 -8.02 35.67 5.02
CA ASP B 242 -7.41 34.68 5.90
C ASP B 242 -6.29 33.89 5.25
N TYR B 243 -6.37 33.57 3.96
CA TYR B 243 -5.32 32.78 3.31
C TYR B 243 -5.17 33.19 1.86
N VAL B 244 -3.99 32.94 1.30
CA VAL B 244 -3.65 33.38 -0.04
C VAL B 244 -3.08 32.21 -0.83
N PHE B 245 -3.63 31.97 -2.03
CA PHE B 245 -3.13 30.94 -2.95
C PHE B 245 -2.51 31.60 -4.17
N ALA B 246 -1.19 31.62 -4.21
CA ALA B 246 -0.47 32.22 -5.32
C ALA B 246 -0.28 31.13 -6.37
N MET B 247 -1.28 30.98 -7.23
CA MET B 247 -1.19 30.04 -8.35
C MET B 247 -0.60 30.76 -9.57
N ILE B 248 0.63 31.23 -9.43
CA ILE B 248 1.22 32.12 -10.41
C ILE B 248 2.27 31.41 -11.26
N GLY B 249 2.18 30.10 -11.34
CA GLY B 249 3.02 29.34 -12.22
C GLY B 249 4.28 28.83 -11.56
N TYR B 250 5.05 28.11 -12.39
CA TYR B 250 6.23 27.38 -11.98
C TYR B 250 7.26 27.55 -13.08
N HIS B 251 8.48 27.08 -12.84
CA HIS B 251 9.58 27.17 -13.80
C HIS B 251 10.60 26.13 -13.43
N PRO B 252 11.39 25.63 -14.37
CA PRO B 252 12.46 24.69 -14.01
C PRO B 252 13.51 25.31 -13.11
N ASP B 253 14.23 24.44 -12.41
CA ASP B 253 15.37 24.85 -11.60
C ASP B 253 16.52 25.21 -12.54
N TYR B 254 16.54 26.47 -13.02
CA TYR B 254 17.54 26.87 -14.01
C TYR B 254 18.90 26.98 -13.35
N GLU B 255 18.90 27.35 -12.07
CA GLU B 255 20.12 27.36 -11.28
C GLU B 255 20.87 26.04 -11.45
N PHE B 256 20.16 24.91 -11.25
CA PHE B 256 20.78 23.59 -11.42
C PHE B 256 21.24 23.37 -12.85
N LEU B 257 20.46 23.82 -13.83
CA LEU B 257 20.80 23.57 -15.22
C LEU B 257 22.06 24.31 -15.64
N LYS B 258 22.24 25.54 -15.16
CA LYS B 258 23.49 26.25 -15.44
C LYS B 258 24.65 25.65 -14.66
N SER B 259 24.44 25.30 -13.39
CA SER B 259 25.54 24.87 -12.54
C SER B 259 26.25 23.65 -13.07
N VAL B 260 25.69 22.98 -14.08
CA VAL B 260 26.39 21.91 -14.78
C VAL B 260 27.02 22.42 -16.05
N GLY B 261 26.75 23.64 -16.46
CA GLY B 261 27.30 24.25 -17.64
C GLY B 261 26.38 24.38 -18.85
N ILE B 262 25.07 24.29 -18.67
CA ILE B 262 24.13 24.40 -19.78
C ILE B 262 23.71 25.85 -19.91
N GLN B 263 23.69 26.37 -21.14
CA GLN B 263 23.22 27.73 -21.35
C GLN B 263 21.71 27.74 -21.46
N ILE B 264 21.10 28.80 -20.93
CA ILE B 264 19.70 29.05 -21.18
C ILE B 264 19.61 29.95 -22.41
N ASN B 265 18.46 30.59 -22.63
CA ASN B 265 18.24 31.21 -23.94
C ASN B 265 17.46 32.52 -23.83
N THR B 266 16.29 32.50 -23.18
CA THR B 266 15.43 33.69 -23.08
C THR B 266 15.31 34.42 -24.41
N ASN B 267 14.34 34.02 -25.22
CA ASN B 267 14.23 34.49 -26.60
C ASN B 267 12.76 34.54 -26.99
N GLU B 268 12.22 35.74 -27.25
CA GLU B 268 10.84 35.87 -27.74
C GLU B 268 9.78 35.17 -26.88
N PHE B 269 9.36 33.99 -27.37
CA PHE B 269 8.29 33.22 -26.74
C PHE B 269 8.59 32.93 -25.28
N GLY B 270 9.79 32.44 -24.96
CA GLY B 270 10.10 32.10 -23.58
C GLY B 270 11.54 32.07 -23.13
N THR B 271 11.97 30.93 -22.57
CA THR B 271 13.29 30.77 -21.99
C THR B 271 13.57 29.28 -21.71
N ALA B 272 14.35 28.64 -22.56
CA ALA B 272 14.64 27.21 -22.44
C ALA B 272 16.12 26.90 -22.53
N PRO B 273 16.52 25.70 -22.10
CA PRO B 273 17.90 25.26 -22.30
C PRO B 273 18.20 25.05 -23.78
N MET B 274 19.50 25.03 -24.08
CA MET B 274 19.98 24.70 -25.42
C MET B 274 19.92 23.19 -25.64
N TYR B 275 19.28 22.77 -26.73
CA TYR B 275 19.27 21.36 -27.11
C TYR B 275 19.08 21.24 -28.62
N ASN B 276 19.58 20.14 -29.16
CA ASN B 276 19.75 19.90 -30.59
C ASN B 276 18.44 19.76 -31.36
N LYS B 277 17.32 19.51 -30.67
CA LYS B 277 15.99 19.38 -31.26
C LYS B 277 15.81 18.05 -31.99
N GLU B 278 16.89 17.54 -32.58
CA GLU B 278 16.87 16.27 -33.28
C GLU B 278 17.35 15.12 -32.39
N THR B 279 18.08 15.45 -31.32
CA THR B 279 18.56 14.45 -30.36
C THR B 279 18.25 14.78 -28.91
N TYR B 280 17.91 16.04 -28.59
CA TYR B 280 17.66 16.53 -27.24
C TYR B 280 18.93 16.59 -26.40
N GLU B 281 20.09 16.58 -27.06
CA GLU B 281 21.37 16.80 -26.39
C GLU B 281 21.62 18.29 -26.17
N THR B 282 22.20 18.62 -25.03
CA THR B 282 22.47 20.01 -24.68
C THR B 282 23.85 20.44 -25.18
N ASN B 283 24.26 21.66 -24.79
CA ASN B 283 25.59 22.17 -25.12
C ASN B 283 26.70 21.34 -24.50
N ILE B 284 26.45 20.68 -23.37
CA ILE B 284 27.39 19.74 -22.77
C ILE B 284 27.29 18.39 -23.46
N GLU B 285 28.39 17.94 -24.06
CA GLU B 285 28.40 16.68 -24.80
C GLU B 285 28.02 15.52 -23.89
N ASN B 286 27.09 14.68 -24.36
CA ASN B 286 26.55 13.53 -23.64
C ASN B 286 25.58 13.90 -22.49
N CYS B 287 25.06 15.13 -22.46
CA CYS B 287 24.06 15.54 -21.49
C CYS B 287 22.75 15.84 -22.21
N TYR B 288 21.73 15.04 -21.93
CA TYR B 288 20.42 15.17 -22.55
C TYR B 288 19.42 15.77 -21.56
N ILE B 289 18.33 16.31 -22.09
CA ILE B 289 17.20 16.71 -21.24
C ILE B 289 15.93 16.06 -21.77
N ALA B 290 14.96 15.89 -20.87
CA ALA B 290 13.67 15.30 -21.22
C ALA B 290 12.56 15.93 -20.38
N GLY B 291 11.36 15.97 -20.95
CA GLY B 291 10.23 16.45 -20.20
C GLY B 291 9.96 17.92 -20.42
N VAL B 292 9.12 18.49 -19.55
CA VAL B 292 8.73 19.89 -19.71
C VAL B 292 9.91 20.84 -19.49
N ILE B 293 11.03 20.34 -19.01
CA ILE B 293 12.24 21.15 -18.88
C ILE B 293 12.69 21.64 -20.26
N ALA B 294 12.37 20.89 -21.33
CA ALA B 294 12.73 21.25 -22.70
C ALA B 294 11.82 22.33 -23.29
N ALA B 295 10.77 22.72 -22.60
CA ALA B 295 9.87 23.74 -23.13
C ALA B 295 10.46 25.12 -22.89
N GLY B 296 10.13 26.07 -23.77
CA GLY B 296 10.63 27.43 -23.64
C GLY B 296 10.94 28.25 -24.87
N ASN B 297 11.51 27.68 -25.94
CA ASN B 297 11.80 28.46 -27.15
C ASN B 297 10.62 28.35 -28.11
N ASP B 298 10.46 27.18 -28.73
CA ASP B 298 9.26 26.77 -29.45
C ASP B 298 8.00 27.48 -28.95
N ALA B 299 7.07 27.78 -29.86
CA ALA B 299 5.85 28.44 -29.43
C ALA B 299 4.79 27.47 -28.95
N ASN B 300 5.20 26.30 -28.48
CA ASN B 300 4.29 25.29 -27.93
C ASN B 300 4.65 24.98 -26.49
N THR B 301 3.69 24.39 -25.80
CA THR B 301 3.91 23.88 -24.47
C THR B 301 4.19 22.40 -24.60
N ILE B 302 4.71 21.84 -23.52
CA ILE B 302 5.08 20.44 -23.45
C ILE B 302 4.30 19.87 -22.29
N PHE B 303 3.47 18.91 -22.59
CA PHE B 303 2.77 18.16 -21.57
C PHE B 303 3.34 16.75 -21.56
N ILE B 304 2.69 15.87 -20.80
CA ILE B 304 3.15 14.48 -20.72
C ILE B 304 3.05 13.81 -22.08
N GLU B 305 2.12 14.27 -22.92
CA GLU B 305 1.75 13.54 -24.12
C GLU B 305 2.84 13.60 -25.16
N ASN B 306 3.33 14.79 -25.47
CA ASN B 306 4.45 14.93 -26.40
C ASN B 306 5.79 14.83 -25.68
N GLY B 307 5.90 15.33 -24.47
CA GLY B 307 7.16 15.22 -23.76
C GLY B 307 7.64 13.80 -23.56
N LYS B 308 6.73 12.83 -23.44
CA LYS B 308 7.18 11.46 -23.23
C LYS B 308 7.85 10.86 -24.45
N PHE B 309 7.81 11.54 -25.61
CA PHE B 309 8.42 10.99 -26.81
C PHE B 309 9.88 11.38 -26.89
N HIS B 310 10.32 12.30 -26.02
CA HIS B 310 11.72 12.65 -25.94
C HIS B 310 12.55 11.40 -25.75
N GLY B 311 12.23 10.61 -24.72
CA GLY B 311 12.95 9.39 -24.39
C GLY B 311 13.33 8.53 -25.58
N GLY B 312 12.39 8.31 -26.52
CA GLY B 312 12.74 7.58 -27.72
C GLY B 312 13.82 8.27 -28.54
N ILE B 313 13.68 9.58 -28.74
CA ILE B 313 14.68 10.33 -29.49
C ILE B 313 16.04 10.24 -28.79
N ILE B 314 16.04 10.40 -27.46
CA ILE B 314 17.28 10.37 -26.68
C ILE B 314 17.97 9.02 -26.85
N ALA B 315 17.20 7.93 -26.83
CA ALA B 315 17.80 6.60 -26.90
C ALA B 315 18.59 6.41 -28.18
N GLN B 316 18.06 6.88 -29.32
CA GLN B 316 18.79 6.74 -30.58
C GLN B 316 20.12 7.47 -30.53
N SER B 317 20.11 8.72 -30.09
CA SER B 317 21.36 9.49 -30.06
C SER B 317 22.36 8.81 -29.14
N MET B 318 21.89 8.32 -27.99
CA MET B 318 22.74 7.52 -27.13
C MET B 318 23.12 6.21 -27.81
N LEU B 319 22.20 5.62 -28.60
CA LEU B 319 22.53 4.41 -29.34
C LEU B 319 23.57 4.66 -30.42
N ALA B 320 23.55 5.85 -31.03
CA ALA B 320 24.56 6.18 -32.04
C ALA B 320 25.93 6.30 -31.40
N LYS B 321 26.00 6.96 -30.26
CA LYS B 321 27.25 7.10 -29.55
C LYS B 321 27.74 5.78 -28.98
N LYS B 322 26.95 4.72 -29.07
CA LYS B 322 27.45 3.36 -28.78
C LYS B 322 27.95 3.36 -27.33
N GLN B 323 29.03 2.62 -27.03
CA GLN B 323 29.63 2.50 -25.69
C GLN B 323 28.82 1.54 -24.81
N MET C 1 -20.23 -20.63 -48.33
CA MET C 1 -20.37 -20.45 -46.90
C MET C 1 -19.23 -19.60 -46.35
N GLN C 2 -18.77 -19.91 -45.14
CA GLN C 2 -17.57 -19.30 -44.57
C GLN C 2 -16.67 -20.39 -44.03
N LYS C 3 -15.35 -20.24 -44.22
CA LYS C 3 -14.40 -21.26 -43.79
C LYS C 3 -13.35 -20.64 -42.90
N VAL C 4 -13.27 -21.12 -41.66
CA VAL C 4 -12.27 -20.69 -40.69
C VAL C 4 -11.64 -21.93 -40.13
N GLU C 5 -10.37 -21.82 -39.74
CA GLU C 5 -9.70 -22.94 -39.08
C GLU C 5 -10.40 -23.32 -37.77
N SER C 6 -10.57 -22.34 -36.87
CA SER C 6 -11.14 -22.54 -35.54
C SER C 6 -12.30 -21.61 -35.27
N ILE C 7 -13.30 -22.13 -34.57
CA ILE C 7 -14.44 -21.36 -34.07
C ILE C 7 -14.55 -21.53 -32.56
N ILE C 8 -14.86 -20.45 -31.85
CA ILE C 8 -15.12 -20.49 -30.41
C ILE C 8 -16.52 -19.91 -30.19
N ILE C 9 -17.39 -20.68 -29.56
CA ILE C 9 -18.72 -20.19 -29.22
C ILE C 9 -18.66 -19.63 -27.82
N GLY C 10 -18.88 -18.32 -27.71
CA GLY C 10 -18.84 -17.60 -26.46
C GLY C 10 -17.70 -16.60 -26.36
N GLY C 11 -18.04 -15.33 -26.14
CA GLY C 11 -17.04 -14.28 -26.01
C GLY C 11 -16.97 -13.76 -24.59
N GLY C 12 -17.18 -14.66 -23.62
CA GLY C 12 -16.87 -14.37 -22.25
C GLY C 12 -15.37 -14.44 -22.01
N PRO C 13 -14.97 -14.25 -20.73
CA PRO C 13 -13.54 -14.23 -20.41
C PRO C 13 -12.86 -15.53 -20.78
N CYS C 14 -13.56 -16.64 -20.65
CA CYS C 14 -12.89 -17.88 -20.98
C CYS C 14 -12.85 -18.09 -22.49
N GLY C 15 -13.93 -17.74 -23.18
CA GLY C 15 -13.89 -17.77 -24.62
C GLY C 15 -12.77 -16.90 -25.17
N LEU C 16 -12.70 -15.63 -24.69
CA LEU C 16 -11.62 -14.73 -25.12
C LEU C 16 -10.25 -15.30 -24.84
N SER C 17 -10.03 -15.88 -23.68
CA SER C 17 -8.71 -16.44 -23.40
C SER C 17 -8.39 -17.58 -24.34
N ALA C 18 -9.38 -18.40 -24.66
CA ALA C 18 -9.13 -19.50 -25.59
C ALA C 18 -8.71 -18.96 -26.96
N ALA C 19 -9.34 -17.86 -27.41
CA ALA C 19 -8.99 -17.25 -28.70
C ALA C 19 -7.57 -16.69 -28.69
N ILE C 20 -7.19 -16.01 -27.62
CA ILE C 20 -5.87 -15.43 -27.58
C ILE C 20 -4.85 -16.52 -27.75
N GLU C 21 -5.00 -17.58 -26.95
CA GLU C 21 -4.01 -18.64 -26.87
C GLU C 21 -3.92 -19.42 -28.18
N GLN C 22 -5.06 -19.66 -28.82
CA GLN C 22 -4.99 -20.28 -30.15
C GLN C 22 -4.26 -19.37 -31.12
N LYS C 23 -4.57 -18.07 -31.09
CA LYS C 23 -3.91 -17.14 -31.98
C LYS C 23 -2.40 -17.12 -31.72
N ARG C 24 -2.02 -17.18 -30.45
CA ARG C 24 -0.61 -17.24 -30.10
C ARG C 24 0.08 -18.46 -30.72
N LYS C 25 -0.67 -19.53 -31.00
CA LYS C 25 -0.12 -20.73 -31.64
C LYS C 25 -0.35 -20.76 -33.15
N GLY C 26 -0.65 -19.62 -33.78
CA GLY C 26 -0.81 -19.59 -35.22
C GLY C 26 -2.06 -20.26 -35.75
N ILE C 27 -3.17 -20.18 -35.02
CA ILE C 27 -4.45 -20.76 -35.40
C ILE C 27 -5.41 -19.60 -35.67
N ASP C 28 -5.94 -19.53 -36.88
CA ASP C 28 -6.83 -18.43 -37.25
C ASP C 28 -8.22 -18.73 -36.68
N THR C 29 -8.66 -17.90 -35.74
CA THR C 29 -9.87 -18.18 -34.97
C THR C 29 -10.93 -17.11 -35.18
N LEU C 30 -12.19 -17.51 -34.93
CA LEU C 30 -13.35 -16.62 -35.01
C LEU C 30 -14.30 -16.88 -33.85
N ILE C 31 -14.65 -15.83 -33.12
CA ILE C 31 -15.58 -15.93 -32.01
C ILE C 31 -16.97 -15.57 -32.49
N ILE C 32 -17.94 -16.43 -32.21
CA ILE C 32 -19.34 -16.17 -32.51
C ILE C 32 -20.04 -15.96 -31.18
N GLU C 33 -20.57 -14.77 -30.97
CA GLU C 33 -21.14 -14.39 -29.69
C GLU C 33 -22.57 -13.95 -29.88
N LYS C 34 -23.46 -14.61 -29.15
CA LYS C 34 -24.88 -14.29 -29.17
C LYS C 34 -25.14 -12.85 -28.72
N GLY C 35 -24.35 -12.36 -27.77
CA GLY C 35 -24.52 -10.97 -27.38
C GLY C 35 -23.36 -10.15 -27.89
N ASN C 36 -22.70 -9.42 -27.00
CA ASN C 36 -21.39 -8.88 -27.33
C ASN C 36 -20.41 -9.48 -26.34
N VAL C 37 -19.12 -9.12 -26.44
CA VAL C 37 -18.12 -9.73 -25.57
C VAL C 37 -18.44 -9.52 -24.07
N VAL C 38 -18.10 -10.54 -23.27
CA VAL C 38 -18.38 -10.65 -21.85
C VAL C 38 -19.77 -10.13 -21.48
N GLU C 39 -20.77 -10.61 -22.24
CA GLU C 39 -22.18 -10.39 -21.93
C GLU C 39 -22.50 -10.76 -20.49
N SER C 40 -21.89 -11.83 -19.97
CA SER C 40 -22.17 -12.26 -18.62
C SER C 40 -21.94 -11.13 -17.67
N ILE C 41 -20.71 -10.60 -17.69
CA ILE C 41 -20.36 -9.46 -16.85
C ILE C 41 -21.24 -8.28 -17.21
N TYR C 42 -21.55 -8.13 -18.50
CA TYR C 42 -22.46 -7.05 -18.86
C TYR C 42 -23.80 -7.22 -18.16
N ASN C 43 -24.21 -8.46 -17.92
CA ASN C 43 -25.49 -8.76 -17.27
C ASN C 43 -25.39 -8.96 -15.77
N TYR C 44 -24.19 -8.80 -15.17
CA TYR C 44 -24.09 -8.75 -13.72
C TYR C 44 -25.00 -7.66 -13.18
N PRO C 45 -25.36 -7.73 -11.91
CA PRO C 45 -26.00 -6.59 -11.26
C PRO C 45 -25.17 -5.33 -11.43
N THR C 46 -25.83 -4.18 -11.51
CA THR C 46 -25.18 -2.95 -11.92
C THR C 46 -24.01 -2.60 -11.03
N HIS C 47 -24.19 -2.64 -9.71
CA HIS C 47 -23.18 -2.12 -8.80
C HIS C 47 -22.27 -3.23 -8.30
N GLN C 48 -22.25 -4.36 -8.99
CA GLN C 48 -21.55 -5.54 -8.56
C GLN C 48 -20.04 -5.31 -8.47
N THR C 49 -19.47 -5.83 -7.39
CA THR C 49 -18.04 -5.88 -7.14
C THR C 49 -17.59 -7.31 -7.25
N PHE C 50 -16.56 -7.54 -8.06
CA PHE C 50 -15.95 -8.85 -8.17
C PHE C 50 -15.40 -9.30 -6.82
N PHE C 51 -15.35 -10.62 -6.63
CA PHE C 51 -14.70 -11.16 -5.45
C PHE C 51 -13.23 -11.47 -5.69
N SER C 52 -12.79 -11.54 -6.94
CA SER C 52 -11.40 -11.72 -7.33
C SER C 52 -10.65 -10.39 -7.36
N SER C 53 -9.40 -10.39 -6.94
CA SER C 53 -8.55 -9.25 -7.27
C SER C 53 -8.40 -9.18 -8.79
N SER C 54 -7.97 -8.03 -9.28
CA SER C 54 -8.10 -7.85 -10.71
C SER C 54 -6.90 -8.36 -11.48
N ASP C 55 -5.76 -8.60 -10.84
CA ASP C 55 -4.70 -9.32 -11.55
C ASP C 55 -5.17 -10.71 -11.93
N LYS C 56 -6.13 -11.24 -11.18
CA LYS C 56 -6.59 -12.59 -11.38
C LYS C 56 -7.66 -12.69 -12.46
N LEU C 57 -8.22 -11.57 -12.90
CA LEU C 57 -9.13 -11.53 -14.04
C LEU C 57 -8.43 -11.21 -15.33
N SER C 58 -7.13 -10.94 -15.29
CA SER C 58 -6.44 -10.46 -16.48
C SER C 58 -6.15 -11.64 -17.40
N ILE C 59 -6.30 -11.41 -18.70
CA ILE C 59 -6.05 -12.47 -19.67
C ILE C 59 -5.17 -11.91 -20.77
N GLY C 60 -4.43 -12.80 -21.40
CA GLY C 60 -3.64 -12.55 -22.58
C GLY C 60 -2.78 -11.32 -22.55
N ASP C 61 -1.94 -11.19 -21.53
CA ASP C 61 -0.90 -10.16 -21.49
C ASP C 61 -1.48 -8.76 -21.73
N VAL C 62 -2.63 -8.48 -21.14
CA VAL C 62 -3.09 -7.11 -20.96
C VAL C 62 -3.34 -6.95 -19.46
N PRO C 63 -2.52 -6.19 -18.78
CA PRO C 63 -2.70 -6.06 -17.32
C PRO C 63 -4.00 -5.35 -16.99
N PHE C 64 -4.74 -5.91 -16.04
CA PHE C 64 -5.98 -5.33 -15.52
C PHE C 64 -5.61 -4.59 -14.27
N ILE C 65 -5.57 -3.27 -14.34
CA ILE C 65 -5.04 -2.41 -13.29
C ILE C 65 -6.16 -1.47 -12.83
N VAL C 66 -6.42 -1.43 -11.53
CA VAL C 66 -7.44 -0.54 -10.96
C VAL C 66 -6.96 -0.02 -9.61
N GLU C 67 -7.46 1.15 -9.23
CA GLU C 67 -7.06 1.74 -7.96
C GLU C 67 -7.79 1.09 -6.79
N GLU C 68 -9.02 0.61 -6.98
CA GLU C 68 -9.67 -0.15 -5.93
C GLU C 68 -9.02 -1.53 -5.83
N SER C 69 -9.25 -2.21 -4.72
CA SER C 69 -8.68 -3.53 -4.53
C SER C 69 -9.37 -4.53 -5.44
N LYS C 70 -10.66 -4.65 -5.30
CA LYS C 70 -11.41 -5.49 -6.20
C LYS C 70 -12.14 -4.61 -7.21
N PRO C 71 -12.13 -4.95 -8.49
CA PRO C 71 -12.77 -4.09 -9.49
C PRO C 71 -14.29 -4.23 -9.54
N ARG C 72 -14.91 -3.19 -10.06
CA ARG C 72 -16.35 -3.19 -10.23
C ARG C 72 -16.73 -3.67 -11.64
N ARG C 73 -18.01 -3.93 -11.84
CA ARG C 73 -18.45 -4.54 -13.08
C ARG C 73 -18.05 -3.73 -14.31
N ASN C 74 -18.24 -2.42 -14.26
CA ASN C 74 -17.99 -1.62 -15.45
C ASN C 74 -16.51 -1.53 -15.80
N GLN C 75 -15.62 -1.66 -14.81
CA GLN C 75 -14.20 -1.68 -15.10
C GLN C 75 -13.81 -2.92 -15.89
N ALA C 76 -14.42 -4.08 -15.55
CA ALA C 76 -14.10 -5.30 -16.30
C ALA C 76 -14.53 -5.16 -17.75
N LEU C 77 -15.70 -4.56 -17.97
CA LEU C 77 -16.14 -4.29 -19.32
C LEU C 77 -15.12 -3.46 -20.07
N VAL C 78 -14.68 -2.34 -19.49
CA VAL C 78 -13.68 -1.54 -20.18
C VAL C 78 -12.44 -2.38 -20.44
N TYR C 79 -12.07 -3.20 -19.47
CA TYR C 79 -10.85 -3.98 -19.63
C TYR C 79 -11.01 -5.03 -20.73
N TYR C 80 -12.06 -5.88 -20.67
CA TYR C 80 -12.14 -6.97 -21.65
C TYR C 80 -12.28 -6.45 -23.09
N ARG C 81 -12.92 -5.27 -23.28
CA ARG C 81 -12.93 -4.66 -24.61
C ARG C 81 -11.53 -4.33 -25.07
N GLU C 82 -10.73 -3.74 -24.19
CA GLU C 82 -9.39 -3.40 -24.58
C GLU C 82 -8.58 -4.63 -24.93
N VAL C 83 -8.87 -5.76 -24.27
CA VAL C 83 -8.21 -7.03 -24.58
C VAL C 83 -8.48 -7.40 -26.02
N VAL C 84 -9.74 -7.24 -26.45
CA VAL C 84 -10.06 -7.55 -27.83
C VAL C 84 -9.32 -6.60 -28.76
N LYS C 85 -9.31 -5.31 -28.47
CA LYS C 85 -8.60 -4.36 -29.33
C LYS C 85 -7.13 -4.76 -29.47
N HIS C 86 -6.47 -5.00 -28.33
CA HIS C 86 -5.03 -5.22 -28.34
C HIS C 86 -4.64 -6.49 -29.07
N HIS C 87 -5.43 -7.54 -28.94
CA HIS C 87 -5.12 -8.81 -29.55
C HIS C 87 -5.79 -9.01 -30.91
N GLN C 88 -6.43 -8.00 -31.45
CA GLN C 88 -7.04 -8.06 -32.78
CA GLN C 88 -7.04 -8.06 -32.78
C GLN C 88 -7.81 -9.36 -32.97
N LEU C 89 -8.76 -9.60 -32.06
CA LEU C 89 -9.59 -10.80 -32.13
C LEU C 89 -10.79 -10.57 -33.04
N LYS C 90 -11.09 -11.55 -33.89
CA LYS C 90 -12.31 -11.51 -34.71
C LYS C 90 -13.50 -12.01 -33.90
N VAL C 91 -14.49 -11.15 -33.68
CA VAL C 91 -15.69 -11.50 -32.95
C VAL C 91 -16.89 -11.13 -33.80
N ASN C 92 -17.72 -12.09 -34.13
CA ASN C 92 -18.97 -11.81 -34.80
C ASN C 92 -20.02 -11.70 -33.72
N ALA C 93 -20.40 -10.48 -33.41
CA ALA C 93 -21.32 -10.30 -32.30
C ALA C 93 -22.77 -10.41 -32.78
N PHE C 94 -23.65 -10.64 -31.83
CA PHE C 94 -25.08 -10.80 -32.07
C PHE C 94 -25.35 -11.83 -33.15
N GLU C 95 -24.87 -13.05 -32.87
CA GLU C 95 -24.92 -14.19 -33.77
C GLU C 95 -24.92 -15.45 -32.90
N GLU C 96 -26.09 -16.04 -32.70
CA GLU C 96 -26.26 -17.22 -31.87
C GLU C 96 -25.99 -18.50 -32.67
N VAL C 97 -25.15 -19.38 -32.16
CA VAL C 97 -24.99 -20.68 -32.80
C VAL C 97 -26.21 -21.52 -32.49
N LEU C 98 -26.83 -22.07 -33.53
CA LEU C 98 -28.06 -22.83 -33.35
C LEU C 98 -27.87 -24.34 -33.51
N THR C 99 -26.86 -24.78 -34.26
CA THR C 99 -26.77 -26.16 -34.66
C THR C 99 -25.33 -26.47 -35.01
N VAL C 100 -24.83 -27.61 -34.53
CA VAL C 100 -23.49 -28.06 -34.90
C VAL C 100 -23.61 -29.49 -35.42
N LYS C 101 -22.99 -29.74 -36.57
CA LYS C 101 -23.00 -31.07 -37.16
C LYS C 101 -21.60 -31.37 -37.65
N LYS C 102 -21.19 -32.62 -37.45
CA LYS C 102 -19.88 -33.11 -37.89
C LYS C 102 -20.04 -33.81 -39.23
N MET C 103 -19.18 -33.50 -40.19
CA MET C 103 -19.19 -34.18 -41.49
C MET C 103 -17.76 -34.22 -42.02
N ASN C 104 -17.29 -35.42 -42.36
CA ASN C 104 -15.88 -35.66 -42.58
C ASN C 104 -15.08 -35.09 -41.41
N ASN C 105 -13.96 -34.43 -41.68
CA ASN C 105 -13.20 -33.92 -40.52
C ASN C 105 -13.40 -32.43 -40.37
N LYS C 106 -14.65 -31.98 -40.53
CA LYS C 106 -14.99 -30.56 -40.47
C LYS C 106 -16.34 -30.41 -39.79
N PHE C 107 -16.52 -29.27 -39.10
CA PHE C 107 -17.75 -28.94 -38.42
C PHE C 107 -18.52 -27.95 -39.27
N THR C 108 -19.85 -28.08 -39.26
CA THR C 108 -20.70 -27.15 -40.00
C THR C 108 -21.57 -26.44 -38.95
N ILE C 109 -21.33 -25.15 -38.79
CA ILE C 109 -21.97 -24.34 -37.76
C ILE C 109 -23.04 -23.50 -38.42
N THR C 110 -24.25 -23.57 -37.91
CA THR C 110 -25.34 -22.74 -38.41
C THR C 110 -25.71 -21.74 -37.33
N THR C 111 -25.63 -20.46 -37.66
CA THR C 111 -25.97 -19.39 -36.74
C THR C 111 -27.19 -18.68 -37.26
N THR C 112 -27.65 -17.67 -36.48
CA THR C 112 -28.78 -16.85 -36.91
C THR C 112 -28.42 -15.91 -38.05
N LYS C 113 -27.19 -15.97 -38.57
CA LYS C 113 -26.75 -15.09 -39.64
C LYS C 113 -25.98 -15.77 -40.77
N ASP C 114 -25.40 -16.94 -40.58
CA ASP C 114 -24.56 -17.52 -41.62
C ASP C 114 -24.26 -18.97 -41.26
N VAL C 115 -23.48 -19.64 -42.12
CA VAL C 115 -23.06 -21.01 -41.91
C VAL C 115 -21.55 -21.05 -42.06
N TYR C 116 -20.88 -21.75 -41.16
CA TYR C 116 -19.42 -21.72 -41.13
C TYR C 116 -18.91 -23.14 -41.19
N GLU C 117 -17.65 -23.26 -41.62
CA GLU C 117 -17.01 -24.56 -41.75
C GLU C 117 -15.64 -24.45 -41.12
N CYS C 118 -15.34 -25.32 -40.16
CA CYS C 118 -14.08 -25.23 -39.43
C CYS C 118 -13.59 -26.61 -39.07
N ARG C 119 -12.31 -26.67 -38.73
CA ARG C 119 -11.68 -27.90 -38.25
C ARG C 119 -11.89 -28.07 -36.74
N PHE C 120 -11.57 -27.04 -35.97
CA PHE C 120 -11.61 -27.06 -34.52
C PHE C 120 -12.80 -26.27 -34.02
N LEU C 121 -13.45 -26.80 -32.97
CA LEU C 121 -14.61 -26.16 -32.36
C LEU C 121 -14.39 -26.09 -30.87
N THR C 122 -14.70 -24.94 -30.27
CA THR C 122 -14.49 -24.69 -28.85
C THR C 122 -15.77 -24.09 -28.27
N ILE C 123 -16.41 -24.82 -27.38
CA ILE C 123 -17.69 -24.38 -26.82
C ILE C 123 -17.36 -23.75 -25.48
N ALA C 124 -17.49 -22.44 -25.39
CA ALA C 124 -17.26 -21.76 -24.13
C ALA C 124 -18.51 -20.98 -23.79
N THR C 125 -19.63 -21.66 -23.68
CA THR C 125 -20.89 -20.93 -23.50
C THR C 125 -21.23 -20.63 -22.04
N GLY C 126 -20.41 -21.07 -21.09
CA GLY C 126 -20.72 -20.80 -19.71
C GLY C 126 -22.12 -21.24 -19.31
N TYR C 127 -22.59 -20.83 -18.12
CA TYR C 127 -23.90 -21.29 -17.68
C TYR C 127 -24.89 -20.18 -17.30
N TYR C 128 -24.58 -18.92 -17.50
CA TYR C 128 -25.45 -17.91 -16.91
C TYR C 128 -26.76 -17.71 -17.65
N GLY C 129 -26.90 -18.22 -18.87
CA GLY C 129 -28.18 -17.99 -19.52
C GLY C 129 -29.28 -18.97 -19.16
N GLN C 130 -28.97 -20.03 -18.40
CA GLN C 130 -29.92 -21.10 -18.10
C GLN C 130 -29.98 -21.23 -16.59
N HIS C 131 -31.07 -20.73 -15.99
CA HIS C 131 -31.22 -20.75 -14.54
C HIS C 131 -31.86 -22.05 -14.04
N ASN C 132 -31.39 -22.51 -12.86
CA ASN C 132 -31.98 -23.68 -12.23
C ASN C 132 -33.47 -23.45 -12.01
N THR C 133 -34.26 -24.49 -12.25
CA THR C 133 -35.71 -24.35 -12.22
C THR C 133 -36.22 -24.41 -10.78
N LEU C 134 -37.19 -23.55 -10.46
CA LEU C 134 -37.59 -23.41 -9.06
C LEU C 134 -38.38 -24.63 -8.58
N GLU C 135 -39.39 -25.08 -9.35
CA GLU C 135 -40.14 -26.31 -8.98
C GLU C 135 -40.94 -26.08 -7.70
N VAL C 136 -41.72 -25.00 -7.69
CA VAL C 136 -42.75 -24.78 -6.69
C VAL C 136 -43.99 -24.22 -7.38
N GLU C 137 -45.12 -24.31 -6.73
CA GLU C 137 -46.32 -23.71 -7.31
C GLU C 137 -46.15 -22.19 -7.33
N GLY C 138 -46.25 -21.58 -8.50
CA GLY C 138 -46.10 -20.14 -8.64
C GLY C 138 -44.79 -19.67 -9.25
N ALA C 139 -43.87 -20.57 -9.55
CA ALA C 139 -42.58 -20.18 -10.12
C ALA C 139 -42.67 -19.49 -11.47
N ASP C 140 -43.80 -19.55 -12.17
CA ASP C 140 -43.93 -18.96 -13.49
C ASP C 140 -44.59 -17.59 -13.48
N LEU C 141 -45.03 -17.12 -12.31
CA LEU C 141 -45.59 -15.79 -12.21
C LEU C 141 -44.55 -14.75 -12.61
N PRO C 142 -44.98 -13.59 -13.11
CA PRO C 142 -44.00 -12.55 -13.44
C PRO C 142 -43.30 -11.94 -12.21
N LYS C 143 -43.81 -12.14 -10.99
CA LYS C 143 -43.10 -11.64 -9.81
C LYS C 143 -41.89 -12.47 -9.41
N VAL C 144 -41.51 -13.49 -10.17
CA VAL C 144 -40.38 -14.35 -9.84
C VAL C 144 -39.29 -14.07 -10.86
N PHE C 145 -38.11 -13.65 -10.39
CA PHE C 145 -36.98 -13.39 -11.26
C PHE C 145 -35.86 -14.33 -10.87
N HIS C 146 -35.05 -14.72 -11.84
CA HIS C 146 -33.84 -15.48 -11.55
C HIS C 146 -32.57 -14.68 -11.69
N TYR C 147 -32.67 -13.39 -11.99
CA TYR C 147 -31.51 -12.56 -12.18
C TYR C 147 -31.76 -11.27 -11.42
N PHE C 148 -30.75 -10.79 -10.73
CA PHE C 148 -30.87 -9.54 -10.01
C PHE C 148 -30.14 -8.46 -10.78
N LYS C 149 -30.77 -7.30 -10.94
CA LYS C 149 -30.11 -6.24 -11.68
C LYS C 149 -29.88 -5.01 -10.82
N GLU C 150 -30.91 -4.22 -10.53
CA GLU C 150 -30.77 -3.08 -9.63
C GLU C 150 -31.88 -3.14 -8.60
N ALA C 151 -31.67 -2.51 -7.45
CA ALA C 151 -32.59 -2.68 -6.34
C ALA C 151 -33.59 -1.55 -6.19
N HIS C 152 -33.28 -0.38 -6.74
CA HIS C 152 -34.16 0.77 -6.52
C HIS C 152 -35.64 0.48 -6.76
N PRO C 153 -36.08 -0.16 -7.83
CA PRO C 153 -37.53 -0.26 -8.04
C PRO C 153 -38.25 -1.06 -6.99
N TYR C 154 -37.55 -1.87 -6.21
CA TYR C 154 -38.19 -2.64 -5.15
C TYR C 154 -38.20 -1.88 -3.82
N PHE C 155 -37.94 -0.58 -3.89
CA PHE C 155 -38.12 0.31 -2.77
C PHE C 155 -39.52 0.17 -2.21
N ASP C 156 -39.56 -0.11 -0.91
CA ASP C 156 -40.78 -0.23 -0.12
C ASP C 156 -41.64 -1.41 -0.53
N GLN C 157 -41.05 -2.39 -1.19
CA GLN C 157 -41.77 -3.58 -1.58
C GLN C 157 -41.36 -4.73 -0.67
N ASP C 158 -42.27 -5.67 -0.43
CA ASP C 158 -42.00 -6.84 0.40
C ASP C 158 -41.39 -7.90 -0.50
N VAL C 159 -40.10 -8.20 -0.30
CA VAL C 159 -39.37 -9.04 -1.23
C VAL C 159 -38.87 -10.28 -0.51
N VAL C 160 -38.86 -11.41 -1.21
CA VAL C 160 -38.36 -12.68 -0.69
C VAL C 160 -37.24 -13.13 -1.60
N ILE C 161 -36.14 -13.57 -1.02
CA ILE C 161 -34.98 -14.10 -1.74
C ILE C 161 -34.88 -15.57 -1.38
N ILE C 162 -34.87 -16.43 -2.39
CA ILE C 162 -34.65 -17.87 -2.22
C ILE C 162 -33.22 -18.18 -2.60
N GLY C 163 -32.53 -18.92 -1.77
CA GLY C 163 -31.15 -19.22 -2.05
C GLY C 163 -30.27 -18.79 -0.90
N GLY C 164 -29.00 -19.12 -1.03
CA GLY C 164 -28.11 -18.98 0.08
C GLY C 164 -26.70 -18.61 -0.22
N LYS C 165 -26.29 -18.67 -1.48
CA LYS C 165 -24.90 -18.38 -1.82
C LYS C 165 -24.76 -16.88 -2.18
N ASN C 166 -23.65 -16.49 -2.83
CA ASN C 166 -23.34 -15.06 -2.96
C ASN C 166 -24.42 -14.26 -3.68
N SER C 167 -25.10 -14.83 -4.67
CA SER C 167 -26.16 -14.07 -5.32
C SER C 167 -27.22 -13.62 -4.32
N ALA C 168 -27.64 -14.52 -3.44
CA ALA C 168 -28.67 -14.15 -2.49
C ALA C 168 -28.17 -13.06 -1.53
N ILE C 169 -26.97 -13.25 -0.98
CA ILE C 169 -26.47 -12.27 -0.02
C ILE C 169 -26.16 -10.92 -0.69
N ASP C 170 -25.59 -10.92 -1.91
CA ASP C 170 -25.44 -9.66 -2.64
C ASP C 170 -26.78 -8.96 -2.82
N ALA C 171 -27.76 -9.67 -3.38
CA ALA C 171 -29.04 -9.04 -3.69
C ALA C 171 -29.75 -8.55 -2.43
N ALA C 172 -29.59 -9.28 -1.31
CA ALA C 172 -30.26 -8.88 -0.07
C ALA C 172 -29.70 -7.57 0.47
N LEU C 173 -28.38 -7.44 0.46
CA LEU C 173 -27.75 -6.21 0.90
C LEU C 173 -28.20 -5.05 0.02
N GLU C 174 -28.19 -5.26 -1.29
CA GLU C 174 -28.55 -4.18 -2.20
C GLU C 174 -30.02 -3.80 -2.03
N LEU C 175 -30.92 -4.82 -1.90
CA LEU C 175 -32.35 -4.57 -1.72
C LEU C 175 -32.67 -3.94 -0.36
N GLU C 176 -31.90 -4.29 0.67
CA GLU C 176 -32.10 -3.64 1.96
C GLU C 176 -31.67 -2.18 1.90
N LYS C 177 -30.57 -1.91 1.20
CA LYS C 177 -30.07 -0.55 1.08
C LYS C 177 -31.08 0.33 0.34
N ALA C 178 -31.91 -0.26 -0.52
CA ALA C 178 -32.84 0.48 -1.34
C ALA C 178 -34.20 0.61 -0.71
N GLY C 179 -34.33 0.16 0.54
CA GLY C 179 -35.51 0.35 1.33
C GLY C 179 -36.54 -0.73 1.19
N ALA C 180 -36.20 -1.86 0.57
CA ALA C 180 -37.15 -2.95 0.52
C ALA C 180 -37.18 -3.67 1.85
N ASN C 181 -38.27 -4.38 2.10
CA ASN C 181 -38.41 -5.27 3.26
C ASN C 181 -38.07 -6.69 2.80
N VAL C 182 -36.88 -7.16 3.17
CA VAL C 182 -36.30 -8.35 2.56
C VAL C 182 -36.44 -9.52 3.51
N THR C 183 -36.88 -10.66 2.99
CA THR C 183 -36.88 -11.92 3.72
C THR C 183 -36.10 -12.95 2.92
N VAL C 184 -35.02 -13.46 3.50
CA VAL C 184 -34.21 -14.52 2.88
C VAL C 184 -34.67 -15.88 3.43
N LEU C 185 -35.05 -16.77 2.53
CA LEU C 185 -35.44 -18.13 2.88
C LEU C 185 -34.39 -19.07 2.31
N TYR C 186 -33.63 -19.73 3.17
CA TYR C 186 -32.53 -20.61 2.75
C TYR C 186 -32.77 -22.01 3.25
N ARG C 187 -32.61 -23.00 2.38
CA ARG C 187 -32.95 -24.36 2.77
C ARG C 187 -31.85 -25.03 3.57
N GLY C 188 -30.81 -24.32 4.00
CA GLY C 188 -29.69 -24.93 4.68
C GLY C 188 -29.73 -24.71 6.19
N GLY C 189 -28.77 -25.30 6.87
CA GLY C 189 -28.82 -25.21 8.29
C GLY C 189 -28.09 -23.98 8.79
N ASP C 190 -27.10 -23.56 8.02
CA ASP C 190 -26.23 -22.46 8.43
C ASP C 190 -25.81 -21.72 7.19
N TYR C 191 -25.05 -20.63 7.38
CA TYR C 191 -24.60 -19.86 6.23
C TYR C 191 -23.74 -20.76 5.38
N SER C 192 -23.94 -20.67 4.06
CA SER C 192 -23.12 -21.45 3.16
C SER C 192 -21.66 -21.01 3.28
N PRO C 193 -20.73 -21.94 3.31
CA PRO C 193 -19.32 -21.54 3.35
C PRO C 193 -18.87 -20.81 2.10
N SER C 194 -19.61 -20.88 0.99
CA SER C 194 -19.05 -20.28 -0.23
C SER C 194 -19.32 -18.79 -0.32
N ILE C 195 -20.12 -18.23 0.60
CA ILE C 195 -20.24 -16.78 0.74
C ILE C 195 -18.90 -16.20 1.14
N LYS C 196 -18.47 -15.15 0.46
CA LYS C 196 -17.12 -14.64 0.71
C LYS C 196 -17.00 -14.05 2.11
N PRO C 197 -15.93 -14.35 2.85
CA PRO C 197 -15.87 -14.00 4.28
C PRO C 197 -15.81 -12.49 4.58
N TRP C 198 -15.55 -11.63 3.61
CA TRP C 198 -15.62 -10.19 3.83
C TRP C 198 -16.97 -9.57 3.46
N ILE C 199 -17.94 -10.36 3.00
CA ILE C 199 -19.27 -9.85 2.74
C ILE C 199 -20.21 -10.21 3.86
N LEU C 200 -20.17 -11.49 4.28
CA LEU C 200 -21.05 -12.03 5.30
C LEU C 200 -21.21 -11.15 6.53
N PRO C 201 -20.15 -10.58 7.13
CA PRO C 201 -20.35 -9.72 8.29
C PRO C 201 -21.30 -8.57 8.02
N ASN C 202 -21.30 -8.03 6.80
CA ASN C 202 -22.25 -6.97 6.47
C ASN C 202 -23.68 -7.52 6.46
N PHE C 203 -23.86 -8.78 6.08
CA PHE C 203 -25.20 -9.34 6.10
C PHE C 203 -25.67 -9.64 7.51
N THR C 204 -24.83 -10.31 8.31
CA THR C 204 -25.27 -10.71 9.66
C THR C 204 -25.57 -9.52 10.55
N ALA C 205 -24.77 -8.45 10.46
CA ALA C 205 -25.03 -7.28 11.28
C ALA C 205 -26.42 -6.73 11.03
N LEU C 206 -26.81 -6.66 9.75
CA LEU C 206 -28.14 -6.16 9.42
C LEU C 206 -29.18 -7.15 9.87
N VAL C 207 -28.85 -8.45 9.78
CA VAL C 207 -29.74 -9.51 10.27
C VAL C 207 -29.95 -9.39 11.77
N ASN C 208 -28.86 -9.18 12.49
CA ASN C 208 -28.90 -9.07 13.94
C ASN C 208 -29.57 -7.78 14.40
N HIS C 209 -29.54 -6.74 13.58
CA HIS C 209 -30.28 -5.55 13.94
C HIS C 209 -31.72 -5.64 13.50
N GLU C 210 -32.20 -6.82 13.15
CA GLU C 210 -33.58 -7.05 12.67
C GLU C 210 -33.91 -6.18 11.44
N LYS C 211 -32.94 -5.99 10.55
CA LYS C 211 -33.19 -5.27 9.30
C LYS C 211 -33.41 -6.18 8.09
N ILE C 212 -33.02 -7.45 8.14
CA ILE C 212 -33.36 -8.42 7.13
C ILE C 212 -33.85 -9.65 7.86
N ASP C 213 -34.91 -10.29 7.38
CA ASP C 213 -35.36 -11.55 7.98
C ASP C 213 -34.63 -12.72 7.31
N MET C 214 -33.90 -13.50 8.09
CA MET C 214 -33.17 -14.66 7.63
C MET C 214 -33.79 -15.92 8.22
N GLU C 215 -34.19 -16.84 7.37
CA GLU C 215 -34.80 -18.09 7.80
C GLU C 215 -33.97 -19.25 7.28
N PHE C 216 -33.54 -20.13 8.18
CA PHE C 216 -32.84 -21.35 7.82
C PHE C 216 -33.84 -22.52 7.79
N ASN C 217 -33.39 -23.63 7.19
CA ASN C 217 -34.18 -24.85 7.09
C ASN C 217 -35.58 -24.54 6.52
N ALA C 218 -35.64 -23.59 5.62
CA ALA C 218 -36.89 -23.10 5.05
C ALA C 218 -36.99 -23.51 3.59
N ASN C 219 -38.10 -24.14 3.23
CA ASN C 219 -38.36 -24.49 1.84
C ASN C 219 -39.67 -23.84 1.42
N VAL C 220 -39.64 -23.20 0.28
CA VAL C 220 -40.82 -22.47 -0.18
C VAL C 220 -41.78 -23.50 -0.76
N THR C 221 -43.05 -23.37 -0.42
CA THR C 221 -44.02 -24.31 -0.93
C THR C 221 -44.97 -23.72 -1.95
N GLN C 222 -45.31 -22.44 -1.83
CA GLN C 222 -46.23 -21.85 -2.78
C GLN C 222 -45.91 -20.36 -2.95
N ILE C 223 -46.12 -19.86 -4.17
CA ILE C 223 -46.02 -18.43 -4.48
C ILE C 223 -47.29 -18.00 -5.19
N THR C 224 -48.05 -17.10 -4.60
CA THR C 224 -49.17 -16.46 -5.28
C THR C 224 -48.74 -15.06 -5.67
N GLU C 225 -49.63 -14.32 -6.32
CA GLU C 225 -49.27 -12.96 -6.74
C GLU C 225 -49.00 -12.02 -5.57
N ASP C 226 -49.47 -12.34 -4.37
CA ASP C 226 -49.26 -11.44 -3.26
C ASP C 226 -48.93 -12.13 -1.94
N THR C 227 -48.62 -13.42 -1.96
CA THR C 227 -48.11 -14.13 -0.81
C THR C 227 -47.02 -15.09 -1.24
N VAL C 228 -46.24 -15.52 -0.26
CA VAL C 228 -45.35 -16.67 -0.37
C VAL C 228 -45.59 -17.53 0.86
N THR C 229 -45.64 -18.85 0.68
CA THR C 229 -45.82 -19.78 1.79
C THR C 229 -44.66 -20.77 1.80
N TYR C 230 -44.01 -20.90 2.96
CA TYR C 230 -42.83 -21.75 3.09
C TYR C 230 -42.91 -22.52 4.40
N GLU C 231 -42.18 -23.65 4.47
CA GLU C 231 -42.13 -24.49 5.66
C GLU C 231 -40.78 -24.37 6.35
N VAL C 232 -40.83 -24.35 7.69
CA VAL C 232 -39.66 -24.38 8.56
C VAL C 232 -39.92 -25.49 9.58
N ASN C 233 -39.11 -26.56 9.54
CA ASN C 233 -39.24 -27.70 10.45
C ASN C 233 -40.66 -28.27 10.42
N GLY C 234 -41.25 -28.35 9.24
CA GLY C 234 -42.63 -28.80 9.13
C GLY C 234 -43.64 -27.66 9.22
N GLU C 235 -43.36 -26.65 10.06
CA GLU C 235 -44.27 -25.52 10.23
C GLU C 235 -44.42 -24.69 8.97
N SER C 236 -45.67 -24.45 8.58
CA SER C 236 -45.96 -23.59 7.44
C SER C 236 -46.19 -22.14 7.92
N LYS C 237 -45.61 -21.19 7.18
CA LYS C 237 -45.82 -19.75 7.39
C LYS C 237 -46.14 -19.10 6.06
N THR C 238 -46.97 -18.06 6.12
CA THR C 238 -47.35 -17.33 4.94
C THR C 238 -47.21 -15.84 5.22
N ILE C 239 -46.44 -15.16 4.38
CA ILE C 239 -46.17 -13.75 4.58
C ILE C 239 -46.55 -13.05 3.28
N HIS C 240 -46.99 -11.80 3.42
CA HIS C 240 -47.26 -10.98 2.23
C HIS C 240 -45.96 -10.79 1.46
N ASN C 241 -46.08 -10.83 0.15
CA ASN C 241 -44.90 -10.82 -0.70
C ASN C 241 -45.27 -10.16 -2.02
N ASP C 242 -44.41 -9.25 -2.49
CA ASP C 242 -44.60 -8.54 -3.74
C ASP C 242 -43.73 -9.09 -4.87
N TYR C 243 -42.51 -9.52 -4.58
CA TYR C 243 -41.62 -10.05 -5.62
C TYR C 243 -40.71 -11.12 -5.02
N VAL C 244 -40.26 -12.03 -5.88
CA VAL C 244 -39.49 -13.19 -5.46
C VAL C 244 -38.24 -13.20 -6.31
N PHE C 245 -37.09 -13.26 -5.67
CA PHE C 245 -35.81 -13.36 -6.36
C PHE C 245 -35.30 -14.75 -6.10
N ALA C 246 -35.42 -15.62 -7.12
CA ALA C 246 -34.98 -17.01 -7.03
C ALA C 246 -33.52 -17.06 -7.43
N MET C 247 -32.63 -16.83 -6.45
CA MET C 247 -31.19 -16.90 -6.68
C MET C 247 -30.68 -18.33 -6.44
N ILE C 248 -31.17 -19.27 -7.24
CA ILE C 248 -30.83 -20.65 -6.98
C ILE C 248 -29.83 -21.17 -8.00
N GLY C 249 -29.13 -20.28 -8.69
CA GLY C 249 -28.06 -20.73 -9.55
C GLY C 249 -28.47 -20.96 -11.00
N TYR C 250 -27.48 -21.44 -11.75
CA TYR C 250 -27.57 -21.59 -13.19
C TYR C 250 -26.89 -22.90 -13.53
N HIS C 251 -26.99 -23.30 -14.79
CA HIS C 251 -26.43 -24.57 -15.25
C HIS C 251 -26.18 -24.47 -16.75
N PRO C 252 -25.28 -25.30 -17.29
CA PRO C 252 -25.03 -25.26 -18.73
C PRO C 252 -26.25 -25.63 -19.54
N ASP C 253 -26.26 -25.13 -20.80
CA ASP C 253 -27.25 -25.48 -21.79
C ASP C 253 -26.97 -26.91 -22.26
N TYR C 254 -27.53 -27.89 -21.56
CA TYR C 254 -27.18 -29.27 -21.90
C TYR C 254 -27.85 -29.72 -23.19
N GLU C 255 -29.03 -29.16 -23.48
CA GLU C 255 -29.68 -29.39 -24.78
C GLU C 255 -28.74 -29.05 -25.93
N PHE C 256 -28.22 -27.82 -25.96
CA PHE C 256 -27.29 -27.49 -27.03
C PHE C 256 -26.09 -28.42 -27.03
N LEU C 257 -25.59 -28.76 -25.85
CA LEU C 257 -24.38 -29.59 -25.75
C LEU C 257 -24.64 -31.01 -26.23
N LYS C 258 -25.82 -31.57 -25.93
CA LYS C 258 -26.12 -32.89 -26.47
C LYS C 258 -26.31 -32.82 -27.97
N SER C 259 -26.99 -31.79 -28.46
CA SER C 259 -27.31 -31.68 -29.88
C SER C 259 -26.07 -31.65 -30.77
N VAL C 260 -24.89 -31.46 -30.21
CA VAL C 260 -23.66 -31.59 -30.97
C VAL C 260 -23.07 -32.97 -30.78
N GLY C 261 -23.59 -33.76 -29.85
CA GLY C 261 -23.14 -35.12 -29.62
C GLY C 261 -22.23 -35.30 -28.43
N ILE C 262 -22.19 -34.36 -27.51
CA ILE C 262 -21.29 -34.43 -26.36
C ILE C 262 -22.00 -35.19 -25.25
N GLN C 263 -21.26 -36.07 -24.59
CA GLN C 263 -21.80 -36.92 -23.54
C GLN C 263 -21.87 -36.20 -22.20
N ILE C 264 -22.94 -36.42 -21.47
CA ILE C 264 -22.99 -35.96 -20.10
C ILE C 264 -22.45 -37.09 -19.25
N ASN C 265 -21.88 -36.75 -18.11
CA ASN C 265 -21.00 -37.69 -17.43
C ASN C 265 -21.26 -37.57 -15.93
N THR C 266 -21.82 -38.63 -15.34
CA THR C 266 -22.11 -38.66 -13.93
C THR C 266 -20.82 -38.89 -13.15
N ASN C 267 -20.37 -37.85 -12.49
CA ASN C 267 -19.16 -37.91 -11.70
C ASN C 267 -19.51 -37.75 -10.23
N GLU C 268 -18.51 -37.95 -9.39
CA GLU C 268 -18.72 -37.70 -7.98
C GLU C 268 -18.17 -36.32 -7.71
N PHE C 269 -18.23 -35.51 -8.76
CA PHE C 269 -17.80 -34.13 -8.78
C PHE C 269 -18.95 -33.16 -9.07
N GLY C 270 -20.05 -33.66 -9.66
CA GLY C 270 -21.20 -32.82 -9.95
C GLY C 270 -21.83 -32.89 -11.34
N THR C 271 -21.78 -34.05 -11.99
CA THR C 271 -22.31 -34.31 -13.34
C THR C 271 -21.99 -33.19 -14.33
N ALA C 272 -20.96 -33.39 -15.13
CA ALA C 272 -20.43 -32.42 -16.08
C ALA C 272 -20.26 -33.05 -17.46
N PRO C 273 -20.04 -32.24 -18.48
CA PRO C 273 -19.72 -32.80 -19.79
C PRO C 273 -18.47 -33.69 -19.80
N MET C 274 -18.40 -34.54 -20.81
CA MET C 274 -17.26 -35.42 -21.02
C MET C 274 -16.09 -34.63 -21.58
N TYR C 275 -14.96 -34.67 -20.89
CA TYR C 275 -13.78 -34.05 -21.46
C TYR C 275 -12.52 -34.66 -20.87
N ASN C 276 -11.46 -34.64 -21.66
CA ASN C 276 -10.17 -35.10 -21.21
C ASN C 276 -9.63 -34.07 -20.24
N LYS C 277 -9.59 -34.41 -18.95
CA LYS C 277 -9.08 -33.48 -17.95
C LYS C 277 -7.75 -32.84 -18.36
N GLU C 278 -6.96 -33.50 -19.19
CA GLU C 278 -5.64 -32.97 -19.52
C GLU C 278 -5.60 -32.13 -20.79
N THR C 279 -6.62 -32.22 -21.66
CA THR C 279 -6.65 -31.38 -22.86
C THR C 279 -7.95 -30.60 -23.09
N TYR C 280 -9.04 -30.95 -22.41
CA TYR C 280 -10.36 -30.34 -22.55
C TYR C 280 -11.06 -30.71 -23.84
N GLU C 281 -10.62 -31.78 -24.51
CA GLU C 281 -11.32 -32.32 -25.67
C GLU C 281 -12.47 -33.22 -25.26
N THR C 282 -13.58 -33.12 -25.98
CA THR C 282 -14.78 -33.90 -25.69
C THR C 282 -14.73 -35.26 -26.39
N ASN C 283 -15.83 -36.02 -26.30
CA ASN C 283 -15.91 -37.30 -27.03
C ASN C 283 -15.92 -37.08 -28.54
N ILE C 284 -16.37 -35.92 -29.01
CA ILE C 284 -16.31 -35.57 -30.43
C ILE C 284 -14.94 -35.02 -30.79
N GLU C 285 -14.25 -35.70 -31.70
CA GLU C 285 -12.90 -35.29 -32.08
C GLU C 285 -12.88 -33.85 -32.58
N ASN C 286 -11.88 -33.10 -32.10
CA ASN C 286 -11.62 -31.69 -32.44
C ASN C 286 -12.62 -30.71 -31.85
N CYS C 287 -13.44 -31.14 -30.89
CA CYS C 287 -14.41 -30.29 -30.21
C CYS C 287 -14.04 -30.16 -28.74
N TYR C 288 -13.66 -28.95 -28.33
CA TYR C 288 -13.21 -28.68 -26.98
C TYR C 288 -14.23 -27.87 -26.20
N ILE C 289 -14.09 -27.88 -24.87
CA ILE C 289 -14.84 -26.96 -24.02
C ILE C 289 -13.83 -26.20 -23.17
N ALA C 290 -14.24 -24.98 -22.80
CA ALA C 290 -13.47 -24.07 -21.97
C ALA C 290 -14.45 -23.29 -21.13
N GLY C 291 -13.98 -22.88 -19.95
CA GLY C 291 -14.76 -22.04 -19.08
C GLY C 291 -15.54 -22.81 -18.07
N VAL C 292 -16.45 -22.10 -17.39
CA VAL C 292 -17.19 -22.70 -16.29
C VAL C 292 -18.10 -23.84 -16.72
N ILE C 293 -18.28 -24.02 -18.03
CA ILE C 293 -19.09 -25.11 -18.55
C ILE C 293 -18.51 -26.48 -18.18
N ALA C 294 -17.17 -26.56 -18.03
CA ALA C 294 -16.53 -27.83 -17.71
C ALA C 294 -16.75 -28.22 -16.26
N ALA C 295 -17.31 -27.34 -15.44
CA ALA C 295 -17.64 -27.63 -14.05
C ALA C 295 -19.00 -28.30 -13.91
N GLY C 296 -19.93 -27.99 -14.81
CA GLY C 296 -21.25 -28.57 -14.77
C GLY C 296 -22.21 -27.95 -13.78
N ASN C 297 -22.41 -28.61 -12.64
CA ASN C 297 -23.41 -28.17 -11.66
C ASN C 297 -22.84 -27.16 -10.67
N ASP C 298 -22.01 -27.62 -9.73
CA ASP C 298 -21.37 -26.72 -8.77
C ASP C 298 -20.72 -25.55 -9.51
N ALA C 299 -20.76 -24.37 -8.89
CA ALA C 299 -20.18 -23.15 -9.43
C ALA C 299 -19.09 -22.61 -8.50
N ASN C 300 -18.45 -23.51 -7.75
CA ASN C 300 -17.34 -23.17 -6.87
C ASN C 300 -16.08 -23.92 -7.28
N THR C 301 -16.07 -24.51 -8.47
CA THR C 301 -14.89 -25.17 -9.01
C THR C 301 -14.17 -24.29 -10.02
N ILE C 302 -14.92 -23.69 -10.94
CA ILE C 302 -14.37 -22.97 -12.08
C ILE C 302 -14.93 -21.56 -12.08
N PHE C 303 -14.07 -20.58 -11.88
CA PHE C 303 -14.46 -19.20 -12.14
C PHE C 303 -13.44 -18.64 -13.12
N ILE C 304 -13.38 -17.31 -13.25
CA ILE C 304 -12.49 -16.69 -14.23
C ILE C 304 -11.03 -16.93 -13.90
N GLU C 305 -10.70 -17.08 -12.61
CA GLU C 305 -9.28 -17.07 -12.23
C GLU C 305 -8.60 -18.35 -12.70
N ASN C 306 -9.23 -19.50 -12.50
CA ASN C 306 -8.65 -20.70 -13.07
C ASN C 306 -9.18 -21.01 -14.47
N GLY C 307 -10.48 -20.82 -14.72
CA GLY C 307 -11.06 -21.14 -16.02
C GLY C 307 -10.36 -20.45 -17.18
N LYS C 308 -9.74 -19.28 -16.94
CA LYS C 308 -9.03 -18.62 -18.01
C LYS C 308 -7.80 -19.38 -18.47
N PHE C 309 -7.45 -20.49 -17.79
CA PHE C 309 -6.26 -21.28 -18.12
C PHE C 309 -6.55 -22.39 -19.13
N HIS C 310 -7.82 -22.74 -19.32
CA HIS C 310 -8.18 -23.76 -20.29
C HIS C 310 -7.60 -23.42 -21.66
N GLY C 311 -7.79 -22.17 -22.09
CA GLY C 311 -7.31 -21.70 -23.38
C GLY C 311 -5.90 -22.12 -23.68
N GLY C 312 -5.00 -21.91 -22.73
CA GLY C 312 -3.63 -22.36 -22.91
C GLY C 312 -3.53 -23.85 -23.12
N ILE C 313 -4.32 -24.63 -22.35
CA ILE C 313 -4.32 -26.08 -22.51
C ILE C 313 -4.82 -26.47 -23.90
N ILE C 314 -5.98 -25.93 -24.29
CA ILE C 314 -6.60 -26.30 -25.56
C ILE C 314 -5.68 -25.97 -26.72
N ALA C 315 -5.02 -24.81 -26.67
CA ALA C 315 -4.15 -24.42 -27.77
C ALA C 315 -3.05 -25.46 -28.00
N GLN C 316 -2.48 -25.99 -26.91
CA GLN C 316 -1.43 -27.01 -27.00
C GLN C 316 -1.96 -28.24 -27.72
N SER C 317 -3.16 -28.70 -27.35
CA SER C 317 -3.70 -29.89 -27.97
C SER C 317 -4.00 -29.67 -29.45
N MET C 318 -4.59 -28.53 -29.79
CA MET C 318 -4.87 -28.24 -31.20
C MET C 318 -3.58 -28.14 -32.01
N LEU C 319 -2.55 -27.51 -31.44
CA LEU C 319 -1.24 -27.47 -32.08
C LEU C 319 -0.64 -28.86 -32.21
N ALA C 320 -0.91 -29.74 -31.26
CA ALA C 320 -0.39 -31.09 -31.39
C ALA C 320 -0.99 -31.77 -32.60
N LYS C 321 -2.29 -31.59 -32.82
CA LYS C 321 -2.94 -32.12 -34.02
C LYS C 321 -2.50 -31.37 -35.27
N LYS C 322 -1.82 -30.23 -35.08
CA LYS C 322 -1.06 -29.45 -36.06
C LYS C 322 -2.01 -28.59 -36.89
N GLN C 323 -1.44 -27.71 -37.73
CA GLN C 323 -2.19 -26.69 -38.50
C GLN C 323 -2.79 -25.67 -37.53
N MET D 1 -64.40 0.68 -2.63
CA MET D 1 -63.18 1.13 -3.30
C MET D 1 -62.28 1.85 -2.32
N GLN D 2 -61.67 2.97 -2.73
CA GLN D 2 -60.87 3.78 -1.80
C GLN D 2 -61.21 5.26 -1.95
N LYS D 3 -61.28 5.96 -0.82
CA LYS D 3 -61.63 7.36 -0.80
C LYS D 3 -60.48 8.12 -0.15
N VAL D 4 -59.84 9.00 -0.91
CA VAL D 4 -58.72 9.80 -0.43
C VAL D 4 -59.02 11.26 -0.73
N GLU D 5 -58.56 12.16 0.13
CA GLU D 5 -58.84 13.56 -0.12
C GLU D 5 -58.22 14.01 -1.44
N SER D 6 -56.92 13.75 -1.62
CA SER D 6 -56.19 14.09 -2.83
C SER D 6 -55.44 12.91 -3.42
N ILE D 7 -55.40 12.83 -4.74
CA ILE D 7 -54.59 11.84 -5.45
C ILE D 7 -53.63 12.58 -6.38
N ILE D 8 -52.41 12.06 -6.46
CA ILE D 8 -51.36 12.55 -7.37
C ILE D 8 -50.92 11.40 -8.27
N ILE D 9 -50.98 11.60 -9.57
CA ILE D 9 -50.55 10.60 -10.54
C ILE D 9 -49.10 10.91 -10.89
N GLY D 10 -48.20 9.98 -10.58
CA GLY D 10 -46.82 10.26 -10.89
C GLY D 10 -45.98 10.56 -9.66
N GLY D 11 -44.93 9.75 -9.45
CA GLY D 11 -44.01 9.93 -8.36
C GLY D 11 -42.64 10.35 -8.88
N GLY D 12 -42.61 11.13 -9.96
CA GLY D 12 -41.41 11.80 -10.34
C GLY D 12 -41.11 12.95 -9.38
N PRO D 13 -39.99 13.63 -9.62
CA PRO D 13 -39.62 14.68 -8.67
C PRO D 13 -40.72 15.70 -8.48
N CYS D 14 -41.46 16.02 -9.52
CA CYS D 14 -42.48 17.05 -9.36
C CYS D 14 -43.73 16.49 -8.72
N GLY D 15 -44.08 15.23 -9.01
CA GLY D 15 -45.17 14.61 -8.28
C GLY D 15 -44.88 14.51 -6.79
N LEU D 16 -43.69 14.00 -6.43
CA LEU D 16 -43.27 13.91 -5.03
C LEU D 16 -43.34 15.27 -4.36
N SER D 17 -42.86 16.29 -5.06
CA SER D 17 -42.88 17.65 -4.53
C SER D 17 -44.31 18.10 -4.29
N ALA D 18 -45.23 17.69 -5.16
CA ALA D 18 -46.64 18.05 -4.99
C ALA D 18 -47.23 17.42 -3.73
N ALA D 19 -46.94 16.13 -3.50
CA ALA D 19 -47.49 15.46 -2.33
C ALA D 19 -46.99 16.08 -1.05
N ILE D 20 -45.70 16.43 -1.00
CA ILE D 20 -45.15 17.03 0.20
C ILE D 20 -45.87 18.33 0.54
N GLU D 21 -45.99 19.23 -0.44
CA GLU D 21 -46.52 20.54 -0.11
C GLU D 21 -47.99 20.46 0.27
N GLN D 22 -48.75 19.58 -0.39
CA GLN D 22 -50.14 19.34 0.02
C GLN D 22 -50.20 18.78 1.44
N LYS D 23 -49.29 17.86 1.77
CA LYS D 23 -49.26 17.31 3.12
C LYS D 23 -48.91 18.39 4.13
N ARG D 24 -47.99 19.29 3.77
CA ARG D 24 -47.63 20.38 4.67
C ARG D 24 -48.83 21.25 5.01
N LYS D 25 -49.82 21.31 4.12
CA LYS D 25 -51.03 22.07 4.35
C LYS D 25 -52.18 21.18 4.86
N GLY D 26 -51.87 20.01 5.38
CA GLY D 26 -52.87 19.13 5.95
C GLY D 26 -53.82 18.45 4.98
N ILE D 27 -53.36 18.13 3.78
CA ILE D 27 -54.17 17.42 2.79
C ILE D 27 -53.61 16.00 2.66
N ASP D 28 -54.44 15.00 2.98
CA ASP D 28 -53.98 13.62 2.90
C ASP D 28 -53.89 13.20 1.44
N THR D 29 -52.68 12.84 0.99
CA THR D 29 -52.45 12.52 -0.40
C THR D 29 -52.04 11.06 -0.57
N LEU D 30 -52.21 10.58 -1.80
CA LEU D 30 -51.76 9.27 -2.23
C LEU D 30 -51.15 9.42 -3.62
N ILE D 31 -49.93 8.95 -3.78
CA ILE D 31 -49.26 9.00 -5.07
C ILE D 31 -49.50 7.66 -5.74
N ILE D 32 -50.00 7.68 -6.98
CA ILE D 32 -50.11 6.46 -7.75
C ILE D 32 -49.08 6.49 -8.86
N GLU D 33 -48.18 5.52 -8.85
CA GLU D 33 -47.04 5.52 -9.76
C GLU D 33 -47.03 4.22 -10.56
N LYS D 34 -46.94 4.37 -11.88
CA LYS D 34 -46.90 3.25 -12.83
C LYS D 34 -45.71 2.33 -12.57
N GLY D 35 -44.57 2.90 -12.17
CA GLY D 35 -43.42 2.11 -11.76
C GLY D 35 -43.20 2.22 -10.26
N ASN D 36 -42.00 2.61 -9.86
CA ASN D 36 -41.76 3.08 -8.50
C ASN D 36 -41.29 4.52 -8.57
N VAL D 37 -41.08 5.12 -7.40
CA VAL D 37 -40.79 6.55 -7.38
C VAL D 37 -39.60 6.89 -8.28
N VAL D 38 -39.66 8.09 -8.84
CA VAL D 38 -38.73 8.64 -9.82
C VAL D 38 -38.25 7.62 -10.85
N GLU D 39 -39.21 6.87 -11.45
CA GLU D 39 -38.91 5.98 -12.58
C GLU D 39 -38.15 6.69 -13.67
N SER D 40 -38.45 7.99 -13.90
CA SER D 40 -37.74 8.70 -14.96
C SER D 40 -36.25 8.68 -14.73
N ILE D 41 -35.81 9.12 -13.54
CA ILE D 41 -34.41 9.06 -13.18
C ILE D 41 -33.94 7.62 -13.16
N TYR D 42 -34.81 6.69 -12.78
CA TYR D 42 -34.38 5.30 -12.80
C TYR D 42 -34.04 4.85 -14.21
N ASN D 43 -34.72 5.40 -15.22
CA ASN D 43 -34.50 5.00 -16.60
C ASN D 43 -33.48 5.85 -17.32
N TYR D 44 -32.83 6.81 -16.64
CA TYR D 44 -31.70 7.51 -17.24
C TYR D 44 -30.68 6.46 -17.66
N PRO D 45 -29.79 6.78 -18.59
CA PRO D 45 -28.68 5.87 -18.83
C PRO D 45 -27.93 5.67 -17.54
N THR D 46 -27.31 4.49 -17.44
CA THR D 46 -26.69 4.06 -16.20
C THR D 46 -25.72 5.10 -15.63
N HIS D 47 -24.89 5.69 -16.48
CA HIS D 47 -23.84 6.56 -15.98
C HIS D 47 -24.20 8.04 -16.08
N GLN D 48 -25.47 8.37 -16.24
CA GLN D 48 -25.84 9.76 -16.45
C GLN D 48 -25.47 10.64 -15.26
N THR D 49 -24.93 11.82 -15.59
CA THR D 49 -24.65 12.88 -14.64
C THR D 49 -25.61 14.02 -14.89
N PHE D 50 -26.32 14.39 -13.85
CA PHE D 50 -27.21 15.53 -13.92
C PHE D 50 -26.43 16.77 -14.38
N PHE D 51 -27.19 17.79 -14.80
N PHE D 51 -27.16 17.78 -14.85
CA PHE D 51 -26.62 19.06 -15.21
CA PHE D 51 -26.50 19.05 -15.13
C PHE D 51 -26.96 20.20 -14.25
C PHE D 51 -26.78 20.11 -14.06
N SER D 52 -27.83 19.96 -13.27
CA SER D 52 -28.02 20.83 -12.12
C SER D 52 -27.13 20.36 -10.98
N SER D 53 -26.59 21.30 -10.20
CA SER D 53 -26.01 20.91 -8.93
C SER D 53 -27.11 20.31 -8.06
N SER D 54 -26.73 19.64 -6.97
CA SER D 54 -27.80 18.84 -6.41
C SER D 54 -28.69 19.60 -5.42
N ASP D 55 -28.23 20.72 -4.84
CA ASP D 55 -29.19 21.54 -4.11
C ASP D 55 -30.34 21.98 -5.00
N LYS D 56 -30.13 22.09 -6.31
CA LYS D 56 -31.21 22.58 -7.15
C LYS D 56 -32.18 21.48 -7.55
N LEU D 57 -31.83 20.22 -7.28
CA LEU D 57 -32.73 19.08 -7.47
C LEU D 57 -33.46 18.68 -6.18
N SER D 58 -33.18 19.32 -5.06
CA SER D 58 -33.76 18.91 -3.79
C SER D 58 -35.19 19.41 -3.65
N ILE D 59 -36.00 18.62 -2.95
CA ILE D 59 -37.39 18.95 -2.69
C ILE D 59 -37.69 18.79 -1.21
N GLY D 60 -38.68 19.54 -0.75
CA GLY D 60 -39.24 19.53 0.58
C GLY D 60 -38.25 19.51 1.73
N ASP D 61 -37.25 20.38 1.66
CA ASP D 61 -36.38 20.56 2.82
C ASP D 61 -35.81 19.25 3.36
N VAL D 62 -35.32 18.40 2.47
CA VAL D 62 -34.37 17.33 2.79
C VAL D 62 -33.17 17.66 1.92
N PRO D 63 -32.04 18.07 2.47
CA PRO D 63 -30.92 18.50 1.61
C PRO D 63 -30.36 17.38 0.74
N PHE D 64 -30.09 17.71 -0.51
CA PHE D 64 -29.43 16.77 -1.42
C PHE D 64 -27.96 17.15 -1.43
N ILE D 65 -27.13 16.34 -0.75
CA ILE D 65 -25.73 16.64 -0.51
C ILE D 65 -24.88 15.54 -1.13
N VAL D 66 -23.93 15.91 -1.98
CA VAL D 66 -23.03 14.99 -2.66
C VAL D 66 -21.66 15.64 -2.77
N GLU D 67 -20.60 14.82 -2.79
CA GLU D 67 -19.25 15.38 -2.84
C GLU D 67 -18.92 16.01 -4.19
N GLU D 68 -19.40 15.43 -5.29
CA GLU D 68 -19.18 15.95 -6.63
C GLU D 68 -19.90 17.28 -6.83
N SER D 69 -19.57 17.99 -7.92
CA SER D 69 -20.29 19.24 -8.15
C SER D 69 -21.63 18.95 -8.81
N LYS D 70 -21.65 18.01 -9.67
CA LYS D 70 -22.92 17.55 -10.17
C LYS D 70 -23.14 16.10 -9.73
N PRO D 71 -24.35 15.73 -9.28
CA PRO D 71 -24.62 14.35 -8.87
C PRO D 71 -24.95 13.43 -10.04
N ARG D 72 -24.72 12.13 -9.80
CA ARG D 72 -24.99 11.10 -10.78
C ARG D 72 -26.38 10.50 -10.58
N ARG D 73 -26.76 9.59 -11.49
CA ARG D 73 -28.11 9.07 -11.52
C ARG D 73 -28.44 8.31 -10.23
N ASN D 74 -27.54 7.45 -9.78
CA ASN D 74 -27.88 6.64 -8.62
C ASN D 74 -27.95 7.45 -7.32
N GLN D 75 -27.20 8.55 -7.23
CA GLN D 75 -27.27 9.42 -6.05
C GLN D 75 -28.65 10.07 -5.94
N ALA D 76 -29.25 10.45 -7.08
CA ALA D 76 -30.61 10.98 -7.06
C ALA D 76 -31.59 9.93 -6.62
N LEU D 77 -31.40 8.68 -7.07
CA LEU D 77 -32.26 7.59 -6.63
C LEU D 77 -32.23 7.47 -5.12
N VAL D 78 -31.03 7.38 -4.53
CA VAL D 78 -30.93 7.27 -3.07
C VAL D 78 -31.52 8.50 -2.41
N TYR D 79 -31.35 9.68 -3.02
CA TYR D 79 -31.87 10.90 -2.41
C TYR D 79 -33.42 10.89 -2.39
N TYR D 80 -34.07 10.69 -3.54
CA TYR D 80 -35.52 10.80 -3.58
C TYR D 80 -36.21 9.70 -2.76
N ARG D 81 -35.59 8.52 -2.60
CA ARG D 81 -36.17 7.54 -1.70
C ARG D 81 -36.21 8.09 -0.29
N GLU D 82 -35.12 8.72 0.15
CA GLU D 82 -35.03 9.27 1.50
C GLU D 82 -36.06 10.36 1.70
N VAL D 83 -36.37 11.09 0.63
CA VAL D 83 -37.39 12.12 0.70
C VAL D 83 -38.75 11.49 1.00
N VAL D 84 -39.07 10.39 0.32
CA VAL D 84 -40.32 9.68 0.59
C VAL D 84 -40.31 9.16 2.01
N LYS D 85 -39.19 8.52 2.40
CA LYS D 85 -39.06 8.05 3.76
C LYS D 85 -39.28 9.20 4.74
N HIS D 86 -38.58 10.30 4.55
CA HIS D 86 -38.63 11.36 5.55
C HIS D 86 -39.99 12.01 5.66
N HIS D 87 -40.70 12.15 4.56
CA HIS D 87 -42.01 12.79 4.58
C HIS D 87 -43.13 11.79 4.69
N GLN D 88 -42.82 10.51 4.87
CA GLN D 88 -43.82 9.48 5.15
C GLN D 88 -44.90 9.45 4.08
N LEU D 89 -44.49 9.50 2.83
CA LEU D 89 -45.46 9.60 1.75
C LEU D 89 -46.16 8.27 1.51
N LYS D 90 -47.46 8.35 1.26
CA LYS D 90 -48.25 7.20 0.86
C LYS D 90 -48.05 7.06 -0.64
N VAL D 91 -47.39 5.97 -1.07
CA VAL D 91 -47.15 5.71 -2.49
C VAL D 91 -47.70 4.34 -2.84
N ASN D 92 -48.56 4.30 -3.87
CA ASN D 92 -49.02 3.06 -4.48
C ASN D 92 -48.19 2.83 -5.75
N ALA D 93 -47.25 1.91 -5.68
CA ALA D 93 -46.32 1.60 -6.76
C ALA D 93 -46.86 0.47 -7.64
N PHE D 94 -46.28 0.40 -8.85
CA PHE D 94 -46.59 -0.61 -9.87
C PHE D 94 -48.10 -0.71 -10.08
N GLU D 95 -48.67 0.45 -10.36
CA GLU D 95 -50.11 0.65 -10.51
C GLU D 95 -50.28 1.81 -11.48
N GLU D 96 -50.62 1.51 -12.73
CA GLU D 96 -50.84 2.51 -13.77
C GLU D 96 -52.26 3.06 -13.71
N VAL D 97 -52.39 4.39 -13.69
CA VAL D 97 -53.71 5.02 -13.79
C VAL D 97 -54.17 4.97 -15.24
N LEU D 98 -55.37 4.42 -15.45
CA LEU D 98 -55.89 4.20 -16.81
C LEU D 98 -57.03 5.12 -17.19
N THR D 99 -57.80 5.64 -16.23
CA THR D 99 -58.98 6.46 -16.51
C THR D 99 -59.29 7.37 -15.35
N VAL D 100 -59.66 8.61 -15.68
CA VAL D 100 -60.11 9.61 -14.73
C VAL D 100 -61.44 10.16 -15.22
N LYS D 101 -62.43 10.21 -14.34
CA LYS D 101 -63.71 10.83 -14.65
C LYS D 101 -64.15 11.68 -13.46
N LYS D 102 -64.72 12.83 -13.76
CA LYS D 102 -65.28 13.68 -12.72
C LYS D 102 -66.77 13.39 -12.55
N MET D 103 -67.20 13.28 -11.28
CA MET D 103 -68.57 12.92 -10.91
C MET D 103 -68.98 13.68 -9.65
N ASN D 104 -69.87 14.67 -9.80
CA ASN D 104 -70.46 15.46 -8.71
C ASN D 104 -69.42 15.91 -7.67
N ASN D 105 -68.48 16.73 -8.16
CA ASN D 105 -67.40 17.32 -7.37
C ASN D 105 -66.49 16.24 -6.74
N LYS D 106 -66.26 15.16 -7.49
CA LYS D 106 -65.40 14.04 -7.09
C LYS D 106 -64.80 13.41 -8.34
N PHE D 107 -63.60 12.85 -8.22
CA PHE D 107 -62.95 12.20 -9.35
C PHE D 107 -63.00 10.68 -9.16
N THR D 108 -63.17 9.96 -10.26
CA THR D 108 -63.21 8.49 -10.23
C THR D 108 -62.03 7.97 -11.05
N ILE D 109 -61.08 7.34 -10.37
CA ILE D 109 -59.81 6.91 -10.95
C ILE D 109 -59.80 5.39 -11.10
N THR D 110 -59.55 4.92 -12.31
CA THR D 110 -59.44 3.48 -12.58
C THR D 110 -58.00 3.12 -12.95
N THR D 111 -57.39 2.23 -12.18
CA THR D 111 -56.02 1.82 -12.38
C THR D 111 -55.98 0.33 -12.72
N THR D 112 -54.78 -0.19 -12.97
CA THR D 112 -54.64 -1.61 -13.24
C THR D 112 -54.82 -2.46 -12.00
N LYS D 113 -55.15 -1.85 -10.86
CA LYS D 113 -55.27 -2.60 -9.60
C LYS D 113 -56.49 -2.28 -8.75
N ASP D 114 -57.16 -1.15 -8.92
CA ASP D 114 -58.14 -0.73 -7.93
C ASP D 114 -58.95 0.40 -8.54
N VAL D 115 -59.90 0.93 -7.76
CA VAL D 115 -60.69 2.09 -8.12
C VAL D 115 -60.69 3.08 -6.95
N TYR D 116 -60.52 4.36 -7.28
CA TYR D 116 -60.39 5.41 -6.29
C TYR D 116 -61.39 6.52 -6.56
N GLU D 117 -61.68 7.29 -5.51
CA GLU D 117 -62.56 8.46 -5.57
C GLU D 117 -61.89 9.54 -4.76
N CYS D 118 -61.70 10.73 -5.35
CA CYS D 118 -60.97 11.78 -4.64
C CYS D 118 -61.54 13.15 -5.00
N ARG D 119 -61.24 14.12 -4.13
CA ARG D 119 -61.66 15.51 -4.31
C ARG D 119 -60.70 16.32 -5.19
N PHE D 120 -59.41 16.30 -4.88
CA PHE D 120 -58.40 17.04 -5.63
C PHE D 120 -57.57 16.07 -6.46
N LEU D 121 -57.23 16.46 -7.69
CA LEU D 121 -56.47 15.59 -8.56
C LEU D 121 -55.27 16.34 -9.12
N THR D 122 -54.12 15.68 -9.15
CA THR D 122 -52.89 16.28 -9.63
C THR D 122 -52.21 15.32 -10.60
N ILE D 123 -52.09 15.74 -11.85
CA ILE D 123 -51.49 14.90 -12.88
C ILE D 123 -50.06 15.37 -13.11
N ALA D 124 -49.10 14.57 -12.65
CA ALA D 124 -47.68 14.85 -12.83
C ALA D 124 -47.07 13.68 -13.58
N THR D 125 -47.59 13.40 -14.76
CA THR D 125 -47.18 12.22 -15.52
C THR D 125 -45.98 12.50 -16.43
N GLY D 126 -45.49 13.74 -16.46
CA GLY D 126 -44.34 14.08 -17.27
C GLY D 126 -44.54 13.73 -18.73
N TYR D 127 -43.43 13.67 -19.46
CA TYR D 127 -43.48 13.34 -20.88
C TYR D 127 -42.64 12.14 -21.30
N TYR D 128 -42.00 11.43 -20.38
CA TYR D 128 -41.04 10.42 -20.86
C TYR D 128 -41.69 9.14 -21.38
N GLY D 129 -42.98 8.95 -21.16
CA GLY D 129 -43.55 7.72 -21.67
C GLY D 129 -43.92 7.76 -23.14
N GLN D 130 -43.79 8.91 -23.81
CA GLN D 130 -44.20 9.04 -25.22
C GLN D 130 -43.04 9.62 -26.03
N HIS D 131 -42.37 8.79 -26.80
CA HIS D 131 -41.27 9.31 -27.61
C HIS D 131 -41.80 9.74 -28.97
N ASN D 132 -41.25 10.84 -29.48
CA ASN D 132 -41.61 11.34 -30.81
C ASN D 132 -41.38 10.29 -31.88
N THR D 133 -42.27 10.28 -32.86
CA THR D 133 -42.23 9.30 -33.92
C THR D 133 -41.19 9.68 -34.97
N LEU D 134 -40.45 8.69 -35.45
CA LEU D 134 -39.32 8.99 -36.31
C LEU D 134 -39.75 9.39 -37.72
N GLU D 135 -40.63 8.59 -38.36
CA GLU D 135 -41.14 8.93 -39.70
C GLU D 135 -40.09 8.88 -40.81
N VAL D 136 -39.43 7.73 -40.94
CA VAL D 136 -38.63 7.41 -42.11
C VAL D 136 -38.93 5.95 -42.42
N GLU D 137 -38.63 5.53 -43.65
CA GLU D 137 -38.84 4.14 -43.96
C GLU D 137 -37.89 3.30 -43.12
N GLY D 138 -38.44 2.41 -42.30
CA GLY D 138 -37.63 1.57 -41.47
C GLY D 138 -37.58 1.96 -40.02
N ALA D 139 -38.23 3.07 -39.64
CA ALA D 139 -38.18 3.58 -38.27
C ALA D 139 -38.70 2.58 -37.25
N ASP D 140 -39.36 1.50 -37.67
CA ASP D 140 -39.87 0.50 -36.74
C ASP D 140 -39.01 -0.75 -36.67
N LEU D 141 -37.90 -0.81 -37.41
CA LEU D 141 -37.05 -1.97 -37.28
C LEU D 141 -36.61 -2.09 -35.83
N PRO D 142 -36.43 -3.31 -35.31
CA PRO D 142 -36.05 -3.43 -33.90
C PRO D 142 -34.68 -2.88 -33.61
N LYS D 143 -33.85 -2.64 -34.65
CA LYS D 143 -32.53 -2.06 -34.45
C LYS D 143 -32.56 -0.58 -34.12
N VAL D 144 -33.74 -0.01 -33.98
CA VAL D 144 -33.93 1.41 -33.74
C VAL D 144 -34.41 1.56 -32.30
N PHE D 145 -33.72 2.41 -31.55
CA PHE D 145 -34.03 2.69 -30.16
C PHE D 145 -34.40 4.16 -29.98
N HIS D 146 -35.29 4.43 -29.03
CA HIS D 146 -35.59 5.79 -28.62
C HIS D 146 -35.04 6.13 -27.26
N TYR D 147 -34.28 5.24 -26.66
CA TYR D 147 -33.71 5.39 -25.33
C TYR D 147 -32.29 4.91 -25.34
N PHE D 148 -31.44 5.57 -24.58
CA PHE D 148 -30.09 5.09 -24.41
C PHE D 148 -29.90 4.58 -22.98
N LYS D 149 -29.28 3.40 -22.84
CA LYS D 149 -29.01 2.87 -21.50
C LYS D 149 -27.51 2.72 -21.29
N GLU D 150 -26.89 1.73 -21.91
CA GLU D 150 -25.45 1.57 -21.80
C GLU D 150 -24.90 1.41 -23.21
N ALA D 151 -23.63 1.71 -23.35
CA ALA D 151 -22.94 1.70 -24.63
C ALA D 151 -22.13 0.44 -24.83
N HIS D 152 -21.76 -0.24 -23.75
CA HIS D 152 -20.88 -1.41 -23.87
C HIS D 152 -21.31 -2.36 -24.97
N PRO D 153 -22.58 -2.78 -25.07
CA PRO D 153 -22.90 -3.81 -26.08
C PRO D 153 -22.70 -3.37 -27.51
N TYR D 154 -22.55 -2.09 -27.79
CA TYR D 154 -22.35 -1.60 -29.15
C TYR D 154 -20.88 -1.46 -29.48
N PHE D 155 -20.03 -2.08 -28.68
CA PHE D 155 -18.60 -2.19 -29.00
C PHE D 155 -18.40 -2.71 -30.41
N ASP D 156 -17.63 -1.98 -31.19
CA ASP D 156 -17.25 -2.38 -32.54
C ASP D 156 -18.48 -2.50 -33.44
N GLN D 157 -19.55 -1.81 -33.12
CA GLN D 157 -20.74 -1.74 -33.93
C GLN D 157 -20.83 -0.38 -34.62
N ASP D 158 -21.42 -0.38 -35.81
CA ASP D 158 -21.62 0.86 -36.54
C ASP D 158 -22.96 1.44 -36.11
N VAL D 159 -22.93 2.55 -35.39
CA VAL D 159 -24.10 3.12 -34.74
C VAL D 159 -24.33 4.53 -35.29
N VAL D 160 -25.60 4.91 -35.44
CA VAL D 160 -26.02 6.23 -35.90
C VAL D 160 -26.91 6.85 -34.84
N ILE D 161 -26.68 8.12 -34.53
CA ILE D 161 -27.52 8.85 -33.61
C ILE D 161 -28.25 9.92 -34.41
N ILE D 162 -29.57 9.92 -34.36
CA ILE D 162 -30.35 10.96 -35.00
C ILE D 162 -30.76 11.95 -33.92
N GLY D 163 -30.44 13.21 -34.09
CA GLY D 163 -30.81 14.23 -33.13
C GLY D 163 -29.61 14.99 -32.66
N GLY D 164 -29.89 16.07 -31.94
CA GLY D 164 -28.79 16.97 -31.66
C GLY D 164 -28.76 17.63 -30.30
N LYS D 165 -29.57 17.17 -29.36
CA LYS D 165 -29.58 17.77 -28.05
C LYS D 165 -28.75 16.93 -27.07
N ASN D 166 -28.94 17.16 -25.77
CA ASN D 166 -28.05 16.57 -24.77
C ASN D 166 -28.05 15.05 -24.83
N SER D 167 -29.20 14.45 -25.11
CA SER D 167 -29.23 13.00 -25.28
C SER D 167 -28.31 12.56 -26.40
N ALA D 168 -28.30 13.29 -27.51
CA ALA D 168 -27.48 12.88 -28.63
C ALA D 168 -26.00 12.97 -28.26
N ILE D 169 -25.60 14.08 -27.66
CA ILE D 169 -24.18 14.24 -27.35
C ILE D 169 -23.77 13.34 -26.19
N ASP D 170 -24.64 13.16 -25.19
CA ASP D 170 -24.32 12.20 -24.14
C ASP D 170 -24.09 10.79 -24.71
N ALA D 171 -25.04 10.29 -25.47
CA ALA D 171 -24.92 8.94 -25.99
C ALA D 171 -23.70 8.77 -26.88
N ALA D 172 -23.35 9.78 -27.69
CA ALA D 172 -22.19 9.63 -28.59
C ALA D 172 -20.90 9.56 -27.81
N LEU D 173 -20.75 10.39 -26.78
CA LEU D 173 -19.55 10.31 -25.96
C LEU D 173 -19.44 8.93 -25.34
N GLU D 174 -20.54 8.46 -24.77
CA GLU D 174 -20.50 7.14 -24.14
C GLU D 174 -20.24 6.04 -25.17
N LEU D 175 -20.91 6.09 -26.34
CA LEU D 175 -20.70 5.05 -27.33
C LEU D 175 -19.27 5.06 -27.90
N GLU D 176 -18.65 6.23 -28.04
CA GLU D 176 -17.27 6.31 -28.54
C GLU D 176 -16.30 5.72 -27.53
N LYS D 177 -16.54 5.99 -26.25
CA LYS D 177 -15.69 5.44 -25.20
C LYS D 177 -15.76 3.93 -25.18
N ALA D 178 -16.88 3.36 -25.61
CA ALA D 178 -17.11 1.92 -25.61
C ALA D 178 -16.79 1.28 -26.97
N GLY D 179 -16.20 2.02 -27.89
CA GLY D 179 -15.71 1.41 -29.08
C GLY D 179 -16.68 1.28 -30.23
N ALA D 180 -17.81 1.98 -30.18
CA ALA D 180 -18.68 2.01 -31.35
C ALA D 180 -18.14 2.97 -32.39
N ASN D 181 -18.56 2.78 -33.62
CA ASN D 181 -18.26 3.74 -34.68
C ASN D 181 -19.49 4.60 -34.82
N VAL D 182 -19.41 5.81 -34.29
CA VAL D 182 -20.58 6.62 -34.08
C VAL D 182 -20.64 7.67 -35.17
N THR D 183 -21.82 7.82 -35.75
CA THR D 183 -22.16 8.88 -36.67
C THR D 183 -23.36 9.58 -36.07
N VAL D 184 -23.22 10.88 -35.82
CA VAL D 184 -24.35 11.71 -35.44
C VAL D 184 -24.88 12.37 -36.71
N LEU D 185 -26.19 12.24 -36.94
CA LEU D 185 -26.87 12.90 -38.07
C LEU D 185 -27.85 13.90 -37.50
N TYR D 186 -27.59 15.19 -37.68
CA TYR D 186 -28.41 16.25 -37.09
C TYR D 186 -28.95 17.16 -38.18
N ARG D 187 -30.24 17.51 -38.09
CA ARG D 187 -30.91 18.27 -39.14
C ARG D 187 -30.73 19.77 -39.04
N GLY D 188 -29.92 20.27 -38.09
CA GLY D 188 -29.73 21.68 -37.90
C GLY D 188 -28.39 22.09 -38.51
N GLY D 189 -28.13 23.40 -38.49
CA GLY D 189 -26.94 23.90 -39.14
C GLY D 189 -25.74 23.87 -38.22
N ASP D 190 -25.98 24.08 -36.94
CA ASP D 190 -24.89 24.17 -35.99
C ASP D 190 -25.37 23.51 -34.71
N TYR D 191 -24.47 23.38 -33.73
CA TYR D 191 -24.83 22.69 -32.50
C TYR D 191 -25.96 23.43 -31.80
N SER D 192 -26.90 22.66 -31.26
CA SER D 192 -28.03 23.26 -30.56
C SER D 192 -27.54 24.04 -29.33
N PRO D 193 -28.10 25.21 -29.08
CA PRO D 193 -27.71 25.98 -27.88
C PRO D 193 -28.03 25.28 -26.56
N SER D 194 -28.88 24.24 -26.55
CA SER D 194 -29.24 23.63 -25.28
C SER D 194 -28.26 22.55 -24.84
N ILE D 195 -27.33 22.13 -25.70
CA ILE D 195 -26.24 21.30 -25.23
C ILE D 195 -25.46 22.11 -24.20
N LYS D 196 -25.27 21.55 -23.03
CA LYS D 196 -24.73 22.35 -21.92
C LYS D 196 -23.27 22.72 -22.19
N PRO D 197 -22.89 23.96 -21.87
CA PRO D 197 -21.59 24.47 -22.34
C PRO D 197 -20.38 23.75 -21.77
N TRP D 198 -20.51 22.92 -20.73
CA TRP D 198 -19.37 22.16 -20.21
C TRP D 198 -19.26 20.76 -20.76
N ILE D 199 -20.16 20.35 -21.65
CA ILE D 199 -20.10 19.05 -22.33
C ILE D 199 -19.61 19.18 -23.77
N LEU D 200 -20.20 20.12 -24.55
CA LEU D 200 -19.87 20.28 -25.97
C LEU D 200 -18.38 20.21 -26.23
N PRO D 201 -17.52 20.84 -25.41
CA PRO D 201 -16.08 20.75 -25.67
C PRO D 201 -15.54 19.33 -25.65
N ASN D 202 -16.08 18.45 -24.84
CA ASN D 202 -15.55 17.09 -24.89
C ASN D 202 -15.96 16.41 -26.18
N PHE D 203 -17.18 16.69 -26.66
CA PHE D 203 -17.66 16.09 -27.91
C PHE D 203 -16.93 16.64 -29.13
N THR D 204 -16.78 17.97 -29.18
CA THR D 204 -16.16 18.65 -30.32
C THR D 204 -14.69 18.24 -30.51
N ALA D 205 -13.93 18.14 -29.43
CA ALA D 205 -12.56 17.66 -29.53
C ALA D 205 -12.49 16.30 -30.23
N LEU D 206 -13.45 15.41 -29.95
CA LEU D 206 -13.43 14.09 -30.58
C LEU D 206 -13.80 14.16 -32.07
N VAL D 207 -14.79 14.99 -32.45
CA VAL D 207 -15.09 15.13 -33.88
C VAL D 207 -13.91 15.73 -34.62
N ASN D 208 -13.14 16.62 -33.98
CA ASN D 208 -11.98 17.18 -34.65
C ASN D 208 -10.89 16.13 -34.87
N HIS D 209 -10.78 15.14 -33.99
CA HIS D 209 -9.81 14.04 -34.14
C HIS D 209 -10.31 12.89 -34.98
N GLU D 210 -11.39 13.08 -35.73
CA GLU D 210 -11.91 12.06 -36.62
C GLU D 210 -12.22 10.78 -35.87
N LYS D 211 -12.68 10.91 -34.63
CA LYS D 211 -13.13 9.78 -33.82
C LYS D 211 -14.65 9.63 -33.79
N ILE D 212 -15.39 10.71 -34.05
CA ILE D 212 -16.83 10.71 -34.25
C ILE D 212 -17.14 11.52 -35.51
N ASP D 213 -18.08 11.04 -36.32
CA ASP D 213 -18.55 11.75 -37.50
C ASP D 213 -19.72 12.64 -37.09
N MET D 214 -19.59 13.95 -37.35
CA MET D 214 -20.67 14.88 -37.09
C MET D 214 -21.09 15.44 -38.44
N GLU D 215 -22.37 15.29 -38.75
CA GLU D 215 -22.97 15.76 -39.98
C GLU D 215 -24.09 16.72 -39.62
N PHE D 216 -24.04 17.93 -40.17
CA PHE D 216 -25.09 18.92 -40.00
C PHE D 216 -25.99 18.90 -41.22
N ASN D 217 -27.17 19.52 -41.09
CA ASN D 217 -28.13 19.61 -42.20
C ASN D 217 -28.38 18.24 -42.80
N ALA D 218 -28.41 17.24 -41.95
CA ALA D 218 -28.56 15.85 -42.35
C ALA D 218 -29.93 15.37 -41.91
N ASN D 219 -30.69 14.84 -42.84
CA ASN D 219 -31.98 14.22 -42.56
C ASN D 219 -31.90 12.77 -43.01
N VAL D 220 -32.36 11.87 -42.16
CA VAL D 220 -32.33 10.44 -42.49
C VAL D 220 -33.53 10.14 -43.38
N THR D 221 -33.27 9.42 -44.48
CA THR D 221 -34.30 9.11 -45.46
C THR D 221 -34.76 7.66 -45.43
N GLN D 222 -33.85 6.72 -45.18
CA GLN D 222 -34.21 5.32 -45.13
C GLN D 222 -33.32 4.60 -44.13
N ILE D 223 -33.89 3.60 -43.46
CA ILE D 223 -33.16 2.70 -42.56
C ILE D 223 -33.51 1.27 -42.94
N THR D 224 -32.52 0.49 -43.33
CA THR D 224 -32.67 -0.94 -43.54
C THR D 224 -31.99 -1.69 -42.42
N GLU D 225 -32.04 -3.03 -42.50
CA GLU D 225 -31.43 -3.85 -41.46
C GLU D 225 -29.92 -3.67 -41.40
N ASP D 226 -29.28 -3.21 -42.48
CA ASP D 226 -27.84 -3.08 -42.40
C ASP D 226 -27.31 -1.82 -43.07
N THR D 227 -28.17 -0.85 -43.41
CA THR D 227 -27.68 0.46 -43.85
C THR D 227 -28.55 1.55 -43.26
N VAL D 228 -28.00 2.77 -43.27
CA VAL D 228 -28.74 4.00 -43.03
C VAL D 228 -28.45 4.93 -44.20
N THR D 229 -29.48 5.58 -44.72
CA THR D 229 -29.34 6.53 -45.81
C THR D 229 -29.83 7.89 -45.38
N TYR D 230 -28.99 8.90 -45.60
CA TYR D 230 -29.34 10.25 -45.22
C TYR D 230 -28.94 11.21 -46.32
N GLU D 231 -29.62 12.35 -46.35
CA GLU D 231 -29.33 13.43 -47.29
C GLU D 231 -28.78 14.66 -46.58
N VAL D 232 -27.73 15.23 -47.16
CA VAL D 232 -27.12 16.47 -46.66
C VAL D 232 -27.07 17.45 -47.83
N ASN D 233 -27.80 18.57 -47.70
CA ASN D 233 -27.85 19.59 -48.75
C ASN D 233 -28.27 18.98 -50.08
N GLY D 234 -29.23 18.07 -50.05
CA GLY D 234 -29.70 17.39 -51.24
C GLY D 234 -28.93 16.11 -51.54
N GLU D 235 -27.62 16.09 -51.27
CA GLU D 235 -26.79 14.93 -51.56
C GLU D 235 -27.16 13.77 -50.65
N SER D 236 -27.49 12.64 -51.26
CA SER D 236 -27.80 11.42 -50.53
C SER D 236 -26.54 10.60 -50.33
N LYS D 237 -26.37 10.06 -49.13
CA LYS D 237 -25.28 9.17 -48.82
C LYS D 237 -25.83 7.96 -48.09
N THR D 238 -25.20 6.81 -48.33
CA THR D 238 -25.61 5.56 -47.71
C THR D 238 -24.38 4.92 -47.07
N ILE D 239 -24.53 4.58 -45.78
CA ILE D 239 -23.45 4.06 -44.96
C ILE D 239 -23.89 2.75 -44.33
N HIS D 240 -22.91 1.87 -44.07
CA HIS D 240 -23.19 0.67 -43.32
C HIS D 240 -23.55 1.01 -41.88
N ASN D 241 -24.54 0.28 -41.34
CA ASN D 241 -25.07 0.60 -40.03
C ASN D 241 -25.67 -0.61 -39.33
N ASP D 242 -25.34 -0.78 -38.04
CA ASP D 242 -25.88 -1.87 -37.25
C ASP D 242 -27.01 -1.46 -36.31
N TYR D 243 -26.99 -0.23 -35.76
CA TYR D 243 -28.01 0.21 -34.82
C TYR D 243 -28.21 1.72 -34.94
N VAL D 244 -29.39 2.17 -34.54
CA VAL D 244 -29.83 3.56 -34.67
C VAL D 244 -30.41 3.99 -33.32
N PHE D 245 -29.96 5.13 -32.82
CA PHE D 245 -30.51 5.71 -31.59
C PHE D 245 -31.25 6.99 -31.97
N ALA D 246 -32.57 6.93 -32.01
CA ALA D 246 -33.36 8.09 -32.37
C ALA D 246 -33.57 8.93 -31.11
N MET D 247 -32.62 9.83 -30.85
CA MET D 247 -32.69 10.75 -29.71
C MET D 247 -33.42 12.04 -30.08
N ILE D 248 -34.69 11.90 -30.44
CA ILE D 248 -35.44 13.02 -30.98
C ILE D 248 -36.49 13.53 -30.01
N GLY D 249 -36.39 13.20 -28.73
CA GLY D 249 -37.31 13.81 -27.78
C GLY D 249 -38.58 13.02 -27.52
N TYR D 250 -39.41 13.65 -26.68
CA TYR D 250 -40.61 13.04 -26.13
C TYR D 250 -41.67 14.13 -26.06
N HIS D 251 -42.88 13.73 -25.70
CA HIS D 251 -44.02 14.62 -25.61
C HIS D 251 -45.03 14.05 -24.64
N PRO D 252 -45.83 14.88 -23.99
CA PRO D 252 -46.84 14.38 -23.06
C PRO D 252 -47.88 13.52 -23.73
N ASP D 253 -48.49 12.66 -22.92
CA ASP D 253 -49.59 11.80 -23.33
C ASP D 253 -50.87 12.60 -23.47
N TYR D 254 -51.11 13.15 -24.66
CA TYR D 254 -52.26 14.03 -24.86
C TYR D 254 -53.57 13.25 -24.90
N GLU D 255 -53.53 12.01 -25.40
CA GLU D 255 -54.71 11.15 -25.32
C GLU D 255 -55.23 11.11 -23.91
N PHE D 256 -54.36 10.80 -22.95
CA PHE D 256 -54.80 10.71 -21.57
C PHE D 256 -55.36 12.04 -21.09
N LEU D 257 -54.70 13.15 -21.46
CA LEU D 257 -55.14 14.45 -20.97
C LEU D 257 -56.49 14.85 -21.55
N LYS D 258 -56.70 14.57 -22.84
CA LYS D 258 -57.99 14.91 -23.43
C LYS D 258 -59.11 14.09 -22.81
N SER D 259 -58.86 12.79 -22.60
CA SER D 259 -59.90 11.88 -22.11
C SER D 259 -60.40 12.24 -20.71
N VAL D 260 -59.73 13.13 -19.98
CA VAL D 260 -60.28 13.62 -18.72
C VAL D 260 -60.98 14.95 -18.89
N GLY D 261 -60.93 15.53 -20.08
CA GLY D 261 -61.58 16.79 -20.34
C GLY D 261 -60.66 17.98 -20.32
N ILE D 262 -59.37 17.76 -20.44
CA ILE D 262 -58.41 18.84 -20.45
C ILE D 262 -58.16 19.24 -21.89
N GLN D 263 -58.15 20.53 -22.13
CA GLN D 263 -57.96 21.10 -23.45
C GLN D 263 -56.49 21.28 -23.83
N ILE D 264 -56.21 21.14 -25.11
CA ILE D 264 -54.94 21.60 -25.67
C ILE D 264 -55.14 23.05 -26.11
N ASN D 265 -54.05 23.78 -26.32
CA ASN D 265 -54.16 25.24 -26.32
C ASN D 265 -53.37 25.96 -27.40
N THR D 266 -52.09 25.61 -27.58
CA THR D 266 -51.20 26.32 -28.51
C THR D 266 -51.17 27.80 -28.17
N ASN D 267 -50.06 28.24 -27.58
CA ASN D 267 -49.90 29.61 -27.13
C ASN D 267 -48.41 29.92 -27.20
N GLU D 268 -47.91 30.70 -26.24
CA GLU D 268 -46.50 31.10 -26.20
C GLU D 268 -45.48 29.95 -26.31
N PHE D 269 -45.67 28.87 -25.56
CA PHE D 269 -44.72 27.77 -25.53
C PHE D 269 -45.22 26.53 -26.26
N GLY D 270 -46.10 26.71 -27.24
CA GLY D 270 -46.57 25.57 -28.00
C GLY D 270 -47.83 24.95 -27.45
N THR D 271 -48.08 23.74 -27.90
CA THR D 271 -49.26 22.97 -27.52
C THR D 271 -49.10 22.54 -26.07
N ALA D 272 -49.82 23.19 -25.16
CA ALA D 272 -49.76 22.86 -23.75
C ALA D 272 -51.17 22.62 -23.25
N PRO D 273 -51.34 21.91 -22.15
CA PRO D 273 -52.67 21.81 -21.55
C PRO D 273 -53.08 23.18 -21.05
N MET D 274 -54.38 23.38 -20.94
CA MET D 274 -54.87 24.64 -20.42
C MET D 274 -54.70 24.67 -18.93
N TYR D 275 -54.05 25.72 -18.41
CA TYR D 275 -53.95 25.86 -16.97
C TYR D 275 -53.72 27.30 -16.54
N ASN D 276 -54.20 27.61 -15.34
CA ASN D 276 -54.13 28.90 -14.67
C ASN D 276 -52.72 29.18 -14.14
N LYS D 277 -51.85 29.72 -14.99
CA LYS D 277 -50.48 30.09 -14.63
C LYS D 277 -50.26 30.48 -13.16
N GLU D 278 -51.27 31.00 -12.47
CA GLU D 278 -51.01 31.41 -11.10
C GLU D 278 -51.29 30.32 -10.07
N THR D 279 -52.12 29.33 -10.41
CA THR D 279 -52.44 28.24 -9.50
C THR D 279 -52.28 26.83 -10.08
N TYR D 280 -52.10 26.69 -11.39
CA TYR D 280 -51.93 25.41 -12.07
C TYR D 280 -53.21 24.59 -12.09
N GLU D 281 -54.35 25.24 -11.92
CA GLU D 281 -55.61 24.54 -12.10
C GLU D 281 -55.95 24.49 -13.59
N THR D 282 -56.47 23.36 -14.05
CA THR D 282 -56.83 23.20 -15.45
C THR D 282 -58.29 23.61 -15.66
N ASN D 283 -58.77 23.44 -16.91
CA ASN D 283 -60.16 23.75 -17.24
C ASN D 283 -61.16 22.86 -16.50
N ILE D 284 -60.76 21.64 -16.16
CA ILE D 284 -61.57 20.76 -15.33
C ILE D 284 -61.37 21.16 -13.86
N GLU D 285 -62.44 21.58 -13.20
CA GLU D 285 -62.36 22.07 -11.83
C GLU D 285 -61.76 21.04 -10.88
N ASN D 286 -60.85 21.50 -10.02
CA ASN D 286 -60.18 20.67 -9.01
C ASN D 286 -59.18 19.69 -9.61
N CYS D 287 -58.78 19.88 -10.87
CA CYS D 287 -57.74 19.06 -11.49
C CYS D 287 -56.53 19.94 -11.76
N TYR D 288 -55.41 19.64 -11.13
CA TYR D 288 -54.16 20.38 -11.26
C TYR D 288 -53.16 19.59 -12.09
N ILE D 289 -52.14 20.30 -12.60
CA ILE D 289 -50.98 19.65 -13.20
C ILE D 289 -49.73 20.16 -12.52
N ALA D 290 -48.69 19.34 -12.52
CA ALA D 290 -47.40 19.74 -12.02
C ALA D 290 -46.31 19.05 -12.85
N GLY D 291 -45.16 19.73 -12.97
CA GLY D 291 -44.03 19.19 -13.67
C GLY D 291 -43.98 19.63 -15.12
N VAL D 292 -43.14 18.92 -15.86
CA VAL D 292 -42.90 19.23 -17.26
C VAL D 292 -44.13 19.02 -18.12
N ILE D 293 -45.20 18.43 -17.57
CA ILE D 293 -46.46 18.31 -18.29
C ILE D 293 -47.00 19.70 -18.66
N ALA D 294 -46.67 20.71 -17.84
CA ALA D 294 -47.16 22.07 -18.03
C ALA D 294 -46.48 22.75 -19.22
N ALA D 295 -45.27 22.32 -19.55
CA ALA D 295 -44.54 22.90 -20.67
C ALA D 295 -45.02 22.34 -22.01
N GLY D 296 -45.11 21.02 -22.11
CA GLY D 296 -45.50 20.37 -23.33
C GLY D 296 -44.31 19.71 -24.00
N ASN D 297 -43.91 20.25 -25.16
CA ASN D 297 -42.83 19.66 -25.96
C ASN D 297 -41.47 20.23 -25.56
N ASP D 298 -41.11 21.42 -26.06
CA ASP D 298 -39.86 22.11 -25.74
C ASP D 298 -39.29 21.73 -24.38
N ALA D 299 -38.53 20.64 -24.38
CA ALA D 299 -37.90 20.09 -23.18
C ALA D 299 -36.70 20.97 -22.82
N ASN D 300 -37.01 22.20 -22.41
CA ASN D 300 -36.00 23.16 -21.97
C ASN D 300 -36.67 24.36 -21.34
N THR D 301 -37.98 24.27 -21.17
CA THR D 301 -38.66 25.35 -20.50
C THR D 301 -38.89 25.05 -19.03
N ILE D 302 -39.18 23.79 -18.69
CA ILE D 302 -39.53 23.36 -17.34
C ILE D 302 -38.70 22.12 -17.00
N PHE D 303 -37.84 22.20 -16.00
CA PHE D 303 -37.20 20.97 -15.56
C PHE D 303 -37.50 20.66 -14.10
N ILE D 304 -36.55 20.04 -13.38
CA ILE D 304 -36.74 19.80 -11.94
C ILE D 304 -36.65 21.09 -11.13
N GLU D 305 -35.78 22.04 -11.52
CA GLU D 305 -35.50 23.13 -10.59
C GLU D 305 -36.64 24.11 -10.55
N ASN D 306 -37.33 24.29 -11.66
CA ASN D 306 -38.54 25.10 -11.70
C ASN D 306 -39.80 24.29 -11.42
N GLY D 307 -39.88 23.06 -11.95
CA GLY D 307 -41.05 22.23 -11.76
C GLY D 307 -41.34 21.90 -10.31
N LYS D 308 -40.31 21.78 -9.48
CA LYS D 308 -40.55 21.42 -8.09
C LYS D 308 -41.26 22.52 -7.31
N PHE D 309 -41.42 23.70 -7.87
CA PHE D 309 -42.12 24.75 -7.15
C PHE D 309 -43.62 24.75 -7.44
N HIS D 310 -44.06 23.98 -8.44
CA HIS D 310 -45.50 23.84 -8.71
C HIS D 310 -46.26 23.41 -7.47
N GLY D 311 -45.83 22.29 -6.86
CA GLY D 311 -46.52 21.75 -5.71
C GLY D 311 -46.93 22.79 -4.70
N GLY D 312 -46.01 23.66 -4.29
CA GLY D 312 -46.38 24.71 -3.36
C GLY D 312 -47.49 25.58 -3.92
N ILE D 313 -47.43 25.88 -5.21
CA ILE D 313 -48.48 26.66 -5.84
C ILE D 313 -49.80 25.90 -5.75
N ILE D 314 -49.76 24.62 -6.07
CA ILE D 314 -50.97 23.80 -6.02
C ILE D 314 -51.54 23.76 -4.60
N ALA D 315 -50.67 23.67 -3.60
CA ALA D 315 -51.11 23.57 -2.21
C ALA D 315 -51.91 24.80 -1.77
N GLN D 316 -51.42 26.01 -2.10
CA GLN D 316 -52.15 27.23 -1.72
C GLN D 316 -53.54 27.23 -2.34
N SER D 317 -53.64 26.90 -3.63
CA SER D 317 -54.95 26.89 -4.25
C SER D 317 -55.87 25.81 -3.67
N MET D 318 -55.35 24.61 -3.42
CA MET D 318 -56.20 23.55 -2.87
C MET D 318 -56.67 23.87 -1.47
N LEU D 319 -55.79 24.46 -0.66
CA LEU D 319 -56.18 24.90 0.68
C LEU D 319 -57.20 26.02 0.62
N ALA D 320 -57.11 26.90 -0.38
CA ALA D 320 -58.06 28.00 -0.49
C ALA D 320 -59.48 27.50 -0.70
N LYS D 321 -59.67 26.55 -1.62
CA LYS D 321 -61.02 26.04 -1.80
C LYS D 321 -61.56 25.28 -0.60
N LYS D 322 -60.76 25.05 0.44
CA LYS D 322 -61.31 24.69 1.73
C LYS D 322 -61.72 26.01 2.38
N GLN D 323 -63.00 26.34 2.23
CA GLN D 323 -63.56 27.60 2.68
C GLN D 323 -63.36 27.70 4.19
N MET E 1 -34.65 -75.44 0.78
CA MET E 1 -33.91 -74.19 0.99
C MET E 1 -34.40 -73.34 2.18
N GLN E 2 -34.56 -72.04 1.95
CA GLN E 2 -35.09 -71.14 2.97
C GLN E 2 -36.19 -70.31 2.31
N LYS E 3 -37.29 -70.12 3.04
CA LYS E 3 -38.44 -69.37 2.54
C LYS E 3 -38.80 -68.34 3.59
N VAL E 4 -38.70 -67.06 3.22
CA VAL E 4 -39.03 -65.96 4.11
C VAL E 4 -39.97 -65.05 3.36
N GLU E 5 -40.86 -64.37 4.09
CA GLU E 5 -41.77 -63.42 3.43
C GLU E 5 -40.98 -62.29 2.78
N SER E 6 -40.16 -61.59 3.56
CA SER E 6 -39.36 -60.47 3.10
C SER E 6 -37.89 -60.68 3.45
N ILE E 7 -37.02 -60.28 2.53
CA ILE E 7 -35.56 -60.30 2.73
C ILE E 7 -35.02 -58.91 2.51
N ILE E 8 -34.05 -58.51 3.33
CA ILE E 8 -33.38 -57.22 3.19
C ILE E 8 -31.90 -57.47 2.95
N ILE E 9 -31.35 -56.86 1.91
CA ILE E 9 -29.93 -56.95 1.63
C ILE E 9 -29.28 -55.70 2.21
N GLY E 10 -28.44 -55.90 3.20
CA GLY E 10 -27.77 -54.81 3.89
C GLY E 10 -28.19 -54.69 5.33
N GLY E 11 -27.21 -54.76 6.22
CA GLY E 11 -27.50 -54.58 7.63
C GLY E 11 -26.92 -53.28 8.14
N GLY E 12 -26.84 -52.28 7.26
CA GLY E 12 -26.50 -50.96 7.69
C GLY E 12 -27.65 -50.30 8.42
N PRO E 13 -27.45 -49.03 8.81
CA PRO E 13 -28.49 -48.33 9.59
C PRO E 13 -29.82 -48.26 8.87
N CYS E 14 -29.80 -48.04 7.56
CA CYS E 14 -31.06 -47.92 6.83
C CYS E 14 -31.67 -49.29 6.54
N GLY E 15 -30.83 -50.29 6.26
CA GLY E 15 -31.35 -51.64 6.20
C GLY E 15 -31.96 -52.05 7.52
N LEU E 16 -31.24 -51.82 8.62
CA LEU E 16 -31.79 -52.13 9.94
C LEU E 16 -33.12 -51.41 10.19
N SER E 17 -33.20 -50.14 9.81
CA SER E 17 -34.44 -49.41 10.00
C SER E 17 -35.57 -50.04 9.20
N ALA E 18 -35.27 -50.52 7.98
CA ALA E 18 -36.28 -51.15 7.15
C ALA E 18 -36.81 -52.43 7.80
N ALA E 19 -35.91 -53.24 8.38
CA ALA E 19 -36.35 -54.46 9.05
C ALA E 19 -37.23 -54.16 10.28
N ILE E 20 -36.87 -53.15 11.08
CA ILE E 20 -37.70 -52.78 12.22
C ILE E 20 -39.10 -52.37 11.75
N GLU E 21 -39.18 -51.52 10.72
CA GLU E 21 -40.49 -51.04 10.32
C GLU E 21 -41.34 -52.12 9.69
N GLN E 22 -40.72 -53.01 8.91
CA GLN E 22 -41.50 -54.10 8.36
C GLN E 22 -41.99 -55.01 9.48
N LYS E 23 -41.14 -55.25 10.47
CA LYS E 23 -41.55 -56.06 11.61
C LYS E 23 -42.67 -55.40 12.39
N ARG E 24 -42.62 -54.07 12.52
CA ARG E 24 -43.68 -53.33 13.22
C ARG E 24 -45.03 -53.53 12.56
N LYS E 25 -45.04 -53.82 11.25
CA LYS E 25 -46.25 -54.08 10.48
C LYS E 25 -46.55 -55.58 10.38
N GLY E 26 -45.96 -56.38 11.25
CA GLY E 26 -46.28 -57.80 11.22
C GLY E 26 -45.75 -58.48 9.97
N ILE E 27 -44.59 -58.08 9.47
CA ILE E 27 -44.00 -58.67 8.28
C ILE E 27 -42.74 -59.45 8.66
N ASP E 28 -42.76 -60.77 8.46
CA ASP E 28 -41.60 -61.64 8.68
C ASP E 28 -40.43 -61.25 7.77
N THR E 29 -39.32 -60.77 8.35
CA THR E 29 -38.15 -60.37 7.57
C THR E 29 -36.89 -61.11 8.00
N LEU E 30 -35.90 -61.12 7.11
CA LEU E 30 -34.56 -61.65 7.35
C LEU E 30 -33.51 -60.78 6.68
N ILE E 31 -32.51 -60.31 7.45
CA ILE E 31 -31.43 -59.49 6.91
C ILE E 31 -30.26 -60.36 6.51
N ILE E 32 -29.77 -60.20 5.30
CA ILE E 32 -28.57 -60.88 4.85
C ILE E 32 -27.49 -59.82 4.69
N GLU E 33 -26.42 -59.94 5.47
CA GLU E 33 -25.37 -58.93 5.57
C GLU E 33 -24.02 -59.50 5.22
N LYS E 34 -23.34 -58.87 4.26
CA LYS E 34 -22.03 -59.32 3.77
C LYS E 34 -20.99 -59.32 4.88
N GLY E 35 -21.06 -58.35 5.79
CA GLY E 35 -20.19 -58.41 6.94
C GLY E 35 -20.99 -58.75 8.17
N ASN E 36 -20.93 -57.91 9.19
CA ASN E 36 -21.89 -57.95 10.29
C ASN E 36 -22.67 -56.64 10.30
N VAL E 37 -23.55 -56.49 11.28
CA VAL E 37 -24.40 -55.30 11.29
C VAL E 37 -23.54 -54.04 11.35
N VAL E 38 -24.00 -52.98 10.67
CA VAL E 38 -23.33 -51.71 10.43
C VAL E 38 -21.84 -51.80 10.14
N GLU E 39 -21.48 -52.74 9.23
CA GLU E 39 -20.13 -52.85 8.67
C GLU E 39 -19.59 -51.55 8.11
N SER E 40 -20.46 -50.70 7.55
CA SER E 40 -19.98 -49.42 7.06
C SER E 40 -19.27 -48.67 8.15
N ILE E 41 -19.99 -48.48 9.27
CA ILE E 41 -19.49 -47.77 10.44
C ILE E 41 -18.29 -48.49 11.05
N TYR E 42 -18.27 -49.81 11.03
CA TYR E 42 -17.10 -50.53 11.52
C TYR E 42 -15.86 -50.23 10.68
N ASN E 43 -16.04 -49.92 9.40
CA ASN E 43 -14.96 -49.65 8.48
C ASN E 43 -14.63 -48.17 8.37
N TYR E 44 -15.32 -47.32 9.14
CA TYR E 44 -14.90 -45.94 9.33
C TYR E 44 -13.46 -45.90 9.83
N PRO E 45 -12.78 -44.77 9.67
CA PRO E 45 -11.51 -44.58 10.36
C PRO E 45 -11.71 -44.81 11.86
N THR E 46 -10.67 -45.30 12.51
CA THR E 46 -10.78 -45.72 13.90
C THR E 46 -11.28 -44.61 14.79
N HIS E 47 -10.80 -43.39 14.59
CA HIS E 47 -11.11 -42.29 15.49
C HIS E 47 -12.23 -41.39 14.97
N GLN E 48 -12.99 -41.88 14.00
CA GLN E 48 -13.95 -41.03 13.32
C GLN E 48 -15.01 -40.50 14.28
N THR E 49 -15.36 -39.23 14.08
CA THR E 49 -16.39 -38.55 14.84
C THR E 49 -17.58 -38.32 13.92
N PHE E 50 -18.75 -38.76 14.33
CA PHE E 50 -19.92 -38.46 13.53
C PHE E 50 -20.12 -36.94 13.44
N PHE E 51 -20.82 -36.49 12.38
CA PHE E 51 -21.18 -35.09 12.27
C PHE E 51 -22.64 -34.81 12.63
N SER E 52 -23.48 -35.83 12.66
CA SER E 52 -24.78 -35.76 13.29
C SER E 52 -24.62 -35.86 14.80
N SER E 53 -25.42 -35.11 15.56
CA SER E 53 -25.57 -35.51 16.94
C SER E 53 -26.22 -36.89 16.98
N SER E 54 -26.20 -37.53 18.13
CA SER E 54 -26.60 -38.93 18.06
C SER E 54 -28.12 -39.11 18.13
N ASP E 55 -28.85 -38.09 18.56
CA ASP E 55 -30.29 -38.16 18.41
C ASP E 55 -30.69 -38.45 16.97
N LYS E 56 -29.89 -38.00 16.01
CA LYS E 56 -30.26 -38.11 14.60
C LYS E 56 -29.93 -39.47 13.98
N LEU E 57 -29.07 -40.24 14.62
CA LEU E 57 -28.69 -41.55 14.12
C LEU E 57 -29.54 -42.65 14.69
N SER E 58 -30.45 -42.35 15.61
CA SER E 58 -31.18 -43.38 16.31
C SER E 58 -32.27 -43.93 15.41
N ILE E 59 -32.52 -45.23 15.53
CA ILE E 59 -33.51 -45.93 14.72
C ILE E 59 -34.36 -46.77 15.65
N GLY E 60 -35.58 -47.04 15.19
CA GLY E 60 -36.56 -47.94 15.79
C GLY E 60 -36.77 -47.86 17.27
N ASP E 61 -37.10 -46.68 17.79
CA ASP E 61 -37.54 -46.44 19.19
C ASP E 61 -36.57 -47.03 20.25
N VAL E 62 -35.27 -46.88 20.01
CA VAL E 62 -34.21 -47.08 20.98
C VAL E 62 -33.34 -45.83 21.08
N PRO E 63 -33.36 -45.07 22.17
CA PRO E 63 -32.62 -43.81 22.23
C PRO E 63 -31.11 -44.00 22.11
N PHE E 64 -30.49 -43.14 21.30
CA PHE E 64 -29.04 -43.13 21.15
C PHE E 64 -28.51 -41.95 21.97
N ILE E 65 -27.96 -42.25 23.15
CA ILE E 65 -27.67 -41.24 24.16
C ILE E 65 -26.18 -41.24 24.43
N VAL E 66 -25.53 -40.09 24.35
CA VAL E 66 -24.09 -40.02 24.58
C VAL E 66 -23.76 -38.75 25.34
N GLU E 67 -22.65 -38.78 26.05
CA GLU E 67 -22.31 -37.59 26.82
C GLU E 67 -21.81 -36.46 25.93
N GLU E 68 -21.07 -36.76 24.88
CA GLU E 68 -20.53 -35.66 24.11
C GLU E 68 -21.56 -35.18 23.09
N SER E 69 -21.27 -34.10 22.39
CA SER E 69 -22.32 -33.52 21.57
C SER E 69 -22.49 -34.30 20.26
N LYS E 70 -21.38 -34.79 19.70
CA LYS E 70 -21.39 -35.70 18.58
C LYS E 70 -20.82 -37.06 18.96
N PRO E 71 -21.42 -38.17 18.56
CA PRO E 71 -20.87 -39.48 18.93
C PRO E 71 -19.70 -39.94 18.07
N ARG E 72 -18.90 -40.80 18.66
CA ARG E 72 -17.75 -41.42 18.00
C ARG E 72 -18.13 -42.76 17.39
N ARG E 73 -17.20 -43.31 16.60
CA ARG E 73 -17.51 -44.47 15.78
C ARG E 73 -17.93 -45.65 16.64
N ASN E 74 -17.12 -45.97 17.66
CA ASN E 74 -17.39 -47.17 18.44
C ASN E 74 -18.65 -47.06 19.28
N GLN E 75 -19.06 -45.84 19.64
CA GLN E 75 -20.32 -45.66 20.32
C GLN E 75 -21.51 -46.07 19.45
N ALA E 76 -21.46 -45.76 18.14
CA ALA E 76 -22.54 -46.16 17.26
C ALA E 76 -22.55 -47.67 17.06
N LEU E 77 -21.38 -48.27 16.97
CA LEU E 77 -21.34 -49.72 16.92
C LEU E 77 -22.06 -50.31 18.12
N VAL E 78 -21.74 -49.82 19.33
CA VAL E 78 -22.38 -50.36 20.53
C VAL E 78 -23.89 -50.17 20.47
N TYR E 79 -24.32 -48.98 20.02
CA TYR E 79 -25.74 -48.65 19.97
C TYR E 79 -26.47 -49.50 18.92
N TYR E 80 -25.96 -49.55 17.69
CA TYR E 80 -26.73 -50.26 16.68
C TYR E 80 -26.86 -51.74 17.01
N ARG E 81 -25.87 -52.32 17.70
CA ARG E 81 -26.05 -53.69 18.20
C ARG E 81 -27.20 -53.74 19.17
N GLU E 82 -27.38 -52.70 19.98
CA GLU E 82 -28.48 -52.70 20.93
C GLU E 82 -29.81 -52.69 20.21
N VAL E 83 -29.86 -52.05 19.05
CA VAL E 83 -31.08 -52.00 18.25
C VAL E 83 -31.48 -53.40 17.81
N VAL E 84 -30.52 -54.19 17.36
CA VAL E 84 -30.82 -55.55 16.93
C VAL E 84 -31.31 -56.39 18.12
N LYS E 85 -30.59 -56.33 19.24
CA LYS E 85 -31.00 -57.07 20.42
C LYS E 85 -32.41 -56.68 20.79
N HIS E 86 -32.67 -55.38 20.90
CA HIS E 86 -33.97 -54.97 21.42
C HIS E 86 -35.12 -55.35 20.50
N HIS E 87 -34.90 -55.32 19.18
CA HIS E 87 -35.96 -55.63 18.22
C HIS E 87 -35.99 -57.07 17.76
N GLN E 88 -35.09 -57.92 18.26
CA GLN E 88 -35.10 -59.34 17.90
C GLN E 88 -35.05 -59.51 16.39
N LEU E 89 -34.07 -58.84 15.76
CA LEU E 89 -33.90 -58.89 14.32
C LEU E 89 -33.14 -60.13 13.90
N LYS E 90 -33.60 -60.77 12.83
CA LYS E 90 -32.90 -61.89 12.25
C LYS E 90 -31.81 -61.34 11.34
N VAL E 91 -30.55 -61.63 11.64
CA VAL E 91 -29.45 -61.19 10.79
C VAL E 91 -28.62 -62.40 10.39
N ASN E 92 -28.47 -62.64 9.10
CA ASN E 92 -27.57 -63.68 8.61
C ASN E 92 -26.27 -62.96 8.26
N ALA E 93 -25.27 -63.12 9.10
CA ALA E 93 -24.03 -62.40 8.95
C ALA E 93 -23.05 -63.18 8.09
N PHE E 94 -22.06 -62.48 7.57
CA PHE E 94 -21.00 -63.07 6.76
C PHE E 94 -21.58 -63.93 5.65
N GLU E 95 -22.44 -63.32 4.84
CA GLU E 95 -23.19 -64.04 3.83
C GLU E 95 -23.51 -63.06 2.72
N GLU E 96 -22.74 -63.11 1.64
CA GLU E 96 -22.89 -62.14 0.56
C GLU E 96 -23.98 -62.60 -0.40
N VAL E 97 -24.93 -61.72 -0.69
CA VAL E 97 -25.91 -62.00 -1.73
C VAL E 97 -25.23 -61.80 -3.08
N LEU E 98 -25.31 -62.83 -3.93
CA LEU E 98 -24.62 -62.80 -5.23
C LEU E 98 -25.55 -62.63 -6.42
N THR E 99 -26.79 -63.06 -6.33
CA THR E 99 -27.61 -63.18 -7.52
C THR E 99 -29.07 -63.04 -7.10
N VAL E 100 -29.83 -62.25 -7.85
CA VAL E 100 -31.26 -62.12 -7.62
C VAL E 100 -31.97 -62.38 -8.94
N LYS E 101 -32.93 -63.29 -8.94
CA LYS E 101 -33.71 -63.57 -10.14
C LYS E 101 -35.19 -63.71 -9.78
N LYS E 102 -36.05 -63.17 -10.63
CA LYS E 102 -37.49 -63.25 -10.45
C LYS E 102 -38.04 -64.48 -11.17
N MET E 103 -38.94 -65.19 -10.49
CA MET E 103 -39.58 -66.36 -11.05
C MET E 103 -40.99 -66.41 -10.49
N ASN E 104 -41.97 -66.66 -11.36
CA ASN E 104 -43.36 -66.47 -10.99
CA ASN E 104 -43.39 -66.41 -11.08
C ASN E 104 -43.50 -65.11 -10.29
N ASN E 105 -44.27 -65.05 -9.22
CA ASN E 105 -44.32 -63.80 -8.47
C ASN E 105 -43.52 -63.90 -7.16
N LYS E 106 -42.29 -64.44 -7.26
CA LYS E 106 -41.41 -64.63 -6.11
C LYS E 106 -39.96 -64.39 -6.53
N PHE E 107 -39.15 -64.03 -5.52
CA PHE E 107 -37.72 -63.76 -5.67
C PHE E 107 -36.90 -64.96 -5.22
N THR E 108 -35.82 -65.22 -5.95
CA THR E 108 -34.87 -66.27 -5.60
C THR E 108 -33.52 -65.63 -5.37
N ILE E 109 -33.03 -65.68 -4.14
CA ILE E 109 -31.80 -65.04 -3.73
C ILE E 109 -30.76 -66.13 -3.54
N THR E 110 -29.63 -65.99 -4.22
CA THR E 110 -28.52 -66.92 -4.07
C THR E 110 -27.39 -66.16 -3.41
N THR E 111 -26.92 -66.67 -2.27
CA THR E 111 -25.86 -66.06 -1.49
C THR E 111 -24.66 -66.99 -1.52
N THR E 112 -23.60 -66.58 -0.83
CA THR E 112 -22.41 -67.40 -0.64
C THR E 112 -22.62 -68.58 0.31
N LYS E 113 -23.84 -68.80 0.79
CA LYS E 113 -24.09 -69.87 1.77
C LYS E 113 -25.36 -70.67 1.56
N ASP E 114 -26.35 -70.17 0.85
CA ASP E 114 -27.63 -70.85 0.81
C ASP E 114 -28.48 -70.23 -0.29
N VAL E 115 -29.69 -70.74 -0.46
CA VAL E 115 -30.64 -70.20 -1.42
C VAL E 115 -31.93 -69.90 -0.68
N TYR E 116 -32.51 -68.74 -0.98
CA TYR E 116 -33.68 -68.22 -0.28
C TYR E 116 -34.74 -67.90 -1.32
N GLU E 117 -35.99 -67.89 -0.88
CA GLU E 117 -37.12 -67.55 -1.73
C GLU E 117 -38.05 -66.62 -0.96
N CYS E 118 -38.38 -65.48 -1.53
CA CYS E 118 -39.20 -64.53 -0.78
C CYS E 118 -40.13 -63.75 -1.69
N ARG E 119 -41.13 -63.13 -1.05
CA ARG E 119 -42.04 -62.27 -1.77
C ARG E 119 -41.46 -60.87 -1.93
N PHE E 120 -40.94 -60.30 -0.85
CA PHE E 120 -40.38 -58.95 -0.86
C PHE E 120 -38.85 -58.98 -0.76
N LEU E 121 -38.22 -58.10 -1.51
CA LEU E 121 -36.77 -57.92 -1.51
C LEU E 121 -36.48 -56.44 -1.32
N THR E 122 -35.51 -56.12 -0.45
CA THR E 122 -35.14 -54.74 -0.19
C THR E 122 -33.63 -54.61 -0.28
N ILE E 123 -33.16 -53.75 -1.17
CA ILE E 123 -31.74 -53.60 -1.42
C ILE E 123 -31.29 -52.35 -0.67
N ALA E 124 -30.64 -52.54 0.49
CA ALA E 124 -30.14 -51.42 1.27
C ALA E 124 -28.65 -51.60 1.44
N THR E 125 -27.95 -51.71 0.32
CA THR E 125 -26.54 -52.05 0.24
C THR E 125 -25.62 -50.85 0.31
N GLY E 126 -26.15 -49.64 0.41
CA GLY E 126 -25.35 -48.43 0.52
C GLY E 126 -24.30 -48.23 -0.56
N TYR E 127 -23.41 -47.24 -0.41
CA TYR E 127 -22.39 -47.02 -1.41
C TYR E 127 -20.97 -47.17 -0.87
N TYR E 128 -20.79 -47.51 0.39
CA TYR E 128 -19.46 -47.36 0.97
C TYR E 128 -18.51 -48.45 0.51
N GLY E 129 -19.03 -49.54 -0.08
CA GLY E 129 -18.23 -50.67 -0.50
C GLY E 129 -17.61 -50.63 -1.87
N GLN E 130 -17.95 -49.66 -2.72
CA GLN E 130 -17.44 -49.61 -4.09
C GLN E 130 -16.87 -48.21 -4.30
N HIS E 131 -15.55 -48.08 -4.28
CA HIS E 131 -14.91 -46.78 -4.42
C HIS E 131 -14.78 -46.38 -5.88
N ASN E 132 -14.89 -45.06 -6.11
CA ASN E 132 -14.70 -44.45 -7.43
C ASN E 132 -13.36 -44.83 -8.01
N THR E 133 -13.33 -45.00 -9.32
CA THR E 133 -12.09 -45.35 -9.98
C THR E 133 -11.19 -44.13 -10.09
N LEU E 134 -9.91 -44.32 -9.82
CA LEU E 134 -9.02 -43.16 -9.77
C LEU E 134 -8.73 -42.62 -11.17
N GLU E 135 -8.37 -43.48 -12.12
CA GLU E 135 -8.15 -43.08 -13.52
C GLU E 135 -6.90 -42.19 -13.70
N VAL E 136 -5.77 -42.67 -13.19
CA VAL E 136 -4.46 -42.15 -13.56
C VAL E 136 -3.52 -43.34 -13.67
N GLU E 137 -2.40 -43.13 -14.35
CA GLU E 137 -1.39 -44.16 -14.39
C GLU E 137 -0.81 -44.36 -12.99
N GLY E 138 -0.81 -45.61 -12.54
CA GLY E 138 -0.29 -45.97 -11.23
C GLY E 138 -1.36 -46.22 -10.20
N ALA E 139 -2.62 -45.94 -10.54
CA ALA E 139 -3.74 -46.01 -9.61
C ALA E 139 -3.94 -47.40 -9.05
N ASP E 140 -3.28 -48.40 -9.60
CA ASP E 140 -3.40 -49.77 -9.13
C ASP E 140 -2.22 -50.20 -8.27
N LEU E 141 -1.23 -49.33 -8.07
CA LEU E 141 -0.10 -49.63 -7.20
C LEU E 141 -0.61 -49.94 -5.79
N PRO E 142 0.08 -50.81 -5.04
CA PRO E 142 -0.39 -51.15 -3.68
C PRO E 142 -0.29 -50.01 -2.67
N LYS E 143 0.44 -48.93 -2.96
CA LYS E 143 0.54 -47.73 -2.14
C LYS E 143 -0.66 -46.78 -2.28
N VAL E 144 -1.69 -47.16 -3.03
CA VAL E 144 -2.84 -46.32 -3.29
C VAL E 144 -4.01 -46.91 -2.55
N PHE E 145 -4.57 -46.14 -1.62
CA PHE E 145 -5.71 -46.60 -0.84
C PHE E 145 -6.89 -45.70 -1.10
N HIS E 146 -8.07 -46.30 -1.05
CA HIS E 146 -9.32 -45.57 -1.15
C HIS E 146 -10.03 -45.52 0.21
N TYR E 147 -9.39 -46.02 1.25
CA TYR E 147 -9.94 -46.03 2.60
C TYR E 147 -8.89 -45.53 3.56
N PHE E 148 -9.34 -44.74 4.52
CA PHE E 148 -8.45 -44.29 5.57
C PHE E 148 -8.84 -45.00 6.86
N LYS E 149 -7.82 -45.51 7.58
CA LYS E 149 -8.07 -46.19 8.85
C LYS E 149 -7.41 -45.47 9.99
N GLU E 150 -6.08 -45.62 10.09
CA GLU E 150 -5.31 -44.96 11.12
C GLU E 150 -4.09 -44.28 10.53
N ALA E 151 -3.58 -43.30 11.25
CA ALA E 151 -2.53 -42.49 10.71
C ALA E 151 -1.18 -42.88 11.24
N HIS E 152 -1.11 -43.56 12.39
CA HIS E 152 0.21 -43.82 12.97
C HIS E 152 1.22 -44.39 11.99
N PRO E 153 0.92 -45.44 11.22
CA PRO E 153 1.99 -46.05 10.41
C PRO E 153 2.57 -45.12 9.37
N TYR E 154 1.91 -44.00 9.04
CA TYR E 154 2.41 -43.03 8.07
C TYR E 154 3.21 -41.91 8.73
N PHE E 155 3.58 -42.06 9.99
CA PHE E 155 4.51 -41.14 10.63
C PHE E 155 5.76 -41.01 9.77
N ASP E 156 6.13 -39.77 9.46
CA ASP E 156 7.34 -39.44 8.70
C ASP E 156 7.34 -39.97 7.26
N GLN E 157 6.16 -40.21 6.68
CA GLN E 157 5.99 -40.61 5.29
C GLN E 157 5.50 -39.46 4.43
N ASP E 158 5.84 -39.51 3.16
CA ASP E 158 5.35 -38.50 2.23
C ASP E 158 4.00 -39.02 1.73
N VAL E 159 2.95 -38.32 2.10
CA VAL E 159 1.61 -38.78 1.80
C VAL E 159 0.98 -37.75 0.89
N VAL E 160 0.18 -38.21 -0.06
CA VAL E 160 -0.58 -37.37 -0.97
C VAL E 160 -2.04 -37.74 -0.77
N ILE E 161 -2.90 -36.74 -0.64
CA ILE E 161 -4.32 -36.98 -0.51
C ILE E 161 -4.99 -36.41 -1.73
N ILE E 162 -5.70 -37.26 -2.47
CA ILE E 162 -6.49 -36.85 -3.61
C ILE E 162 -7.91 -36.74 -3.12
N GLY E 163 -8.49 -35.57 -3.33
CA GLY E 163 -9.83 -35.27 -2.86
C GLY E 163 -9.84 -33.98 -2.10
N GLY E 164 -11.04 -33.51 -1.83
CA GLY E 164 -11.22 -32.17 -1.30
C GLY E 164 -12.31 -32.10 -0.25
N LYS E 165 -13.09 -33.18 -0.09
CA LYS E 165 -14.21 -33.18 0.82
C LYS E 165 -13.80 -33.65 2.21
N ASN E 166 -14.80 -33.95 3.05
CA ASN E 166 -14.54 -34.19 4.46
C ASN E 166 -13.57 -35.34 4.65
N SER E 167 -13.71 -36.36 3.79
CA SER E 167 -12.80 -37.49 3.85
C SER E 167 -11.38 -37.05 3.64
N ALA E 168 -11.15 -36.18 2.66
CA ALA E 168 -9.81 -35.69 2.46
C ALA E 168 -9.37 -34.85 3.64
N ILE E 169 -10.26 -33.97 4.10
CA ILE E 169 -9.88 -33.05 5.18
C ILE E 169 -9.75 -33.78 6.51
N ASP E 170 -10.65 -34.72 6.81
CA ASP E 170 -10.47 -35.55 7.99
C ASP E 170 -9.13 -36.28 7.95
N ALA E 171 -8.89 -37.04 6.87
CA ALA E 171 -7.67 -37.84 6.82
C ALA E 171 -6.45 -36.97 6.96
N ALA E 172 -6.51 -35.74 6.43
CA ALA E 172 -5.36 -34.84 6.46
C ALA E 172 -5.04 -34.40 7.88
N LEU E 173 -6.08 -34.04 8.64
CA LEU E 173 -5.86 -33.65 10.02
C LEU E 173 -5.22 -34.80 10.78
N GLU E 174 -5.76 -36.00 10.60
CA GLU E 174 -5.24 -37.17 11.31
C GLU E 174 -3.81 -37.51 10.88
N LEU E 175 -3.52 -37.41 9.59
CA LEU E 175 -2.16 -37.72 9.14
C LEU E 175 -1.15 -36.67 9.57
N GLU E 176 -1.56 -35.39 9.64
CA GLU E 176 -0.66 -34.35 10.15
C GLU E 176 -0.44 -34.54 11.64
N LYS E 177 -1.50 -34.88 12.38
CA LYS E 177 -1.34 -35.12 13.81
C LYS E 177 -0.37 -36.27 14.07
N ALA E 178 -0.31 -37.25 13.18
CA ALA E 178 0.55 -38.41 13.38
C ALA E 178 1.92 -38.25 12.73
N GLY E 179 2.27 -37.06 12.27
CA GLY E 179 3.60 -36.82 11.77
C GLY E 179 3.81 -37.13 10.31
N ALA E 180 2.73 -37.35 9.55
CA ALA E 180 2.96 -37.47 8.12
C ALA E 180 3.16 -36.09 7.51
N ASN E 181 3.83 -36.07 6.38
CA ASN E 181 4.00 -34.87 5.57
C ASN E 181 2.94 -34.91 4.50
N VAL E 182 1.92 -34.09 4.65
CA VAL E 182 0.67 -34.24 3.90
C VAL E 182 0.61 -33.19 2.79
N THR E 183 0.27 -33.65 1.59
CA THR E 183 -0.07 -32.78 0.46
C THR E 183 -1.44 -33.19 -0.05
N VAL E 184 -2.40 -32.26 0.01
CA VAL E 184 -3.73 -32.49 -0.53
C VAL E 184 -3.81 -31.89 -1.92
N LEU E 185 -4.21 -32.70 -2.91
CA LEU E 185 -4.37 -32.26 -4.29
C LEU E 185 -5.85 -32.31 -4.59
N TYR E 186 -6.47 -31.16 -4.80
CA TYR E 186 -7.90 -31.04 -5.00
C TYR E 186 -8.11 -30.41 -6.35
N ARG E 187 -9.10 -30.90 -7.11
CA ARG E 187 -9.27 -30.43 -8.47
C ARG E 187 -9.99 -29.08 -8.52
N GLY E 188 -10.86 -28.81 -7.56
CA GLY E 188 -11.61 -27.56 -7.55
C GLY E 188 -10.74 -26.32 -7.41
N GLY E 189 -11.43 -25.17 -7.49
CA GLY E 189 -10.83 -23.84 -7.45
C GLY E 189 -10.77 -23.28 -6.03
N ASP E 190 -11.70 -23.71 -5.17
CA ASP E 190 -11.85 -23.25 -3.80
C ASP E 190 -12.28 -24.43 -2.94
N TYR E 191 -12.37 -24.21 -1.62
CA TYR E 191 -12.82 -25.26 -0.71
C TYR E 191 -14.25 -25.68 -1.00
N SER E 192 -14.49 -26.98 -0.95
CA SER E 192 -15.85 -27.47 -1.15
C SER E 192 -16.78 -26.93 -0.06
N PRO E 193 -17.99 -26.49 -0.43
CA PRO E 193 -18.96 -26.08 0.61
C PRO E 193 -19.39 -27.22 1.52
N SER E 194 -19.06 -28.45 1.18
CA SER E 194 -19.54 -29.61 1.92
C SER E 194 -18.68 -29.92 3.15
N ILE E 195 -17.49 -29.32 3.25
CA ILE E 195 -16.68 -29.42 4.46
C ILE E 195 -17.45 -28.81 5.61
N LYS E 196 -17.49 -29.52 6.73
CA LYS E 196 -18.27 -29.04 7.86
C LYS E 196 -17.61 -27.78 8.39
N PRO E 197 -18.39 -26.75 8.72
CA PRO E 197 -17.81 -25.44 9.00
C PRO E 197 -16.97 -25.42 10.27
N TRP E 198 -17.11 -26.42 11.14
CA TRP E 198 -16.31 -26.53 12.37
C TRP E 198 -15.08 -27.40 12.18
N ILE E 199 -14.87 -27.96 11.01
CA ILE E 199 -13.69 -28.74 10.73
C ILE E 199 -12.69 -27.93 9.93
N LEU E 200 -13.17 -27.25 8.89
CA LEU E 200 -12.33 -26.40 8.04
C LEU E 200 -11.33 -25.50 8.76
N PRO E 201 -11.68 -24.75 9.82
CA PRO E 201 -10.70 -23.87 10.42
C PRO E 201 -9.53 -24.60 11.00
N ASN E 202 -9.71 -25.82 11.50
CA ASN E 202 -8.57 -26.58 12.00
C ASN E 202 -7.63 -26.94 10.87
N PHE E 203 -8.19 -27.21 9.67
CA PHE E 203 -7.36 -27.53 8.50
C PHE E 203 -6.64 -26.28 8.02
N THR E 204 -7.37 -25.18 7.90
CA THR E 204 -6.85 -23.93 7.36
C THR E 204 -5.68 -23.40 8.20
N ALA E 205 -5.83 -23.44 9.52
CA ALA E 205 -4.73 -23.02 10.39
C ALA E 205 -3.47 -23.83 10.10
N LEU E 206 -3.62 -25.13 9.90
CA LEU E 206 -2.46 -25.97 9.67
C LEU E 206 -1.83 -25.64 8.33
N VAL E 207 -2.64 -25.39 7.31
CA VAL E 207 -2.11 -24.98 6.01
C VAL E 207 -1.39 -23.66 6.13
N ASN E 208 -2.02 -22.70 6.79
CA ASN E 208 -1.40 -21.38 6.86
C ASN E 208 -0.16 -21.41 7.70
N HIS E 209 -0.06 -22.32 8.66
CA HIS E 209 1.18 -22.41 9.39
C HIS E 209 2.16 -23.32 8.71
N GLU E 210 1.89 -23.68 7.45
CA GLU E 210 2.79 -24.48 6.63
C GLU E 210 3.05 -25.89 7.22
N LYS E 211 2.01 -26.49 7.82
CA LYS E 211 2.07 -27.86 8.33
C LYS E 211 1.43 -28.88 7.38
N ILE E 212 0.54 -28.44 6.49
CA ILE E 212 -0.01 -29.26 5.40
C ILE E 212 0.07 -28.41 4.13
N ASP E 213 0.50 -29.01 3.02
CA ASP E 213 0.50 -28.29 1.74
C ASP E 213 -0.83 -28.53 1.05
N MET E 214 -1.52 -27.44 0.67
CA MET E 214 -2.78 -27.52 -0.06
C MET E 214 -2.60 -26.90 -1.44
N GLU E 215 -2.89 -27.68 -2.49
CA GLU E 215 -2.83 -27.21 -3.87
C GLU E 215 -4.23 -27.32 -4.47
N PHE E 216 -4.76 -26.20 -4.95
CA PHE E 216 -6.04 -26.19 -5.64
C PHE E 216 -5.84 -26.33 -7.13
N ASN E 217 -6.93 -26.65 -7.83
CA ASN E 217 -6.87 -26.86 -9.28
C ASN E 217 -5.77 -27.85 -9.65
N ALA E 218 -5.64 -28.91 -8.84
CA ALA E 218 -4.58 -29.89 -9.01
C ALA E 218 -5.21 -31.18 -9.49
N ASN E 219 -4.76 -31.64 -10.66
CA ASN E 219 -5.23 -32.88 -11.24
C ASN E 219 -4.04 -33.79 -11.36
N VAL E 220 -4.18 -35.00 -10.85
CA VAL E 220 -3.06 -35.94 -10.78
C VAL E 220 -2.89 -36.61 -12.14
N THR E 221 -1.66 -36.65 -12.64
CA THR E 221 -1.39 -37.25 -13.94
C THR E 221 -0.64 -38.57 -13.87
N GLN E 222 0.27 -38.75 -12.91
CA GLN E 222 0.98 -40.03 -12.81
C GLN E 222 1.31 -40.36 -11.35
N ILE E 223 1.27 -41.66 -11.03
CA ILE E 223 1.71 -42.20 -9.75
C ILE E 223 2.68 -43.33 -10.02
N THR E 224 3.93 -43.17 -9.58
CA THR E 224 4.94 -44.21 -9.59
C THR E 224 5.20 -44.74 -8.18
N GLU E 225 6.17 -45.67 -8.08
CA GLU E 225 6.53 -46.24 -6.78
C GLU E 225 7.07 -45.20 -5.81
N ASP E 226 7.66 -44.11 -6.31
CA ASP E 226 8.23 -43.15 -5.36
C ASP E 226 7.99 -41.69 -5.71
N THR E 227 7.12 -41.38 -6.67
CA THR E 227 6.73 -40.00 -6.96
C THR E 227 5.24 -39.92 -7.28
N VAL E 228 4.71 -38.70 -7.22
CA VAL E 228 3.39 -38.37 -7.76
C VAL E 228 3.58 -37.15 -8.64
N THR E 229 2.90 -37.15 -9.78
CA THR E 229 2.98 -36.04 -10.75
C THR E 229 1.59 -35.47 -10.96
N TYR E 230 1.46 -34.16 -10.77
CA TYR E 230 0.17 -33.53 -10.89
C TYR E 230 0.32 -32.21 -11.65
N GLU E 231 -0.79 -31.73 -12.20
CA GLU E 231 -0.84 -30.47 -12.93
C GLU E 231 -1.71 -29.43 -12.24
N VAL E 232 -1.24 -28.19 -12.24
CA VAL E 232 -1.99 -27.07 -11.69
C VAL E 232 -2.14 -26.07 -12.82
N ASN E 233 -3.36 -25.95 -13.35
CA ASN E 233 -3.65 -25.09 -14.49
C ASN E 233 -2.67 -25.32 -15.64
N GLY E 234 -2.33 -26.59 -15.88
CA GLY E 234 -1.33 -26.91 -16.88
C GLY E 234 0.11 -27.08 -16.44
N GLU E 235 0.64 -26.33 -15.47
CA GLU E 235 2.02 -26.55 -15.05
C GLU E 235 2.14 -27.89 -14.31
N SER E 236 3.03 -28.74 -14.79
CA SER E 236 3.18 -30.05 -14.18
C SER E 236 4.24 -29.97 -13.10
N LYS E 237 4.00 -30.67 -12.00
CA LYS E 237 4.92 -30.79 -10.88
C LYS E 237 5.01 -32.25 -10.50
N THR E 238 6.18 -32.65 -10.02
CA THR E 238 6.43 -34.00 -9.57
C THR E 238 7.12 -33.96 -8.22
N ILE E 239 6.55 -34.67 -7.25
CA ILE E 239 7.03 -34.64 -5.87
C ILE E 239 7.28 -36.07 -5.40
N HIS E 240 8.22 -36.23 -4.48
CA HIS E 240 8.45 -37.54 -3.87
C HIS E 240 7.21 -37.95 -3.08
N ASN E 241 6.89 -39.24 -3.13
CA ASN E 241 5.66 -39.74 -2.53
C ASN E 241 5.76 -41.19 -2.10
N ASP E 242 5.28 -41.49 -0.89
CA ASP E 242 5.31 -42.85 -0.36
C ASP E 242 3.95 -43.55 -0.43
N TYR E 243 2.87 -42.82 -0.22
CA TYR E 243 1.54 -43.39 -0.18
C TYR E 243 0.55 -42.38 -0.71
N VAL E 244 -0.55 -42.87 -1.25
CA VAL E 244 -1.57 -42.05 -1.88
C VAL E 244 -2.93 -42.44 -1.31
N PHE E 245 -3.66 -41.46 -0.81
CA PHE E 245 -5.01 -41.69 -0.29
C PHE E 245 -5.99 -41.07 -1.28
N ALA E 246 -6.67 -41.92 -2.05
CA ALA E 246 -7.65 -41.46 -3.04
C ALA E 246 -8.99 -41.28 -2.34
N MET E 247 -9.20 -40.11 -1.76
CA MET E 247 -10.47 -39.80 -1.12
C MET E 247 -11.42 -39.12 -2.12
N ILE E 248 -11.76 -39.88 -3.15
CA ILE E 248 -12.51 -39.34 -4.28
C ILE E 248 -13.93 -39.90 -4.33
N GLY E 249 -14.43 -40.42 -3.22
CA GLY E 249 -15.82 -40.82 -3.14
C GLY E 249 -16.09 -42.28 -3.51
N TYR E 250 -17.38 -42.61 -3.43
CA TYR E 250 -17.92 -43.96 -3.57
C TYR E 250 -19.23 -43.85 -4.34
N HIS E 251 -19.78 -45.01 -4.68
CA HIS E 251 -21.02 -45.08 -5.46
C HIS E 251 -21.67 -46.44 -5.22
N PRO E 252 -22.98 -46.54 -5.41
CA PRO E 252 -23.65 -47.84 -5.26
C PRO E 252 -23.13 -48.86 -6.26
N ASP E 253 -23.36 -50.15 -5.94
CA ASP E 253 -23.01 -51.24 -6.85
C ASP E 253 -23.98 -51.28 -8.01
N TYR E 254 -23.69 -50.57 -9.11
CA TYR E 254 -24.68 -50.51 -10.17
C TYR E 254 -24.74 -51.80 -10.98
N GLU E 255 -23.59 -52.46 -11.18
CA GLU E 255 -23.54 -53.79 -11.79
C GLU E 255 -24.49 -54.75 -11.07
N PHE E 256 -24.38 -54.86 -9.74
CA PHE E 256 -25.31 -55.69 -8.98
C PHE E 256 -26.75 -55.20 -9.15
N LEU E 257 -26.93 -53.88 -9.20
CA LEU E 257 -28.27 -53.34 -9.33
C LEU E 257 -28.86 -53.73 -10.67
N LYS E 258 -28.05 -53.69 -11.73
CA LYS E 258 -28.51 -54.06 -13.05
C LYS E 258 -28.85 -55.55 -13.11
N SER E 259 -28.03 -56.38 -12.47
CA SER E 259 -28.23 -57.83 -12.54
C SER E 259 -29.56 -58.27 -11.94
N VAL E 260 -30.28 -57.42 -11.20
CA VAL E 260 -31.64 -57.76 -10.78
C VAL E 260 -32.68 -57.13 -11.68
N GLY E 261 -32.29 -56.27 -12.61
CA GLY E 261 -33.23 -55.67 -13.51
C GLY E 261 -33.69 -54.28 -13.14
N ILE E 262 -32.96 -53.57 -12.32
CA ILE E 262 -33.38 -52.22 -11.94
C ILE E 262 -32.79 -51.24 -12.93
N GLN E 263 -33.59 -50.26 -13.28
CA GLN E 263 -33.19 -49.25 -14.23
C GLN E 263 -32.44 -48.16 -13.48
N ILE E 264 -31.22 -47.85 -13.91
CA ILE E 264 -30.53 -46.69 -13.39
C ILE E 264 -30.74 -45.54 -14.38
N ASN E 265 -30.45 -44.31 -13.94
CA ASN E 265 -30.89 -43.11 -14.65
C ASN E 265 -29.77 -42.09 -14.61
N THR E 266 -29.07 -41.95 -15.74
CA THR E 266 -28.00 -40.98 -15.86
C THR E 266 -28.58 -39.57 -16.06
N ASN E 267 -27.69 -38.61 -16.35
CA ASN E 267 -28.00 -37.19 -16.58
C ASN E 267 -28.76 -36.57 -15.39
N GLU E 268 -29.60 -35.56 -15.65
CA GLU E 268 -30.46 -34.89 -14.65
C GLU E 268 -29.67 -34.36 -13.45
N PHE E 269 -29.85 -35.00 -12.28
CA PHE E 269 -29.13 -34.66 -11.05
C PHE E 269 -28.09 -35.71 -10.72
N GLY E 270 -27.92 -36.71 -11.56
CA GLY E 270 -26.97 -37.79 -11.39
C GLY E 270 -27.60 -39.14 -11.59
N THR E 271 -26.79 -40.17 -11.32
CA THR E 271 -27.16 -41.57 -11.48
C THR E 271 -27.89 -42.13 -10.26
N ALA E 272 -29.19 -42.41 -10.40
CA ALA E 272 -29.98 -42.99 -9.34
C ALA E 272 -30.77 -44.19 -9.85
N PRO E 273 -31.23 -45.06 -8.95
CA PRO E 273 -32.17 -46.10 -9.37
C PRO E 273 -33.53 -45.52 -9.69
N MET E 274 -34.30 -46.27 -10.48
CA MET E 274 -35.71 -45.94 -10.71
C MET E 274 -36.51 -46.36 -9.49
N TYR E 275 -37.22 -45.42 -8.87
CA TYR E 275 -38.04 -45.83 -7.75
C TYR E 275 -39.17 -44.83 -7.54
N ASN E 276 -40.28 -45.34 -7.02
CA ASN E 276 -41.47 -44.54 -6.75
C ASN E 276 -41.27 -43.67 -5.52
N LYS E 277 -40.79 -42.44 -5.71
CA LYS E 277 -40.64 -41.47 -4.62
C LYS E 277 -41.57 -41.62 -3.41
N GLU E 278 -42.77 -42.15 -3.57
CA GLU E 278 -43.69 -42.32 -2.45
C GLU E 278 -43.71 -43.72 -1.84
N THR E 279 -43.13 -44.72 -2.51
CA THR E 279 -43.04 -46.05 -1.92
C THR E 279 -41.63 -46.60 -1.90
N TYR E 280 -40.70 -46.04 -2.67
CA TYR E 280 -39.33 -46.53 -2.78
C TYR E 280 -39.29 -47.87 -3.50
N GLU E 281 -40.37 -48.21 -4.21
CA GLU E 281 -40.44 -49.41 -5.01
C GLU E 281 -39.77 -49.18 -6.37
N THR E 282 -39.01 -50.19 -6.83
CA THR E 282 -38.24 -50.02 -8.07
C THR E 282 -39.11 -50.40 -9.27
N ASN E 283 -38.51 -50.38 -10.47
CA ASN E 283 -39.26 -50.80 -11.65
C ASN E 283 -39.60 -52.29 -11.57
N ILE E 284 -38.78 -53.06 -10.87
CA ILE E 284 -39.06 -54.47 -10.64
C ILE E 284 -40.14 -54.58 -9.55
N GLU E 285 -41.29 -55.13 -9.90
CA GLU E 285 -42.39 -55.23 -8.93
C GLU E 285 -41.96 -55.97 -7.67
N ASN E 286 -42.30 -55.42 -6.51
CA ASN E 286 -42.01 -55.96 -5.19
C ASN E 286 -40.56 -55.86 -4.76
N CYS E 287 -39.73 -55.05 -5.43
CA CYS E 287 -38.33 -54.83 -5.06
C CYS E 287 -38.13 -53.35 -4.70
N TYR E 288 -37.81 -53.09 -3.43
CA TYR E 288 -37.63 -51.73 -2.92
C TYR E 288 -36.16 -51.43 -2.65
N ILE E 289 -35.84 -50.15 -2.49
CA ILE E 289 -34.51 -49.73 -2.04
C ILE E 289 -34.65 -48.83 -0.83
N ALA E 290 -33.58 -48.77 -0.03
CA ALA E 290 -33.50 -47.94 1.17
C ALA E 290 -32.07 -47.46 1.34
N GLY E 291 -31.92 -46.29 1.93
CA GLY E 291 -30.59 -45.81 2.25
C GLY E 291 -29.98 -44.94 1.16
N VAL E 292 -28.67 -44.74 1.28
CA VAL E 292 -27.98 -43.85 0.36
C VAL E 292 -27.99 -44.37 -1.06
N ILE E 293 -28.44 -45.62 -1.25
CA ILE E 293 -28.50 -46.19 -2.59
C ILE E 293 -29.45 -45.38 -3.48
N ALA E 294 -30.45 -44.71 -2.87
CA ALA E 294 -31.45 -43.91 -3.58
C ALA E 294 -30.95 -42.54 -4.06
N ALA E 295 -29.70 -42.17 -3.77
CA ALA E 295 -29.23 -40.83 -4.10
C ALA E 295 -28.83 -40.73 -5.56
N GLY E 296 -29.22 -39.61 -6.17
CA GLY E 296 -28.95 -39.33 -7.57
C GLY E 296 -30.04 -38.55 -8.27
N ASN E 297 -31.29 -38.76 -7.87
CA ASN E 297 -32.39 -37.96 -8.41
C ASN E 297 -32.57 -36.79 -7.45
N ASP E 298 -33.77 -36.22 -7.39
CA ASP E 298 -34.09 -35.21 -6.38
C ASP E 298 -33.00 -34.15 -6.25
N ALA E 299 -32.74 -33.69 -5.03
CA ALA E 299 -31.73 -32.67 -4.79
C ALA E 299 -31.38 -32.60 -3.30
N ASN E 300 -31.52 -33.74 -2.62
CA ASN E 300 -31.21 -33.86 -1.19
C ASN E 300 -30.13 -34.92 -1.00
N THR E 301 -29.03 -34.56 -0.34
CA THR E 301 -28.11 -35.61 0.04
C THR E 301 -28.82 -36.51 1.05
N ILE E 302 -28.41 -37.77 1.09
CA ILE E 302 -29.07 -38.78 1.91
C ILE E 302 -28.03 -39.33 2.89
N PHE E 303 -28.18 -38.97 4.15
CA PHE E 303 -27.37 -39.61 5.16
C PHE E 303 -28.27 -40.45 6.06
N ILE E 304 -27.76 -40.85 7.23
CA ILE E 304 -28.55 -41.70 8.07
C ILE E 304 -29.76 -40.96 8.57
N GLU E 305 -29.64 -39.64 8.75
CA GLU E 305 -30.69 -38.86 9.40
C GLU E 305 -32.03 -39.03 8.70
N ASN E 306 -32.07 -38.70 7.42
CA ASN E 306 -33.28 -38.87 6.61
C ASN E 306 -33.38 -40.25 5.98
N GLY E 307 -32.25 -40.88 5.64
CA GLY E 307 -32.30 -42.21 5.07
C GLY E 307 -32.97 -43.27 5.95
N LYS E 308 -32.91 -43.12 7.27
CA LYS E 308 -33.59 -44.09 8.12
C LYS E 308 -35.10 -44.02 8.01
N PHE E 309 -35.67 -43.08 7.25
CA PHE E 309 -37.12 -42.97 7.15
C PHE E 309 -37.69 -43.77 5.99
N HIS E 310 -36.85 -44.21 5.05
CA HIS E 310 -37.32 -45.04 3.94
C HIS E 310 -38.10 -46.24 4.45
N GLY E 311 -37.54 -46.93 5.45
CA GLY E 311 -38.19 -48.10 6.00
C GLY E 311 -39.66 -47.90 6.29
N GLY E 312 -40.01 -46.82 6.98
CA GLY E 312 -41.41 -46.57 7.28
C GLY E 312 -42.27 -46.46 6.03
N ILE E 313 -41.76 -45.78 5.00
CA ILE E 313 -42.47 -45.68 3.73
C ILE E 313 -42.62 -47.05 3.09
N ILE E 314 -41.53 -47.83 3.07
CA ILE E 314 -41.53 -49.18 2.49
C ILE E 314 -42.50 -50.09 3.23
N ALA E 315 -42.57 -49.96 4.55
CA ALA E 315 -43.45 -50.82 5.33
C ALA E 315 -44.91 -50.61 4.93
N GLN E 316 -45.35 -49.35 4.79
CA GLN E 316 -46.74 -49.09 4.39
C GLN E 316 -47.01 -49.65 3.00
N SER E 317 -46.08 -49.42 2.07
CA SER E 317 -46.25 -49.91 0.71
C SER E 317 -46.30 -51.43 0.66
N MET E 318 -45.46 -52.10 1.45
CA MET E 318 -45.54 -53.56 1.51
C MET E 318 -46.84 -54.00 2.16
N LEU E 319 -47.28 -53.29 3.19
CA LEU E 319 -48.56 -53.58 3.84
C LEU E 319 -49.76 -53.28 2.94
N ALA E 320 -49.66 -52.24 2.09
CA ALA E 320 -50.75 -51.93 1.18
C ALA E 320 -51.00 -53.10 0.24
N LYS E 321 -49.95 -53.76 -0.19
CA LYS E 321 -50.11 -54.96 -0.99
C LYS E 321 -50.73 -56.11 -0.20
N LYS E 322 -50.99 -55.96 1.10
CA LYS E 322 -51.90 -56.86 1.83
C LYS E 322 -51.33 -58.28 1.82
N GLN E 323 -52.27 -59.24 1.86
CA GLN E 323 -52.04 -60.70 1.94
C GLN E 323 -51.03 -61.11 3.01
N MET F 1 11.12 -15.01 60.76
CA MET F 1 10.26 -15.10 59.58
C MET F 1 10.77 -16.12 58.55
N GLN F 2 10.81 -15.75 57.27
CA GLN F 2 11.45 -16.57 56.24
C GLN F 2 12.25 -15.69 55.28
N LYS F 3 13.45 -16.14 54.92
CA LYS F 3 14.31 -15.38 54.03
C LYS F 3 14.71 -16.25 52.84
N VAL F 4 14.30 -15.83 51.65
CA VAL F 4 14.60 -16.51 50.38
C VAL F 4 15.15 -15.49 49.39
N GLU F 5 16.00 -15.95 48.48
CA GLU F 5 16.53 -15.01 47.50
C GLU F 5 15.42 -14.37 46.67
N SER F 6 14.59 -15.19 45.99
CA SER F 6 13.52 -14.68 45.14
C SER F 6 12.18 -15.30 45.49
N ILE F 7 11.13 -14.49 45.43
CA ILE F 7 9.76 -14.95 45.67
C ILE F 7 8.90 -14.66 44.45
N ILE F 8 8.00 -15.58 44.15
CA ILE F 8 7.03 -15.43 43.08
C ILE F 8 5.64 -15.61 43.66
N ILE F 9 4.77 -14.61 43.48
CA ILE F 9 3.38 -14.73 43.88
C ILE F 9 2.60 -15.24 42.68
N GLY F 10 1.99 -16.40 42.83
CA GLY F 10 1.24 -17.00 41.74
C GLY F 10 1.90 -18.24 41.17
N GLY F 11 1.19 -19.36 41.23
CA GLY F 11 1.66 -20.61 40.70
C GLY F 11 0.85 -21.05 39.52
N GLY F 12 0.35 -20.09 38.74
CA GLY F 12 -0.23 -20.41 37.47
C GLY F 12 0.84 -20.76 36.46
N PRO F 13 0.42 -21.01 35.22
CA PRO F 13 1.39 -21.42 34.20
C PRO F 13 2.49 -20.40 34.00
N CYS F 14 2.19 -19.12 34.08
CA CYS F 14 3.25 -18.14 33.84
C CYS F 14 4.12 -17.94 35.06
N GLY F 15 3.55 -18.02 36.27
CA GLY F 15 4.37 -17.98 37.46
C GLY F 15 5.32 -19.15 37.53
N LEU F 16 4.80 -20.38 37.32
CA LEU F 16 5.63 -21.58 37.28
C LEU F 16 6.72 -21.45 36.22
N SER F 17 6.37 -20.87 35.09
CA SER F 17 7.39 -20.66 34.07
C SER F 17 8.50 -19.77 34.63
N ALA F 18 8.15 -18.79 35.47
CA ALA F 18 9.11 -17.87 36.05
C ALA F 18 10.09 -18.58 36.99
N ALA F 19 9.58 -19.44 37.86
CA ALA F 19 10.47 -20.12 38.82
C ALA F 19 11.49 -21.02 38.10
N ILE F 20 11.04 -21.80 37.12
CA ILE F 20 11.94 -22.67 36.36
C ILE F 20 13.06 -21.84 35.73
N GLU F 21 12.68 -20.75 35.08
CA GLU F 21 13.69 -19.95 34.42
C GLU F 21 14.62 -19.28 35.42
N GLN F 22 14.07 -18.79 36.53
CA GLN F 22 14.95 -18.24 37.55
C GLN F 22 15.86 -19.32 38.10
N LYS F 23 15.32 -20.52 38.33
CA LYS F 23 16.14 -21.62 38.82
C LYS F 23 17.22 -22.01 37.80
N ARG F 24 16.93 -21.91 36.51
CA ARG F 24 17.92 -22.23 35.49
C ARG F 24 19.16 -21.34 35.60
N LYS F 25 19.02 -20.12 36.14
CA LYS F 25 20.13 -19.21 36.34
C LYS F 25 20.65 -19.20 37.77
N GLY F 26 20.35 -20.24 38.54
CA GLY F 26 20.86 -20.37 39.89
C GLY F 26 20.30 -19.41 40.92
N ILE F 27 19.04 -19.04 40.79
CA ILE F 27 18.38 -18.13 41.72
C ILE F 27 17.39 -18.93 42.54
N ASP F 28 17.66 -19.09 43.84
CA ASP F 28 16.77 -19.85 44.70
CA ASP F 28 16.76 -19.86 44.70
C ASP F 28 15.42 -19.14 44.81
N THR F 29 14.37 -19.80 44.36
CA THR F 29 13.06 -19.17 44.33
C THR F 29 12.05 -19.93 45.16
N LEU F 30 11.00 -19.21 45.58
CA LEU F 30 9.88 -19.81 46.30
C LEU F 30 8.59 -19.19 45.75
N ILE F 31 7.64 -20.04 45.37
CA ILE F 31 6.34 -19.63 44.88
C ILE F 31 5.35 -19.65 46.04
N ILE F 32 4.60 -18.57 46.20
CA ILE F 32 3.53 -18.50 47.19
C ILE F 32 2.21 -18.52 46.44
N GLU F 33 1.36 -19.52 46.71
CA GLU F 33 0.15 -19.74 45.95
C GLU F 33 -1.08 -19.73 46.85
N LYS F 34 -2.05 -18.88 46.51
CA LYS F 34 -3.27 -18.76 47.32
C LYS F 34 -4.05 -20.07 47.34
N GLY F 35 -4.07 -20.81 46.23
CA GLY F 35 -4.67 -22.13 46.19
C GLY F 35 -3.62 -23.22 46.10
N ASN F 36 -3.70 -24.09 45.10
CA ASN F 36 -2.58 -24.95 44.71
C ASN F 36 -2.16 -24.59 43.30
N VAL F 37 -1.13 -25.28 42.79
CA VAL F 37 -0.57 -24.90 41.50
C VAL F 37 -1.63 -24.99 40.41
N VAL F 38 -1.51 -24.08 39.44
CA VAL F 38 -2.45 -23.79 38.34
C VAL F 38 -3.91 -23.79 38.79
N GLU F 39 -4.18 -23.05 39.89
CA GLU F 39 -5.55 -22.91 40.40
C GLU F 39 -6.53 -22.44 39.33
N SER F 40 -6.07 -21.54 38.45
CA SER F 40 -6.93 -21.03 37.39
C SER F 40 -7.45 -22.16 36.49
N ILE F 41 -6.53 -23.00 35.99
CA ILE F 41 -6.96 -24.15 35.20
C ILE F 41 -7.83 -25.08 36.06
N TYR F 42 -7.50 -25.22 37.34
CA TYR F 42 -8.30 -26.07 38.20
C TYR F 42 -9.75 -25.59 38.28
N ASN F 43 -9.99 -24.28 38.16
CA ASN F 43 -11.32 -23.67 38.25
C ASN F 43 -11.98 -23.46 36.90
N TYR F 44 -11.34 -23.85 35.80
CA TYR F 44 -12.02 -23.92 34.52
C TYR F 44 -13.25 -24.78 34.69
N PRO F 45 -14.24 -24.66 33.80
CA PRO F 45 -15.33 -25.63 33.83
C PRO F 45 -14.82 -27.06 33.68
N THR F 46 -15.54 -27.99 34.29
CA THR F 46 -15.07 -29.35 34.48
C THR F 46 -14.58 -29.99 33.19
N HIS F 47 -15.33 -29.82 32.11
CA HIS F 47 -15.12 -30.48 30.84
C HIS F 47 -14.43 -29.59 29.79
N GLN F 48 -13.75 -28.54 30.23
CA GLN F 48 -13.17 -27.53 29.33
C GLN F 48 -12.09 -28.05 28.40
N THR F 49 -12.11 -27.58 27.17
CA THR F 49 -11.10 -27.87 26.17
C THR F 49 -10.28 -26.64 25.87
N PHE F 50 -8.97 -26.77 25.93
CA PHE F 50 -8.11 -25.67 25.60
C PHE F 50 -8.29 -25.27 24.13
N PHE F 51 -7.96 -24.03 23.81
CA PHE F 51 -7.91 -23.68 22.40
C PHE F 51 -6.52 -23.82 21.82
N SER F 52 -5.48 -23.68 22.64
CA SER F 52 -4.11 -23.90 22.20
C SER F 52 -3.84 -25.37 22.05
N SER F 53 -3.06 -25.74 21.05
CA SER F 53 -2.53 -27.08 21.09
C SER F 53 -1.63 -27.23 22.31
N SER F 54 -1.29 -28.45 22.66
CA SER F 54 -0.64 -28.56 23.94
C SER F 54 0.89 -28.42 23.87
N ASP F 55 1.51 -28.45 22.69
CA ASP F 55 2.91 -28.06 22.71
C ASP F 55 3.03 -26.59 23.10
N LYS F 56 2.02 -25.80 22.79
CA LYS F 56 2.16 -24.39 23.08
C LYS F 56 1.80 -24.03 24.51
N LEU F 57 1.23 -24.97 25.28
CA LEU F 57 1.02 -24.75 26.71
C LEU F 57 2.19 -25.26 27.54
N SER F 58 3.17 -25.88 26.92
CA SER F 58 4.23 -26.53 27.67
C SER F 58 5.19 -25.47 28.20
N ILE F 59 5.67 -25.67 29.40
CA ILE F 59 6.58 -24.70 29.97
C ILE F 59 7.83 -25.47 30.35
N GLY F 60 8.99 -24.82 30.27
CA GLY F 60 10.22 -25.37 30.83
C GLY F 60 10.54 -26.83 30.66
N ASP F 61 11.25 -27.15 29.59
CA ASP F 61 11.71 -28.48 29.17
C ASP F 61 10.84 -29.69 29.65
N VAL F 62 9.53 -29.56 29.76
CA VAL F 62 8.70 -30.77 29.91
C VAL F 62 7.63 -30.77 28.83
N PRO F 63 7.72 -31.67 27.84
CA PRO F 63 6.73 -31.67 26.76
C PRO F 63 5.34 -32.06 27.24
N PHE F 64 4.35 -31.32 26.73
CA PHE F 64 2.93 -31.60 26.97
C PHE F 64 2.41 -32.37 25.74
N ILE F 65 2.24 -33.68 25.92
CA ILE F 65 1.96 -34.57 24.81
C ILE F 65 0.60 -35.19 25.09
N VAL F 66 -0.31 -35.10 24.12
CA VAL F 66 -1.63 -35.67 24.25
C VAL F 66 -2.06 -36.18 22.89
N GLU F 67 -2.93 -37.19 22.91
CA GLU F 67 -3.40 -37.81 21.68
C GLU F 67 -4.37 -36.94 20.90
N GLU F 68 -5.18 -36.12 21.57
CA GLU F 68 -6.13 -35.28 20.86
CA GLU F 68 -6.14 -35.25 20.92
C GLU F 68 -5.45 -34.00 20.37
N SER F 69 -6.14 -33.26 19.51
CA SER F 69 -5.54 -32.06 18.94
C SER F 69 -5.39 -30.99 20.01
N LYS F 70 -6.48 -30.64 20.66
CA LYS F 70 -6.46 -29.77 21.81
C LYS F 70 -6.73 -30.54 23.10
N PRO F 71 -5.96 -30.31 24.15
CA PRO F 71 -6.15 -31.06 25.39
C PRO F 71 -7.26 -30.50 26.26
N ARG F 72 -7.70 -31.33 27.18
CA ARG F 72 -8.74 -30.98 28.14
C ARG F 72 -8.12 -30.44 29.42
N ARG F 73 -8.99 -29.98 30.31
CA ARG F 73 -8.60 -29.29 31.53
C ARG F 73 -7.81 -30.22 32.44
N ASN F 74 -8.28 -31.44 32.62
CA ASN F 74 -7.60 -32.32 33.57
C ASN F 74 -6.24 -32.79 33.03
N GLN F 75 -6.08 -32.85 31.72
CA GLN F 75 -4.77 -33.18 31.19
C GLN F 75 -3.78 -32.12 31.57
N ALA F 76 -4.22 -30.86 31.57
CA ALA F 76 -3.35 -29.76 31.97
C ALA F 76 -2.97 -29.84 33.44
N LEU F 77 -3.93 -30.19 34.30
CA LEU F 77 -3.63 -30.39 35.71
C LEU F 77 -2.55 -31.45 35.89
N VAL F 78 -2.72 -32.62 35.26
CA VAL F 78 -1.72 -33.69 35.38
C VAL F 78 -0.37 -33.20 34.90
N TYR F 79 -0.35 -32.43 33.81
CA TYR F 79 0.91 -31.99 33.23
C TYR F 79 1.63 -30.98 34.14
N TYR F 80 0.94 -29.92 34.57
CA TYR F 80 1.63 -28.89 35.35
C TYR F 80 2.15 -29.41 36.69
N ARG F 81 1.47 -30.40 37.29
CA ARG F 81 2.03 -31.01 38.49
C ARG F 81 3.35 -31.70 38.15
N GLU F 82 3.37 -32.43 37.03
CA GLU F 82 4.59 -33.12 36.62
C GLU F 82 5.73 -32.17 36.29
N VAL F 83 5.42 -30.96 35.78
CA VAL F 83 6.47 -29.96 35.55
C VAL F 83 7.10 -29.55 36.87
N VAL F 84 6.27 -29.37 37.90
CA VAL F 84 6.81 -29.02 39.22
C VAL F 84 7.68 -30.14 39.74
N LYS F 85 7.21 -31.40 39.64
CA LYS F 85 8.02 -32.55 40.05
C LYS F 85 9.37 -32.53 39.36
N HIS F 86 9.37 -32.38 38.03
CA HIS F 86 10.60 -32.53 37.27
C HIS F 86 11.60 -31.45 37.64
N HIS F 87 11.13 -30.25 37.91
CA HIS F 87 12.02 -29.13 38.19
C HIS F 87 12.27 -28.93 39.68
N GLN F 88 11.63 -29.72 40.53
CA GLN F 88 11.84 -29.64 41.97
C GLN F 88 11.60 -28.23 42.51
N LEU F 89 10.45 -27.67 42.16
CA LEU F 89 10.07 -26.33 42.54
C LEU F 89 9.58 -26.29 43.98
N LYS F 90 9.92 -25.21 44.67
CA LYS F 90 9.41 -24.94 46.00
C LYS F 90 8.08 -24.19 45.88
N VAL F 91 6.99 -24.81 46.29
CA VAL F 91 5.67 -24.19 46.24
C VAL F 91 5.05 -24.23 47.63
N ASN F 92 4.71 -23.05 48.17
CA ASN F 92 3.96 -22.94 49.43
C ASN F 92 2.52 -22.71 49.02
N ALA F 93 1.72 -23.75 49.13
CA ALA F 93 0.34 -23.76 48.67
C ALA F 93 -0.61 -23.30 49.78
N PHE F 94 -1.82 -22.92 49.36
CA PHE F 94 -2.87 -22.49 50.27
C PHE F 94 -2.35 -21.39 51.19
N GLU F 95 -1.83 -20.36 50.57
CA GLU F 95 -1.19 -19.29 51.32
C GLU F 95 -1.31 -18.03 50.49
N GLU F 96 -2.28 -17.19 50.86
CA GLU F 96 -2.57 -15.96 50.14
C GLU F 96 -1.61 -14.85 50.58
N VAL F 97 -0.97 -14.20 49.60
CA VAL F 97 -0.13 -13.04 49.91
C VAL F 97 -1.03 -11.82 50.13
N LEU F 98 -0.85 -11.14 51.25
CA LEU F 98 -1.72 -10.04 51.62
C LEU F 98 -1.08 -8.66 51.47
N THR F 99 0.24 -8.55 51.62
CA THR F 99 0.91 -7.26 51.68
C THR F 99 2.35 -7.39 51.24
N VAL F 100 2.81 -6.43 50.43
CA VAL F 100 4.21 -6.31 50.04
C VAL F 100 4.68 -4.90 50.32
N LYS F 101 5.83 -4.77 50.97
CA LYS F 101 6.43 -3.46 51.21
C LYS F 101 7.93 -3.55 50.97
N LYS F 102 8.50 -2.45 50.49
CA LYS F 102 9.93 -2.33 50.26
C LYS F 102 10.62 -1.80 51.52
N MET F 103 11.75 -2.40 51.88
CA MET F 103 12.51 -1.98 53.04
C MET F 103 13.98 -2.24 52.77
N ASN F 104 14.75 -1.17 52.52
CA ASN F 104 16.16 -1.30 52.11
C ASN F 104 16.15 -2.05 50.78
N ASN F 105 17.14 -2.88 50.51
CA ASN F 105 17.17 -3.68 49.29
C ASN F 105 16.45 -5.02 49.49
N LYS F 106 15.30 -5.02 50.17
CA LYS F 106 14.58 -6.27 50.47
C LYS F 106 13.07 -6.01 50.48
N PHE F 107 12.29 -7.05 50.16
CA PHE F 107 10.82 -7.00 50.18
C PHE F 107 10.27 -7.72 51.40
N THR F 108 9.16 -7.20 51.93
CA THR F 108 8.53 -7.81 53.10
C THR F 108 7.16 -8.33 52.68
N ILE F 109 7.03 -9.66 52.61
CA ILE F 109 5.86 -10.32 52.09
C ILE F 109 5.14 -10.94 53.28
N THR F 110 3.90 -10.53 53.50
CA THR F 110 3.10 -11.06 54.60
C THR F 110 1.97 -11.87 54.01
N THR F 111 1.90 -13.12 54.42
CA THR F 111 0.91 -14.05 53.93
C THR F 111 -0.05 -14.37 55.05
N THR F 112 -1.02 -15.22 54.75
CA THR F 112 -1.96 -15.74 55.73
C THR F 112 -1.33 -16.77 56.66
N LYS F 113 -0.04 -17.04 56.56
CA LYS F 113 0.62 -18.07 57.35
C LYS F 113 1.99 -17.69 57.88
N ASP F 114 2.66 -16.69 57.32
CA ASP F 114 4.03 -16.40 57.69
C ASP F 114 4.40 -15.04 57.13
N VAL F 115 5.63 -14.63 57.35
CA VAL F 115 6.16 -13.36 56.85
C VAL F 115 7.47 -13.69 56.16
N TYR F 116 7.73 -13.04 55.02
CA TYR F 116 8.88 -13.35 54.19
C TYR F 116 9.68 -12.11 53.92
N GLU F 117 10.95 -12.30 53.59
CA GLU F 117 11.81 -11.19 53.20
C GLU F 117 12.64 -11.65 52.02
N CYS F 118 12.61 -10.89 50.93
CA CYS F 118 13.31 -11.31 49.72
C CYS F 118 13.86 -10.10 49.00
N ARG F 119 14.82 -10.37 48.11
CA ARG F 119 15.45 -9.39 47.23
C ARG F 119 14.67 -9.18 45.93
N PHE F 120 14.37 -10.26 45.23
CA PHE F 120 13.65 -10.22 43.98
C PHE F 120 12.22 -10.67 44.20
N LEU F 121 11.29 -9.99 43.54
CA LEU F 121 9.87 -10.29 43.61
C LEU F 121 9.33 -10.34 42.20
N THR F 122 8.43 -11.30 41.97
CA THR F 122 7.74 -11.49 40.69
C THR F 122 6.26 -11.67 40.98
N ILE F 123 5.43 -10.76 40.51
CA ILE F 123 4.00 -10.79 40.78
C ILE F 123 3.31 -11.43 39.58
N ALA F 124 2.84 -12.67 39.73
CA ALA F 124 2.22 -13.36 38.63
C ALA F 124 0.81 -13.77 39.00
N THR F 125 -0.01 -12.81 39.38
CA THR F 125 -1.32 -13.16 39.90
C THR F 125 -2.38 -13.29 38.83
N GLY F 126 -2.05 -13.06 37.55
CA GLY F 126 -3.10 -13.15 36.55
C GLY F 126 -4.25 -12.21 36.89
N TYR F 127 -5.38 -12.44 36.22
CA TYR F 127 -6.56 -11.61 36.42
C TYR F 127 -7.82 -12.37 36.83
N TYR F 128 -7.75 -13.66 37.09
CA TYR F 128 -9.01 -14.36 37.29
C TYR F 128 -9.65 -14.14 38.65
N GLY F 129 -8.96 -13.53 39.61
CA GLY F 129 -9.58 -13.39 40.90
C GLY F 129 -10.51 -12.19 41.05
N GLN F 130 -10.57 -11.30 40.08
CA GLN F 130 -11.44 -10.11 40.17
C GLN F 130 -12.32 -10.08 38.92
N HIS F 131 -13.59 -10.46 39.07
CA HIS F 131 -14.48 -10.47 37.93
C HIS F 131 -15.08 -9.08 37.75
N ASN F 132 -15.23 -8.67 36.49
CA ASN F 132 -15.78 -7.37 36.14
C ASN F 132 -17.17 -7.20 36.74
N THR F 133 -17.49 -5.96 37.13
CA THR F 133 -18.75 -5.68 37.79
C THR F 133 -19.91 -5.60 36.80
N LEU F 134 -21.06 -6.17 37.19
CA LEU F 134 -22.18 -6.24 36.27
C LEU F 134 -22.85 -4.86 36.09
N GLU F 135 -23.18 -4.19 37.19
CA GLU F 135 -23.80 -2.85 37.14
C GLU F 135 -25.20 -2.88 36.57
N VAL F 136 -26.05 -3.76 37.11
CA VAL F 136 -27.48 -3.67 36.87
C VAL F 136 -28.20 -3.93 38.18
N GLU F 137 -29.41 -3.41 38.28
CA GLU F 137 -30.19 -3.64 39.47
C GLU F 137 -30.45 -5.14 39.57
N GLY F 138 -30.02 -5.75 40.67
CA GLY F 138 -30.22 -7.17 40.85
C GLY F 138 -28.99 -8.02 40.65
N ALA F 139 -27.88 -7.43 40.26
CA ALA F 139 -26.63 -8.14 40.01
C ALA F 139 -26.10 -8.85 41.25
N ASP F 140 -26.64 -8.57 42.42
CA ASP F 140 -26.10 -9.10 43.66
C ASP F 140 -26.88 -10.28 44.19
N LEU F 141 -28.00 -10.65 43.55
CA LEU F 141 -28.79 -11.77 44.00
C LEU F 141 -27.97 -13.06 43.97
N PRO F 142 -28.28 -14.02 44.84
CA PRO F 142 -27.52 -15.28 44.83
C PRO F 142 -27.69 -16.08 43.54
N LYS F 143 -28.67 -15.76 42.72
CA LYS F 143 -28.85 -16.45 41.45
C LYS F 143 -27.88 -15.96 40.38
N VAL F 144 -26.97 -15.06 40.69
CA VAL F 144 -26.08 -14.46 39.71
C VAL F 144 -24.69 -15.01 39.98
N PHE F 145 -24.13 -15.69 38.99
CA PHE F 145 -22.80 -16.28 39.07
C PHE F 145 -21.92 -15.64 38.02
N HIS F 146 -20.64 -15.51 38.35
CA HIS F 146 -19.65 -15.02 37.40
C HIS F 146 -18.72 -16.11 36.94
N TYR F 147 -18.97 -17.35 37.34
CA TYR F 147 -18.15 -18.49 36.97
C TYR F 147 -19.10 -19.58 36.52
N PHE F 148 -18.72 -20.31 35.49
CA PHE F 148 -19.47 -21.48 35.07
C PHE F 148 -18.68 -22.71 35.43
N LYS F 149 -19.34 -23.73 35.99
CA LYS F 149 -18.66 -24.97 36.39
C LYS F 149 -19.21 -26.18 35.65
N GLU F 150 -20.39 -26.62 35.97
CA GLU F 150 -20.98 -27.73 35.28
C GLU F 150 -22.40 -27.34 34.96
N ALA F 151 -22.99 -27.99 33.99
CA ALA F 151 -24.29 -27.59 33.50
C ALA F 151 -25.41 -28.45 34.05
N HIS F 152 -25.08 -29.63 34.55
CA HIS F 152 -26.11 -30.59 34.93
C HIS F 152 -27.21 -29.99 35.81
N PRO F 153 -26.91 -29.30 36.92
CA PRO F 153 -28.00 -28.84 37.80
C PRO F 153 -28.92 -27.79 37.20
N TYR F 154 -28.59 -27.20 36.05
CA TYR F 154 -29.52 -26.25 35.44
C TYR F 154 -30.45 -26.92 34.44
N PHE F 155 -30.48 -28.25 34.47
CA PHE F 155 -31.46 -29.03 33.75
C PHE F 155 -32.86 -28.50 34.04
N ASP F 156 -33.60 -28.22 32.97
CA ASP F 156 -34.99 -27.78 33.03
C ASP F 156 -35.12 -26.42 33.71
N GLN F 157 -34.02 -25.67 33.78
CA GLN F 157 -34.04 -24.32 34.33
C GLN F 157 -33.89 -23.28 33.23
N ASP F 158 -34.44 -22.10 33.47
CA ASP F 158 -34.34 -20.98 32.54
C ASP F 158 -33.09 -20.17 32.88
N VAL F 159 -32.15 -20.12 31.95
CA VAL F 159 -30.84 -19.54 32.21
C VAL F 159 -30.59 -18.37 31.26
N VAL F 160 -29.88 -17.37 31.74
CA VAL F 160 -29.45 -16.25 30.93
C VAL F 160 -27.93 -16.16 31.02
N ILE F 161 -27.29 -15.94 29.88
CA ILE F 161 -25.87 -15.67 29.81
C ILE F 161 -25.73 -14.24 29.32
N ILE F 162 -25.07 -13.41 30.13
CA ILE F 162 -24.73 -12.05 29.76
C ILE F 162 -23.27 -12.07 29.32
N GLY F 163 -23.00 -11.61 28.11
CA GLY F 163 -21.67 -11.67 27.57
C GLY F 163 -21.67 -12.34 26.23
N GLY F 164 -20.51 -12.30 25.59
CA GLY F 164 -20.48 -12.68 24.21
C GLY F 164 -19.30 -13.45 23.71
N LYS F 165 -18.23 -13.55 24.51
CA LYS F 165 -16.95 -14.15 24.15
C LYS F 165 -16.95 -15.66 24.44
N ASN F 166 -15.77 -16.27 24.47
CA ASN F 166 -15.66 -17.73 24.50
C ASN F 166 -16.34 -18.35 25.72
N SER F 167 -16.21 -17.72 26.89
CA SER F 167 -16.92 -18.24 28.05
C SER F 167 -18.42 -18.26 27.80
N ALA F 168 -18.95 -17.23 27.17
CA ALA F 168 -20.39 -17.19 26.97
C ALA F 168 -20.86 -18.34 26.10
N ILE F 169 -20.18 -18.58 24.98
CA ILE F 169 -20.64 -19.61 24.05
C ILE F 169 -20.36 -21.02 24.58
N ASP F 170 -19.19 -21.26 25.19
CA ASP F 170 -18.94 -22.55 25.82
C ASP F 170 -19.98 -22.84 26.89
N ALA F 171 -20.19 -21.90 27.81
CA ALA F 171 -21.19 -22.11 28.87
C ALA F 171 -22.58 -22.39 28.29
N ALA F 172 -22.88 -21.76 27.14
CA ALA F 172 -24.16 -21.92 26.46
C ALA F 172 -24.32 -23.30 25.85
N LEU F 173 -23.28 -23.80 25.18
CA LEU F 173 -23.34 -25.15 24.60
C LEU F 173 -23.51 -26.19 25.67
N GLU F 174 -22.74 -26.06 26.75
CA GLU F 174 -22.81 -27.03 27.83
C GLU F 174 -24.21 -27.06 28.46
N LEU F 175 -24.80 -25.88 28.70
CA LEU F 175 -26.11 -25.78 29.32
C LEU F 175 -27.21 -26.28 28.42
N GLU F 176 -27.09 -26.07 27.11
CA GLU F 176 -28.11 -26.59 26.21
C GLU F 176 -28.05 -28.10 26.20
N LYS F 177 -26.83 -28.67 26.22
CA LYS F 177 -26.69 -30.12 26.22
C LYS F 177 -27.28 -30.74 27.47
N ALA F 178 -27.30 -30.02 28.59
CA ALA F 178 -27.83 -30.54 29.83
C ALA F 178 -29.28 -30.19 30.01
N GLY F 179 -29.93 -29.63 28.99
CA GLY F 179 -31.36 -29.41 29.03
C GLY F 179 -31.78 -28.08 29.63
N ALA F 180 -30.87 -27.13 29.75
CA ALA F 180 -31.31 -25.81 30.18
C ALA F 180 -31.96 -25.08 29.01
N ASN F 181 -32.79 -24.11 29.35
CA ASN F 181 -33.36 -23.20 28.36
C ASN F 181 -32.52 -21.92 28.38
N VAL F 182 -31.67 -21.78 27.39
CA VAL F 182 -30.58 -20.81 27.40
C VAL F 182 -31.00 -19.62 26.56
N THR F 183 -30.82 -18.41 27.09
CA THR F 183 -30.97 -17.17 26.35
C THR F 183 -29.67 -16.39 26.52
N VAL F 184 -28.95 -16.14 25.43
CA VAL F 184 -27.72 -15.36 25.51
C VAL F 184 -28.04 -13.90 25.23
N LEU F 185 -27.64 -13.02 26.14
CA LEU F 185 -27.84 -11.59 25.99
C LEU F 185 -26.46 -10.97 25.82
N TYR F 186 -26.17 -10.46 24.62
CA TYR F 186 -24.87 -9.90 24.27
C TYR F 186 -25.03 -8.46 23.77
N ARG F 187 -24.14 -7.57 24.20
CA ARG F 187 -24.31 -6.15 23.89
C ARG F 187 -23.70 -5.73 22.57
N GLY F 188 -23.19 -6.66 21.77
CA GLY F 188 -22.49 -6.32 20.56
C GLY F 188 -23.37 -6.55 19.34
N GLY F 189 -22.83 -6.19 18.20
CA GLY F 189 -23.64 -6.27 16.99
C GLY F 189 -23.52 -7.63 16.34
N ASP F 190 -22.39 -8.28 16.53
CA ASP F 190 -22.17 -9.54 15.85
C ASP F 190 -21.33 -10.39 16.78
N TYR F 191 -21.12 -11.65 16.43
CA TYR F 191 -20.32 -12.50 17.28
C TYR F 191 -18.92 -11.91 17.39
N SER F 192 -18.36 -11.95 18.59
CA SER F 192 -17.02 -11.43 18.80
C SER F 192 -16.00 -12.21 17.95
N PRO F 193 -15.00 -11.51 17.37
CA PRO F 193 -13.97 -12.22 16.60
C PRO F 193 -13.20 -13.17 17.44
N SER F 194 -13.30 -13.07 18.76
CA SER F 194 -12.49 -13.87 19.64
C SER F 194 -13.07 -15.25 19.90
N ILE F 195 -14.34 -15.48 19.55
CA ILE F 195 -14.88 -16.83 19.59
C ILE F 195 -14.12 -17.70 18.59
N LYS F 196 -13.70 -18.85 19.03
CA LYS F 196 -12.83 -19.66 18.20
C LYS F 196 -13.60 -20.16 16.97
N PRO F 197 -13.01 -20.08 15.78
CA PRO F 197 -13.79 -20.35 14.57
C PRO F 197 -14.20 -21.79 14.43
N TRP F 198 -13.65 -22.72 15.21
CA TRP F 198 -14.14 -24.09 15.12
C TRP F 198 -15.21 -24.40 16.14
N ILE F 199 -15.56 -23.43 16.99
CA ILE F 199 -16.61 -23.58 17.99
C ILE F 199 -17.89 -22.87 17.58
N LEU F 200 -17.78 -21.59 17.17
CA LEU F 200 -18.92 -20.78 16.75
C LEU F 200 -19.90 -21.54 15.86
N PRO F 201 -19.43 -22.33 14.88
CA PRO F 201 -20.39 -23.06 14.04
C PRO F 201 -21.29 -24.02 14.81
N ASN F 202 -20.79 -24.64 15.88
CA ASN F 202 -21.64 -25.52 16.67
C ASN F 202 -22.72 -24.75 17.43
N PHE F 203 -22.40 -23.54 17.89
CA PHE F 203 -23.39 -22.70 18.58
C PHE F 203 -24.42 -22.18 17.60
N THR F 204 -23.94 -21.65 16.48
CA THR F 204 -24.78 -21.01 15.47
C THR F 204 -25.81 -21.99 14.92
N ALA F 205 -25.42 -23.24 14.70
CA ALA F 205 -26.38 -24.26 14.29
C ALA F 205 -27.52 -24.39 15.30
N LEU F 206 -27.20 -24.33 16.58
CA LEU F 206 -28.28 -24.45 17.57
C LEU F 206 -29.17 -23.20 17.59
N VAL F 207 -28.58 -22.02 17.44
CA VAL F 207 -29.42 -20.83 17.39
C VAL F 207 -30.33 -20.90 16.19
N ASN F 208 -29.80 -21.38 15.06
CA ASN F 208 -30.60 -21.45 13.84
C ASN F 208 -31.74 -22.46 13.96
N HIS F 209 -31.56 -23.52 14.75
CA HIS F 209 -32.63 -24.46 14.99
C HIS F 209 -33.46 -24.08 16.20
N GLU F 210 -33.34 -22.85 16.69
CA GLU F 210 -34.15 -22.38 17.81
C GLU F 210 -34.03 -23.25 19.05
N LYS F 211 -32.83 -23.79 19.30
CA LYS F 211 -32.53 -24.52 20.53
C LYS F 211 -31.86 -23.66 21.59
N ILE F 212 -31.29 -22.50 21.21
CA ILE F 212 -30.82 -21.47 22.14
C ILE F 212 -31.28 -20.13 21.61
N ASP F 213 -31.75 -19.23 22.48
CA ASP F 213 -32.07 -17.87 22.06
C ASP F 213 -30.83 -17.00 22.16
N MET F 214 -30.48 -16.33 21.07
CA MET F 214 -29.35 -15.41 21.00
C MET F 214 -29.87 -14.01 20.73
N GLU F 215 -29.51 -13.06 21.57
CA GLU F 215 -29.94 -11.68 21.39
C GLU F 215 -28.71 -10.80 21.23
N PHE F 216 -28.65 -10.07 20.13
CA PHE F 216 -27.60 -9.09 19.91
C PHE F 216 -28.09 -7.71 20.32
N ASN F 217 -27.14 -6.79 20.48
CA ASN F 217 -27.46 -5.41 20.89
C ASN F 217 -28.37 -5.40 22.12
N ALA F 218 -28.09 -6.30 23.05
CA ALA F 218 -28.92 -6.54 24.22
C ALA F 218 -28.18 -6.09 25.46
N ASN F 219 -28.82 -5.22 26.26
CA ASN F 219 -28.31 -4.81 27.56
C ASN F 219 -29.36 -5.09 28.63
N VAL F 220 -28.94 -5.76 29.70
CA VAL F 220 -29.88 -6.17 30.77
C VAL F 220 -30.15 -4.99 31.69
N THR F 221 -31.44 -4.75 32.00
CA THR F 221 -31.83 -3.61 32.82
C THR F 221 -32.22 -3.99 34.22
N GLN F 222 -32.81 -5.17 34.43
CA GLN F 222 -33.16 -5.59 35.77
C GLN F 222 -33.07 -7.10 35.90
N ILE F 223 -32.63 -7.57 37.07
CA ILE F 223 -32.65 -8.98 37.44
C ILE F 223 -33.37 -9.07 38.78
N THR F 224 -34.49 -9.76 38.79
CA THR F 224 -35.22 -10.05 40.02
C THR F 224 -35.00 -11.50 40.40
N GLU F 225 -35.67 -11.93 41.45
CA GLU F 225 -35.52 -13.30 41.89
C GLU F 225 -36.06 -14.27 40.84
N ASP F 226 -36.98 -13.82 39.98
CA ASP F 226 -37.54 -14.76 39.01
C ASP F 226 -37.80 -14.22 37.61
N THR F 227 -37.29 -13.05 37.24
CA THR F 227 -37.34 -12.58 35.86
C THR F 227 -36.03 -11.88 35.53
N VAL F 228 -35.78 -11.72 34.24
CA VAL F 228 -34.71 -10.88 33.74
C VAL F 228 -35.33 -9.92 32.77
N THR F 229 -34.91 -8.65 32.83
CA THR F 229 -35.42 -7.62 31.94
C THR F 229 -34.24 -6.98 31.20
N TYR F 230 -34.34 -6.94 29.88
CA TYR F 230 -33.30 -6.34 29.07
C TYR F 230 -33.96 -5.53 27.96
N GLU F 231 -33.22 -4.57 27.41
CA GLU F 231 -33.66 -3.76 26.28
C GLU F 231 -32.86 -4.19 25.05
N VAL F 232 -33.56 -4.32 23.93
CA VAL F 232 -32.96 -4.72 22.66
C VAL F 232 -33.36 -3.70 21.60
N ASN F 233 -32.38 -2.94 21.11
CA ASN F 233 -32.63 -1.93 20.09
C ASN F 233 -33.78 -1.01 20.48
N GLY F 234 -33.84 -0.67 21.77
CA GLY F 234 -34.91 0.15 22.37
C GLY F 234 -36.09 -0.62 22.97
N GLU F 235 -36.48 -1.73 22.34
CA GLU F 235 -37.58 -2.55 22.84
C GLU F 235 -37.22 -3.23 24.14
N SER F 236 -38.07 -3.12 25.15
CA SER F 236 -37.81 -3.86 26.38
C SER F 236 -38.53 -5.20 26.33
N LYS F 237 -37.84 -6.27 26.76
CA LYS F 237 -38.47 -7.57 26.97
C LYS F 237 -38.11 -8.11 28.34
N THR F 238 -39.05 -8.86 28.90
CA THR F 238 -38.92 -9.45 30.23
C THR F 238 -39.29 -10.93 30.17
N ILE F 239 -38.37 -11.76 30.64
CA ILE F 239 -38.52 -13.20 30.56
C ILE F 239 -38.36 -13.83 31.94
N HIS F 240 -39.01 -14.96 32.13
CA HIS F 240 -38.77 -15.72 33.35
C HIS F 240 -37.34 -16.22 33.39
N ASN F 241 -36.77 -16.24 34.59
CA ASN F 241 -35.35 -16.53 34.74
C ASN F 241 -35.10 -17.23 36.06
N ASP F 242 -34.30 -18.30 36.02
CA ASP F 242 -33.93 -19.00 37.23
C ASP F 242 -32.49 -18.71 37.67
N TYR F 243 -31.55 -18.53 36.74
CA TYR F 243 -30.17 -18.27 37.11
C TYR F 243 -29.57 -17.44 35.99
N VAL F 244 -28.53 -16.68 36.31
CA VAL F 244 -27.90 -15.74 35.40
C VAL F 244 -26.39 -15.94 35.44
N PHE F 245 -25.76 -16.15 34.27
CA PHE F 245 -24.30 -16.33 34.20
C PHE F 245 -23.69 -15.09 33.56
N ALA F 246 -23.04 -14.26 34.36
CA ALA F 246 -22.39 -13.05 33.86
C ALA F 246 -20.97 -13.38 33.44
N MET F 247 -20.81 -13.82 32.20
CA MET F 247 -19.50 -14.10 31.64
C MET F 247 -18.95 -12.83 30.99
N ILE F 248 -18.78 -11.81 31.80
CA ILE F 248 -18.44 -10.49 31.31
C ILE F 248 -17.00 -10.11 31.63
N GLY F 249 -16.14 -11.08 31.88
CA GLY F 249 -14.72 -10.82 32.01
C GLY F 249 -14.25 -10.59 33.43
N TYR F 250 -12.95 -10.33 33.49
CA TYR F 250 -12.19 -10.22 34.70
C TYR F 250 -11.17 -9.11 34.49
N HIS F 251 -10.49 -8.75 35.57
CA HIS F 251 -9.50 -7.69 35.50
C HIS F 251 -8.49 -7.92 36.61
N PRO F 252 -7.24 -7.49 36.41
CA PRO F 252 -6.22 -7.70 37.45
C PRO F 252 -6.57 -6.98 38.75
N ASP F 253 -5.99 -7.48 39.84
CA ASP F 253 -6.14 -6.85 41.13
C ASP F 253 -5.32 -5.57 41.19
N TYR F 254 -5.90 -4.45 40.77
CA TYR F 254 -5.15 -3.20 40.71
C TYR F 254 -4.90 -2.61 42.09
N GLU F 255 -5.81 -2.84 43.03
CA GLU F 255 -5.55 -2.49 44.42
C GLU F 255 -4.23 -3.09 44.91
N PHE F 256 -4.06 -4.40 44.75
CA PHE F 256 -2.84 -5.04 45.25
C PHE F 256 -1.59 -4.49 44.58
N LEU F 257 -1.65 -4.22 43.28
CA LEU F 257 -0.47 -3.80 42.54
C LEU F 257 -0.02 -2.40 43.00
N LYS F 258 -0.97 -1.51 43.26
CA LYS F 258 -0.61 -0.19 43.72
C LYS F 258 0.01 -0.24 45.11
N SER F 259 -0.56 -1.06 46.01
CA SER F 259 -0.12 -1.09 47.40
C SER F 259 1.32 -1.54 47.56
N VAL F 260 1.96 -2.02 46.50
CA VAL F 260 3.40 -2.23 46.54
C VAL F 260 4.15 -1.07 45.88
N GLY F 261 3.43 -0.15 45.25
CA GLY F 261 4.04 1.01 44.63
C GLY F 261 4.21 0.94 43.13
N ILE F 262 3.49 0.08 42.43
CA ILE F 262 3.66 -0.09 41.00
C ILE F 262 2.72 0.88 40.29
N GLN F 263 3.23 1.55 39.28
CA GLN F 263 2.47 2.55 38.56
C GLN F 263 1.56 1.95 37.49
N ILE F 264 0.37 2.51 37.35
CA ILE F 264 -0.54 2.20 36.26
C ILE F 264 -0.24 3.14 35.09
N ASN F 265 -0.77 2.85 33.90
CA ASN F 265 -0.15 3.43 32.71
C ASN F 265 -1.10 3.97 31.66
N THR F 266 -1.86 3.09 31.01
CA THR F 266 -2.67 3.43 29.85
C THR F 266 -1.77 3.85 28.70
N ASN F 267 -1.62 2.91 27.76
CA ASN F 267 -0.82 2.99 26.54
C ASN F 267 -1.48 2.13 25.47
N GLU F 268 -0.69 1.54 24.56
CA GLU F 268 -1.31 0.85 23.43
C GLU F 268 -2.34 -0.21 23.84
N PHE F 269 -2.16 -0.87 24.98
CA PHE F 269 -3.09 -1.92 25.37
C PHE F 269 -4.00 -1.53 26.53
N GLY F 270 -4.01 -0.26 26.93
CA GLY F 270 -4.86 0.11 28.04
C GLY F 270 -4.13 0.13 29.37
N THR F 271 -4.92 0.06 30.43
CA THR F 271 -4.44 0.14 31.82
C THR F 271 -3.68 -1.12 32.22
N ALA F 272 -2.35 -1.02 32.22
CA ALA F 272 -1.45 -2.09 32.61
C ALA F 272 -0.46 -1.54 33.62
N PRO F 273 0.20 -2.41 34.38
CA PRO F 273 1.28 -1.93 35.25
C PRO F 273 2.44 -1.40 34.43
N MET F 274 3.21 -0.51 35.04
CA MET F 274 4.35 0.03 34.35
C MET F 274 5.47 -0.99 34.36
N TYR F 275 5.99 -1.32 33.19
CA TYR F 275 7.11 -2.25 33.16
C TYR F 275 7.95 -2.06 31.90
N ASN F 276 9.22 -2.43 32.05
CA ASN F 276 10.25 -2.36 31.01
C ASN F 276 10.01 -3.45 29.99
N LYS F 277 9.17 -3.15 29.00
CA LYS F 277 8.91 -4.00 27.84
C LYS F 277 10.04 -4.97 27.49
N GLU F 278 11.31 -4.64 27.82
CA GLU F 278 12.42 -5.54 27.55
C GLU F 278 12.86 -6.41 28.73
N THR F 279 12.49 -6.09 29.99
CA THR F 279 12.83 -6.96 31.14
C THR F 279 11.66 -7.36 32.03
N TYR F 280 10.52 -6.69 31.96
CA TYR F 280 9.34 -6.94 32.80
C TYR F 280 9.56 -6.49 34.24
N GLU F 281 10.57 -5.66 34.46
CA GLU F 281 10.78 -5.02 35.75
C GLU F 281 9.89 -3.81 35.86
N THR F 282 9.29 -3.62 37.03
CA THR F 282 8.41 -2.48 37.21
C THR F 282 9.17 -1.26 37.70
N ASN F 283 8.42 -0.20 38.01
CA ASN F 283 9.05 0.99 38.57
C ASN F 283 9.70 0.70 39.92
N ILE F 284 9.16 -0.24 40.68
CA ILE F 284 9.71 -0.62 41.98
C ILE F 284 10.93 -1.50 41.73
N GLU F 285 12.10 -1.05 42.18
CA GLU F 285 13.32 -1.78 41.86
C GLU F 285 13.24 -3.23 42.33
N ASN F 286 13.63 -4.14 41.44
CA ASN F 286 13.69 -5.59 41.68
C ASN F 286 12.32 -6.23 41.81
N CYS F 287 11.25 -5.54 41.41
CA CYS F 287 9.89 -6.07 41.41
C CYS F 287 9.43 -6.23 39.97
N TYR F 288 9.26 -7.48 39.55
CA TYR F 288 8.89 -7.87 38.21
C TYR F 288 7.44 -8.33 38.13
N ILE F 289 6.91 -8.40 36.92
CA ILE F 289 5.62 -9.06 36.72
C ILE F 289 5.77 -10.12 35.64
N ALA F 290 4.90 -11.13 35.72
CA ALA F 290 4.89 -12.26 34.78
C ALA F 290 3.47 -12.69 34.49
N GLY F 291 3.21 -13.05 33.24
CA GLY F 291 1.89 -13.54 32.90
C GLY F 291 0.94 -12.48 32.41
N VAL F 292 -0.34 -12.86 32.37
CA VAL F 292 -1.37 -12.01 31.81
C VAL F 292 -1.60 -10.74 32.61
N ILE F 293 -0.99 -10.64 33.80
CA ILE F 293 -1.05 -9.41 34.59
C ILE F 293 -0.50 -8.24 33.79
N ALA F 294 0.38 -8.50 32.83
CA ALA F 294 0.99 -7.49 31.98
C ALA F 294 0.06 -6.96 30.88
N ALA F 295 -0.95 -7.72 30.45
CA ALA F 295 -1.83 -7.25 29.39
C ALA F 295 -2.90 -6.32 29.90
N GLY F 296 -3.48 -6.66 31.05
CA GLY F 296 -4.51 -5.87 31.70
C GLY F 296 -5.91 -5.85 31.10
N ASN F 297 -6.10 -5.16 29.97
CA ASN F 297 -7.45 -4.97 29.43
C ASN F 297 -7.87 -5.99 28.37
N ASP F 298 -7.48 -5.73 27.13
CA ASP F 298 -7.55 -6.66 25.99
C ASP F 298 -7.29 -8.11 26.41
N ALA F 299 -8.33 -8.88 26.71
CA ALA F 299 -8.07 -10.24 27.16
C ALA F 299 -7.67 -11.17 26.00
N ASN F 300 -7.06 -10.60 24.97
CA ASN F 300 -6.62 -11.30 23.78
C ASN F 300 -5.15 -11.06 23.46
N THR F 301 -4.43 -10.37 24.33
CA THR F 301 -3.05 -10.04 24.07
C THR F 301 -2.06 -11.04 24.67
N ILE F 302 -2.28 -11.47 25.91
CA ILE F 302 -1.36 -12.35 26.61
C ILE F 302 -2.15 -13.56 27.09
N PHE F 303 -1.86 -14.72 26.53
CA PHE F 303 -2.35 -15.94 27.16
C PHE F 303 -1.12 -16.78 27.54
N ILE F 304 -1.28 -18.10 27.71
CA ILE F 304 -0.15 -18.92 28.13
C ILE F 304 0.94 -18.99 27.05
N GLU F 305 0.56 -18.98 25.76
CA GLU F 305 1.52 -19.29 24.70
C GLU F 305 2.64 -18.26 24.63
N ASN F 306 2.30 -16.98 24.77
CA ASN F 306 3.30 -15.92 24.91
C ASN F 306 3.64 -15.63 26.37
N GLY F 307 2.65 -15.69 27.27
CA GLY F 307 2.88 -15.39 28.66
C GLY F 307 3.94 -16.25 29.33
N LYS F 308 4.13 -17.48 28.86
CA LYS F 308 5.17 -18.30 29.45
C LYS F 308 6.58 -17.85 29.10
N PHE F 309 6.74 -16.88 28.21
CA PHE F 309 8.09 -16.49 27.86
C PHE F 309 8.59 -15.33 28.71
N HIS F 310 7.69 -14.63 29.38
CA HIS F 310 8.10 -13.58 30.30
C HIS F 310 9.11 -14.10 31.32
N GLY F 311 8.86 -15.28 31.88
CA GLY F 311 9.77 -15.85 32.85
C GLY F 311 11.22 -15.84 32.42
N GLY F 312 11.49 -16.32 31.20
CA GLY F 312 12.86 -16.32 30.69
C GLY F 312 13.47 -14.95 30.57
N ILE F 313 12.69 -13.97 30.12
CA ILE F 313 13.20 -12.60 30.06
C ILE F 313 13.57 -12.13 31.47
N ILE F 314 12.68 -12.37 32.44
CA ILE F 314 12.92 -11.87 33.78
C ILE F 314 14.22 -12.44 34.34
N ALA F 315 14.48 -13.72 34.10
CA ALA F 315 15.68 -14.35 34.65
C ALA F 315 16.95 -13.66 34.17
N GLN F 316 17.01 -13.30 32.89
CA GLN F 316 18.20 -12.65 32.36
C GLN F 316 18.46 -11.35 33.11
N SER F 317 17.41 -10.53 33.29
CA SER F 317 17.56 -9.26 33.99
C SER F 317 17.98 -9.48 35.44
N MET F 318 17.43 -10.52 36.09
CA MET F 318 17.85 -10.88 37.43
C MET F 318 19.28 -11.41 37.46
N LEU F 319 19.65 -12.24 36.48
CA LEU F 319 21.04 -12.68 36.46
C LEU F 319 21.96 -11.50 36.22
N ALA F 320 21.49 -10.54 35.43
CA ALA F 320 22.28 -9.34 35.17
C ALA F 320 22.49 -8.53 36.45
N LYS F 321 21.45 -8.40 37.28
CA LYS F 321 21.62 -7.69 38.53
C LYS F 321 22.49 -8.42 39.55
N LYS F 322 22.93 -9.65 39.27
CA LYS F 322 24.04 -10.15 40.06
C LYS F 322 25.37 -9.66 39.53
N GLN F 323 25.41 -9.23 38.26
CA GLN F 323 26.65 -8.77 37.60
C GLN F 323 27.82 -9.69 37.84
N MET G 1 64.16 3.48 -34.04
CA MET G 1 64.03 3.69 -32.61
C MET G 1 65.29 4.35 -32.06
N GLN G 2 65.29 4.67 -30.77
CA GLN G 2 66.46 5.25 -30.13
C GLN G 2 67.34 4.13 -29.57
N LYS G 3 68.64 4.21 -29.85
CA LYS G 3 69.62 3.18 -29.50
C LYS G 3 70.75 3.81 -28.69
N VAL G 4 70.94 3.35 -27.45
CA VAL G 4 72.01 3.81 -26.58
C VAL G 4 72.93 2.63 -26.28
N GLU G 5 74.06 2.94 -25.63
CA GLU G 5 74.94 1.86 -25.18
C GLU G 5 74.39 1.21 -23.91
N SER G 6 74.18 2.02 -22.87
CA SER G 6 73.58 1.56 -21.63
C SER G 6 72.34 2.38 -21.31
N ILE G 7 71.27 1.69 -20.88
CA ILE G 7 70.09 2.35 -20.37
C ILE G 7 69.92 1.92 -18.92
N ILE G 8 69.53 2.85 -18.06
CA ILE G 8 69.37 2.61 -16.63
C ILE G 8 67.94 2.96 -16.23
N ILE G 9 67.18 1.95 -15.83
CA ILE G 9 65.77 2.11 -15.50
C ILE G 9 65.67 2.56 -14.05
N GLY G 10 65.59 3.85 -13.83
CA GLY G 10 65.47 4.28 -12.44
C GLY G 10 66.56 5.29 -12.11
N GLY G 11 66.13 6.45 -11.63
CA GLY G 11 67.04 7.53 -11.27
C GLY G 11 66.97 7.92 -9.81
N GLY G 12 67.50 7.06 -8.94
CA GLY G 12 67.56 7.37 -7.53
C GLY G 12 68.99 7.63 -7.07
N PRO G 13 69.16 7.86 -5.76
CA PRO G 13 70.53 7.98 -5.22
C PRO G 13 71.45 6.85 -5.65
N CYS G 14 70.90 5.65 -5.84
CA CYS G 14 71.65 4.52 -6.35
C CYS G 14 71.64 4.44 -7.86
N GLY G 15 70.58 4.95 -8.50
CA GLY G 15 70.49 4.95 -9.94
C GLY G 15 71.27 6.08 -10.58
N LEU G 16 71.25 7.27 -9.96
CA LEU G 16 72.13 8.32 -10.44
C LEU G 16 73.59 7.95 -10.22
N SER G 17 73.89 7.24 -9.12
CA SER G 17 75.27 6.85 -8.85
C SER G 17 75.81 5.92 -9.93
N ALA G 18 74.97 5.02 -10.44
CA ALA G 18 75.44 4.05 -11.41
C ALA G 18 75.79 4.72 -12.73
N ALA G 19 75.05 5.76 -13.11
CA ALA G 19 75.41 6.52 -14.30
C ALA G 19 76.72 7.28 -14.09
N ILE G 20 76.96 7.76 -12.87
CA ILE G 20 78.21 8.46 -12.59
C ILE G 20 79.38 7.51 -12.70
N GLU G 21 79.19 6.25 -12.35
CA GLU G 21 80.27 5.28 -12.50
C GLU G 21 80.29 4.63 -13.87
N GLN G 22 79.16 4.56 -14.56
CA GLN G 22 79.18 4.04 -15.92
C GLN G 22 79.81 5.03 -16.89
N LYS G 23 79.45 6.32 -16.77
CA LYS G 23 80.07 7.33 -17.62
C LYS G 23 81.56 7.48 -17.30
N ARG G 24 81.96 7.18 -16.06
CA ARG G 24 83.36 7.27 -15.67
C ARG G 24 84.22 6.16 -16.27
N LYS G 25 83.60 5.07 -16.71
CA LYS G 25 84.31 4.02 -17.44
C LYS G 25 84.06 4.11 -18.95
N GLY G 26 83.65 5.27 -19.45
CA GLY G 26 83.58 5.53 -20.89
C GLY G 26 82.33 5.09 -21.60
N ILE G 27 81.24 4.85 -20.88
CA ILE G 27 80.01 4.30 -21.45
C ILE G 27 78.98 5.42 -21.65
N ASP G 28 78.01 5.18 -22.53
CA ASP G 28 77.02 6.18 -22.97
C ASP G 28 75.71 5.91 -22.25
N THR G 29 75.50 6.60 -21.11
CA THR G 29 74.44 6.25 -20.16
C THR G 29 73.13 6.95 -20.48
N LEU G 30 72.04 6.21 -20.35
CA LEU G 30 70.69 6.74 -20.36
C LEU G 30 69.97 6.26 -19.11
N ILE G 31 69.43 7.20 -18.33
CA ILE G 31 68.53 6.90 -17.23
C ILE G 31 67.17 7.45 -17.62
N ILE G 32 66.17 6.58 -17.73
CA ILE G 32 64.82 7.01 -18.08
C ILE G 32 63.94 6.74 -16.86
N GLU G 33 63.49 7.83 -16.23
CA GLU G 33 62.95 7.80 -14.87
C GLU G 33 61.45 8.01 -14.88
N LYS G 34 60.76 7.23 -14.04
CA LYS G 34 59.30 7.29 -13.95
C LYS G 34 58.82 8.72 -13.84
N GLY G 35 59.53 9.55 -13.08
CA GLY G 35 59.24 10.96 -13.03
C GLY G 35 60.46 11.78 -13.37
N ASN G 36 60.92 12.56 -12.40
CA ASN G 36 62.19 13.27 -12.45
C ASN G 36 63.15 12.57 -11.50
N VAL G 37 64.43 12.96 -11.58
CA VAL G 37 65.50 12.36 -10.77
C VAL G 37 65.07 12.33 -9.30
N VAL G 38 65.51 11.29 -8.58
CA VAL G 38 65.27 11.08 -7.16
C VAL G 38 63.85 11.45 -6.73
N GLU G 39 62.84 10.90 -7.41
CA GLU G 39 61.45 11.13 -7.00
C GLU G 39 61.10 10.37 -5.74
N SER G 40 61.83 9.31 -5.39
CA SER G 40 61.58 8.62 -4.12
C SER G 40 61.69 9.59 -2.96
N ILE G 41 62.76 10.38 -2.93
CA ILE G 41 62.91 11.42 -1.90
C ILE G 41 61.83 12.46 -2.04
N TYR G 42 61.50 12.85 -3.27
CA TYR G 42 60.52 13.91 -3.47
C TYR G 42 59.15 13.49 -2.97
N ASN G 43 58.88 12.18 -2.94
CA ASN G 43 57.70 11.62 -2.30
C ASN G 43 57.88 11.41 -0.80
N TYR G 44 58.87 12.05 -0.17
CA TYR G 44 58.95 12.04 1.28
C TYR G 44 57.94 13.02 1.85
N PRO G 45 57.38 12.74 3.01
CA PRO G 45 56.64 13.76 3.76
C PRO G 45 57.37 15.09 3.76
N THR G 46 56.65 16.20 3.90
CA THR G 46 57.28 17.49 3.65
C THR G 46 58.39 17.78 4.68
N HIS G 47 58.25 17.26 5.90
CA HIS G 47 59.19 17.47 6.99
C HIS G 47 60.33 16.45 7.02
N GLN G 48 60.34 15.47 6.12
CA GLN G 48 61.18 14.31 6.34
C GLN G 48 62.65 14.67 6.45
N THR G 49 63.20 14.44 7.63
CA THR G 49 64.61 14.62 7.90
C THR G 49 65.33 13.30 7.67
N PHE G 50 66.40 13.33 6.87
CA PHE G 50 67.21 12.14 6.66
C PHE G 50 67.81 11.64 7.97
N PHE G 51 68.00 10.33 8.07
CA PHE G 51 68.59 9.71 9.25
C PHE G 51 70.07 9.38 9.07
N SER G 52 70.67 9.80 7.96
CA SER G 52 72.09 9.58 7.66
C SER G 52 72.83 10.91 7.62
N SER G 53 74.01 10.95 8.24
CA SER G 53 74.82 12.17 8.20
C SER G 53 75.12 12.51 6.75
N SER G 54 75.05 13.82 6.45
CA SER G 54 74.79 14.24 5.09
C SER G 54 75.92 13.90 4.11
N ASP G 55 77.14 13.66 4.60
CA ASP G 55 78.24 13.34 3.70
C ASP G 55 78.07 11.96 3.06
N LYS G 56 77.72 10.96 3.86
CA LYS G 56 77.58 9.60 3.35
C LYS G 56 76.45 9.46 2.32
N LEU G 57 75.73 10.54 1.99
CA LEU G 57 74.68 10.54 0.98
C LEU G 57 75.13 11.18 -0.34
N SER G 58 76.44 11.29 -0.55
CA SER G 58 76.97 11.89 -1.76
C SER G 58 77.36 10.80 -2.74
N ILE G 59 77.15 11.07 -4.03
CA ILE G 59 77.42 10.10 -5.08
C ILE G 59 78.43 10.63 -6.10
N GLY G 60 78.23 11.84 -6.59
CA GLY G 60 79.19 12.40 -7.51
C GLY G 60 80.27 13.13 -6.74
N ASP G 61 79.96 14.36 -6.34
CA ASP G 61 80.84 15.24 -5.56
C ASP G 61 80.01 16.36 -4.94
N VAL G 62 80.49 16.88 -3.80
CA VAL G 62 79.84 17.97 -3.08
C VAL G 62 80.81 19.12 -2.93
N PRO G 63 80.54 20.35 -3.54
CA PRO G 63 81.30 21.56 -3.16
C PRO G 63 81.09 21.97 -1.71
N PHE G 64 80.84 23.27 -1.48
CA PHE G 64 80.69 23.76 -0.11
C PHE G 64 79.45 24.64 0.03
N ILE G 65 79.34 25.67 -0.80
CA ILE G 65 78.18 26.57 -0.75
C ILE G 65 77.25 26.15 -1.90
N VAL G 66 76.16 25.48 -1.52
CA VAL G 66 75.22 24.84 -2.44
C VAL G 66 73.81 24.99 -1.89
N GLU G 67 73.23 26.16 -2.13
CA GLU G 67 71.80 26.40 -2.05
C GLU G 67 71.34 26.52 -0.59
N GLU G 68 70.20 25.91 -0.24
CA GLU G 68 69.53 26.28 1.01
C GLU G 68 68.69 25.12 1.55
N SER G 69 69.10 24.60 2.73
CA SER G 69 68.33 23.80 3.71
C SER G 69 69.14 22.67 4.35
N LYS G 70 68.43 21.75 5.01
CA LYS G 70 68.92 20.86 6.06
C LYS G 70 68.96 19.41 5.58
N PRO G 71 69.68 18.48 6.33
CA PRO G 71 69.61 17.04 5.97
C PRO G 71 68.21 16.47 6.09
N ARG G 72 67.22 17.32 5.82
CA ARG G 72 65.86 16.91 5.52
C ARG G 72 65.66 17.03 4.00
N ARG G 73 64.49 16.61 3.53
CA ARG G 73 64.18 16.83 2.13
C ARG G 73 64.36 18.30 1.79
N ASN G 74 64.95 18.58 0.61
CA ASN G 74 65.30 19.89 0.05
C ASN G 74 66.77 20.22 0.27
N GLN G 75 67.51 19.31 0.90
CA GLN G 75 68.95 19.24 0.67
C GLN G 75 69.24 18.15 -0.35
N ALA G 76 68.73 16.94 -0.12
CA ALA G 76 68.88 15.89 -1.10
C ALA G 76 68.09 16.19 -2.38
N LEU G 77 66.94 16.89 -2.26
CA LEU G 77 66.25 17.42 -3.43
C LEU G 77 67.06 18.49 -4.12
N VAL G 78 67.81 19.29 -3.34
CA VAL G 78 68.69 20.32 -3.88
C VAL G 78 70.03 19.73 -4.27
N TYR G 79 70.44 18.63 -3.64
CA TYR G 79 71.74 18.02 -3.93
C TYR G 79 71.70 17.14 -5.18
N TYR G 80 70.95 16.04 -5.13
CA TYR G 80 71.12 15.02 -6.17
C TYR G 80 70.89 15.58 -7.56
N ARG G 81 70.11 16.65 -7.70
CA ARG G 81 69.94 17.28 -9.01
C ARG G 81 71.23 17.94 -9.48
N GLU G 82 71.89 18.71 -8.61
CA GLU G 82 73.17 19.32 -8.95
C GLU G 82 74.28 18.28 -9.13
N VAL G 83 74.00 17.00 -8.84
CA VAL G 83 74.88 15.91 -9.27
C VAL G 83 74.54 15.44 -10.69
N VAL G 84 73.32 15.74 -11.17
CA VAL G 84 72.98 15.59 -12.58
C VAL G 84 73.62 16.71 -13.41
N LYS G 85 73.75 17.93 -12.87
CA LYS G 85 74.33 19.04 -13.63
C LYS G 85 75.82 18.86 -13.83
N HIS G 86 76.55 18.62 -12.74
CA HIS G 86 78.01 18.59 -12.79
C HIS G 86 78.52 17.50 -13.72
N HIS G 87 77.81 16.37 -13.78
CA HIS G 87 78.26 15.21 -14.56
C HIS G 87 77.46 15.00 -15.85
N GLN G 88 76.28 15.62 -16.00
CA GLN G 88 75.44 15.57 -17.19
C GLN G 88 74.83 14.18 -17.47
N LEU G 89 73.71 13.85 -16.80
CA LEU G 89 73.08 12.54 -16.89
C LEU G 89 71.93 12.54 -17.87
N LYS G 90 71.97 11.63 -18.84
CA LYS G 90 70.89 11.55 -19.82
C LYS G 90 69.61 11.03 -19.16
N VAL G 91 68.49 11.70 -19.45
CA VAL G 91 67.15 11.34 -18.97
C VAL G 91 66.09 11.71 -20.02
N ASN G 92 66.47 11.64 -21.31
CA ASN G 92 65.66 12.15 -22.43
C ASN G 92 64.31 11.45 -22.50
N ALA G 93 63.25 12.28 -22.52
CA ALA G 93 61.86 11.83 -22.52
C ALA G 93 61.58 10.95 -21.31
N PHE G 94 61.24 11.55 -20.17
CA PHE G 94 60.99 10.75 -18.97
C PHE G 94 59.65 10.03 -19.13
N GLU G 95 59.72 8.70 -19.24
CA GLU G 95 58.58 7.82 -19.44
C GLU G 95 58.49 6.86 -18.26
N GLU G 96 57.51 5.96 -18.30
CA GLU G 96 57.40 4.88 -17.30
C GLU G 96 57.67 3.55 -18.00
N VAL G 97 58.63 2.79 -17.49
CA VAL G 97 59.15 1.61 -18.17
C VAL G 97 58.18 0.44 -17.99
N LEU G 98 57.73 -0.12 -19.11
CA LEU G 98 56.80 -1.24 -19.09
C LEU G 98 57.42 -2.56 -19.52
N THR G 99 58.37 -2.52 -20.46
CA THR G 99 58.73 -3.72 -21.22
C THR G 99 60.23 -3.79 -21.44
N VAL G 100 60.78 -5.01 -21.22
CA VAL G 100 62.18 -5.36 -21.41
C VAL G 100 62.24 -6.75 -22.06
N LYS G 101 63.03 -6.89 -23.12
CA LYS G 101 63.18 -8.20 -23.77
C LYS G 101 64.60 -8.39 -24.28
N LYS G 102 64.91 -9.64 -24.63
CA LYS G 102 66.24 -10.05 -25.07
C LYS G 102 66.22 -10.41 -26.56
N MET G 103 67.13 -9.82 -27.33
CA MET G 103 67.30 -10.13 -28.74
C MET G 103 68.77 -9.94 -29.10
N ASN G 104 69.45 -11.02 -29.51
CA ASN G 104 70.91 -11.01 -29.75
C ASN G 104 71.58 -10.63 -28.43
N ASN G 105 72.66 -9.86 -28.47
CA ASN G 105 73.20 -9.17 -27.30
C ASN G 105 72.66 -7.75 -27.20
N LYS G 106 71.35 -7.57 -27.42
CA LYS G 106 70.72 -6.25 -27.45
C LYS G 106 69.35 -6.34 -26.78
N PHE G 107 68.97 -5.26 -26.09
CA PHE G 107 67.74 -5.21 -25.30
C PHE G 107 66.65 -4.41 -26.03
N THR G 108 65.42 -4.58 -25.57
CA THR G 108 64.27 -3.86 -26.13
C THR G 108 63.44 -3.32 -24.97
N ILE G 109 63.64 -2.03 -24.66
CA ILE G 109 62.90 -1.34 -23.60
C ILE G 109 61.73 -0.62 -24.25
N THR G 110 60.51 -0.98 -23.85
CA THR G 110 59.29 -0.28 -24.23
C THR G 110 58.61 0.25 -22.98
N THR G 111 58.26 1.53 -23.02
CA THR G 111 57.72 2.24 -21.87
C THR G 111 56.31 2.72 -22.18
N THR G 112 56.16 4.03 -22.39
CA THR G 112 54.97 4.59 -23.00
C THR G 112 55.32 5.31 -24.30
N LYS G 113 56.06 6.42 -24.24
CA LYS G 113 56.48 7.25 -25.37
C LYS G 113 57.13 6.46 -26.52
N ASP G 114 58.32 5.90 -26.30
CA ASP G 114 59.10 5.28 -27.35
C ASP G 114 59.67 3.95 -26.87
N VAL G 115 60.24 3.20 -27.82
CA VAL G 115 60.89 1.91 -27.58
C VAL G 115 62.39 2.10 -27.63
N TYR G 116 63.10 1.41 -26.75
CA TYR G 116 64.53 1.63 -26.62
C TYR G 116 65.29 0.34 -26.88
N GLU G 117 66.52 0.49 -27.37
CA GLU G 117 67.41 -0.63 -27.63
C GLU G 117 68.81 -0.25 -27.18
N CYS G 118 69.44 -1.10 -26.37
CA CYS G 118 70.74 -0.76 -25.79
C CYS G 118 71.53 -2.03 -25.51
N ARG G 119 72.84 -1.86 -25.29
CA ARG G 119 73.72 -2.99 -25.05
C ARG G 119 73.68 -3.43 -23.59
N PHE G 120 73.91 -2.50 -22.66
CA PHE G 120 73.83 -2.76 -21.23
C PHE G 120 72.55 -2.15 -20.65
N LEU G 121 72.05 -2.76 -19.57
CA LEU G 121 70.83 -2.29 -18.93
C LEU G 121 70.97 -2.37 -17.43
N THR G 122 70.71 -1.26 -16.75
CA THR G 122 70.67 -1.20 -15.29
C THR G 122 69.23 -0.99 -14.83
N ILE G 123 68.70 -1.93 -14.07
CA ILE G 123 67.33 -1.84 -13.53
C ILE G 123 67.48 -1.44 -12.06
N ALA G 124 67.44 -0.13 -11.81
CA ALA G 124 67.56 0.42 -10.46
C ALA G 124 66.22 0.96 -9.99
N THR G 125 65.27 0.04 -9.84
CA THR G 125 63.87 0.41 -9.59
C THR G 125 63.55 0.66 -8.13
N GLY G 126 64.33 0.13 -7.19
CA GLY G 126 64.02 0.34 -5.77
C GLY G 126 62.70 -0.32 -5.40
N TYR G 127 62.18 0.08 -4.23
CA TYR G 127 60.90 -0.46 -3.79
C TYR G 127 59.92 0.61 -3.30
N TYR G 128 60.23 1.90 -3.46
CA TYR G 128 59.36 2.94 -2.97
C TYR G 128 58.14 3.18 -3.87
N GLY G 129 57.96 2.38 -4.92
CA GLY G 129 56.93 2.66 -5.90
C GLY G 129 55.71 1.77 -5.90
N GLN G 130 55.74 0.69 -5.11
CA GLN G 130 54.66 -0.30 -5.10
C GLN G 130 54.41 -0.69 -3.64
N HIS G 131 53.31 -0.18 -3.08
CA HIS G 131 53.09 -0.34 -1.64
C HIS G 131 52.73 -1.78 -1.29
N ASN G 132 53.03 -2.15 -0.05
CA ASN G 132 52.60 -3.45 0.47
C ASN G 132 51.08 -3.52 0.59
N THR G 133 50.56 -4.74 0.66
CA THR G 133 49.11 -4.96 0.73
C THR G 133 48.67 -5.10 2.19
N LEU G 134 47.55 -4.44 2.52
CA LEU G 134 47.02 -4.44 3.89
C LEU G 134 46.13 -5.65 4.16
N GLU G 135 45.06 -5.81 3.37
CA GLU G 135 44.23 -7.01 3.33
C GLU G 135 43.45 -7.27 4.61
N VAL G 136 42.62 -6.30 4.99
CA VAL G 136 41.41 -6.51 5.77
C VAL G 136 40.29 -5.83 5.01
N GLU G 137 39.05 -6.22 5.32
CA GLU G 137 37.92 -5.62 4.64
C GLU G 137 37.71 -4.19 5.13
N GLY G 138 37.64 -3.26 4.18
CA GLY G 138 37.68 -1.84 4.47
C GLY G 138 39.02 -1.19 4.18
N ALA G 139 39.98 -1.93 3.62
CA ALA G 139 41.30 -1.40 3.31
C ALA G 139 41.34 -0.65 1.97
N ASP G 140 40.26 -0.70 1.19
CA ASP G 140 40.15 0.07 -0.04
C ASP G 140 39.23 1.29 0.12
N LEU G 141 39.13 1.84 1.34
CA LEU G 141 38.41 3.05 1.71
C LEU G 141 39.29 4.27 1.50
N PRO G 142 38.76 5.35 0.92
CA PRO G 142 39.60 6.54 0.66
C PRO G 142 40.21 7.14 1.91
N LYS G 143 39.79 6.71 3.10
CA LYS G 143 40.42 7.09 4.36
C LYS G 143 41.71 6.32 4.62
N VAL G 144 42.10 5.40 3.73
CA VAL G 144 43.25 4.53 3.95
C VAL G 144 44.33 4.90 2.96
N PHE G 145 45.44 5.41 3.46
CA PHE G 145 46.63 5.67 2.66
C PHE G 145 47.73 4.68 3.04
N HIS G 146 48.77 4.64 2.21
CA HIS G 146 50.00 3.92 2.53
C HIS G 146 51.22 4.82 2.57
N TYR G 147 51.11 6.07 2.12
CA TYR G 147 52.18 7.03 2.18
C TYR G 147 51.82 8.13 3.17
N PHE G 148 52.85 8.66 3.84
CA PHE G 148 52.68 9.86 4.64
C PHE G 148 53.19 11.07 3.87
N LYS G 149 52.55 12.22 4.11
CA LYS G 149 52.95 13.45 3.44
C LYS G 149 52.98 14.62 4.43
N GLU G 150 51.82 15.02 4.94
CA GLU G 150 51.74 16.08 5.93
C GLU G 150 50.67 15.71 6.96
N ALA G 151 50.54 16.54 8.00
CA ALA G 151 49.67 16.28 9.14
C ALA G 151 48.68 17.39 9.47
N HIS G 152 48.81 18.58 8.90
CA HIS G 152 47.90 19.68 9.19
C HIS G 152 46.45 19.36 8.87
N PRO G 153 46.09 19.03 7.62
CA PRO G 153 44.66 18.77 7.33
C PRO G 153 44.07 17.64 8.16
N TYR G 154 44.91 16.91 8.90
CA TYR G 154 44.51 15.88 9.85
C TYR G 154 44.49 16.44 11.28
N PHE G 155 44.31 17.75 11.40
CA PHE G 155 44.19 18.45 12.68
C PHE G 155 42.83 18.15 13.31
N ASP G 156 42.86 17.54 14.51
CA ASP G 156 41.72 17.30 15.39
C ASP G 156 40.82 16.15 14.94
N GLN G 157 41.40 15.14 14.29
CA GLN G 157 40.65 13.96 13.87
C GLN G 157 41.19 12.74 14.61
N ASP G 158 40.64 11.58 14.28
CA ASP G 158 40.99 10.34 14.96
C ASP G 158 41.73 9.37 14.02
N PHE G 216 50.88 -2.91 21.77
CA PHE G 216 51.63 -4.09 21.34
C PHE G 216 50.72 -5.25 21.08
N ASN G 217 51.22 -6.21 20.32
CA ASN G 217 50.47 -7.42 20.01
C ASN G 217 49.09 -7.06 19.47
N ALA G 218 49.08 -6.23 18.43
CA ALA G 218 47.86 -5.69 17.88
C ALA G 218 47.71 -6.07 16.41
N ASN G 219 46.49 -6.42 16.03
CA ASN G 219 46.17 -6.85 14.67
C ASN G 219 44.78 -6.29 14.34
N VAL G 220 44.75 -5.20 13.57
CA VAL G 220 43.49 -4.60 13.13
C VAL G 220 42.77 -5.59 12.22
N THR G 221 41.55 -5.96 12.60
CA THR G 221 40.75 -6.90 11.81
C THR G 221 39.65 -6.23 11.00
N GLN G 222 39.35 -4.96 11.27
CA GLN G 222 38.30 -4.25 10.56
C GLN G 222 38.64 -2.78 10.49
N ILE G 223 38.38 -2.17 9.33
CA ILE G 223 38.47 -0.73 9.13
C ILE G 223 37.18 -0.30 8.44
N THR G 224 36.33 0.44 9.15
CA THR G 224 35.06 0.86 8.58
C THR G 224 35.08 2.37 8.30
N GLU G 225 33.89 2.97 8.22
CA GLU G 225 33.79 4.39 7.88
C GLU G 225 34.12 5.28 9.07
N ASP G 226 33.63 4.94 10.27
CA ASP G 226 33.80 5.81 11.43
C ASP G 226 34.31 5.05 12.66
N THR G 227 34.82 3.83 12.49
CA THR G 227 35.42 3.08 13.59
C THR G 227 36.56 2.23 13.04
N VAL G 228 37.36 1.69 13.96
CA VAL G 228 38.45 0.76 13.66
C VAL G 228 38.44 -0.31 14.73
N THR G 229 38.30 -1.58 14.31
CA THR G 229 38.30 -2.72 15.23
C THR G 229 39.64 -3.44 15.14
N TYR G 230 40.25 -3.66 16.30
CA TYR G 230 41.53 -4.35 16.40
C TYR G 230 41.49 -5.27 17.60
N GLU G 231 42.41 -6.24 17.65
CA GLU G 231 42.44 -7.24 18.70
C GLU G 231 43.84 -7.34 19.27
N VAL G 232 43.98 -7.09 20.57
CA VAL G 232 45.24 -7.23 21.29
C VAL G 232 45.13 -8.44 22.19
N ASN G 233 45.97 -9.45 21.95
CA ASN G 233 45.99 -10.71 22.68
C ASN G 233 44.68 -11.50 22.55
N GLY G 234 43.87 -11.18 21.53
CA GLY G 234 42.64 -11.88 21.25
C GLY G 234 41.37 -11.13 21.64
N GLU G 235 41.44 -10.29 22.68
CA GLU G 235 40.29 -9.53 23.14
C GLU G 235 40.12 -8.28 22.29
N SER G 236 38.94 -8.10 21.73
CA SER G 236 38.70 -7.03 20.76
C SER G 236 38.43 -5.71 21.47
N LYS G 237 38.67 -4.62 20.73
CA LYS G 237 38.30 -3.27 21.12
C LYS G 237 37.92 -2.50 19.86
N THR G 238 37.15 -1.43 20.04
CA THR G 238 36.74 -0.61 18.90
C THR G 238 36.56 0.83 19.35
N ILE G 239 37.09 1.75 18.55
CA ILE G 239 37.15 3.17 18.88
C ILE G 239 36.80 3.96 17.63
N HIS G 240 36.32 5.18 17.82
CA HIS G 240 36.06 6.06 16.69
C HIS G 240 37.37 6.42 15.99
N ASN G 241 37.28 6.62 14.68
CA ASN G 241 38.46 6.86 13.87
C ASN G 241 38.04 7.62 12.60
N ASP G 242 38.87 8.58 12.20
CA ASP G 242 38.61 9.37 11.00
C ASP G 242 39.51 9.04 9.83
N TYR G 243 40.78 8.66 10.08
CA TYR G 243 41.67 8.23 9.02
C TYR G 243 42.64 7.18 9.54
N VAL G 244 43.11 6.35 8.61
CA VAL G 244 44.02 5.23 8.89
C VAL G 244 45.27 5.38 8.04
N PHE G 245 46.43 5.35 8.70
CA PHE G 245 47.74 5.35 8.04
C PHE G 245 48.35 3.97 8.19
N ALA G 246 48.47 3.25 7.07
CA ALA G 246 48.99 1.89 7.10
C ALA G 246 50.44 1.88 6.61
N MET G 247 51.32 2.37 7.48
CA MET G 247 52.74 2.31 7.18
C MET G 247 53.24 0.89 7.42
N ILE G 248 52.72 -0.06 6.64
CA ILE G 248 53.02 -1.47 6.82
C ILE G 248 54.07 -1.96 5.84
N GLY G 249 54.67 -1.06 5.06
CA GLY G 249 55.90 -1.36 4.36
C GLY G 249 55.77 -1.19 2.85
N TYR G 250 56.84 -1.55 2.16
CA TYR G 250 56.93 -1.50 0.70
C TYR G 250 57.80 -2.65 0.22
N HIS G 251 57.59 -3.05 -1.03
CA HIS G 251 58.32 -4.15 -1.64
C HIS G 251 58.59 -3.84 -3.11
N PRO G 252 59.68 -4.39 -3.69
CA PRO G 252 60.03 -4.07 -5.07
C PRO G 252 59.06 -4.62 -6.11
N ASP G 253 59.39 -4.39 -7.37
CA ASP G 253 58.48 -4.65 -8.48
C ASP G 253 58.82 -6.00 -9.13
N TYR G 254 58.52 -7.07 -8.38
CA TYR G 254 58.90 -8.42 -8.82
C TYR G 254 58.25 -8.79 -10.15
N GLU G 255 56.99 -8.39 -10.35
CA GLU G 255 56.34 -8.65 -11.63
C GLU G 255 57.08 -7.99 -12.78
N PHE G 256 57.53 -6.75 -12.58
CA PHE G 256 58.30 -6.06 -13.61
C PHE G 256 59.67 -6.70 -13.82
N LEU G 257 60.21 -7.37 -12.80
CA LEU G 257 61.51 -8.04 -12.94
C LEU G 257 61.35 -9.44 -13.52
N LYS G 258 60.42 -10.23 -12.97
CA LYS G 258 60.10 -11.53 -13.55
C LYS G 258 59.70 -11.41 -15.02
N SER G 259 59.22 -10.25 -15.43
CA SER G 259 58.91 -9.98 -16.82
C SER G 259 60.11 -9.55 -17.64
N VAL G 260 61.31 -9.49 -17.03
CA VAL G 260 62.53 -9.37 -17.81
C VAL G 260 63.35 -10.66 -17.79
N GLY G 261 63.09 -11.58 -16.86
CA GLY G 261 63.82 -12.82 -16.76
C GLY G 261 64.74 -12.97 -15.55
N ILE G 262 64.58 -12.14 -14.52
CA ILE G 262 65.41 -12.25 -13.33
C ILE G 262 64.71 -13.18 -12.35
N GLN G 263 65.31 -14.34 -12.11
CA GLN G 263 64.77 -15.27 -11.13
C GLN G 263 64.78 -14.64 -9.73
N ILE G 264 63.95 -15.21 -8.85
CA ILE G 264 63.96 -14.85 -7.46
C ILE G 264 64.78 -15.91 -6.70
N ASN G 265 65.11 -15.60 -5.45
CA ASN G 265 66.00 -16.45 -4.63
C ASN G 265 65.61 -17.91 -4.72
N THR G 266 66.45 -18.73 -5.37
CA THR G 266 66.20 -20.18 -5.44
C THR G 266 66.45 -20.84 -4.08
N ASN G 267 67.27 -20.23 -3.22
CA ASN G 267 67.41 -20.69 -1.85
C ASN G 267 66.32 -20.11 -0.95
N GLU G 268 65.86 -18.88 -1.25
CA GLU G 268 64.64 -18.30 -0.69
C GLU G 268 64.82 -17.83 0.75
N PHE G 269 66.00 -17.32 1.09
CA PHE G 269 66.23 -16.72 2.41
C PHE G 269 65.98 -15.22 2.43
N GLY G 270 65.17 -14.71 1.50
CA GLY G 270 64.88 -13.29 1.42
C GLY G 270 63.95 -12.84 0.31
N THR G 271 63.79 -13.68 -0.73
CA THR G 271 62.98 -13.32 -1.88
C THR G 271 63.53 -12.06 -2.54
N ALA G 272 64.46 -12.22 -3.47
CA ALA G 272 65.15 -11.08 -4.08
C ALA G 272 65.69 -11.52 -5.43
N PRO G 273 66.08 -10.59 -6.29
CA PRO G 273 66.65 -10.97 -7.59
C PRO G 273 67.95 -11.73 -7.43
N MET G 274 68.14 -12.76 -8.25
CA MET G 274 69.38 -13.52 -8.24
C MET G 274 70.44 -12.82 -9.06
N TYR G 275 71.64 -12.71 -8.52
CA TYR G 275 72.73 -12.05 -9.23
C TYR G 275 74.06 -12.49 -8.63
N ASN G 276 75.13 -12.26 -9.40
CA ASN G 276 76.49 -12.50 -8.94
C ASN G 276 76.90 -11.37 -8.00
N LYS G 277 77.38 -11.72 -6.81
CA LYS G 277 77.62 -10.71 -5.77
C LYS G 277 78.83 -9.83 -6.09
N GLU G 278 79.79 -10.32 -6.88
CA GLU G 278 80.96 -9.54 -7.25
C GLU G 278 80.67 -8.53 -8.34
N THR G 279 79.69 -8.80 -9.20
CA THR G 279 79.39 -7.96 -10.36
C THR G 279 78.03 -7.28 -10.29
N TYR G 280 77.06 -7.88 -9.58
CA TYR G 280 75.63 -7.51 -9.52
C TYR G 280 74.87 -7.99 -10.75
N GLU G 281 75.46 -8.94 -11.48
CA GLU G 281 74.91 -9.42 -12.74
C GLU G 281 73.93 -10.55 -12.49
N THR G 282 72.68 -10.35 -12.90
CA THR G 282 71.62 -11.33 -12.72
C THR G 282 71.82 -12.51 -13.68
N ASN G 283 70.87 -13.46 -13.63
CA ASN G 283 70.95 -14.61 -14.53
C ASN G 283 70.69 -14.23 -15.98
N ILE G 284 70.04 -13.08 -16.21
CA ILE G 284 69.93 -12.53 -17.55
C ILE G 284 71.26 -11.89 -17.92
N GLU G 285 71.79 -12.27 -19.08
CA GLU G 285 73.05 -11.71 -19.54
C GLU G 285 72.92 -10.20 -19.74
N ASN G 286 73.92 -9.45 -19.25
CA ASN G 286 74.02 -8.00 -19.39
C ASN G 286 72.94 -7.25 -18.64
N CYS G 287 72.29 -7.89 -17.68
CA CYS G 287 71.30 -7.23 -16.83
C CYS G 287 71.86 -7.13 -15.42
N TYR G 288 72.02 -5.89 -14.94
CA TYR G 288 72.49 -5.58 -13.59
C TYR G 288 71.39 -4.87 -12.82
N ILE G 289 71.45 -4.95 -11.48
CA ILE G 289 70.47 -4.29 -10.62
C ILE G 289 71.22 -3.46 -9.56
N ALA G 290 70.61 -2.34 -9.17
CA ALA G 290 71.25 -1.36 -8.28
C ALA G 290 70.20 -0.71 -7.38
N GLY G 291 70.62 -0.37 -6.17
CA GLY G 291 69.73 0.20 -5.18
C GLY G 291 69.22 -0.84 -4.20
N VAL G 292 68.17 -0.45 -3.47
CA VAL G 292 67.47 -1.34 -2.55
C VAL G 292 66.70 -2.39 -3.32
N ILE G 293 66.78 -2.33 -4.65
CA ILE G 293 66.24 -3.38 -5.51
C ILE G 293 66.85 -4.75 -5.22
N ALA G 294 67.90 -4.83 -4.40
CA ALA G 294 68.58 -6.09 -4.13
C ALA G 294 68.30 -6.67 -2.75
N ALA G 295 67.96 -5.85 -1.76
CA ALA G 295 67.59 -6.34 -0.43
C ALA G 295 66.08 -6.59 -0.44
N GLY G 296 65.71 -7.83 -0.79
CA GLY G 296 64.34 -8.25 -1.02
C GLY G 296 63.29 -7.71 -0.06
N ASN G 297 63.05 -8.43 1.04
CA ASN G 297 62.04 -8.00 2.01
C ASN G 297 62.60 -7.05 3.07
N ASP G 298 63.86 -7.26 3.49
CA ASP G 298 64.45 -6.40 4.51
C ASP G 298 64.53 -4.96 4.03
N ALA G 299 64.37 -4.03 4.96
CA ALA G 299 64.50 -2.60 4.69
C ALA G 299 65.88 -2.05 5.03
N ASN G 300 66.60 -2.69 5.95
CA ASN G 300 67.91 -2.23 6.41
C ASN G 300 69.02 -3.24 6.12
N THR G 301 68.89 -3.99 5.02
CA THR G 301 70.05 -4.67 4.47
C THR G 301 70.88 -3.70 3.62
N ILE G 302 70.22 -2.89 2.78
CA ILE G 302 70.87 -1.94 1.89
C ILE G 302 70.07 -0.64 1.90
N PHE G 303 70.75 0.48 1.61
CA PHE G 303 70.06 1.74 1.31
C PHE G 303 71.02 2.65 0.54
N ILE G 304 70.84 3.97 0.67
CA ILE G 304 71.70 4.91 -0.05
C ILE G 304 73.17 4.68 0.28
N GLU G 305 73.50 4.54 1.58
CA GLU G 305 74.88 4.65 2.06
C GLU G 305 75.80 3.64 1.37
N ASN G 306 75.41 2.38 1.34
CA ASN G 306 76.19 1.33 0.68
C ASN G 306 75.50 0.78 -0.56
N GLY G 307 74.39 1.35 -0.99
CA GLY G 307 73.75 0.95 -2.24
C GLY G 307 74.12 1.86 -3.40
N LYS G 308 74.51 3.09 -3.07
CA LYS G 308 75.01 3.99 -4.11
C LYS G 308 76.19 3.37 -4.85
N PHE G 309 77.09 2.72 -4.12
CA PHE G 309 78.33 2.11 -4.63
C PHE G 309 78.08 0.95 -5.61
N HIS G 310 76.83 0.55 -5.85
CA HIS G 310 76.58 -0.50 -6.84
C HIS G 310 77.14 -0.09 -8.19
N GLY G 311 76.97 1.18 -8.57
CA GLY G 311 77.55 1.67 -9.80
C GLY G 311 79.05 1.47 -9.88
N GLY G 312 79.74 1.62 -8.74
CA GLY G 312 81.19 1.49 -8.75
C GLY G 312 81.66 0.08 -9.10
N ILE G 313 80.91 -0.93 -8.68
CA ILE G 313 81.26 -2.30 -9.02
C ILE G 313 80.56 -2.77 -10.29
N ILE G 314 79.36 -2.24 -10.58
CA ILE G 314 78.65 -2.57 -11.81
C ILE G 314 79.41 -2.03 -13.03
N ALA G 315 80.04 -0.87 -12.89
CA ALA G 315 80.81 -0.31 -13.99
C ALA G 315 82.09 -1.11 -14.28
N GLN G 316 82.64 -1.84 -13.30
CA GLN G 316 83.82 -2.65 -13.55
C GLN G 316 83.47 -3.86 -14.41
N SER G 317 82.32 -4.49 -14.14
CA SER G 317 81.89 -5.65 -14.91
C SER G 317 81.37 -5.27 -16.27
N MET G 318 80.87 -4.05 -16.44
CA MET G 318 80.52 -3.55 -17.76
C MET G 318 81.77 -3.19 -18.56
N LEU G 319 82.82 -2.73 -17.89
CA LEU G 319 84.09 -2.42 -18.55
C LEU G 319 84.89 -3.67 -18.89
N ALA G 320 84.76 -4.73 -18.09
CA ALA G 320 85.58 -5.93 -18.25
C ALA G 320 85.15 -6.77 -19.44
N LYS G 321 83.98 -6.50 -20.01
CA LYS G 321 83.52 -7.27 -21.17
C LYS G 321 84.10 -6.65 -22.44
N LYS G 322 85.06 -7.34 -23.04
CA LYS G 322 85.82 -6.87 -24.20
C LYS G 322 84.92 -6.33 -25.30
N MET H 1 18.54 16.49 12.45
CA MET H 1 19.16 17.70 11.93
C MET H 1 20.11 18.15 13.03
N GLN H 2 20.73 19.31 12.84
CA GLN H 2 21.56 19.97 13.83
C GLN H 2 21.09 21.41 13.88
N LYS H 3 21.03 21.99 15.08
CA LYS H 3 20.56 23.35 15.26
C LYS H 3 21.67 24.15 15.91
N VAL H 4 22.16 25.17 15.22
CA VAL H 4 23.16 26.08 15.77
C VAL H 4 22.65 27.49 15.55
N GLU H 5 23.00 28.40 16.47
CA GLU H 5 22.57 29.79 16.30
C GLU H 5 23.18 30.41 15.06
N SER H 6 24.50 30.40 14.96
CA SER H 6 25.19 30.97 13.81
C SER H 6 26.15 29.95 13.22
N ILE H 7 26.20 29.91 11.89
CA ILE H 7 27.11 29.05 11.16
C ILE H 7 27.99 29.92 10.27
N ILE H 8 29.27 29.58 10.19
CA ILE H 8 30.23 30.25 9.34
C ILE H 8 30.82 29.20 8.41
N ILE H 9 30.75 29.46 7.11
CA ILE H 9 31.27 28.54 6.10
C ILE H 9 32.71 28.95 5.75
N GLY H 10 33.64 28.05 6.04
CA GLY H 10 35.04 28.34 5.79
C GLY H 10 35.83 28.47 7.08
N GLY H 11 36.90 27.69 7.20
CA GLY H 11 37.75 27.78 8.36
C GLY H 11 39.12 28.36 8.04
N GLY H 12 39.17 29.24 7.05
CA GLY H 12 40.33 30.05 6.74
C GLY H 12 40.50 31.20 7.70
N PRO H 13 41.48 32.09 7.42
CA PRO H 13 41.74 33.20 8.35
C PRO H 13 40.52 34.04 8.68
N CYS H 14 39.63 34.31 7.73
CA CYS H 14 38.43 35.09 8.06
C CYS H 14 37.32 34.23 8.66
N GLY H 15 37.18 32.99 8.21
CA GLY H 15 36.24 32.09 8.86
C GLY H 15 36.57 31.89 10.33
N LEU H 16 37.85 31.57 10.61
CA LEU H 16 38.30 31.45 12.00
C LEU H 16 38.15 32.78 12.75
N SER H 17 38.44 33.91 12.08
CA SER H 17 38.33 35.21 12.72
C SER H 17 36.88 35.55 13.10
N ALA H 18 35.92 35.23 12.23
CA ALA H 18 34.52 35.51 12.51
C ALA H 18 33.98 34.68 13.67
N ALA H 19 34.36 33.40 13.74
CA ALA H 19 33.85 32.53 14.80
C ALA H 19 34.27 33.01 16.18
N ILE H 20 35.52 33.44 16.33
CA ILE H 20 36.00 33.96 17.62
C ILE H 20 35.19 35.18 18.03
N GLU H 21 34.99 36.12 17.10
CA GLU H 21 34.38 37.42 17.41
C GLU H 21 32.88 37.31 17.69
N GLN H 22 32.17 36.43 16.97
CA GLN H 22 30.78 36.19 17.32
C GLN H 22 30.67 35.54 18.70
N LYS H 23 31.59 34.62 19.01
CA LYS H 23 31.61 33.96 20.30
C LYS H 23 31.86 34.95 21.44
N ARG H 24 32.65 36.00 21.18
CA ARG H 24 32.86 37.07 22.15
C ARG H 24 31.56 37.80 22.48
N LYS H 25 30.59 37.80 21.56
CA LYS H 25 29.28 38.42 21.76
C LYS H 25 28.25 37.42 22.26
N GLY H 26 28.69 36.29 22.80
CA GLY H 26 27.82 35.27 23.34
C GLY H 26 27.04 34.47 22.31
N ILE H 27 27.61 34.23 21.15
CA ILE H 27 26.95 33.45 20.10
C ILE H 27 27.66 32.10 20.00
N ASP H 28 26.90 31.03 20.24
CA ASP H 28 27.41 29.67 20.08
C ASP H 28 27.59 29.36 18.59
N THR H 29 28.84 29.27 18.14
CA THR H 29 29.17 29.12 16.73
C THR H 29 29.62 27.70 16.41
N LEU H 30 29.52 27.36 15.13
CA LEU H 30 30.01 26.09 14.62
C LEU H 30 30.67 26.36 13.27
N ILE H 31 31.93 25.94 13.13
CA ILE H 31 32.66 26.14 11.89
C ILE H 31 32.54 24.91 11.02
N ILE H 32 32.15 25.13 9.78
CA ILE H 32 32.07 24.10 8.76
C ILE H 32 33.14 24.38 7.71
N GLU H 33 34.08 23.45 7.56
CA GLU H 33 35.20 23.66 6.66
C GLU H 33 35.31 22.53 5.64
N LYS H 34 35.32 22.90 4.35
CA LYS H 34 35.40 21.90 3.27
C LYS H 34 36.65 21.05 3.39
N GLY H 35 37.77 21.65 3.81
CA GLY H 35 38.97 20.89 4.08
C GLY H 35 39.22 20.84 5.56
N ASN H 36 40.40 21.23 6.01
CA ASN H 36 40.59 21.52 7.42
C ASN H 36 40.88 23.00 7.57
N VAL H 37 40.99 23.47 8.82
CA VAL H 37 41.12 24.91 9.01
C VAL H 37 42.35 25.35 8.23
N VAL H 38 42.26 26.55 7.66
CA VAL H 38 43.22 27.15 6.74
C VAL H 38 43.81 26.12 5.77
N GLU H 39 42.95 25.24 5.21
CA GLU H 39 43.36 24.43 4.06
C GLU H 39 43.78 25.32 2.87
N SER H 40 43.17 26.52 2.76
CA SER H 40 43.51 27.45 1.70
C SER H 40 45.00 27.76 1.68
N ILE H 41 45.55 28.12 2.85
CA ILE H 41 46.99 28.34 3.03
C ILE H 41 47.79 27.05 2.80
N TYR H 42 47.20 25.89 3.08
CA TYR H 42 47.91 24.61 2.92
C TYR H 42 48.45 24.37 1.50
N ASN H 43 47.74 24.80 0.46
CA ASN H 43 48.20 24.54 -0.91
C ASN H 43 48.99 25.69 -1.53
N TYR H 44 49.33 26.73 -0.77
CA TYR H 44 50.28 27.72 -1.26
C TYR H 44 51.51 26.96 -1.71
N PRO H 45 52.36 27.52 -2.58
CA PRO H 45 53.64 26.85 -2.86
C PRO H 45 54.41 26.59 -1.57
N THR H 46 55.15 25.48 -1.56
CA THR H 46 55.83 25.08 -0.33
C THR H 46 56.76 26.17 0.18
N HIS H 47 57.52 26.80 -0.72
CA HIS H 47 58.54 27.78 -0.35
C HIS H 47 57.99 29.22 -0.35
N GLN H 48 56.67 29.38 -0.30
CA GLN H 48 56.04 30.69 -0.30
C GLN H 48 56.36 31.39 1.02
N THR H 49 56.75 32.67 0.99
CA THR H 49 57.21 33.31 2.23
C THR H 49 56.33 34.46 2.76
N PHE H 50 55.10 34.62 2.25
CA PHE H 50 54.18 35.67 2.77
C PHE H 50 54.64 37.10 2.52
N PHE H 51 53.74 37.94 2.01
CA PHE H 51 53.95 39.38 2.05
C PHE H 51 54.17 39.84 3.49
N SER H 52 53.17 39.61 4.36
CA SER H 52 53.13 40.13 5.72
C SER H 52 54.04 39.40 6.73
N SER H 53 55.30 39.01 6.39
CA SER H 53 56.18 38.47 7.45
C SER H 53 56.50 39.52 8.50
N SER H 54 55.43 39.88 9.22
CA SER H 54 55.38 40.90 10.26
C SER H 54 54.24 40.53 11.20
N ASP H 55 53.79 39.27 11.13
CA ASP H 55 52.75 38.68 11.99
C ASP H 55 51.42 39.42 11.82
N LYS H 56 51.26 40.14 10.71
CA LYS H 56 50.06 40.90 10.43
C LYS H 56 48.92 39.98 9.99
N LEU H 57 49.09 38.68 10.25
CA LEU H 57 48.12 37.64 10.04
C LEU H 57 47.32 37.32 11.30
N SER H 58 47.58 38.01 12.41
CA SER H 58 47.06 37.61 13.70
C SER H 58 45.58 37.94 13.87
N ILE H 59 44.86 37.00 14.50
CA ILE H 59 43.44 37.13 14.79
C ILE H 59 43.24 36.80 16.26
N GLY H 60 42.28 37.49 16.89
CA GLY H 60 41.86 37.30 18.27
C GLY H 60 42.93 37.13 19.32
N ASP H 61 43.95 38.00 19.34
CA ASP H 61 44.93 37.99 20.42
C ASP H 61 45.49 36.61 20.75
N VAL H 62 46.46 36.14 19.96
CA VAL H 62 47.11 34.85 20.25
C VAL H 62 48.62 34.91 20.37
N PRO H 63 49.18 34.68 21.59
CA PRO H 63 50.64 34.54 21.76
C PRO H 63 51.04 33.16 22.30
N PHE H 64 52.36 32.89 22.34
CA PHE H 64 52.98 31.70 22.95
C PHE H 64 52.78 30.45 22.10
N ILE H 65 53.81 30.00 21.38
CA ILE H 65 53.67 28.98 20.35
C ILE H 65 54.50 27.74 20.70
N VAL H 66 54.30 26.69 19.90
CA VAL H 66 54.96 25.39 20.02
C VAL H 66 55.24 24.83 18.62
N GLU H 67 56.27 23.97 18.54
CA GLU H 67 56.66 23.18 17.37
C GLU H 67 57.42 23.93 16.27
N GLU H 68 58.75 23.74 16.23
CA GLU H 68 59.66 24.36 15.26
C GLU H 68 60.34 23.27 14.43
N SER H 69 60.17 23.34 13.11
CA SER H 69 60.87 22.39 12.23
C SER H 69 61.28 23.09 10.93
N LYS H 70 60.84 22.59 9.77
CA LYS H 70 61.12 23.37 8.57
C LYS H 70 60.08 24.48 8.37
N PRO H 71 60.51 25.71 8.08
CA PRO H 71 59.56 26.77 7.76
C PRO H 71 59.13 26.68 6.30
N ARG H 72 57.96 27.27 6.03
CA ARG H 72 57.41 27.31 4.67
C ARG H 72 56.22 28.27 4.60
N ARG H 73 55.11 27.85 5.18
CA ARG H 73 53.84 28.54 5.15
C ARG H 73 53.13 28.01 6.37
N ASN H 74 53.71 26.92 6.89
CA ASN H 74 53.20 26.14 8.00
C ASN H 74 53.35 26.86 9.33
N GLN H 75 54.10 27.96 9.37
CA GLN H 75 54.11 28.77 10.59
C GLN H 75 52.71 29.34 10.87
N ALA H 76 52.03 29.83 9.82
CA ALA H 76 50.64 30.28 9.95
C ALA H 76 49.70 29.09 10.16
N LEU H 77 49.96 27.97 9.49
CA LEU H 77 49.19 26.76 9.71
C LEU H 77 49.22 26.35 11.18
N VAL H 78 50.42 26.24 11.75
CA VAL H 78 50.57 25.93 13.17
C VAL H 78 49.90 27.00 14.01
N TYR H 79 49.96 28.25 13.55
CA TYR H 79 49.35 29.36 14.28
C TYR H 79 47.83 29.25 14.30
N TYR H 80 47.19 29.08 13.12
CA TYR H 80 45.72 29.06 13.04
C TYR H 80 45.12 27.84 13.75
N ARG H 81 45.84 26.71 13.78
CA ARG H 81 45.38 25.57 14.59
C ARG H 81 45.43 25.90 16.07
N GLU H 82 46.54 26.47 16.55
CA GLU H 82 46.66 26.86 17.95
C GLU H 82 45.67 27.97 18.30
N VAL H 83 45.27 28.79 17.32
CA VAL H 83 44.21 29.76 17.54
C VAL H 83 42.89 29.05 17.84
N VAL H 84 42.58 27.98 17.08
CA VAL H 84 41.36 27.22 17.33
C VAL H 84 41.38 26.60 18.72
N LYS H 85 42.51 26.00 19.11
CA LYS H 85 42.63 25.41 20.44
C LYS H 85 42.36 26.42 21.55
N HIS H 86 43.04 27.58 21.50
CA HIS H 86 42.98 28.52 22.61
C HIS H 86 41.56 29.06 22.80
N HIS H 87 40.83 29.27 21.71
CA HIS H 87 39.49 29.85 21.75
C HIS H 87 38.37 28.83 21.78
N GLN H 88 38.70 27.53 21.73
CA GLN H 88 37.71 26.46 21.84
C GLN H 88 36.64 26.56 20.74
N LEU H 89 37.09 26.64 19.48
CA LEU H 89 36.17 26.74 18.36
C LEU H 89 35.75 25.36 17.89
N LYS H 90 34.45 25.21 17.65
CA LYS H 90 33.91 23.98 17.09
C LYS H 90 34.07 24.02 15.58
N VAL H 91 34.88 23.12 15.03
CA VAL H 91 35.09 23.05 13.59
C VAL H 91 34.71 21.64 13.14
N ASN H 92 33.74 21.56 12.23
CA ASN H 92 33.37 20.30 11.56
C ASN H 92 34.07 20.33 10.21
N ALA H 93 35.17 19.59 10.10
CA ALA H 93 35.98 19.61 8.90
C ALA H 93 35.57 18.52 7.91
N PHE H 94 35.99 18.73 6.66
CA PHE H 94 35.73 17.88 5.49
C PHE H 94 34.27 17.95 5.10
N GLU H 95 33.78 19.17 4.79
CA GLU H 95 32.35 19.43 4.60
C GLU H 95 32.11 20.53 3.57
N GLU H 96 31.79 20.17 2.34
CA GLU H 96 31.50 21.18 1.33
C GLU H 96 30.02 21.49 1.41
N VAL H 97 29.70 22.75 1.63
CA VAL H 97 28.32 23.22 1.64
C VAL H 97 27.87 23.37 0.19
N LEU H 98 26.73 22.77 -0.16
CA LEU H 98 26.31 22.77 -1.55
C LEU H 98 25.13 23.69 -1.89
N THR H 99 24.23 23.95 -0.94
CA THR H 99 23.01 24.69 -1.23
C THR H 99 22.49 25.31 0.07
N VAL H 100 22.08 26.56 0.00
CA VAL H 100 21.51 27.29 1.13
C VAL H 100 20.15 27.85 0.73
N LYS H 101 19.18 27.72 1.62
CA LYS H 101 17.82 28.21 1.41
C LYS H 101 17.34 28.96 2.64
N LYS H 102 16.52 30.00 2.40
CA LYS H 102 15.89 30.75 3.48
C LYS H 102 14.54 30.13 3.79
N MET H 103 14.28 29.89 5.07
CA MET H 103 13.02 29.28 5.52
C MET H 103 12.68 29.84 6.90
N ASN H 104 11.78 30.82 6.92
CA ASN H 104 11.28 31.45 8.14
C ASN H 104 12.39 32.20 8.89
N ASN H 105 12.49 31.96 10.19
CA ASN H 105 13.50 32.59 11.03
C ASN H 105 14.79 31.77 11.02
N LYS H 106 14.95 30.94 9.99
CA LYS H 106 16.06 29.99 9.92
C LYS H 106 16.50 29.73 8.49
N PHE H 107 17.76 29.34 8.36
CA PHE H 107 18.37 28.88 7.13
C PHE H 107 18.50 27.36 7.17
N THR H 108 18.41 26.72 6.00
CA THR H 108 18.59 25.28 5.89
C THR H 108 19.83 24.98 5.03
N ILE H 109 20.87 24.43 5.66
CA ILE H 109 22.15 24.18 5.02
C ILE H 109 22.26 22.69 4.75
N THR H 110 22.49 22.32 3.49
CA THR H 110 22.68 20.92 3.11
C THR H 110 24.12 20.76 2.62
N THR H 111 24.89 19.95 3.32
CA THR H 111 26.29 19.74 3.04
C THR H 111 26.58 18.27 2.73
N THR H 112 27.86 17.99 2.53
CA THR H 112 28.42 16.66 2.36
C THR H 112 28.43 15.87 3.65
N LYS H 113 27.85 16.32 4.76
CA LYS H 113 27.89 15.56 6.01
C LYS H 113 26.57 15.46 6.74
N ASP H 114 25.65 16.40 6.59
CA ASP H 114 24.46 16.48 7.43
C ASP H 114 23.58 17.58 6.87
N VAL H 115 22.50 17.89 7.61
CA VAL H 115 21.62 19.02 7.32
C VAL H 115 21.56 19.84 8.61
N TYR H 116 21.58 21.18 8.47
CA TYR H 116 21.69 22.11 9.60
C TYR H 116 20.58 23.16 9.60
N GLU H 117 20.36 23.77 10.76
CA GLU H 117 19.39 24.85 10.91
C GLU H 117 20.05 25.98 11.71
N CYS H 118 20.03 27.18 11.16
CA CYS H 118 20.64 28.32 11.83
C CYS H 118 19.85 29.57 11.52
N ARG H 119 19.94 30.55 12.43
CA ARG H 119 19.32 31.84 12.20
C ARG H 119 20.28 32.76 11.46
N PHE H 120 21.52 32.83 11.92
CA PHE H 120 22.54 33.68 11.30
C PHE H 120 23.49 32.81 10.48
N LEU H 121 23.82 33.29 9.29
CA LEU H 121 24.72 32.62 8.36
C LEU H 121 25.79 33.58 7.87
N THR H 122 27.02 33.11 7.84
CA THR H 122 28.14 33.90 7.34
C THR H 122 28.91 33.04 6.35
N ILE H 123 28.95 33.49 5.10
CA ILE H 123 29.60 32.76 4.01
C ILE H 123 30.96 33.41 3.80
N ALA H 124 32.01 32.72 4.26
CA ALA H 124 33.38 33.20 4.20
C ALA H 124 34.22 32.24 3.37
N THR H 125 33.87 32.11 2.10
CA THR H 125 34.46 31.08 1.26
C THR H 125 35.72 31.50 0.52
N GLY H 126 36.14 32.76 0.61
CA GLY H 126 37.35 33.17 -0.10
C GLY H 126 37.36 32.87 -1.59
N TYR H 127 38.51 32.99 -2.25
CA TYR H 127 38.62 32.75 -3.69
C TYR H 127 39.56 31.59 -3.95
N TYR H 128 39.41 30.54 -3.16
CA TYR H 128 40.41 29.48 -3.13
C TYR H 128 40.36 28.52 -4.31
N GLY H 129 39.25 27.79 -4.45
CA GLY H 129 39.05 26.69 -5.39
C GLY H 129 38.67 26.98 -6.82
N GLN H 130 38.52 28.25 -7.21
CA GLN H 130 38.01 28.57 -8.55
C GLN H 130 39.06 29.39 -9.29
N HIS H 131 39.76 28.73 -10.21
CA HIS H 131 40.79 29.37 -11.03
C HIS H 131 40.19 29.95 -12.32
N ASN H 132 40.69 31.11 -12.71
CA ASN H 132 40.25 31.77 -13.93
C ASN H 132 40.48 30.89 -15.16
N THR H 133 39.55 30.94 -16.10
CA THR H 133 39.67 30.15 -17.33
C THR H 133 40.63 30.85 -18.29
N LEU H 134 41.47 30.05 -18.96
CA LEU H 134 42.59 30.59 -19.71
C LEU H 134 42.14 31.27 -21.01
N GLU H 135 41.26 30.62 -21.76
CA GLU H 135 40.71 31.11 -23.05
C GLU H 135 41.77 31.12 -24.15
N VAL H 136 42.48 29.99 -24.24
CA VAL H 136 43.30 29.62 -25.39
C VAL H 136 43.07 28.13 -25.59
N GLU H 137 43.32 27.64 -26.80
CA GLU H 137 43.15 26.22 -27.08
C GLU H 137 44.19 25.37 -26.36
N GLY H 138 43.72 24.36 -25.61
CA GLY H 138 44.58 23.44 -24.90
C GLY H 138 44.62 23.62 -23.39
N ALA H 139 43.95 24.64 -22.85
CA ALA H 139 43.98 24.92 -21.41
C ALA H 139 43.46 23.77 -20.56
N ASP H 140 42.83 22.74 -21.15
CA ASP H 140 42.33 21.61 -20.39
C ASP H 140 43.27 20.41 -20.44
N LEU H 141 44.40 20.52 -21.14
CA LEU H 141 45.41 19.48 -21.15
C LEU H 141 45.93 19.23 -19.73
N PRO H 142 46.40 18.01 -19.44
CA PRO H 142 46.88 17.73 -18.07
C PRO H 142 48.18 18.44 -17.71
N LYS H 143 48.97 18.88 -18.68
CA LYS H 143 50.21 19.60 -18.40
C LYS H 143 49.98 21.06 -18.05
N VAL H 144 48.73 21.52 -18.00
CA VAL H 144 48.42 22.93 -17.75
C VAL H 144 47.80 23.03 -16.36
N PHE H 145 48.48 23.77 -15.47
CA PHE H 145 48.05 23.96 -14.09
C PHE H 145 47.80 25.45 -13.83
N HIS H 146 46.85 25.72 -12.96
CA HIS H 146 46.56 27.07 -12.51
C HIS H 146 47.02 27.29 -11.07
N TYR H 147 47.73 26.31 -10.53
CA TYR H 147 48.29 26.34 -9.19
C TYR H 147 49.74 25.90 -9.29
N PHE H 148 50.62 26.58 -8.55
CA PHE H 148 52.02 26.20 -8.44
C PHE H 148 52.25 25.56 -7.09
N LYS H 149 53.03 24.49 -7.06
CA LYS H 149 53.30 23.89 -5.77
C LYS H 149 54.79 23.93 -5.47
N GLU H 150 55.56 23.03 -6.10
CA GLU H 150 57.00 22.98 -6.00
C GLU H 150 57.56 22.94 -7.40
N ALA H 151 58.86 23.22 -7.50
CA ALA H 151 59.51 23.29 -8.80
C ALA H 151 60.28 22.02 -9.17
N HIS H 152 60.60 21.16 -8.19
CA HIS H 152 61.53 20.05 -8.40
C HIS H 152 61.25 19.13 -9.60
N PRO H 153 60.06 18.57 -9.80
CA PRO H 153 59.87 17.64 -10.93
C PRO H 153 59.97 18.28 -12.31
N TYR H 154 60.03 19.60 -12.39
CA TYR H 154 60.19 20.30 -13.66
C TYR H 154 61.65 20.61 -13.99
N PHE H 155 62.58 20.07 -13.22
CA PHE H 155 64.00 20.19 -13.57
C PHE H 155 64.28 19.68 -14.98
N ASP H 156 64.96 20.52 -15.74
CA ASP H 156 65.33 20.25 -17.14
C ASP H 156 64.12 20.05 -18.02
N GLN H 157 62.97 20.61 -17.62
CA GLN H 157 61.76 20.61 -18.42
C GLN H 157 61.50 22.02 -18.93
N ASP H 158 60.87 22.12 -20.10
CA ASP H 158 60.51 23.42 -20.69
C ASP H 158 59.15 23.81 -20.13
N VAL H 159 59.11 24.87 -19.32
CA VAL H 159 57.91 25.31 -18.62
C VAL H 159 57.60 26.74 -19.07
N VAL H 160 56.32 27.10 -19.16
CA VAL H 160 55.89 28.45 -19.54
C VAL H 160 54.89 28.99 -18.50
N ILE H 161 55.03 30.26 -18.14
CA ILE H 161 54.14 30.90 -17.16
C ILE H 161 53.30 31.94 -17.87
N ILE H 162 51.97 31.81 -17.77
CA ILE H 162 51.04 32.80 -18.29
C ILE H 162 50.50 33.62 -17.12
N GLY H 163 50.75 34.93 -17.11
CA GLY H 163 50.27 35.78 -16.03
C GLY H 163 51.39 36.52 -15.31
N GLY H 164 50.98 37.35 -14.35
CA GLY H 164 51.86 38.22 -13.60
C GLY H 164 51.46 38.27 -12.14
N LYS H 165 51.34 39.48 -11.58
CA LYS H 165 51.03 39.77 -10.18
C LYS H 165 51.52 38.70 -9.19
N ASN H 166 52.73 38.91 -8.69
CA ASN H 166 53.50 38.05 -7.80
C ASN H 166 53.38 36.52 -7.95
N SER H 167 52.18 35.97 -8.17
CA SER H 167 52.05 34.52 -8.32
C SER H 167 52.92 34.00 -9.46
N ALA H 168 52.89 34.66 -10.61
CA ALA H 168 53.74 34.27 -11.72
C ALA H 168 55.20 34.50 -11.38
N ILE H 169 55.49 35.63 -10.75
CA ILE H 169 56.86 36.04 -10.52
C ILE H 169 57.54 35.16 -9.47
N ASP H 170 56.83 34.84 -8.38
CA ASP H 170 57.40 33.93 -7.36
C ASP H 170 57.67 32.55 -7.93
N ALA H 171 56.68 31.92 -8.56
CA ALA H 171 56.87 30.59 -9.13
C ALA H 171 57.98 30.60 -10.18
N ALA H 172 58.15 31.70 -10.91
CA ALA H 172 59.22 31.77 -11.89
C ALA H 172 60.59 31.79 -11.20
N LEU H 173 60.74 32.65 -10.18
CA LEU H 173 61.98 32.70 -9.41
C LEU H 173 62.27 31.35 -8.81
N GLU H 174 61.22 30.76 -8.21
CA GLU H 174 61.34 29.46 -7.58
C GLU H 174 61.63 28.38 -8.61
N LEU H 175 60.94 28.39 -9.76
CA LEU H 175 61.24 27.42 -10.83
C LEU H 175 62.58 27.71 -11.48
N GLU H 176 62.99 28.99 -11.57
CA GLU H 176 64.33 29.28 -12.05
C GLU H 176 65.36 28.78 -11.04
N LYS H 177 65.03 28.87 -9.74
CA LYS H 177 65.92 28.40 -8.68
C LYS H 177 66.30 26.93 -8.83
N ALA H 178 65.42 26.10 -9.39
CA ALA H 178 65.70 24.68 -9.54
C ALA H 178 66.21 24.31 -10.93
N GLY H 179 66.42 25.30 -11.80
CA GLY H 179 67.01 25.03 -13.09
C GLY H 179 66.04 24.67 -14.19
N ALA H 180 64.74 24.91 -13.99
CA ALA H 180 63.77 24.66 -15.04
C ALA H 180 63.91 25.72 -16.12
N ASN H 181 63.37 25.41 -17.30
CA ASN H 181 63.35 26.36 -18.42
C ASN H 181 62.00 27.07 -18.42
N VAL H 182 62.02 28.32 -17.93
CA VAL H 182 60.85 29.15 -17.61
C VAL H 182 60.76 30.33 -18.57
N THR H 183 59.57 30.56 -19.14
CA THR H 183 59.23 31.80 -19.86
C THR H 183 57.92 32.33 -19.28
N VAL H 184 57.95 33.55 -18.77
CA VAL H 184 56.74 34.21 -18.27
C VAL H 184 56.13 34.92 -19.46
N LEU H 185 54.88 34.59 -19.76
CA LEU H 185 54.11 35.21 -20.83
C LEU H 185 52.97 35.98 -20.18
N TYR H 186 53.05 37.31 -20.25
CA TYR H 186 52.13 38.23 -19.58
C TYR H 186 51.52 39.14 -20.64
N ARG H 187 50.19 39.28 -20.65
CA ARG H 187 49.51 40.06 -21.70
C ARG H 187 49.42 41.55 -21.32
N GLY H 188 50.61 42.18 -21.23
CA GLY H 188 50.72 43.57 -20.82
C GLY H 188 52.03 44.18 -21.28
N GLY H 189 52.18 45.48 -21.03
CA GLY H 189 53.34 46.19 -21.54
C GLY H 189 54.57 46.29 -20.66
N ASP H 190 54.38 46.36 -19.34
CA ASP H 190 55.48 46.48 -18.39
C ASP H 190 55.08 45.78 -17.10
N TYR H 191 55.96 45.86 -16.11
CA TYR H 191 55.72 45.17 -14.86
C TYR H 191 54.50 45.70 -14.12
N SER H 192 53.74 44.74 -13.60
CA SER H 192 52.56 45.00 -12.78
C SER H 192 52.93 45.74 -11.51
N PRO H 193 52.18 46.77 -11.12
CA PRO H 193 52.51 47.48 -9.89
C PRO H 193 52.37 46.63 -8.65
N SER H 194 51.65 45.51 -8.72
CA SER H 194 51.39 44.77 -7.50
C SER H 194 52.50 43.79 -7.15
N ILE H 195 53.51 43.60 -8.01
CA ILE H 195 54.66 42.82 -7.59
C ILE H 195 55.30 43.53 -6.43
N LYS H 196 55.55 42.79 -5.36
CA LYS H 196 56.04 43.38 -4.13
C LYS H 196 57.47 43.87 -4.33
N PRO H 197 57.82 45.05 -3.81
CA PRO H 197 59.08 45.69 -4.23
C PRO H 197 60.33 44.95 -3.82
N TRP H 198 60.25 43.98 -2.92
CA TRP H 198 61.41 43.19 -2.53
C TRP H 198 61.54 41.88 -3.32
N ILE H 199 60.60 41.61 -4.23
CA ILE H 199 60.68 40.45 -5.13
C ILE H 199 61.12 40.85 -6.53
N LEU H 200 60.55 41.93 -7.08
CA LEU H 200 60.90 42.38 -8.42
C LEU H 200 62.40 42.48 -8.73
N PRO H 201 63.26 43.02 -7.85
CA PRO H 201 64.71 43.11 -8.19
C PRO H 201 65.44 41.77 -8.35
N ASN H 202 65.07 40.72 -7.59
CA ASN H 202 65.68 39.41 -7.78
C ASN H 202 65.34 38.86 -9.14
N PHE H 203 64.14 39.19 -9.62
CA PHE H 203 63.73 38.86 -10.98
C PHE H 203 64.55 39.69 -11.97
N THR H 204 64.84 40.95 -11.61
CA THR H 204 65.66 41.81 -12.45
C THR H 204 67.02 41.17 -12.69
N ALA H 205 67.62 40.65 -11.62
CA ALA H 205 68.89 39.95 -11.75
C ALA H 205 68.79 38.80 -12.75
N LEU H 206 67.69 38.03 -12.67
CA LEU H 206 67.55 36.85 -13.51
C LEU H 206 67.19 37.17 -14.96
N VAL H 207 66.26 38.11 -15.21
CA VAL H 207 65.91 38.45 -16.58
C VAL H 207 67.10 39.09 -17.30
N ASN H 208 67.83 39.96 -16.59
CA ASN H 208 68.98 40.64 -17.20
C ASN H 208 70.11 39.66 -17.50
N HIS H 209 70.25 38.62 -16.69
CA HIS H 209 71.25 37.57 -16.89
C HIS H 209 70.78 36.47 -17.83
N GLU H 210 69.66 36.65 -18.51
CA GLU H 210 69.13 35.64 -19.42
C GLU H 210 68.95 34.30 -18.72
N LYS H 211 68.59 34.33 -17.43
CA LYS H 211 68.24 33.11 -16.70
C LYS H 211 66.73 32.88 -16.68
N ILE H 212 65.94 33.92 -16.97
CA ILE H 212 64.51 33.83 -17.21
C ILE H 212 64.23 34.48 -18.55
N ASP H 213 63.34 33.86 -19.32
CA ASP H 213 62.92 34.44 -20.58
C ASP H 213 61.80 35.43 -20.27
N MET H 214 61.97 36.67 -20.68
CA MET H 214 60.91 37.65 -20.52
C MET H 214 60.43 38.08 -21.88
N GLU H 215 59.12 37.97 -22.10
CA GLU H 215 58.48 38.54 -23.28
C GLU H 215 57.36 39.47 -22.83
N PHE H 216 57.30 40.64 -23.46
CA PHE H 216 56.31 41.68 -23.26
C PHE H 216 55.11 41.51 -24.19
N ASN H 217 54.02 42.24 -23.87
CA ASN H 217 52.74 42.29 -24.60
C ASN H 217 52.45 41.05 -25.44
N ALA H 218 52.69 39.88 -24.84
CA ALA H 218 52.58 38.57 -25.46
C ALA H 218 51.33 37.88 -24.93
N ASN H 219 50.44 37.47 -25.84
CA ASN H 219 49.28 36.71 -25.44
C ASN H 219 49.36 35.34 -26.08
N VAL H 220 49.02 34.32 -25.29
CA VAL H 220 49.05 32.94 -25.75
C VAL H 220 47.80 32.67 -26.59
N THR H 221 47.99 32.06 -27.76
CA THR H 221 46.94 31.71 -28.72
C THR H 221 46.65 30.22 -28.81
N GLN H 222 47.65 29.37 -28.58
CA GLN H 222 47.46 27.91 -28.58
C GLN H 222 48.44 27.24 -27.61
N ILE H 223 47.97 26.15 -26.98
CA ILE H 223 48.80 25.27 -26.16
C ILE H 223 48.57 23.83 -26.60
N THR H 224 49.62 23.19 -27.15
CA THR H 224 49.59 21.75 -27.41
C THR H 224 50.55 21.04 -26.44
N GLU H 225 50.59 19.71 -26.54
CA GLU H 225 51.45 18.91 -25.66
C GLU H 225 52.93 19.16 -25.87
N ASP H 226 53.31 19.76 -26.99
CA ASP H 226 54.72 19.95 -27.26
C ASP H 226 55.05 21.33 -27.81
N THR H 227 54.12 22.27 -27.76
CA THR H 227 54.43 23.66 -28.06
C THR H 227 53.66 24.56 -27.11
N VAL H 228 54.11 25.80 -27.03
CA VAL H 228 53.32 26.92 -26.54
C VAL H 228 53.44 28.00 -27.60
N THR H 229 52.32 28.60 -27.97
CA THR H 229 52.29 29.60 -29.04
C THR H 229 51.72 30.90 -28.49
N TYR H 230 52.46 31.98 -28.68
CA TYR H 230 52.02 33.28 -28.23
C TYR H 230 52.29 34.30 -29.32
N GLU H 231 51.44 35.33 -29.40
CA GLU H 231 51.63 36.39 -30.37
C GLU H 231 52.00 37.65 -29.61
N VAL H 232 53.03 38.34 -30.10
CA VAL H 232 53.58 39.55 -29.51
C VAL H 232 53.54 40.64 -30.57
N ASN H 233 52.75 41.69 -30.34
CA ASN H 233 52.61 42.79 -31.29
C ASN H 233 52.19 42.26 -32.68
N GLY H 234 51.23 41.33 -32.68
CA GLY H 234 50.64 40.71 -33.89
C GLY H 234 51.30 39.46 -34.44
N GLU H 235 52.64 39.45 -34.43
CA GLU H 235 53.44 38.34 -34.93
C GLU H 235 53.42 37.12 -34.01
N SER H 236 53.27 35.95 -34.61
CA SER H 236 53.22 34.70 -33.88
C SER H 236 54.63 34.19 -33.59
N LYS H 237 54.79 33.63 -32.39
CA LYS H 237 56.00 32.97 -31.94
C LYS H 237 55.56 31.64 -31.32
N THR H 238 56.34 30.59 -31.55
CA THR H 238 56.04 29.28 -31.00
C THR H 238 57.30 28.68 -30.41
N ILE H 239 57.22 28.26 -29.15
CA ILE H 239 58.35 27.71 -28.41
C ILE H 239 57.96 26.31 -27.98
N HIS H 240 58.92 25.39 -28.05
CA HIS H 240 58.61 24.05 -27.58
C HIS H 240 58.43 24.10 -26.08
N ASN H 241 57.41 23.41 -25.60
CA ASN H 241 57.04 23.52 -24.19
C ASN H 241 56.44 22.22 -23.70
N ASP H 242 56.94 21.76 -22.56
CA ASP H 242 56.44 20.51 -22.00
C ASP H 242 55.51 20.73 -20.82
N TYR H 243 55.53 21.90 -20.17
CA TYR H 243 54.61 22.19 -19.08
C TYR H 243 54.22 23.66 -19.05
N VAL H 244 53.01 23.93 -18.53
CA VAL H 244 52.41 25.25 -18.50
C VAL H 244 51.85 25.54 -17.11
N PHE H 245 52.23 26.68 -16.54
CA PHE H 245 51.67 27.17 -15.28
C PHE H 245 50.87 28.45 -15.57
N ALA H 246 49.55 28.34 -15.59
CA ALA H 246 48.69 29.51 -15.82
C ALA H 246 48.35 30.16 -14.48
N MET H 247 49.24 31.02 -14.02
CA MET H 247 49.02 31.77 -12.77
C MET H 247 48.22 33.02 -13.05
N ILE H 248 46.99 32.83 -13.51
CA ILE H 248 46.20 33.93 -14.05
C ILE H 248 45.08 34.34 -13.08
N GLY H 249 45.23 34.02 -11.79
CA GLY H 249 44.30 34.51 -10.78
C GLY H 249 43.15 33.55 -10.52
N TYR H 250 42.26 34.00 -9.64
CA TYR H 250 41.17 33.18 -9.13
C TYR H 250 39.93 34.07 -9.01
N HIS H 251 38.79 33.47 -8.63
CA HIS H 251 37.57 34.25 -8.53
C HIS H 251 36.66 33.59 -7.49
N PRO H 252 35.78 34.35 -6.84
CA PRO H 252 34.85 33.76 -5.88
C PRO H 252 33.86 32.80 -6.52
N ASP H 253 33.29 31.91 -5.68
CA ASP H 253 32.21 31.01 -6.08
C ASP H 253 30.93 31.83 -6.16
N TYR H 254 30.69 32.46 -7.33
CA TYR H 254 29.55 33.35 -7.45
C TYR H 254 28.24 32.58 -7.62
N GLU H 255 28.29 31.42 -8.28
CA GLU H 255 27.14 30.53 -8.36
C GLU H 255 26.57 30.20 -6.98
N PHE H 256 27.44 29.77 -6.05
CA PHE H 256 26.96 29.43 -4.71
C PHE H 256 26.33 30.63 -4.00
N LEU H 257 26.93 31.82 -4.15
CA LEU H 257 26.38 33.00 -3.47
C LEU H 257 25.01 33.36 -4.03
N LYS H 258 24.81 33.23 -5.34
CA LYS H 258 23.52 33.48 -5.96
C LYS H 258 22.50 32.44 -5.55
N SER H 259 22.91 31.17 -5.51
CA SER H 259 21.98 30.09 -5.19
C SER H 259 21.41 30.21 -3.77
N VAL H 260 21.97 31.09 -2.94
CA VAL H 260 21.35 31.41 -1.66
C VAL H 260 20.52 32.70 -1.73
N GLY H 261 20.58 33.43 -2.83
CA GLY H 261 19.82 34.66 -2.99
C GLY H 261 20.59 35.95 -2.81
N ILE H 262 21.90 35.94 -2.92
CA ILE H 262 22.71 37.15 -2.75
C ILE H 262 22.89 37.84 -4.09
N GLN H 263 22.76 39.16 -4.07
CA GLN H 263 22.87 39.97 -5.28
C GLN H 263 24.33 40.20 -5.65
N ILE H 264 24.61 40.20 -6.95
CA ILE H 264 25.92 40.58 -7.45
C ILE H 264 25.96 42.06 -7.83
N ASN H 265 26.23 42.34 -9.11
CA ASN H 265 26.62 43.66 -9.59
C ASN H 265 25.99 43.92 -10.95
N THR H 266 25.22 45.01 -11.06
CA THR H 266 24.54 45.32 -12.32
C THR H 266 25.50 45.91 -13.36
N ASN H 267 26.27 46.94 -12.97
CA ASN H 267 27.18 47.60 -13.90
C ASN H 267 28.44 46.78 -14.17
N GLU H 268 28.75 45.81 -13.31
CA GLU H 268 29.95 44.98 -13.39
C GLU H 268 31.13 45.90 -13.09
N PHE H 269 31.22 46.28 -11.82
CA PHE H 269 32.26 47.17 -11.31
C PHE H 269 32.26 46.97 -9.79
N GLY H 270 33.11 46.05 -9.33
CA GLY H 270 33.18 45.64 -7.94
C GLY H 270 33.23 44.12 -7.93
N THR H 271 32.31 43.51 -8.68
CA THR H 271 32.22 42.06 -8.90
C THR H 271 32.24 41.25 -7.60
N ALA H 272 31.56 41.72 -6.57
CA ALA H 272 31.43 41.05 -5.27
C ALA H 272 29.97 41.06 -4.90
N PRO H 273 29.56 40.23 -3.92
CA PRO H 273 28.19 40.34 -3.44
C PRO H 273 27.98 41.70 -2.80
N MET H 274 26.74 42.16 -2.86
CA MET H 274 26.38 43.45 -2.30
C MET H 274 26.22 43.32 -0.80
N TYR H 275 26.82 44.26 -0.05
CA TYR H 275 26.71 44.25 1.39
C TYR H 275 26.74 45.67 1.91
N ASN H 276 25.97 45.91 2.98
CA ASN H 276 25.88 47.27 3.52
C ASN H 276 27.14 47.56 4.32
N LYS H 277 28.14 48.04 3.59
CA LYS H 277 29.44 48.54 4.00
C LYS H 277 29.67 48.72 5.50
N GLU H 278 28.61 49.05 6.26
CA GLU H 278 28.71 49.33 7.69
C GLU H 278 28.38 48.15 8.60
N THR H 279 27.73 47.10 8.09
CA THR H 279 27.44 45.93 8.90
C THR H 279 27.86 44.59 8.28
N TYR H 280 28.13 44.53 6.98
CA TYR H 280 28.40 43.29 6.23
C TYR H 280 27.16 42.42 6.09
N GLU H 281 25.97 42.96 6.30
CA GLU H 281 24.75 42.23 6.01
C GLU H 281 24.44 42.35 4.52
N THR H 282 24.05 41.23 3.91
CA THR H 282 23.75 41.18 2.49
C THR H 282 22.27 41.51 2.25
N ASN H 283 21.82 41.37 1.01
CA ASN H 283 20.40 41.56 0.74
C ASN H 283 19.58 40.49 1.45
N ILE H 284 20.15 39.31 1.66
CA ILE H 284 19.48 38.25 2.41
C ILE H 284 19.63 38.55 3.89
N GLU H 285 18.52 38.84 4.56
CA GLU H 285 18.56 39.14 5.98
C GLU H 285 19.13 37.95 6.74
N ASN H 286 20.00 38.25 7.69
CA ASN H 286 20.66 37.27 8.56
C ASN H 286 21.69 36.45 7.79
N CYS H 287 22.07 36.88 6.59
CA CYS H 287 23.13 36.26 5.81
C CYS H 287 24.26 37.27 5.64
N TYR H 288 25.40 37.00 6.27
CA TYR H 288 26.58 37.86 6.26
C TYR H 288 27.69 37.23 5.41
N ILE H 289 28.69 38.05 5.08
CA ILE H 289 29.89 37.57 4.40
C ILE H 289 31.13 37.96 5.20
N ALA H 290 32.19 37.18 5.01
CA ALA H 290 33.48 37.44 5.62
C ALA H 290 34.54 36.99 4.63
N GLY H 291 35.68 37.68 4.63
CA GLY H 291 36.81 37.33 3.79
C GLY H 291 36.86 38.05 2.46
N VAL H 292 37.75 37.59 1.59
CA VAL H 292 37.97 38.20 0.27
C VAL H 292 36.74 38.01 -0.60
N ILE H 293 35.74 37.30 -0.10
CA ILE H 293 34.48 37.17 -0.85
C ILE H 293 33.92 38.55 -1.17
N ALA H 294 34.23 39.56 -0.34
CA ALA H 294 33.79 40.91 -0.63
C ALA H 294 34.67 41.53 -1.73
N ALA H 295 34.38 42.77 -2.09
CA ALA H 295 35.07 43.42 -3.20
C ALA H 295 36.41 44.00 -2.81
N GLY H 296 37.25 44.19 -3.83
CA GLY H 296 38.55 44.83 -3.69
C GLY H 296 38.30 46.24 -3.21
N ASN H 297 37.62 47.03 -4.04
CA ASN H 297 37.27 48.42 -3.77
C ASN H 297 38.54 49.27 -3.71
N ASP H 298 38.78 50.01 -4.79
CA ASP H 298 39.92 50.92 -4.90
C ASP H 298 41.21 50.14 -4.76
N ALA H 299 41.51 49.67 -3.55
CA ALA H 299 42.75 48.93 -3.33
C ALA H 299 42.73 48.17 -2.01
N ASN H 300 42.91 48.87 -0.89
CA ASN H 300 43.00 48.26 0.43
C ASN H 300 41.82 48.77 1.24
N THR H 301 40.70 48.05 1.13
CA THR H 301 39.50 48.32 1.91
C THR H 301 39.04 46.98 2.47
N ILE H 302 38.70 46.05 1.58
CA ILE H 302 38.23 44.72 1.96
C ILE H 302 39.02 43.65 1.18
N PHE H 303 40.36 43.66 1.28
CA PHE H 303 41.16 42.56 0.76
C PHE H 303 41.92 41.82 1.84
N ILE H 304 41.82 42.27 3.11
CA ILE H 304 42.20 41.57 4.35
C ILE H 304 43.67 41.69 4.76
N GLU H 305 43.92 41.75 6.09
CA GLU H 305 45.24 41.99 6.69
C GLU H 305 45.22 41.77 8.21
N ASN H 306 46.03 42.56 8.92
CA ASN H 306 46.06 42.56 10.39
C ASN H 306 45.04 43.54 10.91
N GLY H 307 45.26 44.84 10.66
CA GLY H 307 44.30 45.84 11.07
C GLY H 307 42.94 45.56 10.48
N LYS H 308 42.92 44.96 9.29
CA LYS H 308 41.68 44.44 8.72
C LYS H 308 41.36 43.25 9.62
N PHE H 309 40.79 43.59 10.76
CA PHE H 309 40.66 42.67 11.87
C PHE H 309 39.43 41.80 11.71
N HIS H 310 38.61 41.83 12.75
CA HIS H 310 37.38 41.07 12.84
C HIS H 310 36.41 41.32 11.69
N GLY H 311 35.74 40.24 11.26
CA GLY H 311 34.41 40.33 10.70
C GLY H 311 33.67 41.26 11.62
N GLY H 312 33.84 41.02 12.93
CA GLY H 312 33.37 41.81 14.06
C GLY H 312 32.29 42.84 13.84
N ILE H 313 32.39 43.62 12.75
CA ILE H 313 31.27 44.45 12.35
C ILE H 313 30.07 43.55 12.11
N ILE H 314 30.33 42.35 11.60
CA ILE H 314 29.29 41.33 11.50
C ILE H 314 28.74 41.01 12.89
N ALA H 315 29.63 40.89 13.87
CA ALA H 315 29.23 40.54 15.24
C ALA H 315 28.33 41.59 15.85
N GLN H 316 28.65 42.88 15.66
CA GLN H 316 27.80 43.95 16.18
C GLN H 316 26.39 43.86 15.61
N SER H 317 26.29 43.67 14.29
CA SER H 317 24.96 43.56 13.68
C SER H 317 24.23 42.34 14.21
N MET H 318 24.94 41.22 14.42
CA MET H 318 24.32 40.05 15.04
C MET H 318 23.96 40.33 16.49
N LEU H 319 24.82 41.04 17.22
CA LEU H 319 24.49 41.43 18.59
C LEU H 319 23.34 42.43 18.65
N ALA H 320 23.26 43.33 17.66
CA ALA H 320 22.21 44.34 17.63
C ALA H 320 20.82 43.73 17.46
N LYS H 321 20.70 42.69 16.63
CA LYS H 321 19.42 42.04 16.39
C LYS H 321 18.84 41.32 17.60
N LYS H 322 19.56 41.25 18.72
CA LYS H 322 18.96 40.86 20.00
C LYS H 322 18.44 39.42 19.92
N GLN H 323 17.40 39.12 20.71
CA GLN H 323 16.76 37.82 20.94
C GLN H 323 17.14 37.30 22.32
PA FAD I . -12.75 14.74 17.62
O1A FAD I . -13.23 14.24 16.31
O2A FAD I . -11.83 13.73 18.27
O5B FAD I . -12.04 16.11 17.49
C5B FAD I . -12.29 17.18 18.44
C4B FAD I . -11.74 18.47 17.88
O4B FAD I . -11.15 19.29 18.93
C3B FAD I . -10.68 18.32 16.79
O3B FAD I . -11.20 18.87 15.59
C2B FAD I . -9.45 19.05 17.37
O2B FAD I . -8.69 19.77 16.39
C1B FAD I . -10.10 20.01 18.35
N9A FAD I . -9.20 20.46 19.42
C8A FAD I . -8.25 19.71 20.03
N7A FAD I . -7.57 20.35 20.95
C5A FAD I . -8.11 21.62 20.93
C6A FAD I . -7.84 22.78 21.68
N6A FAD I . -6.89 22.83 22.62
N1A FAD I . -8.56 23.88 21.42
C2A FAD I . -9.52 23.83 20.48
N3A FAD I . -9.87 22.79 19.72
C4A FAD I . -9.13 21.71 20.00
N1 FAD I . -15.64 6.66 14.51
C2 FAD I . -16.87 6.21 14.17
O2 FAD I . -17.86 6.40 14.88
N3 FAD I . -17.02 5.51 12.97
C4 FAD I . -16.01 5.20 12.07
O4 FAD I . -16.28 4.55 11.05
C4X FAD I . -14.71 5.70 12.47
N5 FAD I . -13.67 5.46 11.69
C5X FAD I . -12.43 5.95 12.07
C6 FAD I . -11.32 5.73 11.26
C7 FAD I . -10.05 6.19 11.61
C7M FAD I . -8.87 5.91 10.72
C8 FAD I . -9.90 6.90 12.81
C8M FAD I . -8.54 7.42 13.23
C9 FAD I . -11.01 7.14 13.62
C9A FAD I . -12.26 6.66 13.26
N10 FAD I . -13.39 6.86 14.09
C10 FAD I . -14.62 6.42 13.71
C1' FAD I . -13.26 7.61 15.33
C2' FAD I . -13.84 9.02 15.23
O2' FAD I . -12.88 9.88 14.61
C3' FAD I . -14.14 9.53 16.63
O3' FAD I . -15.26 8.81 17.15
C4' FAD I . -14.49 11.01 16.60
O4' FAD I . -13.34 11.77 16.21
C5' FAD I . -14.98 11.56 17.91
O5' FAD I . -15.16 12.97 17.76
P FAD I . -15.10 13.95 18.97
O1P FAD I . -16.47 14.59 18.78
O2P FAD I . -14.73 13.30 20.19
O3P FAD I . -13.98 15.01 18.57
PA FAD J . 7.92 16.02 -13.41
O1A FAD J . 6.66 15.26 -13.54
O2A FAD J . 7.81 17.44 -12.83
O5B FAD J . 8.90 15.08 -12.66
C5B FAD J . 10.23 15.49 -12.32
C4B FAD J . 10.64 14.66 -11.12
O4B FAD J . 12.04 14.85 -10.83
C3B FAD J . 9.87 14.96 -9.84
O3B FAD J . 9.57 13.76 -9.16
C2B FAD J . 10.86 15.81 -9.04
O2B FAD J . 10.61 15.71 -7.64
C1B FAD J . 12.19 15.19 -9.47
N9A FAD J . 13.35 16.07 -9.33
C8A FAD J . 13.39 17.42 -9.61
N7A FAD J . 14.56 17.97 -9.39
C5A FAD J . 15.33 16.92 -8.91
C6A FAD J . 16.68 16.85 -8.49
N6A FAD J . 17.51 17.89 -8.47
N1A FAD J . 17.14 15.65 -8.07
C2A FAD J . 16.31 14.60 -8.09
N3A FAD J . 15.03 14.55 -8.47
C4A FAD J . 14.60 15.75 -8.86
N1 FAD J . 0.05 17.24 -18.06
C2 FAD J . -0.68 16.50 -18.96
O2 FAD J . -0.18 16.04 -20.00
N3 FAD J . -2.01 16.24 -18.71
C4 FAD J . -2.73 16.65 -17.59
O4 FAD J . -3.92 16.36 -17.48
C4X FAD J . -1.97 17.44 -16.66
N5 FAD J . -2.58 17.87 -15.61
C5X FAD J . -1.84 18.61 -14.69
C6 FAD J . -2.48 19.06 -13.53
C7 FAD J . -1.78 19.82 -12.59
C7M FAD J . -2.50 20.30 -11.36
C8 FAD J . -0.44 20.12 -12.80
C8M FAD J . 0.35 20.94 -11.81
C9 FAD J . 0.20 19.65 -13.95
C9A FAD J . -0.50 18.92 -14.90
N10 FAD J . 0.12 18.42 -16.06
C10 FAD J . -0.58 17.68 -16.97
C1' FAD J . 1.54 18.72 -16.34
C2' FAD J . 2.47 17.60 -15.94
O2' FAD J . 2.73 17.62 -14.54
C3' FAD J . 3.81 17.79 -16.64
O3' FAD J . 3.60 17.92 -18.04
C4' FAD J . 4.66 16.57 -16.31
O4' FAD J . 4.84 16.60 -14.90
C5' FAD J . 6.00 16.48 -16.98
O5' FAD J . 6.76 15.44 -16.32
P FAD J . 8.31 15.52 -16.21
O1P FAD J . 8.79 14.06 -16.26
O2P FAD J . 8.93 16.36 -17.25
O3P FAD J . 8.67 16.08 -14.80
PA FAD K . -19.45 -16.78 -19.83
O1A FAD K . -18.79 -15.72 -19.07
O2A FAD K . -20.92 -16.88 -19.52
O5B FAD K . -19.45 -16.54 -21.37
C5B FAD K . -20.25 -17.35 -22.26
C4B FAD K . -20.69 -16.49 -23.42
O4B FAD K . -21.24 -17.31 -24.48
C3B FAD K . -21.78 -15.46 -23.09
O3B FAD K . -21.37 -14.19 -23.59
C2B FAD K . -23.02 -15.98 -23.80
O2B FAD K . -23.86 -14.90 -24.21
C1B FAD K . -22.41 -16.71 -24.99
N9A FAD K . -23.23 -17.75 -25.61
C8A FAD K . -23.99 -18.70 -24.98
N7A FAD K . -24.60 -19.52 -25.79
C5A FAD K . -24.20 -19.11 -27.05
C6A FAD K . -24.49 -19.57 -28.36
N6A FAD K . -25.29 -20.62 -28.63
N1A FAD K . -23.91 -18.94 -29.40
C2A FAD K . -23.10 -17.90 -29.14
N3A FAD K . -22.76 -17.37 -27.97
C4A FAD K . -23.34 -18.02 -26.96
N1 FAD K . -15.99 -15.16 -11.53
C2 FAD K . -14.75 -14.83 -11.05
O2 FAD K . -13.74 -15.48 -11.37
N3 FAD K . -14.61 -13.78 -10.18
C4 FAD K . -15.61 -12.96 -9.71
O4 FAD K . -15.35 -12.04 -8.95
C4X FAD K . -16.93 -13.30 -10.21
N5 FAD K . -17.95 -12.58 -9.81
C5X FAD K . -19.21 -12.91 -10.31
C6 FAD K . -20.32 -12.16 -9.90
C7 FAD K . -21.60 -12.47 -10.35
C7M FAD K . -22.78 -11.64 -9.92
C8 FAD K . -21.78 -13.56 -11.23
C8M FAD K . -23.15 -13.91 -11.75
C9 FAD K . -20.68 -14.30 -11.63
C9A FAD K . -19.40 -13.99 -11.17
N10 FAD K . -18.27 -14.74 -11.57
C10 FAD K . -17.02 -14.42 -11.11
C1' FAD K . -18.42 -15.87 -12.49
C2' FAD K . -18.07 -15.54 -13.93
O2' FAD K . -19.18 -14.94 -14.61
C3' FAD K . -17.74 -16.82 -14.68
O3' FAD K . -16.63 -17.45 -14.08
C4' FAD K . -17.43 -16.50 -16.14
O4' FAD K . -18.37 -15.56 -16.62
C5' FAD K . -17.47 -17.71 -17.04
O5' FAD K . -16.81 -17.37 -18.25
P FAD K . -17.10 -18.16 -19.57
O1P FAD K . -16.56 -17.36 -20.75
O2P FAD K . -16.62 -19.50 -19.32
O3P FAD K . -18.68 -18.14 -19.62
PA NAP L . -24.91 -20.82 -6.51
O1A NAP L . -23.51 -20.50 -5.99
O2A NAP L . -25.15 -22.19 -7.11
O5B NAP L . -26.07 -20.50 -5.43
C5B NAP L . -27.30 -21.24 -5.34
C4B NAP L . -27.96 -21.10 -3.95
O4B NAP L . -29.34 -21.45 -3.99
C3B NAP L . -27.34 -22.06 -2.94
O3B NAP L . -27.37 -21.45 -1.65
C2B NAP L . -28.22 -23.31 -3.00
O2B NAP L . -28.20 -24.07 -1.79
C1B NAP L . -29.59 -22.73 -3.34
N9A NAP L . -30.30 -23.59 -4.34
C8A NAP L . -29.67 -24.22 -5.35
N7A NAP L . -30.55 -24.93 -6.13
C5A NAP L . -31.79 -24.76 -5.60
C6A NAP L . -33.14 -25.25 -5.96
N6A NAP L . -33.31 -26.07 -7.04
N1A NAP L . -34.18 -24.85 -5.17
C2A NAP L . -34.00 -24.04 -4.09
N3A NAP L . -32.78 -23.57 -3.71
C4A NAP L . -31.63 -23.87 -4.42
O3 NAP L . -25.15 -19.67 -7.60
PN NAP L . -25.03 -18.07 -7.33
O1N NAP L . -26.37 -17.60 -7.82
O2N NAP L . -24.59 -17.78 -5.90
O5D NAP L . -23.85 -17.55 -8.32
C5D NAP L . -23.24 -18.28 -9.39
C4D NAP L . -21.71 -18.10 -9.48
O4D NAP L . -21.34 -16.71 -9.47
C3D NAP L . -20.84 -18.69 -8.38
O3D NAP L . -19.54 -18.94 -8.94
C2D NAP L . -20.67 -17.58 -7.37
O2D NAP L . -19.56 -17.78 -6.46
C1D NAP L . -20.55 -16.38 -8.30
N1N NAP L . -21.14 -15.18 -7.70
C2N NAP L . -20.39 -14.27 -7.05
C3N NAP L . -20.99 -13.14 -6.49
C7N NAP L . -20.14 -12.13 -5.76
O7N NAP L . -20.05 -11.02 -6.28
N7N NAP L . -19.56 -12.44 -4.58
C4N NAP L . -22.37 -12.94 -6.60
C5N NAP L . -23.11 -13.89 -7.27
C6N NAP L . -22.47 -15.00 -7.81
P2B NAP L . -26.92 -24.98 -1.35
O1X NAP L . -25.92 -24.08 -0.65
O2X NAP L . -27.55 -25.94 -0.37
O3X NAP L . -26.41 -25.59 -2.64
PA FAD M . -41.37 12.36 -14.44
O1A FAD M . -40.23 11.98 -13.60
O2A FAD M . -41.44 11.76 -15.80
O5B FAD M . -42.68 12.05 -13.70
C5B FAD M . -43.68 11.19 -14.28
C4B FAD M . -43.85 9.94 -13.47
O4B FAD M . -45.22 9.51 -13.52
C3B FAD M . -43.00 8.77 -13.94
O3B FAD M . -42.34 8.13 -12.86
C2B FAD M . -44.01 7.89 -14.68
O2B FAD M . -43.66 6.51 -14.60
C1B FAD M . -45.29 8.16 -13.92
N9A FAD M . -46.50 7.98 -14.73
C8A FAD M . -46.65 8.35 -16.03
N7A FAD M . -47.83 8.06 -16.54
C5A FAD M . -48.50 7.44 -15.49
C6A FAD M . -49.79 6.90 -15.38
N6A FAD M . -50.69 6.89 -16.37
N1A FAD M . -50.14 6.35 -14.20
C2A FAD M . -49.26 6.38 -13.19
N3A FAD M . -48.02 6.86 -13.17
C4A FAD M . -47.69 7.39 -14.37
N1 FAD M . -33.85 17.82 -15.17
C2 FAD M . -33.22 18.66 -14.30
O2 FAD M . -33.81 19.54 -13.67
N3 FAD M . -31.84 18.54 -14.15
C4 FAD M . -31.03 17.62 -14.75
O4 FAD M . -29.83 17.61 -14.50
C4X FAD M . -31.72 16.73 -15.64
N5 FAD M . -31.01 15.81 -16.26
C5X FAD M . -31.68 14.97 -17.14
C6 FAD M . -30.96 13.98 -17.83
C7 FAD M . -31.61 13.12 -18.71
C7M FAD M . -30.81 12.05 -19.43
C8 FAD M . -32.99 13.23 -18.90
C8M FAD M . -33.73 12.31 -19.84
C9 FAD M . -33.70 14.20 -18.22
C9A FAD M . -33.06 15.07 -17.36
N10 FAD M . -33.78 16.05 -16.65
C10 FAD M . -33.14 16.91 -15.80
C1' FAD M . -35.22 16.19 -16.84
C2' FAD M . -36.03 15.52 -15.73
O2' FAD M . -36.11 14.14 -16.00
C3' FAD M . -37.45 16.08 -15.74
O3' FAD M . -37.42 17.51 -15.78
C4' FAD M . -38.33 15.63 -14.58
O4' FAD M . -38.39 14.21 -14.54
C5' FAD M . -39.72 16.21 -14.71
O5' FAD M . -40.48 15.90 -13.52
P FAD M . -41.83 15.12 -13.62
O1P FAD M . -42.10 14.58 -12.21
O2P FAD M . -42.79 16.00 -14.28
O3P FAD M . -41.42 13.94 -14.60
PA NAP N . -35.22 17.01 -28.14
PA NAP N . -34.82 16.86 -26.37
O1A NAP N . -35.14 18.15 -27.16
O1A NAP N . -33.80 17.66 -25.56
O2A NAP N . -36.60 16.55 -28.56
O2A NAP N . -36.16 17.51 -26.68
O5B NAP N . -34.47 17.37 -29.51
O5B NAP N . -34.16 16.31 -27.76
C5B NAP N . -33.79 16.31 -30.22
C5B NAP N . -34.57 16.75 -29.06
C4B NAP N . -33.08 16.84 -31.47
C4B NAP N . -33.57 16.48 -30.19
O4B NAP N . -33.46 16.05 -32.61
O4B NAP N . -34.20 15.74 -31.24
C3B NAP N . -33.46 18.29 -31.78
C3B NAP N . -33.16 17.77 -30.88
O3B NAP N . -32.27 19.08 -31.94
O3B NAP N . -31.82 17.66 -31.38
C2B NAP N . -34.29 18.24 -33.06
C2B NAP N . -34.14 17.98 -32.02
O2B NAP N . -33.92 19.32 -33.93
O2B NAP N . -33.58 18.84 -33.02
C1B NAP N . -34.03 16.86 -33.66
C1B NAP N . -34.39 16.53 -32.44
N9A NAP N . -35.26 16.19 -34.17
N9A NAP N . -35.76 16.29 -32.98
C8A NAP N . -36.47 16.20 -33.57
C8A NAP N . -36.91 16.69 -32.41
N7A NAP N . -37.40 15.50 -34.29
N7A NAP N . -37.99 16.30 -33.13
C5A NAP N . -36.78 15.02 -35.39
C5A NAP N . -37.55 15.62 -34.21
C6A NAP N . -37.17 14.19 -36.56
C6A NAP N . -38.17 14.93 -35.37
N6A NAP N . -38.43 13.73 -36.71
N6A NAP N . -39.51 14.91 -35.52
N1A NAP N . -36.21 13.92 -37.49
N1A NAP N . -37.34 14.33 -36.27
C2A NAP N . -34.95 14.36 -37.36
C2A NAP N . -36.00 14.36 -36.11
N3A NAP N . -34.53 15.12 -36.31
N3A NAP N . -35.37 14.96 -35.08
C4A NAP N . -35.37 15.48 -35.32
C4A NAP N . -36.07 15.60 -34.11
O3 NAP N . -34.22 15.81 -27.68
O3 NAP N . -35.15 15.51 -25.55
PN NAP N . -33.92 15.35 -26.16
PN NAP N . -34.00 14.63 -24.83
O1N NAP N . -34.97 15.98 -25.28
O1N NAP N . -34.20 13.18 -25.20
O2N NAP N . -33.75 13.84 -26.17
O2N NAP N . -32.68 15.31 -25.10
O5D NAP N . -32.48 15.98 -25.79
O5D NAP N . -34.38 14.76 -23.25
C5D NAP N . -31.97 15.98 -24.45
C5D NAP N . -35.41 15.65 -22.82
C4D NAP N . -32.63 17.13 -23.70
C4D NAP N . -34.98 16.28 -21.50
O4D NAP N . -32.81 16.87 -22.30
O4D NAP N . -33.86 15.53 -21.01
C3D NAP N . -31.86 18.42 -23.76
C3D NAP N . -34.49 17.71 -21.62
O3D NAP N . -32.10 19.09 -24.99
O3D NAP N . -34.86 18.39 -20.42
C2D NAP N . -32.47 19.20 -22.61
C2D NAP N . -32.98 17.57 -21.65
O2D NAP N . -33.55 20.00 -23.11
O2D NAP N . -32.32 18.77 -21.21
C1D NAP N . -33.03 18.14 -21.66
C1D NAP N . -32.77 16.41 -20.71
N1N NAP N . -32.22 18.24 -20.44
N1N NAP N . -31.51 15.70 -20.92
C2N NAP N . -32.42 19.26 -19.59
C2N NAP N . -30.44 16.06 -20.20
C3N NAP N . -31.65 19.39 -18.43
C3N NAP N . -29.23 15.39 -20.34
C7N NAP N . -31.86 20.51 -17.47
C7N NAP N . -28.03 15.81 -19.54
O7N NAP N . -32.81 21.25 -17.63
O7N NAP N . -28.01 15.58 -18.33
N7N NAP N . -31.00 20.69 -16.47
N7N NAP N . -26.99 16.36 -20.18
C4N NAP N . -30.64 18.45 -18.19
C4N NAP N . -29.14 14.35 -21.26
C5N NAP N . -30.46 17.42 -19.11
C5N NAP N . -30.27 14.00 -21.98
C6N NAP N . -31.26 17.33 -20.25
C6N NAP N . -31.46 14.70 -21.79
P2B NAP N . -34.21 20.88 -33.56
P2B NAP N . -33.77 20.44 -32.88
O1X NAP N . -32.94 21.34 -32.88
O1X NAP N . -32.46 20.94 -32.33
O2X NAP N . -34.49 21.53 -34.90
O2X NAP N . -34.09 20.91 -34.29
O3X NAP N . -35.42 20.84 -32.65
O3X NAP N . -34.93 20.59 -31.92
PA FAD O . -24.52 -48.86 4.54
O1A FAD O . -24.27 -48.30 5.88
O2A FAD O . -23.43 -48.58 3.49
O5B FAD O . -24.80 -50.37 4.67
C5B FAD O . -24.91 -51.23 3.51
C4B FAD O . -24.59 -52.62 3.99
O4B FAD O . -24.89 -53.60 2.99
C3B FAD O . -23.15 -52.86 4.43
O3B FAD O . -23.19 -53.55 5.67
C2B FAD O . -22.60 -53.80 3.35
O2B FAD O . -21.68 -54.71 3.94
C1B FAD O . -23.86 -54.56 2.97
N9A FAD O . -23.84 -55.21 1.67
C8A FAD O . -23.41 -54.69 0.48
N7A FAD O . -23.51 -55.52 -0.53
C5A FAD O . -24.06 -56.66 0.03
C6A FAD O . -24.44 -57.91 -0.52
N6A FAD O . -24.31 -58.24 -1.81
N1A FAD O . -24.97 -58.83 0.32
C2A FAD O . -25.12 -58.51 1.61
N3A FAD O . -24.81 -57.37 2.23
C4A FAD O . -24.28 -56.48 1.38
N1 FAD O . -23.94 -40.31 7.88
C2 FAD O . -24.65 -39.57 8.79
O2 FAD O . -25.88 -39.50 8.76
N3 FAD O . -23.98 -38.88 9.77
C4 FAD O . -22.61 -38.85 9.97
O4 FAD O . -22.15 -38.20 10.91
C4X FAD O . -21.85 -39.63 9.00
N5 FAD O . -20.54 -39.66 9.10
C5X FAD O . -19.83 -40.43 8.15
C6 FAD O . -18.44 -40.49 8.22
C7 FAD O . -17.70 -41.23 7.29
C7M FAD O . -16.20 -41.27 7.38
C8 FAD O . -18.38 -41.93 6.27
C8M FAD O . -17.63 -42.74 5.25
C9 FAD O . -19.76 -41.87 6.20
C9A FAD O . -20.48 -41.11 7.12
N10 FAD O . -21.88 -41.08 7.08
C10 FAD O . -22.61 -40.33 7.99
C1' FAD O . -22.58 -41.77 6.00
C2' FAD O . -23.05 -43.16 6.38
O2' FAD O . -22.01 -44.11 6.17
C3' FAD O . -24.22 -43.56 5.50
O3' FAD O . -25.18 -42.51 5.53
C4' FAD O . -24.87 -44.83 6.03
O4' FAD O . -23.89 -45.86 6.02
C5' FAD O . -26.10 -45.22 5.26
O5' FAD O . -26.46 -46.56 5.62
P FAD O . -27.07 -47.55 4.57
O1P FAD O . -27.90 -48.50 5.46
O2P FAD O . -27.85 -46.92 3.49
O3P FAD O . -25.91 -48.38 3.96
PA FAD P . -3.01 -17.48 36.46
O1A FAD P . -3.09 -18.70 35.66
O2A FAD P . -4.36 -16.79 36.66
O5B FAD P . -2.31 -17.79 37.84
C5B FAD P . -2.15 -16.79 38.87
C4B FAD P . -2.10 -17.58 40.16
O4B FAD P . -1.85 -16.73 41.29
C3B FAD P . -3.36 -18.37 40.47
O3B FAD P . -3.00 -19.73 40.70
C2B FAD P . -3.97 -17.63 41.67
O2B FAD P . -4.71 -18.48 42.51
C1B FAD P . -2.71 -17.10 42.35
N9A FAD P . -2.89 -15.93 43.23
C8A FAD P . -3.68 -14.84 43.03
N7A FAD P . -3.59 -13.93 43.96
C5A FAD P . -2.66 -14.46 44.84
C6A FAD P . -2.11 -13.98 46.06
N6A FAD P . -2.43 -12.81 46.61
N1A FAD P . -1.20 -14.75 46.68
C2A FAD P . -0.86 -15.92 46.13
N3A FAD P . -1.31 -16.48 45.00
C4A FAD P . -2.21 -15.69 44.39
N1 FAD P . -4.93 -19.46 27.77
C2 FAD P . -4.17 -20.01 26.76
O2 FAD P . -3.03 -19.61 26.52
N3 FAD P . -4.69 -21.04 26.00
C4 FAD P . -5.94 -21.61 26.13
O4 FAD P . -6.28 -22.54 25.38
C4X FAD P . -6.74 -21.04 27.20
N5 FAD P . -7.94 -21.53 27.41
C5X FAD P . -8.69 -20.99 28.43
C6 FAD P . -9.97 -21.49 28.66
C7 FAD P . -10.78 -20.98 29.67
C7M FAD P . -12.14 -21.57 29.90
C8 FAD P . -10.29 -19.94 30.47
C8M FAD P . -11.13 -19.36 31.59
C9 FAD P . -9.01 -19.44 30.25
C9A FAD P . -8.22 -19.95 29.24
N10 FAD P . -6.93 -19.44 28.97
C10 FAD P . -6.15 -19.98 27.97
C1' FAD P . -6.38 -18.37 29.80
C2' FAD P . -5.40 -18.89 30.84
O2' FAD P . -6.10 -19.31 32.01
C3' FAD P . -4.43 -17.77 31.22
O3' FAD P . -3.70 -17.37 30.07
C4' FAD P . -3.44 -18.22 32.28
O4' FAD P . -4.13 -18.90 33.33
C5' FAD P . -2.65 -17.07 32.85
O5' FAD P . -1.59 -17.60 33.66
P FAD P . -0.87 -16.70 34.70
O1P FAD P . 0.31 -17.52 35.23
O2P FAD P . -0.56 -15.43 34.08
O3P FAD P . -1.92 -16.50 35.87
PA NAP Q . -13.83 -11.85 28.41
O1A NAP Q . -13.09 -12.25 27.15
O2A NAP Q . -13.34 -10.63 29.17
O5B NAP Q . -15.44 -11.67 28.15
C5B NAP Q . -16.14 -10.40 28.18
C4B NAP Q . -17.29 -10.28 27.14
O4B NAP Q . -18.52 -9.79 27.71
C3B NAP Q . -16.92 -9.25 26.06
O3B NAP Q . -17.28 -9.73 24.77
C2B NAP Q . -17.73 -7.99 26.35
O2B NAP Q . -18.27 -7.42 25.14
C1B NAP Q . -18.83 -8.42 27.31
N9A NAP Q . -18.79 -7.49 28.48
C8A NAP Q . -17.66 -7.10 29.11
N7A NAP Q . -17.90 -6.25 30.15
C5A NAP Q . -19.25 -6.09 30.20
C6A NAP Q . -20.18 -5.32 31.07
N6A NAP Q . -19.71 -4.56 32.10
N1A NAP Q . -21.51 -5.43 30.79
C2A NAP Q . -21.98 -6.17 29.77
N3A NAP Q . -21.19 -6.89 28.95
C4A NAP Q . -19.83 -6.90 29.09
O3 NAP Q . -13.64 -13.12 29.41
PN NAP Q . -13.97 -14.67 29.05
O1N NAP Q . -15.10 -15.00 30.01
O2N NAP Q . -14.17 -14.85 27.54
O5D NAP Q . -12.62 -15.51 29.49
C5D NAP Q . -11.31 -14.92 29.61
C4D NAP Q . -10.29 -15.24 28.47
O4D NAP Q . -10.05 -16.65 28.32
C3D NAP Q . -10.63 -14.68 27.06
O3D NAP Q . -9.65 -13.72 26.65
C2D NAP Q . -10.66 -15.89 26.11
O2D NAP Q . -9.97 -15.67 24.84
C1D NAP Q . -10.10 -17.07 26.94
N1N NAP Q . -11.04 -18.20 26.86
C2N NAP Q . -10.89 -19.21 25.96
C3N NAP Q . -11.82 -20.28 25.90
C7N NAP Q . -11.68 -21.42 24.91
O7N NAP Q . -10.95 -22.37 25.17
N7N NAP Q . -12.40 -21.38 23.78
C4N NAP Q . -12.91 -20.28 26.78
C5N NAP Q . -13.05 -19.21 27.69
C6N NAP Q . -12.09 -18.19 27.70
P2B NAP Q . -17.31 -6.87 23.99
O1X NAP Q . -17.24 -8.06 23.05
O2X NAP Q . -18.04 -5.64 23.46
O3X NAP Q . -16.01 -6.53 24.69
PA FAD R . 64.37 5.00 -5.60
O1A FAD R . 65.06 6.07 -4.85
O2A FAD R . 63.04 4.58 -4.94
O5B FAD R . 64.15 5.43 -7.16
C5B FAD R . 63.32 4.67 -8.07
C4B FAD R . 62.64 5.60 -9.05
O4B FAD R . 62.25 4.86 -10.25
C3B FAD R . 61.37 6.26 -8.54
O3B FAD R . 61.23 7.55 -9.11
C2B FAD R . 60.28 5.30 -9.01
O2B FAD R . 59.00 5.92 -9.15
C1B FAD R . 60.83 4.85 -10.37
N9A FAD R . 60.38 3.52 -10.79
C8A FAD R . 59.98 2.50 -9.95
N7A FAD R . 59.60 1.42 -10.57
C5A FAD R . 59.75 1.73 -11.91
C6A FAD R . 59.52 0.99 -13.09
N6A FAD R . 59.05 -0.26 -13.09
N1A FAD R . 59.77 1.60 -14.27
C2A FAD R . 60.22 2.86 -14.26
N3A FAD R . 60.48 3.65 -13.22
C4A FAD R . 60.22 3.02 -12.06
N1 FAD R . 67.92 5.85 3.19
C2 FAD R . 69.14 6.29 3.62
O2 FAD R . 70.18 5.82 3.16
N3 FAD R . 69.20 7.27 4.58
C4 FAD R . 68.15 7.89 5.19
O4 FAD R . 68.34 8.74 6.04
C4X FAD R . 66.85 7.42 4.71
N5 FAD R . 65.80 7.94 5.24
C5X FAD R . 64.57 7.51 4.80
C6 FAD R . 63.42 8.07 5.35
C7 FAD R . 62.15 7.66 4.95
C7M FAD R . 60.94 8.29 5.56
C8 FAD R . 62.04 6.67 3.97
C8M FAD R . 60.68 6.21 3.51
C9 FAD R . 63.18 6.10 3.42
C9A FAD R . 64.44 6.52 3.83
N10 FAD R . 65.61 5.96 3.29
C10 FAD R . 66.84 6.40 3.71
C1' FAD R . 65.55 4.92 2.24
C2' FAD R . 66.00 5.42 0.87
O2' FAD R . 65.14 6.46 0.40
C3' FAD R . 66.02 4.27 -0.14
O3' FAD R . 67.06 3.36 0.20
C4' FAD R . 66.28 4.81 -1.54
O4' FAD R . 65.37 5.89 -1.81
C5' FAD R . 66.25 3.78 -2.65
O5' FAD R . 66.92 4.31 -3.81
P FAD R . 66.82 3.61 -5.22
O1P FAD R . 67.64 4.44 -6.22
O2P FAD R . 67.25 2.18 -5.16
O3P FAD R . 65.28 3.70 -5.66
PA FAD S . 39.00 32.59 3.58
O1A FAD S . 39.99 32.25 4.61
O2A FAD S . 38.09 33.73 4.07
O5B FAD S . 38.24 31.25 3.12
C5B FAD S . 38.98 30.09 2.69
C4B FAD S . 38.27 28.79 3.02
O4B FAD S . 36.96 28.73 2.41
C3B FAD S . 39.00 27.51 2.59
O3B FAD S . 39.17 26.65 3.71
C2B FAD S . 38.05 26.88 1.58
O2B FAD S . 38.12 25.46 1.60
C1B FAD S . 36.73 27.38 2.11
N9A FAD S . 35.60 27.26 1.18
C8A FAD S . 35.50 27.83 -0.06
N7A FAD S . 34.37 27.54 -0.67
C5A FAD S . 33.70 26.71 0.22
C6A FAD S . 32.45 26.07 0.17
N6A FAD S . 31.62 26.15 -0.88
N1A FAD S . 32.09 25.32 1.23
C2A FAD S . 32.92 25.23 2.27
N3A FAD S . 34.12 25.79 2.44
C4A FAD S . 34.45 26.53 1.37
N1 FAD S . 47.42 37.38 2.31
C2 FAD S . 48.08 38.21 3.16
O2 FAD S . 47.48 38.93 3.96
N3 FAD S . 49.46 38.25 3.13
C4 FAD S . 50.29 37.50 2.29
O4 FAD S . 51.51 37.60 2.35
C4X FAD S . 49.57 36.63 1.40
N5 FAD S . 50.27 35.89 0.58
C5X FAD S . 49.59 35.05 -0.28
C6 FAD S . 50.32 34.25 -1.16
C7 FAD S . 49.68 33.37 -2.04
C7M FAD S . 50.50 32.53 -2.99
C8 FAD S . 48.27 33.31 -2.05
C8M FAD S . 47.55 32.39 -3.00
C9 FAD S . 47.54 34.11 -1.16
C9A FAD S . 48.18 34.96 -0.28
N10 FAD S . 47.48 35.81 0.60
C10 FAD S . 48.13 36.62 1.48
C1' FAD S . 46.02 35.75 0.70
C2' FAD S . 45.55 35.11 2.00
O2' FAD S . 46.34 33.96 2.31
C3' FAD S . 44.10 34.69 1.87
O3' FAD S . 43.97 33.74 0.81
C4' FAD S . 43.13 35.85 1.68
O4' FAD S . 43.74 37.06 2.15
C5' FAD S . 41.81 35.56 2.35
O5' FAD S . 41.84 34.22 2.90
P FAD S . 41.30 32.97 2.10
O1P FAD S . 41.63 33.07 0.60
O2P FAD S . 41.78 31.69 2.66
O3P FAD S . 39.73 33.10 2.27
#